data_1SY9
#
_entry.id   1SY9
#
loop_
_entity.id
_entity.type
_entity.pdbx_description
1 polymer CALMODULIN
2 polymer 'Cyclic-nucleotide-gated olfactory channel'
3 non-polymer 'CALCIUM ION'
#
loop_
_entity_poly.entity_id
_entity_poly.type
_entity_poly.pdbx_seq_one_letter_code
_entity_poly.pdbx_strand_id
1 'polypeptide(L)'
;ADQLTEEQIAEFKEAFSLFDKDGDGTITTKELGTVMRSLGQNPTEAELQDMINEVDADGNGTIDFPEFLTMMARKMKDTD
SEEEIREAFRVFDKDGNGYISAAELRHVMTNLGEKLTDEEVDEMIREADIDGDGQVNYEEFVQMMTAK
;
A
2 'polypeptide(L)' QQRRGGFRRIARLVGVLREWAYRNFR B
#
# COMPACT_ATOMS: atom_id res chain seq x y z
N ALA A 1 5.61 33.53 -1.89
CA ALA A 1 6.38 32.42 -1.26
C ALA A 1 5.81 31.07 -1.70
N ASP A 2 6.32 30.53 -2.78
CA ASP A 2 5.81 29.20 -3.27
C ASP A 2 6.47 28.08 -2.48
N GLN A 3 5.78 27.55 -1.49
CA GLN A 3 6.36 26.45 -0.67
C GLN A 3 6.52 25.18 -1.50
N LEU A 4 7.07 24.17 -0.91
CA LEU A 4 7.30 22.89 -1.64
C LEU A 4 6.40 21.79 -1.08
N THR A 5 6.50 20.61 -1.63
CA THR A 5 5.68 19.47 -1.14
C THR A 5 6.55 18.44 -0.42
N GLU A 6 7.72 18.84 0.02
CA GLU A 6 8.64 17.88 0.72
C GLU A 6 8.00 17.33 2.00
N GLU A 7 6.93 17.92 2.47
CA GLU A 7 6.27 17.42 3.71
C GLU A 7 5.71 16.02 3.45
N GLN A 8 5.07 15.86 2.34
CA GLN A 8 4.50 14.53 1.96
C GLN A 8 5.63 13.53 1.71
N ILE A 9 6.69 13.99 1.09
CA ILE A 9 7.84 13.07 0.77
C ILE A 9 8.39 12.44 2.05
N ALA A 10 8.28 13.10 3.18
CA ALA A 10 8.78 12.51 4.46
C ALA A 10 8.03 11.21 4.76
N GLU A 11 6.75 11.19 4.50
CA GLU A 11 5.94 9.97 4.78
C GLU A 11 6.48 8.78 3.98
N PHE A 12 6.79 9.00 2.73
CA PHE A 12 7.33 7.90 1.88
C PHE A 12 8.69 7.41 2.39
N LYS A 13 9.40 8.20 3.16
CA LYS A 13 10.72 7.75 3.69
C LYS A 13 10.49 6.65 4.73
N GLU A 14 9.50 6.85 5.55
CA GLU A 14 9.17 5.86 6.62
C GLU A 14 8.58 4.58 6.02
N ALA A 15 7.95 4.68 4.87
CA ALA A 15 7.35 3.47 4.22
C ALA A 15 8.40 2.68 3.44
N PHE A 16 9.43 3.35 2.98
CA PHE A 16 10.48 2.66 2.15
C PHE A 16 11.15 1.51 2.93
N SER A 17 11.44 1.71 4.18
CA SER A 17 12.08 0.61 4.98
C SER A 17 11.15 -0.60 5.04
N LEU A 18 9.87 -0.36 5.15
CA LEU A 18 8.89 -1.49 5.22
C LEU A 18 8.97 -2.34 3.94
N PHE A 19 9.10 -1.70 2.81
CA PHE A 19 9.22 -2.44 1.52
C PHE A 19 10.59 -3.09 1.40
N ASP A 20 11.61 -2.44 1.89
CA ASP A 20 12.98 -3.02 1.79
C ASP A 20 13.29 -3.82 3.06
N LYS A 21 13.08 -5.11 3.04
CA LYS A 21 13.34 -5.94 4.25
C LYS A 21 14.80 -5.86 4.66
N ASP A 22 15.72 -5.70 3.73
CA ASP A 22 17.16 -5.65 4.11
C ASP A 22 17.54 -4.27 4.65
N GLY A 23 16.65 -3.31 4.58
CA GLY A 23 16.96 -1.94 5.10
C GLY A 23 18.27 -1.44 4.47
N ASP A 24 18.60 -1.92 3.29
CA ASP A 24 19.86 -1.49 2.64
C ASP A 24 19.63 -0.26 1.75
N GLY A 25 18.41 0.19 1.60
CA GLY A 25 18.14 1.40 0.77
C GLY A 25 17.68 1.03 -0.64
N THR A 26 17.54 -0.25 -0.96
CA THR A 26 17.10 -0.61 -2.35
C THR A 26 16.22 -1.87 -2.36
N ILE A 27 15.25 -1.91 -3.24
CA ILE A 27 14.33 -3.09 -3.32
C ILE A 27 14.64 -3.90 -4.58
N THR A 28 14.74 -5.21 -4.45
CA THR A 28 15.03 -6.07 -5.64
C THR A 28 13.82 -6.93 -6.00
N THR A 29 13.60 -7.18 -7.27
CA THR A 29 12.41 -7.98 -7.72
C THR A 29 12.18 -9.21 -6.84
N LYS A 30 13.23 -9.80 -6.33
CA LYS A 30 13.06 -10.99 -5.43
C LYS A 30 12.33 -10.56 -4.15
N GLU A 31 12.82 -9.52 -3.52
CA GLU A 31 12.21 -9.05 -2.25
C GLU A 31 10.74 -8.67 -2.45
N LEU A 32 10.47 -7.81 -3.41
CA LEU A 32 9.06 -7.38 -3.65
C LEU A 32 8.19 -8.59 -4.01
N GLY A 33 8.74 -9.57 -4.66
CA GLY A 33 7.95 -10.78 -5.05
C GLY A 33 7.23 -11.37 -3.83
N THR A 34 7.81 -11.23 -2.67
CA THR A 34 7.16 -11.76 -1.44
C THR A 34 5.85 -11.02 -1.20
N VAL A 35 5.86 -9.73 -1.44
CA VAL A 35 4.63 -8.91 -1.27
C VAL A 35 3.59 -9.33 -2.32
N MET A 36 4.03 -9.59 -3.52
CA MET A 36 3.10 -10.00 -4.61
C MET A 36 2.36 -11.29 -4.25
N ARG A 37 3.03 -12.24 -3.64
CA ARG A 37 2.34 -13.50 -3.24
C ARG A 37 1.24 -13.18 -2.24
N SER A 38 1.53 -12.32 -1.30
CA SER A 38 0.55 -11.94 -0.25
C SER A 38 -0.65 -11.25 -0.90
N LEU A 39 -0.46 -10.63 -2.04
CA LEU A 39 -1.61 -9.96 -2.73
C LEU A 39 -2.35 -10.99 -3.60
N GLY A 40 -1.67 -12.05 -3.97
CA GLY A 40 -2.31 -13.10 -4.82
C GLY A 40 -1.23 -14.10 -5.24
N GLN A 41 -0.22 -13.63 -5.93
CA GLN A 41 0.87 -14.56 -6.38
C GLN A 41 2.15 -13.79 -6.72
N ASN A 42 3.17 -14.52 -7.05
CA ASN A 42 4.48 -13.88 -7.42
C ASN A 42 4.64 -13.83 -8.95
N PRO A 43 5.01 -12.68 -9.47
CA PRO A 43 5.21 -12.55 -10.93
C PRO A 43 6.44 -13.37 -11.34
N THR A 44 7.19 -12.97 -12.33
CA THR A 44 8.40 -13.75 -12.72
C THR A 44 9.62 -12.85 -12.82
N GLU A 45 10.76 -13.35 -12.38
CA GLU A 45 12.02 -12.54 -12.42
C GLU A 45 12.26 -11.94 -13.81
N ALA A 46 11.73 -12.55 -14.84
CA ALA A 46 11.88 -11.98 -16.21
C ALA A 46 10.97 -10.75 -16.32
N GLU A 47 9.70 -10.96 -16.02
CA GLU A 47 8.72 -9.84 -16.10
C GLU A 47 9.02 -8.79 -15.03
N LEU A 48 9.40 -9.23 -13.86
CA LEU A 48 9.73 -8.26 -12.77
C LEU A 48 10.83 -7.30 -13.25
N GLN A 49 11.73 -7.80 -14.05
CA GLN A 49 12.84 -6.95 -14.55
C GLN A 49 12.34 -5.87 -15.50
N ASP A 50 11.36 -6.19 -16.31
CA ASP A 50 10.81 -5.18 -17.27
C ASP A 50 10.14 -4.03 -16.52
N MET A 51 9.45 -4.34 -15.46
CA MET A 51 8.76 -3.26 -14.66
C MET A 51 9.77 -2.24 -14.14
N ILE A 52 10.87 -2.72 -13.60
CA ILE A 52 11.92 -1.80 -13.08
C ILE A 52 12.60 -1.05 -14.24
N ASN A 53 12.72 -1.67 -15.38
CA ASN A 53 13.40 -1.00 -16.53
C ASN A 53 12.67 0.30 -16.92
N GLU A 54 11.37 0.27 -16.96
CA GLU A 54 10.61 1.50 -17.33
C GLU A 54 10.74 2.57 -16.23
N VAL A 55 10.97 2.16 -15.01
CA VAL A 55 11.10 3.14 -13.89
C VAL A 55 12.58 3.41 -13.54
N ASP A 56 13.50 2.66 -14.10
CA ASP A 56 14.94 2.89 -13.77
C ASP A 56 15.44 4.19 -14.40
N ALA A 57 15.57 5.22 -13.60
CA ALA A 57 16.06 6.53 -14.14
C ALA A 57 17.54 6.41 -14.52
N ASP A 58 18.30 5.69 -13.74
CA ASP A 58 19.75 5.52 -14.03
C ASP A 58 19.99 4.27 -14.88
N GLY A 59 19.15 3.27 -14.72
CA GLY A 59 19.30 2.02 -15.52
C GLY A 59 20.22 1.02 -14.80
N ASN A 60 20.38 1.15 -13.51
CA ASN A 60 21.25 0.20 -12.76
C ASN A 60 20.56 -1.15 -12.61
N GLY A 61 19.25 -1.15 -12.49
CA GLY A 61 18.50 -2.44 -12.34
C GLY A 61 17.70 -2.45 -11.03
N THR A 62 17.77 -1.41 -10.24
CA THR A 62 17.00 -1.39 -8.95
C THR A 62 16.34 -0.04 -8.74
N ILE A 63 15.45 0.02 -7.78
CA ILE A 63 14.71 1.29 -7.51
C ILE A 63 15.26 1.96 -6.25
N ASP A 64 15.74 3.18 -6.39
CA ASP A 64 16.31 3.90 -5.22
C ASP A 64 15.25 4.83 -4.61
N PHE A 65 15.55 5.38 -3.45
CA PHE A 65 14.58 6.30 -2.77
C PHE A 65 13.97 7.35 -3.71
N PRO A 66 14.80 8.05 -4.46
CA PRO A 66 14.28 9.09 -5.38
C PRO A 66 13.56 8.48 -6.59
N GLU A 67 13.99 7.33 -7.04
CA GLU A 67 13.32 6.68 -8.21
C GLU A 67 11.94 6.15 -7.81
N PHE A 68 11.84 5.59 -6.64
CA PHE A 68 10.54 5.03 -6.15
C PHE A 68 9.48 6.13 -6.05
N LEU A 69 9.86 7.30 -5.59
CA LEU A 69 8.87 8.41 -5.43
C LEU A 69 8.36 8.93 -6.79
N THR A 70 9.23 9.03 -7.77
CA THR A 70 8.80 9.53 -9.11
C THR A 70 7.75 8.60 -9.72
N MET A 71 7.91 7.31 -9.57
CA MET A 71 6.92 6.33 -10.14
C MET A 71 5.59 6.45 -9.40
N MET A 72 5.62 6.65 -8.11
CA MET A 72 4.37 6.74 -7.32
C MET A 72 3.48 7.90 -7.80
N ALA A 73 4.05 9.07 -7.96
CA ALA A 73 3.25 10.25 -8.41
C ALA A 73 2.85 10.09 -9.89
N ARG A 74 3.66 9.40 -10.66
CA ARG A 74 3.32 9.20 -12.10
C ARG A 74 2.15 8.21 -12.26
N LYS A 75 2.15 7.17 -11.48
CA LYS A 75 1.05 6.15 -11.59
C LYS A 75 -0.29 6.72 -11.10
N MET A 76 -0.32 7.32 -9.94
CA MET A 76 -1.60 7.87 -9.40
C MET A 76 -2.16 8.95 -10.34
N LYS A 77 -1.32 9.77 -10.90
CA LYS A 77 -1.82 10.86 -11.81
C LYS A 77 -2.56 10.27 -13.02
N ASP A 78 -1.91 9.41 -13.76
CA ASP A 78 -2.57 8.81 -14.96
C ASP A 78 -3.76 7.94 -14.54
N THR A 79 -3.78 7.54 -13.30
CA THR A 79 -4.89 6.70 -12.77
C THR A 79 -5.88 7.57 -12.00
N ASP A 80 -6.87 6.98 -11.38
CA ASP A 80 -7.86 7.76 -10.59
C ASP A 80 -7.86 7.26 -9.15
N SER A 81 -7.97 8.14 -8.18
CA SER A 81 -7.97 7.70 -6.75
C SER A 81 -9.07 6.67 -6.51
N GLU A 82 -10.12 6.74 -7.27
CA GLU A 82 -11.22 5.75 -7.11
C GLU A 82 -10.70 4.34 -7.45
N GLU A 83 -9.80 4.26 -8.40
CA GLU A 83 -9.27 2.91 -8.81
C GLU A 83 -8.35 2.32 -7.74
N GLU A 84 -7.49 3.11 -7.12
CA GLU A 84 -6.58 2.56 -6.09
C GLU A 84 -7.37 2.18 -4.83
N ILE A 85 -8.46 2.87 -4.57
CA ILE A 85 -9.29 2.52 -3.38
C ILE A 85 -9.98 1.17 -3.61
N ARG A 86 -10.55 0.96 -4.76
CA ARG A 86 -11.26 -0.32 -5.04
C ARG A 86 -10.27 -1.51 -4.93
N GLU A 87 -9.07 -1.33 -5.40
CA GLU A 87 -8.05 -2.43 -5.34
C GLU A 87 -7.65 -2.73 -3.88
N ALA A 88 -7.42 -1.70 -3.12
CA ALA A 88 -7.00 -1.89 -1.68
C ALA A 88 -8.10 -2.56 -0.86
N PHE A 89 -9.32 -2.14 -1.04
CA PHE A 89 -10.46 -2.75 -0.28
C PHE A 89 -10.55 -4.25 -0.60
N ARG A 90 -10.50 -4.57 -1.86
CA ARG A 90 -10.60 -6.01 -2.30
C ARG A 90 -9.47 -6.82 -1.67
N VAL A 91 -8.32 -6.23 -1.49
CA VAL A 91 -7.17 -6.97 -0.88
C VAL A 91 -7.45 -7.26 0.60
N PHE A 92 -7.96 -6.28 1.32
CA PHE A 92 -8.26 -6.48 2.76
C PHE A 92 -9.44 -7.44 2.95
N ASP A 93 -10.44 -7.34 2.10
CA ASP A 93 -11.61 -8.25 2.20
C ASP A 93 -11.27 -9.60 1.57
N LYS A 94 -10.45 -10.39 2.23
CA LYS A 94 -10.08 -11.72 1.65
C LYS A 94 -11.30 -12.64 1.55
N ASP A 95 -12.15 -12.62 2.55
CA ASP A 95 -13.38 -13.47 2.52
C ASP A 95 -14.44 -12.88 1.59
N GLY A 96 -14.30 -11.62 1.25
CA GLY A 96 -15.29 -10.96 0.33
C GLY A 96 -16.70 -11.07 0.93
N ASN A 97 -16.90 -10.49 2.09
CA ASN A 97 -18.26 -10.54 2.73
C ASN A 97 -18.96 -9.18 2.67
N GLY A 98 -18.27 -8.13 2.29
CA GLY A 98 -18.91 -6.78 2.22
C GLY A 98 -18.21 -5.81 3.17
N TYR A 99 -17.55 -6.32 4.17
CA TYR A 99 -16.82 -5.44 5.15
C TYR A 99 -15.53 -6.13 5.55
N ILE A 100 -14.70 -5.49 6.34
CA ILE A 100 -13.41 -6.14 6.74
C ILE A 100 -13.62 -6.97 8.02
N SER A 101 -12.81 -6.80 9.06
CA SER A 101 -12.99 -7.56 10.34
C SER A 101 -11.75 -7.34 11.20
N ALA A 102 -11.84 -7.57 12.49
CA ALA A 102 -10.65 -7.39 13.37
C ALA A 102 -9.56 -8.36 12.94
N ALA A 103 -9.94 -9.58 12.64
CA ALA A 103 -8.94 -10.58 12.18
C ALA A 103 -8.42 -10.23 10.79
N GLU A 104 -9.24 -9.59 9.97
CA GLU A 104 -8.78 -9.22 8.59
C GLU A 104 -7.73 -8.11 8.65
N LEU A 105 -7.90 -7.16 9.53
CA LEU A 105 -6.91 -6.05 9.65
C LEU A 105 -5.58 -6.58 10.19
N ARG A 106 -5.64 -7.36 11.23
CA ARG A 106 -4.40 -7.94 11.84
C ARG A 106 -3.62 -8.81 10.85
N HIS A 107 -4.31 -9.58 10.05
CA HIS A 107 -3.59 -10.48 9.09
C HIS A 107 -2.71 -9.69 8.12
N VAL A 108 -3.18 -8.55 7.65
CA VAL A 108 -2.37 -7.73 6.69
C VAL A 108 -1.21 -7.02 7.40
N MET A 109 -1.46 -6.37 8.51
CA MET A 109 -0.37 -5.64 9.21
C MET A 109 0.77 -6.59 9.58
N THR A 110 0.45 -7.75 10.07
CA THR A 110 1.51 -8.75 10.42
C THR A 110 2.19 -9.22 9.13
N ASN A 111 1.41 -9.46 8.11
CA ASN A 111 1.99 -9.90 6.81
C ASN A 111 2.89 -8.80 6.27
N LEU A 112 2.55 -7.57 6.55
CA LEU A 112 3.37 -6.43 6.07
C LEU A 112 4.72 -6.38 6.80
N GLY A 113 4.74 -6.74 8.06
CA GLY A 113 6.03 -6.73 8.82
C GLY A 113 5.92 -5.81 10.05
N GLU A 114 4.72 -5.53 10.51
CA GLU A 114 4.55 -4.66 11.71
C GLU A 114 3.84 -5.42 12.82
N LYS A 115 4.28 -5.27 14.05
CA LYS A 115 3.62 -5.98 15.18
C LYS A 115 2.74 -5.04 15.98
N LEU A 116 1.47 -5.35 16.11
CA LEU A 116 0.53 -4.49 16.88
C LEU A 116 -0.34 -5.36 17.77
N THR A 117 -0.87 -4.80 18.83
CA THR A 117 -1.76 -5.58 19.74
C THR A 117 -3.14 -5.72 19.12
N ASP A 118 -3.90 -6.69 19.54
CA ASP A 118 -5.28 -6.86 19.00
C ASP A 118 -6.07 -5.58 19.28
N GLU A 119 -5.73 -4.91 20.35
CA GLU A 119 -6.40 -3.61 20.68
C GLU A 119 -6.06 -2.57 19.62
N GLU A 120 -4.89 -2.70 19.02
CA GLU A 120 -4.50 -1.74 17.95
C GLU A 120 -5.44 -1.94 16.77
N VAL A 121 -5.80 -3.17 16.52
CA VAL A 121 -6.72 -3.47 15.37
C VAL A 121 -8.13 -2.95 15.67
N ASP A 122 -8.56 -3.10 16.89
CA ASP A 122 -9.93 -2.65 17.28
C ASP A 122 -10.08 -1.16 17.05
N GLU A 123 -9.10 -0.39 17.47
CA GLU A 123 -9.19 1.08 17.28
C GLU A 123 -9.31 1.40 15.80
N MET A 124 -8.59 0.70 14.97
CA MET A 124 -8.68 0.99 13.50
C MET A 124 -10.15 0.89 13.06
N ILE A 125 -10.85 -0.07 13.61
CA ILE A 125 -12.30 -0.24 13.27
C ILE A 125 -13.09 0.96 13.78
N ARG A 126 -12.76 1.44 14.95
CA ARG A 126 -13.48 2.60 15.55
C ARG A 126 -13.43 3.82 14.64
N GLU A 127 -12.31 4.03 14.01
CA GLU A 127 -12.15 5.22 13.12
C GLU A 127 -13.17 5.20 11.98
N ALA A 128 -13.43 4.04 11.42
CA ALA A 128 -14.42 3.97 10.29
C ALA A 128 -15.76 3.39 10.77
N ASP A 129 -15.93 3.13 12.04
CA ASP A 129 -17.24 2.55 12.52
C ASP A 129 -18.21 3.69 12.86
N ILE A 130 -18.69 4.39 11.86
CA ILE A 130 -19.66 5.50 12.12
C ILE A 130 -20.98 4.95 12.64
N ASP A 131 -21.45 3.87 12.09
CA ASP A 131 -22.75 3.28 12.54
C ASP A 131 -22.61 2.63 13.92
N GLY A 132 -21.41 2.26 14.30
CA GLY A 132 -21.21 1.64 15.64
C GLY A 132 -21.52 0.14 15.60
N ASP A 133 -21.41 -0.48 14.45
CA ASP A 133 -21.70 -1.94 14.34
C ASP A 133 -20.45 -2.77 14.73
N GLY A 134 -19.33 -2.13 14.86
CA GLY A 134 -18.07 -2.86 15.24
C GLY A 134 -17.33 -3.35 13.98
N GLN A 135 -17.86 -3.07 12.81
CA GLN A 135 -17.21 -3.52 11.55
C GLN A 135 -17.26 -2.38 10.53
N VAL A 136 -16.28 -2.29 9.67
CA VAL A 136 -16.27 -1.20 8.64
C VAL A 136 -16.97 -1.69 7.37
N ASN A 137 -18.04 -1.04 6.98
CA ASN A 137 -18.76 -1.45 5.74
C ASN A 137 -18.16 -0.71 4.55
N TYR A 138 -18.63 -1.01 3.37
CA TYR A 138 -18.09 -0.34 2.16
C TYR A 138 -18.32 1.17 2.23
N GLU A 139 -19.52 1.56 2.56
CA GLU A 139 -19.84 3.03 2.62
C GLU A 139 -18.95 3.76 3.63
N GLU A 140 -18.79 3.22 4.81
CA GLU A 140 -17.95 3.88 5.84
C GLU A 140 -16.49 3.95 5.38
N PHE A 141 -16.07 2.92 4.72
CA PHE A 141 -14.64 2.86 4.23
C PHE A 141 -14.34 4.02 3.27
N VAL A 142 -15.17 4.24 2.29
CA VAL A 142 -14.91 5.35 1.31
C VAL A 142 -15.07 6.74 1.94
N GLN A 143 -16.06 6.92 2.77
CA GLN A 143 -16.29 8.27 3.40
C GLN A 143 -15.08 8.72 4.23
N MET A 144 -14.58 7.85 5.07
CA MET A 144 -13.40 8.22 5.92
C MET A 144 -12.20 8.58 5.06
N MET A 145 -12.05 7.90 3.94
CA MET A 145 -10.90 8.20 3.03
C MET A 145 -11.10 9.56 2.32
N THR A 146 -12.31 9.85 1.92
CA THR A 146 -12.58 11.15 1.24
C THR A 146 -13.29 12.11 2.19
N ALA A 147 -13.02 12.01 3.46
CA ALA A 147 -13.69 12.91 4.45
C ALA A 147 -13.36 14.38 4.13
N LYS A 148 -12.12 14.66 3.80
CA LYS A 148 -11.74 16.06 3.47
C LYS A 148 -11.23 16.14 2.03
N GLY B 5 0.58 6.63 13.03
CA GLY B 5 0.22 6.41 11.60
C GLY B 5 -1.28 6.59 11.42
N GLY B 6 -1.69 7.24 10.36
CA GLY B 6 -3.15 7.45 10.12
C GLY B 6 -3.69 6.33 9.23
N PHE B 7 -4.91 5.93 9.45
CA PHE B 7 -5.51 4.83 8.63
C PHE B 7 -5.51 5.23 7.15
N ARG B 8 -5.83 6.48 6.86
CA ARG B 8 -5.86 6.95 5.45
C ARG B 8 -4.47 6.82 4.81
N ARG B 9 -3.43 7.13 5.55
CA ARG B 9 -2.05 7.02 5.00
C ARG B 9 -1.75 5.57 4.60
N ILE B 10 -2.19 4.63 5.39
CA ILE B 10 -1.94 3.19 5.08
C ILE B 10 -2.69 2.78 3.82
N ALA B 11 -3.89 3.25 3.65
CA ALA B 11 -4.70 2.87 2.45
C ALA B 11 -3.98 3.30 1.17
N ARG B 12 -3.31 4.42 1.19
CA ARG B 12 -2.59 4.90 -0.03
C ARG B 12 -1.52 3.87 -0.45
N LEU B 13 -0.83 3.30 0.51
CA LEU B 13 0.23 2.30 0.17
C LEU B 13 -0.39 1.01 -0.35
N VAL B 14 -1.53 0.63 0.16
CA VAL B 14 -2.20 -0.62 -0.31
C VAL B 14 -2.59 -0.49 -1.79
N GLY B 15 -3.06 0.66 -2.20
CA GLY B 15 -3.45 0.87 -3.62
C GLY B 15 -2.24 0.63 -4.52
N VAL B 16 -1.06 0.90 -4.02
CA VAL B 16 0.18 0.72 -4.83
C VAL B 16 0.46 -0.79 -5.07
N LEU B 17 0.12 -1.62 -4.13
CA LEU B 17 0.40 -3.09 -4.28
C LEU B 17 -0.31 -3.67 -5.52
N ARG B 18 -1.58 -3.37 -5.71
CA ARG B 18 -2.31 -3.93 -6.89
C ARG B 18 -1.82 -3.30 -8.19
N GLU B 19 -1.53 -2.03 -8.20
CA GLU B 19 -1.04 -1.38 -9.46
C GLU B 19 0.25 -2.04 -9.96
N TRP B 20 1.13 -2.38 -9.06
CA TRP B 20 2.42 -3.03 -9.49
C TRP B 20 2.11 -4.36 -10.22
N ALA B 21 1.15 -5.09 -9.73
CA ALA B 21 0.77 -6.39 -10.39
C ALA B 21 -0.01 -6.12 -11.67
N TYR B 22 -0.60 -4.96 -11.80
CA TYR B 22 -1.39 -4.64 -13.04
C TYR B 22 -0.49 -4.74 -14.27
N ARG B 23 0.73 -4.27 -14.17
CA ARG B 23 1.65 -4.33 -15.34
C ARG B 23 2.64 -5.49 -15.16
N ALA A 1 8.12 30.17 -0.34
CA ALA A 1 7.23 29.75 -1.47
C ALA A 1 6.79 28.31 -1.28
N ASP A 2 6.12 27.75 -2.25
CA ASP A 2 5.65 26.34 -2.14
C ASP A 2 5.96 25.58 -3.43
N GLN A 3 7.10 25.85 -4.03
CA GLN A 3 7.49 25.14 -5.28
C GLN A 3 7.60 23.64 -5.03
N LEU A 4 8.16 23.30 -3.92
CA LEU A 4 8.36 21.86 -3.57
C LEU A 4 7.57 21.49 -2.33
N THR A 5 7.64 20.24 -1.94
CA THR A 5 6.92 19.77 -0.72
C THR A 5 7.77 18.72 -0.01
N GLU A 6 8.36 19.09 1.08
CA GLU A 6 9.21 18.12 1.85
C GLU A 6 8.39 17.39 2.93
N GLU A 7 7.20 17.86 3.21
CA GLU A 7 6.37 17.20 4.27
C GLU A 7 5.90 15.83 3.78
N GLN A 8 5.50 15.77 2.54
CA GLN A 8 5.02 14.48 1.94
C GLN A 8 6.18 13.48 1.82
N ILE A 9 7.32 13.97 1.42
CA ILE A 9 8.52 13.08 1.22
C ILE A 9 8.91 12.36 2.52
N ALA A 10 8.65 12.95 3.66
CA ALA A 10 9.01 12.27 4.95
C ALA A 10 8.22 10.97 5.08
N GLU A 11 6.98 10.97 4.65
CA GLU A 11 6.15 9.73 4.75
C GLU A 11 6.80 8.60 3.96
N PHE A 12 7.33 8.91 2.80
CA PHE A 12 8.00 7.88 1.96
C PHE A 12 9.24 7.33 2.66
N LYS A 13 9.80 8.06 3.60
CA LYS A 13 11.03 7.56 4.30
C LYS A 13 10.66 6.37 5.19
N GLU A 14 9.60 6.52 5.93
CA GLU A 14 9.16 5.42 6.86
C GLU A 14 8.47 4.29 6.10
N ALA A 15 7.93 4.57 4.95
CA ALA A 15 7.27 3.49 4.14
C ALA A 15 8.31 2.66 3.40
N PHE A 16 9.36 3.30 2.96
CA PHE A 16 10.42 2.60 2.16
C PHE A 16 11.06 1.45 2.95
N SER A 17 11.29 1.64 4.22
CA SER A 17 11.89 0.54 5.04
C SER A 17 10.95 -0.67 5.06
N LEU A 18 9.67 -0.43 5.14
CA LEU A 18 8.69 -1.55 5.18
C LEU A 18 8.81 -2.36 3.89
N PHE A 19 8.99 -1.70 2.77
CA PHE A 19 9.15 -2.42 1.49
C PHE A 19 10.56 -3.01 1.36
N ASP A 20 11.55 -2.31 1.87
CA ASP A 20 12.95 -2.83 1.79
C ASP A 20 13.31 -3.61 3.06
N LYS A 21 13.20 -4.91 3.02
CA LYS A 21 13.52 -5.74 4.22
C LYS A 21 14.98 -5.55 4.66
N ASP A 22 15.89 -5.35 3.74
CA ASP A 22 17.33 -5.21 4.13
C ASP A 22 17.65 -3.80 4.63
N GLY A 23 16.73 -2.87 4.46
CA GLY A 23 17.01 -1.48 4.94
C GLY A 23 18.32 -0.97 4.31
N ASP A 24 18.64 -1.46 3.13
CA ASP A 24 19.90 -1.02 2.47
C ASP A 24 19.64 0.19 1.55
N GLY A 25 18.40 0.60 1.38
CA GLY A 25 18.11 1.79 0.52
C GLY A 25 17.66 1.37 -0.88
N THR A 26 17.57 0.09 -1.19
CA THR A 26 17.14 -0.31 -2.56
C THR A 26 16.29 -1.59 -2.52
N ILE A 27 15.30 -1.67 -3.36
CA ILE A 27 14.41 -2.88 -3.39
C ILE A 27 14.69 -3.74 -4.62
N THR A 28 14.88 -5.01 -4.41
CA THR A 28 15.15 -5.95 -5.55
C THR A 28 13.92 -6.81 -5.84
N THR A 29 13.66 -7.09 -7.10
CA THR A 29 12.45 -7.91 -7.48
C THR A 29 12.25 -9.13 -6.55
N LYS A 30 13.32 -9.65 -6.00
CA LYS A 30 13.18 -10.82 -5.07
C LYS A 30 12.40 -10.39 -3.82
N GLU A 31 12.83 -9.30 -3.23
CA GLU A 31 12.18 -8.81 -1.97
C GLU A 31 10.69 -8.51 -2.22
N LEU A 32 10.38 -7.72 -3.21
CA LEU A 32 8.95 -7.39 -3.48
C LEU A 32 8.17 -8.66 -3.79
N GLY A 33 8.80 -9.64 -4.37
CA GLY A 33 8.10 -10.92 -4.71
C GLY A 33 7.33 -11.45 -3.49
N THR A 34 7.84 -11.21 -2.31
CA THR A 34 7.13 -11.69 -1.08
C THR A 34 5.79 -10.95 -0.95
N VAL A 35 5.80 -9.67 -1.25
CA VAL A 35 4.53 -8.87 -1.15
C VAL A 35 3.54 -9.33 -2.23
N MET A 36 4.03 -9.60 -3.41
CA MET A 36 3.15 -10.06 -4.53
C MET A 36 2.41 -11.34 -4.17
N ARG A 37 3.08 -12.27 -3.52
CA ARG A 37 2.40 -13.55 -3.12
C ARG A 37 1.22 -13.25 -2.20
N SER A 38 1.46 -12.41 -1.23
CA SER A 38 0.40 -12.07 -0.24
C SER A 38 -0.73 -11.29 -0.90
N LEU A 39 -0.46 -10.63 -2.00
CA LEU A 39 -1.54 -9.84 -2.68
C LEU A 39 -2.37 -10.79 -3.55
N GLY A 40 -1.76 -11.82 -4.06
CA GLY A 40 -2.50 -12.78 -4.92
C GLY A 40 -1.55 -13.77 -5.60
N GLN A 41 -0.40 -13.32 -6.06
CA GLN A 41 0.54 -14.27 -6.74
C GLN A 41 1.90 -13.65 -6.98
N ASN A 42 2.87 -14.48 -7.19
CA ASN A 42 4.24 -13.99 -7.51
C ASN A 42 4.55 -14.20 -9.00
N PRO A 43 4.65 -13.13 -9.75
CA PRO A 43 4.97 -13.23 -11.21
C PRO A 43 6.37 -13.88 -11.38
N THR A 44 7.17 -13.47 -12.33
CA THR A 44 8.51 -14.13 -12.51
C THR A 44 9.64 -13.12 -12.63
N GLU A 45 10.81 -13.50 -12.19
CA GLU A 45 12.01 -12.61 -12.23
C GLU A 45 12.22 -12.00 -13.64
N ALA A 46 11.70 -12.63 -14.66
CA ALA A 46 11.83 -12.07 -16.03
C ALA A 46 10.92 -10.82 -16.12
N GLU A 47 9.68 -11.01 -15.82
CA GLU A 47 8.69 -9.88 -15.87
C GLU A 47 9.02 -8.87 -14.78
N LEU A 48 9.45 -9.33 -13.64
CA LEU A 48 9.81 -8.40 -12.53
C LEU A 48 10.90 -7.43 -13.01
N GLN A 49 11.80 -7.92 -13.83
CA GLN A 49 12.92 -7.06 -14.32
C GLN A 49 12.39 -5.94 -15.22
N ASP A 50 11.44 -6.23 -16.07
CA ASP A 50 10.90 -5.18 -16.98
C ASP A 50 10.22 -4.05 -16.18
N MET A 51 9.56 -4.38 -15.11
CA MET A 51 8.88 -3.34 -14.29
C MET A 51 9.90 -2.32 -13.78
N ILE A 52 11.01 -2.80 -13.29
CA ILE A 52 12.08 -1.88 -12.78
C ILE A 52 12.72 -1.11 -13.94
N ASN A 53 12.82 -1.71 -15.10
CA ASN A 53 13.44 -1.01 -16.27
C ASN A 53 12.68 0.26 -16.63
N GLU A 54 11.37 0.21 -16.62
CA GLU A 54 10.57 1.42 -16.96
C GLU A 54 10.69 2.49 -15.87
N VAL A 55 10.93 2.06 -14.66
CA VAL A 55 11.06 3.03 -13.52
C VAL A 55 12.54 3.31 -13.18
N ASP A 56 13.46 2.59 -13.79
CA ASP A 56 14.91 2.82 -13.47
C ASP A 56 15.42 4.12 -14.07
N ALA A 57 15.52 5.15 -13.28
CA ALA A 57 16.08 6.43 -13.79
C ALA A 57 17.59 6.26 -13.96
N ASP A 58 18.18 5.47 -13.10
CA ASP A 58 19.65 5.22 -13.17
C ASP A 58 19.99 4.34 -14.37
N GLY A 59 19.16 3.36 -14.63
CA GLY A 59 19.44 2.43 -15.76
C GLY A 59 20.23 1.21 -15.25
N ASN A 60 20.56 1.18 -13.97
CA ASN A 60 21.34 0.03 -13.42
C ASN A 60 20.47 -1.22 -13.28
N GLY A 61 19.23 -1.05 -12.87
CA GLY A 61 18.32 -2.24 -12.73
C GLY A 61 17.64 -2.28 -11.36
N THR A 62 17.77 -1.26 -10.55
CA THR A 62 17.11 -1.27 -9.21
C THR A 62 16.46 0.07 -8.92
N ILE A 63 15.52 0.08 -7.99
CA ILE A 63 14.79 1.35 -7.69
C ILE A 63 15.27 1.95 -6.37
N ASP A 64 15.77 3.15 -6.42
CA ASP A 64 16.25 3.83 -5.18
C ASP A 64 15.14 4.75 -4.65
N PHE A 65 15.32 5.29 -3.47
CA PHE A 65 14.30 6.20 -2.88
C PHE A 65 13.83 7.29 -3.86
N PRO A 66 14.76 7.99 -4.50
CA PRO A 66 14.35 9.08 -5.42
C PRO A 66 13.57 8.54 -6.63
N GLU A 67 13.94 7.39 -7.13
CA GLU A 67 13.18 6.81 -8.29
C GLU A 67 11.79 6.36 -7.84
N PHE A 68 11.68 5.82 -6.66
CA PHE A 68 10.36 5.36 -6.15
C PHE A 68 9.38 6.54 -6.07
N LEU A 69 9.85 7.67 -5.60
CA LEU A 69 8.94 8.87 -5.47
C LEU A 69 8.42 9.35 -6.83
N THR A 70 9.25 9.35 -7.84
CA THR A 70 8.80 9.82 -9.18
C THR A 70 7.67 8.94 -9.73
N MET A 71 7.77 7.66 -9.56
CA MET A 71 6.71 6.74 -10.08
C MET A 71 5.40 6.88 -9.28
N MET A 72 5.49 7.02 -7.98
CA MET A 72 4.27 7.13 -7.14
C MET A 72 3.44 8.37 -7.48
N ALA A 73 4.07 9.52 -7.48
CA ALA A 73 3.33 10.78 -7.80
C ALA A 73 2.90 10.79 -9.26
N ARG A 74 3.67 10.17 -10.12
CA ARG A 74 3.32 10.15 -11.57
C ARG A 74 2.12 9.22 -11.82
N LYS A 75 2.10 8.06 -11.21
CA LYS A 75 0.97 7.09 -11.43
C LYS A 75 -0.36 7.56 -10.82
N MET A 76 -0.34 8.10 -9.63
CA MET A 76 -1.63 8.52 -8.98
C MET A 76 -2.37 9.58 -9.80
N LYS A 77 -1.70 10.60 -10.28
CA LYS A 77 -2.42 11.64 -11.07
C LYS A 77 -2.84 11.07 -12.42
N ASP A 78 -2.02 10.24 -13.00
CA ASP A 78 -2.36 9.62 -14.33
C ASP A 78 -3.49 8.61 -14.20
N THR A 79 -3.73 8.13 -13.00
CA THR A 79 -4.82 7.11 -12.81
C THR A 79 -5.99 7.66 -12.01
N ASP A 80 -6.79 6.78 -11.47
CA ASP A 80 -7.97 7.20 -10.66
C ASP A 80 -7.86 6.66 -9.23
N SER A 81 -8.20 7.47 -8.26
CA SER A 81 -8.14 7.01 -6.84
C SER A 81 -9.16 5.89 -6.61
N GLU A 82 -10.22 5.90 -7.36
CA GLU A 82 -11.27 4.83 -7.20
C GLU A 82 -10.66 3.45 -7.45
N GLU A 83 -9.67 3.39 -8.30
CA GLU A 83 -9.01 2.08 -8.61
C GLU A 83 -8.21 1.59 -7.39
N GLU A 84 -7.54 2.49 -6.72
CA GLU A 84 -6.73 2.10 -5.53
C GLU A 84 -7.65 1.63 -4.39
N ILE A 85 -8.77 2.28 -4.24
CA ILE A 85 -9.74 1.89 -3.16
C ILE A 85 -10.30 0.49 -3.40
N ARG A 86 -10.79 0.22 -4.58
CA ARG A 86 -11.38 -1.13 -4.86
C ARG A 86 -10.35 -2.23 -4.58
N GLU A 87 -9.12 -1.98 -4.92
CA GLU A 87 -8.05 -3.00 -4.68
C GLU A 87 -7.77 -3.18 -3.18
N ALA A 88 -7.78 -2.09 -2.43
CA ALA A 88 -7.50 -2.17 -0.96
C ALA A 88 -8.59 -2.97 -0.24
N PHE A 89 -9.84 -2.65 -0.49
CA PHE A 89 -10.96 -3.39 0.16
C PHE A 89 -10.89 -4.88 -0.20
N ARG A 90 -10.62 -5.15 -1.45
CA ARG A 90 -10.55 -6.57 -1.93
C ARG A 90 -9.46 -7.33 -1.18
N VAL A 91 -8.36 -6.68 -0.86
CA VAL A 91 -7.26 -7.37 -0.13
C VAL A 91 -7.69 -7.68 1.31
N PHE A 92 -8.19 -6.70 2.02
CA PHE A 92 -8.64 -6.94 3.43
C PHE A 92 -9.82 -7.91 3.47
N ASP A 93 -10.74 -7.79 2.56
CA ASP A 93 -11.92 -8.71 2.54
C ASP A 93 -11.54 -10.07 1.95
N LYS A 94 -10.67 -10.81 2.60
CA LYS A 94 -10.27 -12.15 2.07
C LYS A 94 -11.50 -13.06 1.98
N ASP A 95 -12.30 -13.09 3.01
CA ASP A 95 -13.54 -13.95 3.00
C ASP A 95 -14.58 -13.38 2.02
N GLY A 96 -14.45 -12.14 1.66
CA GLY A 96 -15.41 -11.52 0.70
C GLY A 96 -16.84 -11.60 1.23
N ASN A 97 -17.10 -11.07 2.40
CA ASN A 97 -18.49 -11.11 2.95
C ASN A 97 -19.15 -9.72 2.84
N GLY A 98 -18.42 -8.73 2.37
CA GLY A 98 -19.00 -7.36 2.24
C GLY A 98 -18.53 -6.47 3.40
N TYR A 99 -18.01 -7.04 4.45
CA TYR A 99 -17.54 -6.22 5.61
C TYR A 99 -16.18 -6.73 6.07
N ILE A 100 -15.29 -5.86 6.48
CA ILE A 100 -13.94 -6.32 6.93
C ILE A 100 -13.97 -6.61 8.43
N SER A 101 -13.59 -7.80 8.79
CA SER A 101 -13.59 -8.19 10.23
C SER A 101 -12.30 -7.75 10.91
N ALA A 102 -12.25 -7.84 12.21
CA ALA A 102 -11.03 -7.43 12.97
C ALA A 102 -9.84 -8.30 12.57
N ALA A 103 -10.07 -9.58 12.40
CA ALA A 103 -8.97 -10.50 12.02
C ALA A 103 -8.48 -10.14 10.61
N GLU A 104 -9.38 -9.70 9.75
CA GLU A 104 -8.96 -9.35 8.36
C GLU A 104 -8.01 -8.14 8.37
N LEU A 105 -8.28 -7.16 9.20
CA LEU A 105 -7.40 -5.96 9.28
C LEU A 105 -5.99 -6.39 9.70
N ARG A 106 -5.90 -7.16 10.74
CA ARG A 106 -4.57 -7.64 11.25
C ARG A 106 -3.87 -8.49 10.20
N HIS A 107 -4.59 -9.16 9.35
CA HIS A 107 -3.93 -10.03 8.32
C HIS A 107 -3.02 -9.18 7.43
N VAL A 108 -3.46 -8.00 7.07
CA VAL A 108 -2.62 -7.10 6.20
C VAL A 108 -1.52 -6.44 7.04
N MET A 109 -1.79 -6.16 8.29
CA MET A 109 -0.76 -5.52 9.16
C MET A 109 0.48 -6.41 9.25
N THR A 110 0.30 -7.67 9.55
CA THR A 110 1.45 -8.61 9.64
C THR A 110 2.04 -8.82 8.25
N ASN A 111 1.19 -8.95 7.26
CA ASN A 111 1.68 -9.14 5.86
C ASN A 111 2.53 -7.95 5.46
N LEU A 112 2.21 -6.79 5.98
CA LEU A 112 3.00 -5.57 5.65
C LEU A 112 4.40 -5.66 6.29
N GLY A 113 4.48 -6.23 7.47
CA GLY A 113 5.79 -6.35 8.16
C GLY A 113 5.78 -5.48 9.42
N GLU A 114 4.62 -5.19 9.97
CA GLU A 114 4.54 -4.36 11.20
C GLU A 114 3.87 -5.16 12.32
N LYS A 115 4.34 -5.00 13.54
CA LYS A 115 3.75 -5.76 14.67
C LYS A 115 2.77 -4.89 15.47
N LEU A 116 1.54 -5.32 15.60
CA LEU A 116 0.53 -4.54 16.36
C LEU A 116 -0.33 -5.47 17.23
N THR A 117 -0.87 -4.95 18.30
CA THR A 117 -1.74 -5.79 19.18
C THR A 117 -3.18 -5.73 18.67
N ASP A 118 -4.04 -6.56 19.21
CA ASP A 118 -5.46 -6.53 18.77
C ASP A 118 -6.08 -5.18 19.13
N GLU A 119 -5.53 -4.52 20.12
CA GLU A 119 -6.05 -3.18 20.52
C GLU A 119 -5.75 -2.17 19.41
N GLU A 120 -4.61 -2.32 18.78
CA GLU A 120 -4.23 -1.41 17.67
C GLU A 120 -5.20 -1.61 16.51
N VAL A 121 -5.58 -2.83 16.28
CA VAL A 121 -6.52 -3.13 15.16
C VAL A 121 -7.91 -2.53 15.45
N ASP A 122 -8.34 -2.64 16.68
CA ASP A 122 -9.69 -2.11 17.06
C ASP A 122 -9.77 -0.62 16.77
N GLU A 123 -8.73 0.10 17.09
CA GLU A 123 -8.75 1.57 16.85
C GLU A 123 -8.93 1.83 15.37
N MET A 124 -8.29 1.06 14.52
CA MET A 124 -8.44 1.30 13.04
C MET A 124 -9.93 1.27 12.69
N ILE A 125 -10.66 0.40 13.32
CA ILE A 125 -12.13 0.30 13.07
C ILE A 125 -12.82 1.58 13.57
N ARG A 126 -12.40 2.10 14.70
CA ARG A 126 -13.04 3.30 15.28
C ARG A 126 -13.00 4.48 14.31
N GLU A 127 -11.92 4.65 13.62
CA GLU A 127 -11.79 5.79 12.67
C GLU A 127 -12.87 5.74 11.58
N ALA A 128 -13.21 4.57 11.10
CA ALA A 128 -14.24 4.48 10.02
C ALA A 128 -15.56 3.87 10.52
N ASP A 129 -15.62 3.40 11.75
CA ASP A 129 -16.89 2.80 12.26
C ASP A 129 -17.86 3.88 12.75
N ILE A 130 -18.42 4.65 11.84
CA ILE A 130 -19.37 5.73 12.25
C ILE A 130 -20.66 5.12 12.81
N ASP A 131 -21.14 4.05 12.20
CA ASP A 131 -22.40 3.42 12.69
C ASP A 131 -22.19 2.71 14.04
N GLY A 132 -20.97 2.41 14.39
CA GLY A 132 -20.70 1.74 15.70
C GLY A 132 -20.98 0.23 15.60
N ASP A 133 -20.92 -0.33 14.43
CA ASP A 133 -21.17 -1.80 14.28
C ASP A 133 -19.91 -2.61 14.64
N GLY A 134 -18.79 -1.96 14.77
CA GLY A 134 -17.52 -2.67 15.12
C GLY A 134 -16.78 -3.11 13.85
N GLN A 135 -17.29 -2.76 12.70
CA GLN A 135 -16.62 -3.16 11.42
C GLN A 135 -16.72 -2.02 10.41
N VAL A 136 -15.78 -1.94 9.50
CA VAL A 136 -15.82 -0.87 8.47
C VAL A 136 -16.46 -1.40 7.19
N ASN A 137 -17.65 -0.95 6.87
CA ASN A 137 -18.32 -1.44 5.64
C ASN A 137 -17.81 -0.67 4.43
N TYR A 138 -18.40 -0.91 3.30
CA TYR A 138 -17.94 -0.23 2.05
C TYR A 138 -18.27 1.27 2.09
N GLU A 139 -19.46 1.62 2.53
CA GLU A 139 -19.85 3.07 2.59
C GLU A 139 -18.95 3.88 3.51
N GLU A 140 -18.75 3.41 4.73
CA GLU A 140 -17.90 4.16 5.71
C GLU A 140 -16.46 4.20 5.23
N PHE A 141 -16.02 3.16 4.60
CA PHE A 141 -14.61 3.10 4.11
C PHE A 141 -14.34 4.24 3.12
N VAL A 142 -15.24 4.45 2.18
CA VAL A 142 -15.04 5.53 1.17
C VAL A 142 -15.21 6.94 1.78
N GLN A 143 -16.17 7.11 2.65
CA GLN A 143 -16.41 8.46 3.25
C GLN A 143 -15.17 8.94 4.02
N MET A 144 -14.64 8.11 4.87
CA MET A 144 -13.41 8.49 5.65
C MET A 144 -12.28 8.79 4.67
N MET A 145 -12.18 7.99 3.63
CA MET A 145 -11.10 8.20 2.61
C MET A 145 -11.38 9.50 1.85
N THR A 146 -12.62 9.77 1.54
CA THR A 146 -12.97 11.02 0.81
C THR A 146 -12.76 12.24 1.72
N ALA A 147 -12.69 12.04 3.01
CA ALA A 147 -12.49 13.20 3.94
C ALA A 147 -11.19 13.94 3.62
N LYS A 148 -11.21 15.24 3.68
CA LYS A 148 -9.98 16.03 3.37
C LYS A 148 -9.00 15.95 4.55
N GLY B 5 0.76 5.72 11.40
CA GLY B 5 -0.29 5.14 12.29
C GLY B 5 -1.66 5.70 11.91
N GLY B 6 -2.17 5.31 10.77
CA GLY B 6 -3.51 5.82 10.33
C GLY B 6 -4.13 4.83 9.35
N PHE B 7 -5.41 4.62 9.44
CA PHE B 7 -6.10 3.67 8.51
C PHE B 7 -5.93 4.14 7.06
N ARG B 8 -6.01 5.43 6.83
CA ARG B 8 -5.86 5.95 5.44
C ARG B 8 -4.48 5.60 4.88
N ARG B 9 -3.46 5.67 5.70
CA ARG B 9 -2.09 5.34 5.21
C ARG B 9 -2.03 3.89 4.72
N ILE B 10 -2.68 2.99 5.40
CA ILE B 10 -2.66 1.55 4.98
C ILE B 10 -3.34 1.40 3.61
N ALA B 11 -4.42 2.11 3.42
CA ALA B 11 -5.16 2.01 2.13
C ALA B 11 -4.28 2.49 0.97
N ARG B 12 -3.51 3.53 1.18
CA ARG B 12 -2.64 4.05 0.08
C ARG B 12 -1.57 3.02 -0.33
N LEU B 13 -1.00 2.33 0.61
CA LEU B 13 0.07 1.33 0.27
C LEU B 13 -0.50 0.11 -0.45
N VAL B 14 -1.65 -0.38 -0.05
CA VAL B 14 -2.23 -1.59 -0.75
C VAL B 14 -2.72 -1.22 -2.15
N GLY B 15 -3.18 -0.01 -2.33
CA GLY B 15 -3.68 0.43 -3.66
C GLY B 15 -2.55 0.35 -4.69
N VAL B 16 -1.36 0.72 -4.29
CA VAL B 16 -0.19 0.70 -5.22
C VAL B 16 0.30 -0.73 -5.51
N LEU B 17 0.10 -1.65 -4.61
CA LEU B 17 0.60 -3.05 -4.84
C LEU B 17 -0.03 -3.66 -6.10
N ARG B 18 -1.33 -3.56 -6.25
CA ARG B 18 -1.99 -4.13 -7.46
C ARG B 18 -1.55 -3.39 -8.73
N GLU B 19 -1.42 -2.10 -8.65
CA GLU B 19 -0.99 -1.31 -9.84
C GLU B 19 0.41 -1.76 -10.32
N TRP B 20 1.27 -2.11 -9.39
CA TRP B 20 2.65 -2.55 -9.76
C TRP B 20 2.58 -3.79 -10.66
N ALA B 21 1.68 -4.70 -10.36
CA ALA B 21 1.56 -5.95 -11.18
C ALA B 21 1.29 -5.60 -12.64
N TYR B 22 0.30 -4.76 -12.90
CA TYR B 22 -0.01 -4.37 -14.31
C TYR B 22 1.21 -3.70 -14.94
N ARG B 23 1.97 -2.97 -14.16
CA ARG B 23 3.17 -2.27 -14.70
C ARG B 23 4.40 -2.63 -13.86
N ALA A 1 10.15 13.74 -6.12
CA ALA A 1 10.39 15.13 -6.61
C ALA A 1 9.20 16.04 -6.24
N ASP A 2 8.85 16.08 -4.97
CA ASP A 2 7.71 16.94 -4.54
C ASP A 2 8.24 18.30 -4.06
N GLN A 3 8.66 19.13 -4.96
CA GLN A 3 9.21 20.47 -4.59
C GLN A 3 8.12 21.32 -3.93
N LEU A 4 6.93 21.23 -4.45
CA LEU A 4 5.80 22.04 -3.91
C LEU A 4 5.57 21.72 -2.43
N THR A 5 5.66 20.47 -2.07
CA THR A 5 5.46 20.08 -0.64
C THR A 5 6.51 19.04 -0.27
N GLU A 6 7.48 19.42 0.51
CA GLU A 6 8.54 18.46 0.93
C GLU A 6 8.04 17.58 2.08
N GLU A 7 6.93 17.93 2.67
CA GLU A 7 6.37 17.10 3.79
C GLU A 7 5.83 15.79 3.24
N GLN A 8 5.43 15.79 2.00
CA GLN A 8 4.93 14.53 1.37
C GLN A 8 6.07 13.52 1.27
N ILE A 9 7.27 14.01 1.12
CA ILE A 9 8.46 13.12 0.98
C ILE A 9 8.63 12.22 2.22
N ALA A 10 8.33 12.71 3.39
CA ALA A 10 8.48 11.87 4.62
C ALA A 10 7.50 10.68 4.61
N GLU A 11 6.39 10.84 3.93
CA GLU A 11 5.39 9.73 3.86
C GLU A 11 5.94 8.58 3.01
N PHE A 12 6.51 8.90 1.89
CA PHE A 12 7.11 7.87 1.01
C PHE A 12 8.37 7.30 1.68
N LYS A 13 8.96 8.07 2.54
CA LYS A 13 10.16 7.62 3.28
C LYS A 13 9.77 6.54 4.30
N GLU A 14 8.66 6.73 4.95
CA GLU A 14 8.18 5.74 5.97
C GLU A 14 7.70 4.46 5.29
N ALA A 15 7.23 4.56 4.06
CA ALA A 15 6.75 3.35 3.33
C ALA A 15 7.94 2.60 2.72
N PHE A 16 9.00 3.30 2.42
CA PHE A 16 10.19 2.64 1.78
C PHE A 16 10.75 1.53 2.67
N SER A 17 10.80 1.76 3.95
CA SER A 17 11.32 0.71 4.87
C SER A 17 10.43 -0.53 4.79
N LEU A 18 9.14 -0.32 4.71
CA LEU A 18 8.19 -1.48 4.60
C LEU A 18 8.51 -2.28 3.34
N PHE A 19 8.82 -1.60 2.27
CA PHE A 19 9.18 -2.31 1.00
C PHE A 19 10.62 -2.83 1.09
N ASP A 20 11.51 -2.06 1.68
CA ASP A 20 12.92 -2.50 1.80
C ASP A 20 13.15 -3.17 3.16
N LYS A 21 13.06 -4.47 3.22
CA LYS A 21 13.25 -5.19 4.52
C LYS A 21 14.70 -5.13 5.00
N ASP A 22 15.64 -5.00 4.10
CA ASP A 22 17.08 -4.99 4.51
C ASP A 22 17.51 -3.62 5.01
N GLY A 23 16.68 -2.61 4.87
CA GLY A 23 17.05 -1.24 5.35
C GLY A 23 18.41 -0.84 4.75
N ASP A 24 18.75 -1.39 3.62
CA ASP A 24 20.04 -1.04 2.98
C ASP A 24 19.88 0.19 2.07
N GLY A 25 18.67 0.66 1.87
CA GLY A 25 18.46 1.85 1.01
C GLY A 25 18.05 1.45 -0.41
N THR A 26 17.92 0.17 -0.70
CA THR A 26 17.53 -0.24 -2.10
C THR A 26 16.61 -1.46 -2.09
N ILE A 27 15.64 -1.49 -2.95
CA ILE A 27 14.71 -2.66 -3.02
C ILE A 27 15.06 -3.52 -4.24
N THR A 28 15.25 -4.80 -4.03
CA THR A 28 15.61 -5.71 -5.17
C THR A 28 14.40 -6.53 -5.60
N THR A 29 14.28 -6.77 -6.89
CA THR A 29 13.12 -7.55 -7.44
C THR A 29 12.72 -8.73 -6.54
N LYS A 30 13.67 -9.36 -5.91
CA LYS A 30 13.34 -10.51 -4.99
C LYS A 30 12.44 -9.99 -3.85
N GLU A 31 12.83 -8.87 -3.28
CA GLU A 31 12.06 -8.28 -2.15
C GLU A 31 10.62 -7.98 -2.59
N LEU A 32 10.45 -7.25 -3.67
CA LEU A 32 9.06 -6.89 -4.13
C LEU A 32 8.22 -8.15 -4.36
N GLY A 33 8.81 -9.19 -4.89
CA GLY A 33 8.05 -10.45 -5.16
C GLY A 33 7.35 -10.92 -3.88
N THR A 34 7.90 -10.63 -2.75
CA THR A 34 7.28 -11.06 -1.45
C THR A 34 5.98 -10.27 -1.19
N VAL A 35 5.97 -8.99 -1.50
CA VAL A 35 4.74 -8.19 -1.27
C VAL A 35 3.60 -8.76 -2.13
N MET A 36 3.81 -8.88 -3.40
CA MET A 36 2.76 -9.46 -4.30
C MET A 36 2.42 -10.88 -3.84
N ARG A 37 3.36 -11.56 -3.24
CA ARG A 37 3.11 -12.94 -2.74
C ARG A 37 1.97 -12.89 -1.71
N SER A 38 1.98 -11.87 -0.89
CA SER A 38 0.92 -11.70 0.14
C SER A 38 -0.42 -11.34 -0.51
N LEU A 39 -0.40 -10.90 -1.75
CA LEU A 39 -1.67 -10.53 -2.44
C LEU A 39 -2.34 -11.79 -2.98
N GLY A 40 -1.55 -12.77 -3.35
CA GLY A 40 -2.13 -14.04 -3.89
C GLY A 40 -1.01 -14.89 -4.48
N GLN A 41 -0.02 -14.26 -5.07
CA GLN A 41 1.10 -15.04 -5.67
C GLN A 41 2.35 -14.16 -5.86
N ASN A 42 3.44 -14.78 -6.19
CA ASN A 42 4.71 -14.03 -6.42
C ASN A 42 4.96 -13.87 -7.93
N PRO A 43 5.41 -12.71 -8.34
CA PRO A 43 5.67 -12.45 -9.78
C PRO A 43 6.88 -13.32 -10.23
N THR A 44 7.62 -12.88 -11.22
CA THR A 44 8.78 -13.69 -11.69
C THR A 44 9.97 -12.78 -12.02
N GLU A 45 11.17 -13.26 -11.75
CA GLU A 45 12.40 -12.46 -12.02
C GLU A 45 12.42 -11.90 -13.46
N ALA A 46 11.71 -12.53 -14.36
CA ALA A 46 11.63 -11.98 -15.75
C ALA A 46 10.77 -10.72 -15.74
N GLU A 47 9.58 -10.84 -15.22
CA GLU A 47 8.65 -9.68 -15.14
C GLU A 47 9.19 -8.66 -14.15
N LEU A 48 9.72 -9.11 -13.05
CA LEU A 48 10.31 -8.16 -12.04
C LEU A 48 11.35 -7.27 -12.72
N GLN A 49 12.09 -7.84 -13.64
CA GLN A 49 13.15 -7.06 -14.34
C GLN A 49 12.53 -5.91 -15.15
N ASP A 50 11.41 -6.15 -15.79
CA ASP A 50 10.75 -5.09 -16.60
C ASP A 50 10.30 -3.92 -15.72
N MET A 51 9.78 -4.21 -14.56
CA MET A 51 9.31 -3.12 -13.64
C MET A 51 10.49 -2.22 -13.26
N ILE A 52 11.62 -2.82 -12.99
CA ILE A 52 12.82 -2.03 -12.60
C ILE A 52 13.31 -1.19 -13.80
N ASN A 53 13.28 -1.75 -14.98
CA ASN A 53 13.77 -1.01 -16.19
C ASN A 53 12.98 0.27 -16.45
N GLU A 54 11.69 0.25 -16.28
CA GLU A 54 10.87 1.48 -16.53
C GLU A 54 11.15 2.54 -15.45
N VAL A 55 11.50 2.12 -14.27
CA VAL A 55 11.78 3.09 -13.16
C VAL A 55 13.29 3.29 -12.98
N ASP A 56 14.12 2.51 -13.64
CA ASP A 56 15.59 2.67 -13.47
C ASP A 56 16.07 3.98 -14.10
N ALA A 57 16.16 5.02 -13.31
CA ALA A 57 16.64 6.32 -13.86
C ALA A 57 18.10 6.18 -14.33
N ASP A 58 18.88 5.43 -13.58
CA ASP A 58 20.32 5.24 -13.95
C ASP A 58 20.49 4.00 -14.82
N GLY A 59 19.66 3.01 -14.64
CA GLY A 59 19.77 1.77 -15.45
C GLY A 59 20.64 0.74 -14.75
N ASN A 60 20.82 0.87 -13.46
CA ASN A 60 21.67 -0.12 -12.71
C ASN A 60 20.94 -1.46 -12.56
N GLY A 61 19.64 -1.42 -12.31
CA GLY A 61 18.88 -2.70 -12.17
C GLY A 61 18.05 -2.71 -10.88
N THR A 62 18.11 -1.67 -10.09
CA THR A 62 17.31 -1.65 -8.82
C THR A 62 16.60 -0.32 -8.64
N ILE A 63 15.70 -0.26 -7.69
CA ILE A 63 14.93 1.00 -7.45
C ILE A 63 15.49 1.73 -6.23
N ASP A 64 15.98 2.94 -6.41
CA ASP A 64 16.55 3.70 -5.27
C ASP A 64 15.53 4.70 -4.72
N PHE A 65 15.83 5.29 -3.60
CA PHE A 65 14.90 6.28 -2.96
C PHE A 65 14.37 7.32 -3.97
N PRO A 66 15.26 7.95 -4.72
CA PRO A 66 14.81 8.99 -5.69
C PRO A 66 13.97 8.37 -6.82
N GLU A 67 14.30 7.18 -7.24
CA GLU A 67 13.50 6.53 -8.32
C GLU A 67 12.10 6.15 -7.81
N PHE A 68 12.03 5.66 -6.59
CA PHE A 68 10.72 5.24 -6.02
C PHE A 68 9.76 6.44 -5.88
N LEU A 69 10.25 7.57 -5.46
CA LEU A 69 9.37 8.77 -5.29
C LEU A 69 8.85 9.28 -6.64
N THR A 70 9.70 9.32 -7.63
CA THR A 70 9.27 9.81 -8.98
C THR A 70 8.18 8.90 -9.56
N MET A 71 8.31 7.62 -9.40
CA MET A 71 7.30 6.67 -9.97
C MET A 71 5.93 6.79 -9.27
N MET A 72 5.92 6.93 -7.96
CA MET A 72 4.61 7.02 -7.24
C MET A 72 3.86 8.32 -7.54
N ALA A 73 4.57 9.42 -7.58
CA ALA A 73 3.90 10.74 -7.85
C ALA A 73 3.48 10.88 -9.32
N ARG A 74 4.25 10.35 -10.23
CA ARG A 74 3.89 10.47 -11.68
C ARG A 74 2.79 9.47 -12.06
N LYS A 75 3.01 8.21 -11.80
CA LYS A 75 2.00 7.17 -12.18
C LYS A 75 0.64 7.39 -11.52
N MET A 76 0.62 7.76 -10.27
CA MET A 76 -0.69 7.97 -9.57
C MET A 76 -1.55 9.04 -10.26
N LYS A 77 -0.93 10.06 -10.79
CA LYS A 77 -1.71 11.15 -11.44
C LYS A 77 -2.51 10.65 -12.66
N ASP A 78 -1.88 9.93 -13.56
CA ASP A 78 -2.61 9.44 -14.77
C ASP A 78 -3.62 8.34 -14.38
N THR A 79 -3.55 7.86 -13.18
CA THR A 79 -4.50 6.81 -12.71
C THR A 79 -5.78 7.49 -12.19
N ASP A 80 -6.70 6.73 -11.65
CA ASP A 80 -7.96 7.34 -11.11
C ASP A 80 -8.20 6.82 -9.68
N SER A 81 -8.62 7.68 -8.79
CA SER A 81 -8.87 7.25 -7.38
C SER A 81 -9.97 6.18 -7.35
N GLU A 82 -10.85 6.19 -8.32
CA GLU A 82 -11.94 5.16 -8.36
C GLU A 82 -11.30 3.77 -8.45
N GLU A 83 -10.22 3.68 -9.18
CA GLU A 83 -9.52 2.37 -9.34
C GLU A 83 -8.85 1.97 -8.02
N GLU A 84 -8.27 2.92 -7.34
CA GLU A 84 -7.59 2.63 -6.05
C GLU A 84 -8.58 2.10 -5.01
N ILE A 85 -9.77 2.66 -4.98
CA ILE A 85 -10.81 2.20 -3.99
C ILE A 85 -11.24 0.76 -4.30
N ARG A 86 -11.57 0.46 -5.52
CA ARG A 86 -12.04 -0.91 -5.87
C ARG A 86 -10.98 -1.97 -5.51
N GLU A 87 -9.74 -1.69 -5.79
CA GLU A 87 -8.66 -2.69 -5.47
C GLU A 87 -8.43 -2.81 -3.96
N ALA A 88 -8.47 -1.71 -3.25
CA ALA A 88 -8.21 -1.74 -1.78
C ALA A 88 -9.28 -2.55 -1.02
N PHE A 89 -10.53 -2.31 -1.30
CA PHE A 89 -11.60 -3.06 -0.58
C PHE A 89 -11.58 -4.55 -0.97
N ARG A 90 -11.35 -4.83 -2.22
CA ARG A 90 -11.31 -6.25 -2.69
C ARG A 90 -10.20 -7.05 -2.00
N VAL A 91 -9.05 -6.47 -1.80
CA VAL A 91 -7.95 -7.21 -1.13
C VAL A 91 -8.24 -7.42 0.36
N PHE A 92 -8.78 -6.43 1.03
CA PHE A 92 -9.09 -6.60 2.50
C PHE A 92 -10.28 -7.53 2.72
N ASP A 93 -11.30 -7.43 1.89
CA ASP A 93 -12.48 -8.32 2.05
C ASP A 93 -12.23 -9.68 1.40
N LYS A 94 -11.34 -10.47 1.95
CA LYS A 94 -11.06 -11.82 1.35
C LYS A 94 -12.35 -12.65 1.34
N ASP A 95 -13.10 -12.62 2.41
CA ASP A 95 -14.38 -13.40 2.46
C ASP A 95 -15.46 -12.73 1.60
N GLY A 96 -15.33 -11.43 1.40
CA GLY A 96 -16.33 -10.70 0.57
C GLY A 96 -17.66 -10.57 1.32
N ASN A 97 -17.63 -10.63 2.62
CA ASN A 97 -18.90 -10.51 3.41
C ASN A 97 -19.51 -9.11 3.30
N GLY A 98 -18.74 -8.14 2.87
CA GLY A 98 -19.30 -6.75 2.74
C GLY A 98 -18.57 -5.80 3.72
N TYR A 99 -17.93 -6.33 4.72
CA TYR A 99 -17.20 -5.46 5.70
C TYR A 99 -15.95 -6.20 6.19
N ILE A 100 -14.97 -5.47 6.66
CA ILE A 100 -13.72 -6.13 7.14
C ILE A 100 -13.83 -6.48 8.61
N SER A 101 -13.68 -7.73 8.93
CA SER A 101 -13.79 -8.20 10.34
C SER A 101 -12.48 -7.94 11.09
N ALA A 102 -12.49 -8.13 12.38
CA ALA A 102 -11.24 -7.91 13.19
C ALA A 102 -10.15 -8.86 12.74
N ALA A 103 -10.48 -10.12 12.59
CA ALA A 103 -9.47 -11.12 12.15
C ALA A 103 -8.93 -10.74 10.78
N GLU A 104 -9.78 -10.24 9.92
CA GLU A 104 -9.32 -9.85 8.55
C GLU A 104 -8.24 -8.76 8.63
N LEU A 105 -8.40 -7.81 9.52
CA LEU A 105 -7.38 -6.71 9.66
C LEU A 105 -6.01 -7.29 10.02
N ARG A 106 -5.99 -8.18 10.98
CA ARG A 106 -4.70 -8.78 11.44
C ARG A 106 -3.99 -9.54 10.32
N HIS A 107 -4.72 -10.16 9.44
CA HIS A 107 -4.06 -10.94 8.33
C HIS A 107 -3.18 -10.02 7.47
N VAL A 108 -3.65 -8.85 7.16
CA VAL A 108 -2.85 -7.91 6.30
C VAL A 108 -1.73 -7.24 7.11
N MET A 109 -1.98 -6.91 8.35
CA MET A 109 -0.93 -6.24 9.17
C MET A 109 0.30 -7.13 9.29
N THR A 110 0.11 -8.37 9.64
CA THR A 110 1.26 -9.31 9.76
C THR A 110 1.87 -9.57 8.39
N ASN A 111 1.04 -9.79 7.40
CA ASN A 111 1.56 -10.03 6.02
C ASN A 111 2.33 -8.80 5.54
N LEU A 112 1.97 -7.64 6.04
CA LEU A 112 2.68 -6.39 5.63
C LEU A 112 4.10 -6.39 6.20
N GLY A 113 4.29 -7.00 7.34
CA GLY A 113 5.64 -7.05 7.96
C GLY A 113 5.67 -6.22 9.25
N GLU A 114 4.52 -5.99 9.84
CA GLU A 114 4.49 -5.19 11.11
C GLU A 114 3.89 -6.03 12.24
N LYS A 115 4.47 -5.94 13.42
CA LYS A 115 3.94 -6.71 14.57
C LYS A 115 3.09 -5.79 15.46
N LEU A 116 1.82 -6.08 15.60
CA LEU A 116 0.95 -5.21 16.45
C LEU A 116 0.14 -6.07 17.42
N THR A 117 -0.30 -5.49 18.50
CA THR A 117 -1.13 -6.26 19.48
C THR A 117 -2.57 -6.25 19.01
N ASP A 118 -3.38 -7.10 19.58
CA ASP A 118 -4.81 -7.14 19.18
C ASP A 118 -5.47 -5.81 19.53
N GLU A 119 -4.98 -5.14 20.54
CA GLU A 119 -5.54 -3.81 20.93
C GLU A 119 -5.22 -2.79 19.84
N GLU A 120 -4.08 -2.94 19.21
CA GLU A 120 -3.69 -2.00 18.12
C GLU A 120 -4.61 -2.19 16.93
N VAL A 121 -5.02 -3.40 16.70
CA VAL A 121 -5.95 -3.67 15.57
C VAL A 121 -7.33 -3.07 15.89
N ASP A 122 -7.73 -3.18 17.13
CA ASP A 122 -9.06 -2.65 17.55
C ASP A 122 -9.14 -1.15 17.30
N GLU A 123 -8.09 -0.43 17.61
CA GLU A 123 -8.09 1.03 17.40
C GLU A 123 -8.31 1.32 15.92
N MET A 124 -7.69 0.56 15.05
CA MET A 124 -7.86 0.81 13.58
C MET A 124 -9.36 0.80 13.25
N ILE A 125 -10.10 -0.05 13.89
CA ILE A 125 -11.58 -0.10 13.66
C ILE A 125 -12.23 1.17 14.19
N ARG A 126 -11.76 1.66 15.30
CA ARG A 126 -12.36 2.88 15.91
C ARG A 126 -12.26 4.08 14.95
N GLU A 127 -11.16 4.21 14.26
CA GLU A 127 -10.97 5.35 13.32
C GLU A 127 -11.98 5.29 12.17
N ALA A 128 -12.25 4.11 11.66
CA ALA A 128 -13.21 4.00 10.52
C ALA A 128 -14.61 3.59 10.97
N ASP A 129 -14.78 3.25 12.23
CA ASP A 129 -16.15 2.83 12.70
C ASP A 129 -16.83 3.95 13.49
N ILE A 130 -17.35 4.93 12.80
CA ILE A 130 -18.06 6.06 13.50
C ILE A 130 -19.33 5.55 14.16
N ASP A 131 -20.04 4.68 13.50
CA ASP A 131 -21.32 4.14 14.07
C ASP A 131 -21.08 3.44 15.41
N GLY A 132 -20.01 2.71 15.56
CA GLY A 132 -19.73 2.03 16.86
C GLY A 132 -20.17 0.56 16.82
N ASP A 133 -20.49 0.02 15.66
CA ASP A 133 -20.91 -1.41 15.60
C ASP A 133 -19.67 -2.33 15.61
N GLY A 134 -18.51 -1.78 15.33
CA GLY A 134 -17.25 -2.59 15.35
C GLY A 134 -16.96 -3.22 14.00
N GLN A 135 -17.73 -2.91 12.98
CA GLN A 135 -17.48 -3.50 11.64
C GLN A 135 -17.52 -2.40 10.58
N VAL A 136 -16.55 -2.38 9.69
CA VAL A 136 -16.54 -1.33 8.63
C VAL A 136 -17.29 -1.82 7.40
N ASN A 137 -18.39 -1.20 7.07
CA ASN A 137 -19.19 -1.62 5.88
C ASN A 137 -18.67 -0.90 4.63
N TYR A 138 -19.28 -1.13 3.50
CA TYR A 138 -18.82 -0.47 2.25
C TYR A 138 -19.04 1.05 2.34
N GLU A 139 -20.15 1.47 2.89
CA GLU A 139 -20.42 2.94 3.01
C GLU A 139 -19.37 3.62 3.89
N GLU A 140 -19.01 3.00 4.98
CA GLU A 140 -17.99 3.61 5.89
C GLU A 140 -16.65 3.70 5.16
N PHE A 141 -16.33 2.70 4.40
CA PHE A 141 -15.03 2.66 3.66
C PHE A 141 -14.90 3.84 2.69
N VAL A 142 -15.91 4.12 1.92
CA VAL A 142 -15.84 5.25 0.93
C VAL A 142 -15.72 6.60 1.66
N GLN A 143 -16.43 6.78 2.74
CA GLN A 143 -16.36 8.07 3.50
C GLN A 143 -14.94 8.33 3.99
N MET A 144 -14.28 7.30 4.45
CA MET A 144 -12.88 7.44 4.98
C MET A 144 -11.92 7.96 3.91
N MET A 145 -12.01 7.42 2.72
CA MET A 145 -11.09 7.86 1.62
C MET A 145 -11.46 9.25 1.09
N THR A 146 -12.73 9.53 0.95
CA THR A 146 -13.15 10.87 0.44
C THR A 146 -12.98 11.96 1.50
N ALA A 147 -12.67 11.59 2.72
CA ALA A 147 -12.49 12.62 3.79
C ALA A 147 -11.02 13.04 3.90
N LYS A 148 -10.74 14.31 3.70
CA LYS A 148 -9.34 14.80 3.78
C LYS A 148 -8.74 14.48 5.16
N GLY B 5 -5.13 10.37 10.72
CA GLY B 5 -5.86 9.19 10.16
C GLY B 5 -4.84 8.14 9.71
N GLY B 6 -4.45 7.27 10.62
CA GLY B 6 -3.46 6.21 10.26
C GLY B 6 -4.06 5.27 9.20
N PHE B 7 -5.32 4.96 9.32
CA PHE B 7 -5.96 4.02 8.34
C PHE B 7 -5.96 4.61 6.93
N ARG B 8 -6.23 5.88 6.79
CA ARG B 8 -6.25 6.50 5.43
C ARG B 8 -4.85 6.44 4.78
N ARG B 9 -3.83 6.67 5.57
CA ARG B 9 -2.43 6.66 5.02
C ARG B 9 -2.07 5.30 4.39
N ILE B 10 -2.30 4.21 5.08
CA ILE B 10 -1.95 2.88 4.49
C ILE B 10 -2.90 2.52 3.34
N ALA B 11 -4.09 3.07 3.35
CA ALA B 11 -5.08 2.77 2.26
C ALA B 11 -4.51 3.20 0.89
N ARG B 12 -3.87 4.34 0.84
CA ARG B 12 -3.33 4.83 -0.46
C ARG B 12 -2.30 3.84 -1.04
N LEU B 13 -1.48 3.29 -0.19
CA LEU B 13 -0.45 2.31 -0.68
C LEU B 13 -1.13 1.09 -1.30
N VAL B 14 -2.22 0.64 -0.72
CA VAL B 14 -2.93 -0.56 -1.26
C VAL B 14 -3.50 -0.28 -2.66
N GLY B 15 -4.03 0.88 -2.90
CA GLY B 15 -4.61 1.20 -4.25
C GLY B 15 -3.55 1.02 -5.33
N VAL B 16 -2.35 1.50 -5.07
CA VAL B 16 -1.25 1.37 -6.06
C VAL B 16 -0.58 -0.01 -5.98
N LEU B 17 -0.86 -0.78 -4.95
CA LEU B 17 -0.22 -2.13 -4.83
C LEU B 17 -0.58 -3.01 -6.04
N ARG B 18 -1.84 -3.10 -6.37
CA ARG B 18 -2.25 -3.94 -7.53
C ARG B 18 -1.79 -3.30 -8.85
N GLU B 19 -1.73 -2.00 -8.89
CA GLU B 19 -1.29 -1.29 -10.14
C GLU B 19 0.14 -1.75 -10.51
N TRP B 20 0.99 -1.90 -9.54
CA TRP B 20 2.39 -2.34 -9.82
C TRP B 20 2.38 -3.72 -10.49
N ALA B 21 1.53 -4.60 -10.03
CA ALA B 21 1.46 -5.98 -10.63
C ALA B 21 0.88 -5.94 -12.06
N TYR B 22 0.17 -4.89 -12.40
CA TYR B 22 -0.41 -4.80 -13.77
C TYR B 22 0.70 -4.84 -14.83
N ARG B 23 1.80 -4.18 -14.58
CA ARG B 23 2.93 -4.19 -15.56
C ARG B 23 3.82 -5.40 -15.33
N ALA A 1 9.27 30.56 -2.87
CA ALA A 1 7.81 30.32 -2.59
C ALA A 1 7.65 29.03 -1.76
N ASP A 2 6.46 28.78 -1.30
CA ASP A 2 6.22 27.54 -0.49
C ASP A 2 5.32 26.57 -1.25
N GLN A 3 5.34 26.62 -2.56
CA GLN A 3 4.49 25.70 -3.37
C GLN A 3 4.87 24.25 -3.08
N LEU A 4 6.14 24.01 -2.94
CA LEU A 4 6.63 22.63 -2.66
C LEU A 4 6.36 22.26 -1.20
N THR A 5 6.29 20.98 -0.91
CA THR A 5 6.04 20.55 0.49
C THR A 5 7.01 19.42 0.87
N GLU A 6 7.97 19.75 1.69
CA GLU A 6 8.99 18.74 2.11
C GLU A 6 8.45 17.83 3.23
N GLU A 7 7.30 18.14 3.80
CA GLU A 7 6.76 17.26 4.89
C GLU A 7 6.30 15.92 4.30
N GLN A 8 5.93 15.89 3.04
CA GLN A 8 5.53 14.61 2.39
C GLN A 8 6.76 13.70 2.21
N ILE A 9 7.92 14.29 2.13
CA ILE A 9 9.16 13.49 1.87
C ILE A 9 9.37 12.46 2.97
N ALA A 10 9.31 12.85 4.22
CA ALA A 10 9.51 11.85 5.32
C ALA A 10 8.41 10.77 5.27
N GLU A 11 7.31 11.05 4.62
CA GLU A 11 6.21 10.06 4.52
C GLU A 11 6.66 8.88 3.64
N PHE A 12 7.10 9.17 2.45
CA PHE A 12 7.60 8.10 1.54
C PHE A 12 8.87 7.47 2.11
N LYS A 13 9.54 8.19 2.97
CA LYS A 13 10.79 7.68 3.60
C LYS A 13 10.46 6.53 4.57
N GLU A 14 9.43 6.70 5.36
CA GLU A 14 9.03 5.64 6.34
C GLU A 14 8.41 4.43 5.62
N ALA A 15 7.86 4.63 4.45
CA ALA A 15 7.25 3.49 3.69
C ALA A 15 8.33 2.65 2.99
N PHE A 16 9.39 3.30 2.55
CA PHE A 16 10.47 2.57 1.82
C PHE A 16 11.08 1.47 2.67
N SER A 17 11.24 1.69 3.95
CA SER A 17 11.82 0.63 4.83
C SER A 17 10.93 -0.61 4.81
N LEU A 18 9.63 -0.42 4.81
CA LEU A 18 8.69 -1.58 4.78
C LEU A 18 8.94 -2.42 3.53
N PHE A 19 9.17 -1.77 2.41
CA PHE A 19 9.45 -2.50 1.15
C PHE A 19 10.89 -2.99 1.13
N ASP A 20 11.80 -2.21 1.66
CA ASP A 20 13.24 -2.63 1.68
C ASP A 20 13.56 -3.33 3.00
N LYS A 21 13.50 -4.63 3.03
CA LYS A 21 13.79 -5.38 4.29
C LYS A 21 15.26 -5.23 4.69
N ASP A 22 16.16 -5.07 3.75
CA ASP A 22 17.61 -4.96 4.09
C ASP A 22 17.98 -3.57 4.58
N GLY A 23 17.07 -2.61 4.46
CA GLY A 23 17.40 -1.22 4.93
C GLY A 23 18.66 -0.72 4.19
N ASP A 24 18.90 -1.23 3.01
CA ASP A 24 20.09 -0.80 2.23
C ASP A 24 19.75 0.40 1.34
N GLY A 25 18.51 0.82 1.31
CA GLY A 25 18.13 1.99 0.48
C GLY A 25 17.71 1.55 -0.94
N THR A 26 17.65 0.26 -1.22
CA THR A 26 17.26 -0.17 -2.60
C THR A 26 16.40 -1.44 -2.59
N ILE A 27 15.43 -1.51 -3.47
CA ILE A 27 14.55 -2.71 -3.54
C ILE A 27 14.94 -3.59 -4.73
N THR A 28 15.21 -4.85 -4.49
CA THR A 28 15.59 -5.78 -5.61
C THR A 28 14.39 -6.65 -6.00
N THR A 29 14.23 -6.91 -7.29
CA THR A 29 13.07 -7.72 -7.78
C THR A 29 12.75 -8.92 -6.85
N LYS A 30 13.76 -9.52 -6.26
CA LYS A 30 13.50 -10.66 -5.32
C LYS A 30 12.62 -10.18 -4.17
N GLU A 31 13.00 -9.07 -3.57
CA GLU A 31 12.22 -8.53 -2.42
C GLU A 31 10.77 -8.27 -2.85
N LEU A 32 10.55 -7.57 -3.93
CA LEU A 32 9.15 -7.27 -4.39
C LEU A 32 8.33 -8.56 -4.54
N GLY A 33 8.92 -9.62 -5.03
CA GLY A 33 8.18 -10.90 -5.21
C GLY A 33 7.47 -11.30 -3.91
N THR A 34 8.01 -10.91 -2.78
CA THR A 34 7.37 -11.27 -1.48
C THR A 34 6.01 -10.57 -1.36
N VAL A 35 5.93 -9.34 -1.80
CA VAL A 35 4.64 -8.59 -1.73
C VAL A 35 3.63 -9.20 -2.70
N MET A 36 4.08 -9.59 -3.86
CA MET A 36 3.18 -10.19 -4.89
C MET A 36 2.52 -11.47 -4.37
N ARG A 37 3.24 -12.28 -3.67
CA ARG A 37 2.67 -13.55 -3.12
C ARG A 37 1.49 -13.24 -2.18
N SER A 38 1.65 -12.21 -1.38
CA SER A 38 0.59 -11.83 -0.40
C SER A 38 -0.70 -11.39 -1.09
N LEU A 39 -0.62 -10.92 -2.30
CA LEU A 39 -1.86 -10.48 -3.02
C LEU A 39 -2.48 -11.65 -3.79
N GLY A 40 -1.72 -12.70 -4.02
CA GLY A 40 -2.26 -13.87 -4.77
C GLY A 40 -1.11 -14.79 -5.16
N GLN A 41 -0.09 -14.25 -5.78
CA GLN A 41 1.07 -15.09 -6.18
C GLN A 41 2.27 -14.22 -6.58
N ASN A 42 3.36 -14.85 -6.89
CA ASN A 42 4.59 -14.12 -7.31
C ASN A 42 4.71 -14.14 -8.85
N PRO A 43 5.00 -13.00 -9.44
CA PRO A 43 5.14 -12.92 -10.92
C PRO A 43 6.36 -13.75 -11.37
N THR A 44 7.03 -13.34 -12.42
CA THR A 44 8.22 -14.12 -12.89
C THR A 44 9.44 -13.21 -13.01
N GLU A 45 10.60 -13.71 -12.63
CA GLU A 45 11.86 -12.92 -12.68
C GLU A 45 12.04 -12.20 -14.03
N ALA A 46 11.45 -12.72 -15.08
CA ALA A 46 11.53 -12.02 -16.40
C ALA A 46 10.69 -10.74 -16.34
N GLU A 47 9.52 -10.88 -15.78
CA GLU A 47 8.58 -9.72 -15.66
C GLU A 47 9.12 -8.71 -14.64
N LEU A 48 9.67 -9.18 -13.55
CA LEU A 48 10.23 -8.25 -12.52
C LEU A 48 11.27 -7.34 -13.18
N GLN A 49 12.03 -7.88 -14.09
CA GLN A 49 13.09 -7.08 -14.76
C GLN A 49 12.47 -5.93 -15.57
N ASP A 50 11.39 -6.18 -16.25
CA ASP A 50 10.74 -5.09 -17.07
C ASP A 50 10.24 -3.95 -16.18
N MET A 51 9.69 -4.27 -15.04
CA MET A 51 9.17 -3.21 -14.14
C MET A 51 10.32 -2.30 -13.68
N ILE A 52 11.45 -2.90 -13.38
CA ILE A 52 12.63 -2.11 -12.94
C ILE A 52 13.19 -1.24 -14.09
N ASN A 53 13.22 -1.78 -15.28
CA ASN A 53 13.81 -1.02 -16.43
C ASN A 53 13.00 0.24 -16.77
N GLU A 54 11.69 0.19 -16.73
CA GLU A 54 10.89 1.41 -17.04
C GLU A 54 11.05 2.45 -15.94
N VAL A 55 11.32 2.02 -14.74
CA VAL A 55 11.49 2.97 -13.60
C VAL A 55 12.98 3.22 -13.32
N ASP A 56 13.88 2.46 -13.92
CA ASP A 56 15.33 2.66 -13.66
C ASP A 56 15.81 3.97 -14.25
N ALA A 57 15.92 4.99 -13.44
CA ALA A 57 16.40 6.31 -13.96
C ALA A 57 17.87 6.20 -14.39
N ASP A 58 18.65 5.43 -13.66
CA ASP A 58 20.09 5.27 -14.02
C ASP A 58 20.31 4.04 -14.89
N GLY A 59 19.45 3.06 -14.77
CA GLY A 59 19.59 1.82 -15.58
C GLY A 59 20.47 0.80 -14.86
N ASN A 60 20.63 0.93 -13.57
CA ASN A 60 21.47 -0.04 -12.81
C ASN A 60 20.74 -1.38 -12.67
N GLY A 61 19.44 -1.34 -12.53
CA GLY A 61 18.65 -2.60 -12.39
C GLY A 61 17.81 -2.59 -11.10
N THR A 62 17.84 -1.53 -10.34
CA THR A 62 17.04 -1.49 -9.08
C THR A 62 16.36 -0.13 -8.90
N ILE A 63 15.46 -0.07 -7.96
CA ILE A 63 14.70 1.19 -7.71
C ILE A 63 15.23 1.91 -6.47
N ASP A 64 15.70 3.12 -6.63
CA ASP A 64 16.25 3.88 -5.47
C ASP A 64 15.19 4.85 -4.93
N PHE A 65 15.46 5.45 -3.79
CA PHE A 65 14.49 6.41 -3.17
C PHE A 65 13.95 7.44 -4.18
N PRO A 66 14.82 8.10 -4.92
CA PRO A 66 14.36 9.12 -5.89
C PRO A 66 13.58 8.48 -7.04
N GLU A 67 13.96 7.29 -7.47
CA GLU A 67 13.21 6.62 -8.57
C GLU A 67 11.82 6.17 -8.08
N PHE A 68 11.75 5.68 -6.87
CA PHE A 68 10.44 5.21 -6.34
C PHE A 68 9.44 6.38 -6.22
N LEU A 69 9.91 7.52 -5.78
CA LEU A 69 8.98 8.69 -5.62
C LEU A 69 8.43 9.15 -6.97
N THR A 70 9.24 9.16 -7.99
CA THR A 70 8.75 9.61 -9.34
C THR A 70 7.61 8.71 -9.82
N MET A 71 7.72 7.43 -9.60
CA MET A 71 6.65 6.48 -10.06
C MET A 71 5.36 6.64 -9.23
N MET A 72 5.49 6.84 -7.94
CA MET A 72 4.28 6.97 -7.06
C MET A 72 3.41 8.16 -7.49
N ALA A 73 4.00 9.31 -7.66
CA ALA A 73 3.21 10.52 -8.06
C ALA A 73 2.70 10.41 -9.50
N ARG A 74 3.42 9.72 -10.34
CA ARG A 74 2.97 9.58 -11.76
C ARG A 74 1.76 8.64 -11.90
N LYS A 75 1.75 7.56 -11.16
CA LYS A 75 0.61 6.59 -11.27
C LYS A 75 -0.70 7.16 -10.71
N MET A 76 -0.67 7.76 -9.55
CA MET A 76 -1.94 8.31 -8.97
C MET A 76 -2.56 9.37 -9.88
N LYS A 77 -1.74 10.18 -10.49
CA LYS A 77 -2.26 11.27 -11.39
C LYS A 77 -2.90 10.67 -12.63
N ASP A 78 -2.20 9.80 -13.30
CA ASP A 78 -2.74 9.16 -14.54
C ASP A 78 -3.88 8.21 -14.18
N THR A 79 -3.79 7.61 -13.03
CA THR A 79 -4.86 6.66 -12.59
C THR A 79 -5.93 7.43 -11.79
N ASP A 80 -6.90 6.74 -11.22
CA ASP A 80 -7.96 7.42 -10.44
C ASP A 80 -8.02 6.86 -9.02
N SER A 81 -8.30 7.68 -8.05
CA SER A 81 -8.37 7.20 -6.65
C SER A 81 -9.46 6.15 -6.50
N GLU A 82 -10.47 6.22 -7.32
CA GLU A 82 -11.58 5.22 -7.24
C GLU A 82 -11.01 3.82 -7.47
N GLU A 83 -10.06 3.71 -8.37
CA GLU A 83 -9.45 2.37 -8.67
C GLU A 83 -8.60 1.89 -7.49
N GLU A 84 -7.87 2.79 -6.88
CA GLU A 84 -6.99 2.39 -5.73
C GLU A 84 -7.85 1.99 -4.52
N ILE A 85 -8.95 2.67 -4.32
CA ILE A 85 -9.86 2.33 -3.18
C ILE A 85 -10.44 0.93 -3.37
N ARG A 86 -10.97 0.64 -4.54
CA ARG A 86 -11.58 -0.69 -4.79
C ARG A 86 -10.56 -1.81 -4.57
N GLU A 87 -9.33 -1.61 -4.97
CA GLU A 87 -8.28 -2.66 -4.81
C GLU A 87 -7.91 -2.86 -3.33
N ALA A 88 -7.77 -1.80 -2.59
CA ALA A 88 -7.38 -1.91 -1.15
C ALA A 88 -8.47 -2.59 -0.32
N PHE A 89 -9.71 -2.20 -0.50
CA PHE A 89 -10.82 -2.84 0.27
C PHE A 89 -10.86 -4.34 -0.01
N ARG A 90 -10.79 -4.69 -1.27
CA ARG A 90 -10.83 -6.12 -1.67
C ARG A 90 -9.66 -6.89 -1.03
N VAL A 91 -8.52 -6.26 -0.89
CA VAL A 91 -7.34 -6.95 -0.29
C VAL A 91 -7.61 -7.22 1.21
N PHE A 92 -8.07 -6.23 1.92
CA PHE A 92 -8.35 -6.41 3.38
C PHE A 92 -9.49 -7.43 3.57
N ASP A 93 -10.47 -7.42 2.72
CA ASP A 93 -11.61 -8.39 2.84
C ASP A 93 -11.16 -9.78 2.38
N LYS A 94 -10.57 -10.56 3.26
CA LYS A 94 -10.10 -11.92 2.85
C LYS A 94 -11.32 -12.82 2.57
N ASP A 95 -12.34 -12.73 3.38
CA ASP A 95 -13.56 -13.57 3.18
C ASP A 95 -14.49 -12.97 2.12
N GLY A 96 -14.25 -11.75 1.72
CA GLY A 96 -15.10 -11.11 0.68
C GLY A 96 -16.56 -11.05 1.16
N ASN A 97 -16.77 -10.93 2.44
CA ASN A 97 -18.17 -10.88 2.98
C ASN A 97 -18.79 -9.48 2.77
N GLY A 98 -18.07 -8.55 2.18
CA GLY A 98 -18.63 -7.19 1.97
C GLY A 98 -18.30 -6.27 3.16
N TYR A 99 -17.78 -6.81 4.23
CA TYR A 99 -17.45 -5.95 5.41
C TYR A 99 -16.09 -6.35 5.99
N ILE A 100 -15.26 -5.40 6.34
CA ILE A 100 -13.92 -5.75 6.91
C ILE A 100 -14.04 -5.89 8.43
N SER A 101 -13.54 -6.97 8.96
CA SER A 101 -13.64 -7.19 10.43
C SER A 101 -12.27 -7.08 11.10
N ALA A 102 -12.25 -6.68 12.35
CA ALA A 102 -10.96 -6.51 13.10
C ALA A 102 -10.07 -7.74 12.94
N ALA A 103 -10.65 -8.91 12.99
CA ALA A 103 -9.83 -10.15 12.82
C ALA A 103 -9.18 -10.12 11.43
N GLU A 104 -9.86 -9.56 10.47
CA GLU A 104 -9.29 -9.47 9.09
C GLU A 104 -8.21 -8.39 9.01
N LEU A 105 -8.31 -7.38 9.84
CA LEU A 105 -7.28 -6.30 9.86
C LEU A 105 -5.94 -6.88 10.30
N ARG A 106 -6.00 -7.76 11.28
CA ARG A 106 -4.75 -8.40 11.81
C ARG A 106 -4.01 -9.18 10.73
N HIS A 107 -4.73 -9.79 9.82
CA HIS A 107 -4.06 -10.57 8.75
C HIS A 107 -3.13 -9.68 7.91
N VAL A 108 -3.57 -8.51 7.55
CA VAL A 108 -2.70 -7.59 6.72
C VAL A 108 -1.54 -7.01 7.56
N MET A 109 -1.80 -6.65 8.79
CA MET A 109 -0.75 -6.05 9.63
C MET A 109 0.44 -7.01 9.76
N THR A 110 0.18 -8.25 10.10
CA THR A 110 1.28 -9.24 10.22
C THR A 110 1.92 -9.48 8.85
N ASN A 111 1.10 -9.61 7.83
CA ASN A 111 1.65 -9.83 6.46
C ASN A 111 2.49 -8.62 6.05
N LEU A 112 2.15 -7.45 6.56
CA LEU A 112 2.93 -6.23 6.22
C LEU A 112 4.31 -6.30 6.87
N GLY A 113 4.39 -6.91 8.02
CA GLY A 113 5.72 -7.03 8.72
C GLY A 113 5.71 -6.14 9.97
N GLU A 114 4.55 -5.89 10.53
CA GLU A 114 4.46 -5.03 11.74
C GLU A 114 3.76 -5.80 12.87
N LYS A 115 4.25 -5.68 14.07
CA LYS A 115 3.61 -6.39 15.22
C LYS A 115 2.73 -5.42 16.01
N LEU A 116 1.45 -5.69 16.07
CA LEU A 116 0.52 -4.78 16.83
C LEU A 116 -0.38 -5.63 17.74
N THR A 117 -0.90 -5.03 18.77
CA THR A 117 -1.80 -5.79 19.70
C THR A 117 -3.21 -5.84 19.11
N ASP A 118 -4.02 -6.74 19.60
CA ASP A 118 -5.42 -6.84 19.09
C ASP A 118 -6.13 -5.51 19.32
N GLU A 119 -5.71 -4.79 20.33
CA GLU A 119 -6.33 -3.46 20.62
C GLU A 119 -5.96 -2.49 19.48
N GLU A 120 -4.79 -2.67 18.91
CA GLU A 120 -4.36 -1.80 17.78
C GLU A 120 -5.33 -1.99 16.62
N VAL A 121 -5.72 -3.22 16.40
CA VAL A 121 -6.66 -3.51 15.27
C VAL A 121 -8.06 -2.95 15.57
N ASP A 122 -8.48 -3.07 16.79
CA ASP A 122 -9.84 -2.59 17.19
C ASP A 122 -9.97 -1.10 16.94
N GLU A 123 -8.98 -0.34 17.32
CA GLU A 123 -9.03 1.12 17.10
C GLU A 123 -9.16 1.42 15.61
N MET A 124 -8.45 0.70 14.79
CA MET A 124 -8.55 0.97 13.31
C MET A 124 -10.00 0.89 12.88
N ILE A 125 -10.74 -0.05 13.44
CA ILE A 125 -12.18 -0.18 13.11
C ILE A 125 -12.94 1.05 13.64
N ARG A 126 -12.56 1.54 14.79
CA ARG A 126 -13.25 2.71 15.40
C ARG A 126 -13.19 3.94 14.50
N GLU A 127 -12.08 4.14 13.85
CA GLU A 127 -11.92 5.33 12.97
C GLU A 127 -12.95 5.32 11.83
N ALA A 128 -13.22 4.16 11.27
CA ALA A 128 -14.22 4.09 10.15
C ALA A 128 -15.58 3.56 10.64
N ASP A 129 -15.70 3.24 11.92
CA ASP A 129 -17.01 2.71 12.42
C ASP A 129 -17.93 3.86 12.84
N ILE A 130 -18.45 4.60 11.89
CA ILE A 130 -19.36 5.74 12.24
C ILE A 130 -20.68 5.22 12.82
N ASP A 131 -21.22 4.17 12.25
CA ASP A 131 -22.52 3.62 12.76
C ASP A 131 -22.33 2.92 14.11
N GLY A 132 -21.12 2.53 14.45
CA GLY A 132 -20.87 1.87 15.76
C GLY A 132 -21.20 0.37 15.69
N ASP A 133 -21.20 -0.20 14.51
CA ASP A 133 -21.50 -1.66 14.38
C ASP A 133 -20.26 -2.52 14.67
N GLY A 134 -19.10 -1.89 14.73
CA GLY A 134 -17.85 -2.65 15.02
C GLY A 134 -17.20 -3.14 13.71
N GLN A 135 -17.77 -2.83 12.59
CA GLN A 135 -17.19 -3.27 11.29
C GLN A 135 -17.31 -2.14 10.27
N VAL A 136 -16.42 -2.10 9.31
CA VAL A 136 -16.47 -1.01 8.30
C VAL A 136 -17.29 -1.46 7.08
N ASN A 137 -18.37 -0.77 6.80
CA ASN A 137 -19.20 -1.14 5.63
C ASN A 137 -18.63 -0.47 4.38
N TYR A 138 -19.17 -0.75 3.24
CA TYR A 138 -18.65 -0.11 1.99
C TYR A 138 -18.90 1.40 2.05
N GLU A 139 -20.05 1.79 2.52
CA GLU A 139 -20.37 3.26 2.62
C GLU A 139 -19.40 3.98 3.55
N GLU A 140 -19.12 3.41 4.70
CA GLU A 140 -18.19 4.05 5.67
C GLU A 140 -16.77 4.11 5.11
N PHE A 141 -16.36 3.06 4.45
CA PHE A 141 -14.97 3.00 3.88
C PHE A 141 -14.75 4.14 2.87
N VAL A 142 -15.70 4.38 2.00
CA VAL A 142 -15.54 5.46 0.98
C VAL A 142 -15.59 6.85 1.63
N GLN A 143 -16.45 7.03 2.60
CA GLN A 143 -16.57 8.37 3.27
C GLN A 143 -15.23 8.77 3.92
N MET A 144 -14.62 7.88 4.65
CA MET A 144 -13.32 8.18 5.32
C MET A 144 -12.25 8.55 4.28
N MET A 145 -12.23 7.86 3.17
CA MET A 145 -11.21 8.14 2.12
C MET A 145 -11.46 9.51 1.45
N THR A 146 -12.70 9.84 1.20
CA THR A 146 -13.01 11.14 0.55
C THR A 146 -13.37 12.20 1.59
N ALA A 147 -12.89 12.05 2.80
CA ALA A 147 -13.20 13.04 3.87
C ALA A 147 -12.07 14.06 4.01
N LYS A 148 -12.39 15.32 3.85
CA LYS A 148 -11.35 16.39 3.97
C LYS A 148 -11.62 17.24 5.22
N GLY B 5 0.82 8.19 11.90
CA GLY B 5 0.29 7.12 11.01
C GLY B 5 -1.22 7.04 11.15
N GLY B 6 -1.89 6.46 10.19
CA GLY B 6 -3.38 6.34 10.26
C GLY B 6 -3.87 5.29 9.26
N PHE B 7 -5.13 4.96 9.32
CA PHE B 7 -5.69 3.93 8.38
C PHE B 7 -5.54 4.40 6.93
N ARG B 8 -5.76 5.67 6.68
CA ARG B 8 -5.65 6.19 5.28
C ARG B 8 -4.24 5.97 4.73
N ARG B 9 -3.23 6.16 5.52
CA ARG B 9 -1.83 5.97 5.02
C ARG B 9 -1.61 4.53 4.53
N ILE B 10 -2.16 3.56 5.23
CA ILE B 10 -1.99 2.13 4.80
C ILE B 10 -2.78 1.86 3.51
N ALA B 11 -3.97 2.39 3.41
CA ALA B 11 -4.81 2.15 2.19
C ALA B 11 -4.11 2.68 0.94
N ARG B 12 -3.47 3.82 1.03
CA ARG B 12 -2.79 4.41 -0.16
C ARG B 12 -1.70 3.44 -0.67
N LEU B 13 -0.98 2.81 0.22
CA LEU B 13 0.10 1.88 -0.22
C LEU B 13 -0.48 0.67 -0.97
N VAL B 14 -1.60 0.15 -0.51
CA VAL B 14 -2.20 -1.04 -1.18
C VAL B 14 -2.70 -0.69 -2.59
N GLY B 15 -3.30 0.46 -2.76
CA GLY B 15 -3.82 0.87 -4.11
C GLY B 15 -2.71 0.75 -5.16
N VAL B 16 -1.55 1.29 -4.86
CA VAL B 16 -0.41 1.22 -5.82
C VAL B 16 0.20 -0.20 -5.84
N LEU B 17 0.01 -0.96 -4.79
CA LEU B 17 0.59 -2.34 -4.74
C LEU B 17 0.08 -3.19 -5.91
N ARG B 18 -1.21 -3.22 -6.13
CA ARG B 18 -1.76 -4.02 -7.25
C ARG B 18 -1.31 -3.45 -8.60
N GLU B 19 -1.24 -2.14 -8.70
CA GLU B 19 -0.80 -1.50 -9.97
C GLU B 19 0.61 -1.95 -10.32
N TRP B 20 1.41 -2.21 -9.33
CA TRP B 20 2.82 -2.65 -9.58
C TRP B 20 2.83 -3.96 -10.38
N ALA B 21 2.00 -4.89 -10.00
CA ALA B 21 1.95 -6.19 -10.75
C ALA B 21 1.56 -5.95 -12.20
N TYR B 22 0.47 -5.27 -12.43
CA TYR B 22 0.03 -4.99 -13.83
C TYR B 22 1.09 -4.18 -14.58
N ARG B 23 1.71 -3.22 -13.93
CA ARG B 23 2.76 -2.41 -14.61
C ARG B 23 4.16 -2.93 -14.24
N ALA A 1 -0.19 29.66 -9.04
CA ALA A 1 -0.01 29.33 -7.59
C ALA A 1 0.20 27.82 -7.41
N ASP A 2 1.33 27.34 -7.82
CA ASP A 2 1.63 25.88 -7.67
C ASP A 2 2.99 25.72 -6.98
N GLN A 3 3.01 25.17 -5.80
CA GLN A 3 4.32 25.03 -5.06
C GLN A 3 4.60 23.55 -4.74
N LEU A 4 5.85 23.22 -4.50
CA LEU A 4 6.19 21.80 -4.17
C LEU A 4 5.82 21.51 -2.71
N THR A 5 6.10 20.32 -2.26
CA THR A 5 5.78 19.96 -0.85
C THR A 5 6.73 18.85 -0.36
N GLU A 6 7.61 19.19 0.53
CA GLU A 6 8.57 18.16 1.07
C GLU A 6 7.93 17.37 2.21
N GLU A 7 6.77 17.77 2.69
CA GLU A 7 6.13 17.03 3.82
C GLU A 7 5.68 15.63 3.37
N GLN A 8 5.27 15.51 2.14
CA GLN A 8 4.82 14.17 1.61
C GLN A 8 5.99 13.18 1.60
N ILE A 9 7.15 13.64 1.22
CA ILE A 9 8.35 12.73 1.16
C ILE A 9 8.65 12.10 2.52
N ALA A 10 8.32 12.77 3.60
CA ALA A 10 8.57 12.18 4.95
C ALA A 10 7.76 10.90 5.14
N GLU A 11 6.54 10.92 4.66
CA GLU A 11 5.67 9.73 4.77
C GLU A 11 6.34 8.55 4.03
N PHE A 12 6.92 8.82 2.90
CA PHE A 12 7.62 7.73 2.13
C PHE A 12 8.81 7.17 2.92
N LYS A 13 9.32 7.89 3.88
CA LYS A 13 10.48 7.37 4.68
C LYS A 13 10.01 6.20 5.54
N GLU A 14 8.84 6.32 6.10
CA GLU A 14 8.31 5.23 6.99
C GLU A 14 8.09 3.93 6.20
N ALA A 15 7.26 3.97 5.18
CA ALA A 15 6.97 2.72 4.40
C ALA A 15 8.20 2.19 3.67
N PHE A 16 9.10 3.05 3.27
CA PHE A 16 10.31 2.58 2.50
C PHE A 16 11.10 1.55 3.32
N SER A 17 11.40 1.84 4.56
CA SER A 17 12.14 0.86 5.41
C SER A 17 11.27 -0.36 5.67
N LEU A 18 10.01 -0.14 5.89
CA LEU A 18 9.06 -1.27 6.14
C LEU A 18 8.99 -2.16 4.90
N PHE A 19 9.00 -1.56 3.74
CA PHE A 19 8.95 -2.35 2.47
C PHE A 19 10.31 -3.00 2.22
N ASP A 20 11.39 -2.36 2.61
CA ASP A 20 12.74 -2.95 2.37
C ASP A 20 13.18 -3.77 3.59
N LYS A 21 13.07 -5.07 3.53
CA LYS A 21 13.45 -5.92 4.69
C LYS A 21 14.92 -5.73 5.06
N ASP A 22 15.81 -5.60 4.09
CA ASP A 22 17.27 -5.45 4.43
C ASP A 22 17.60 -4.02 4.84
N GLY A 23 16.72 -3.08 4.63
CA GLY A 23 17.01 -1.67 5.03
C GLY A 23 18.31 -1.23 4.36
N ASP A 24 18.60 -1.75 3.20
CA ASP A 24 19.85 -1.35 2.48
C ASP A 24 19.58 -0.15 1.56
N GLY A 25 18.35 0.31 1.48
CA GLY A 25 18.05 1.49 0.62
C GLY A 25 17.57 1.07 -0.77
N THR A 26 17.41 -0.21 -1.03
CA THR A 26 16.97 -0.64 -2.40
C THR A 26 16.06 -1.87 -2.33
N ILE A 27 15.06 -1.91 -3.17
CA ILE A 27 14.13 -3.07 -3.20
C ILE A 27 14.51 -4.00 -4.36
N THR A 28 14.80 -5.25 -4.07
CA THR A 28 15.19 -6.20 -5.15
C THR A 28 13.96 -7.00 -5.61
N THR A 29 13.83 -7.22 -6.91
CA THR A 29 12.65 -7.96 -7.47
C THR A 29 12.28 -9.18 -6.62
N LYS A 30 13.27 -9.83 -6.05
CA LYS A 30 12.99 -10.99 -5.17
C LYS A 30 12.21 -10.52 -3.94
N GLU A 31 12.69 -9.47 -3.31
CA GLU A 31 12.04 -8.94 -2.08
C GLU A 31 10.59 -8.51 -2.35
N LEU A 32 10.37 -7.64 -3.29
CA LEU A 32 8.98 -7.16 -3.58
C LEU A 32 8.07 -8.31 -4.01
N GLY A 33 8.61 -9.27 -4.71
CA GLY A 33 7.79 -10.43 -5.16
C GLY A 33 7.13 -11.10 -3.96
N THR A 34 7.79 -11.08 -2.82
CA THR A 34 7.22 -11.69 -1.59
C THR A 34 6.04 -10.86 -1.09
N VAL A 35 6.14 -9.55 -1.16
CA VAL A 35 5.01 -8.69 -0.68
C VAL A 35 3.75 -9.02 -1.49
N MET A 36 3.83 -8.89 -2.79
CA MET A 36 2.65 -9.22 -3.65
C MET A 36 2.26 -10.70 -3.45
N ARG A 37 3.20 -11.52 -3.06
CA ARG A 37 2.90 -12.97 -2.81
C ARG A 37 1.82 -13.09 -1.73
N SER A 38 2.00 -12.36 -0.66
CA SER A 38 1.00 -12.40 0.47
C SER A 38 -0.31 -11.73 0.07
N LEU A 39 -0.32 -10.96 -0.98
CA LEU A 39 -1.59 -10.30 -1.43
C LEU A 39 -2.34 -11.20 -2.42
N GLY A 40 -1.65 -12.14 -3.01
CA GLY A 40 -2.31 -13.05 -3.99
C GLY A 40 -1.25 -13.89 -4.70
N GLN A 41 -0.23 -13.25 -5.22
CA GLN A 41 0.84 -14.00 -5.93
C GLN A 41 2.05 -13.10 -6.18
N ASN A 42 3.11 -13.68 -6.64
CA ASN A 42 4.34 -12.89 -6.95
C ASN A 42 4.69 -13.04 -8.44
N PRO A 43 5.09 -11.96 -9.07
CA PRO A 43 5.45 -12.02 -10.51
C PRO A 43 6.74 -12.84 -10.69
N THR A 44 7.55 -12.53 -11.67
CA THR A 44 8.81 -13.31 -11.87
C THR A 44 9.98 -12.37 -12.19
N GLU A 45 11.18 -12.77 -11.84
CA GLU A 45 12.38 -11.91 -12.10
C GLU A 45 12.46 -11.44 -13.56
N ALA A 46 11.81 -12.13 -14.47
CA ALA A 46 11.82 -11.66 -15.89
C ALA A 46 10.93 -10.42 -16.01
N GLU A 47 9.68 -10.58 -15.67
CA GLU A 47 8.71 -9.44 -15.75
C GLU A 47 9.05 -8.42 -14.67
N LEU A 48 9.51 -8.86 -13.53
CA LEU A 48 9.88 -7.91 -12.43
C LEU A 48 10.91 -6.92 -12.95
N GLN A 49 11.81 -7.40 -13.79
CA GLN A 49 12.86 -6.51 -14.34
C GLN A 49 12.28 -5.53 -15.36
N ASP A 50 11.24 -5.91 -16.05
CA ASP A 50 10.62 -5.01 -17.06
C ASP A 50 9.89 -3.83 -16.41
N MET A 51 9.13 -4.11 -15.38
CA MET A 51 8.38 -3.02 -14.68
C MET A 51 9.36 -2.04 -14.07
N ILE A 52 10.42 -2.55 -13.49
CA ILE A 52 11.46 -1.66 -12.89
C ILE A 52 12.20 -0.92 -14.00
N ASN A 53 12.33 -1.53 -15.15
CA ASN A 53 13.09 -0.88 -16.27
C ASN A 53 12.46 0.46 -16.64
N GLU A 54 11.16 0.51 -16.82
CA GLU A 54 10.50 1.80 -17.15
C GLU A 54 10.66 2.80 -16.00
N VAL A 55 10.85 2.31 -14.80
CA VAL A 55 10.99 3.20 -13.62
C VAL A 55 12.47 3.43 -13.26
N ASP A 56 13.37 2.66 -13.84
CA ASP A 56 14.82 2.83 -13.50
C ASP A 56 15.38 4.11 -14.12
N ALA A 57 15.54 5.14 -13.33
CA ALA A 57 16.10 6.42 -13.88
C ALA A 57 17.55 6.20 -14.29
N ASP A 58 18.29 5.45 -13.50
CA ASP A 58 19.72 5.18 -13.84
C ASP A 58 19.83 3.95 -14.75
N GLY A 59 18.93 3.01 -14.58
CA GLY A 59 18.97 1.77 -15.43
C GLY A 59 19.85 0.71 -14.77
N ASN A 60 20.02 0.76 -13.48
CA ASN A 60 20.87 -0.24 -12.79
C ASN A 60 20.14 -1.59 -12.69
N GLY A 61 18.84 -1.56 -12.59
CA GLY A 61 18.06 -2.83 -12.49
C GLY A 61 17.21 -2.88 -11.21
N THR A 62 17.30 -1.87 -10.38
CA THR A 62 16.50 -1.89 -9.11
C THR A 62 15.85 -0.52 -8.89
N ILE A 63 14.94 -0.44 -7.95
CA ILE A 63 14.23 0.85 -7.70
C ILE A 63 14.76 1.51 -6.42
N ASP A 64 15.28 2.71 -6.56
CA ASP A 64 15.83 3.43 -5.37
C ASP A 64 14.81 4.43 -4.83
N PHE A 65 15.07 4.99 -3.68
CA PHE A 65 14.14 5.98 -3.06
C PHE A 65 13.70 7.10 -4.03
N PRO A 66 14.64 7.72 -4.72
CA PRO A 66 14.28 8.83 -5.64
C PRO A 66 13.50 8.30 -6.86
N GLU A 67 13.85 7.14 -7.34
CA GLU A 67 13.11 6.55 -8.50
C GLU A 67 11.71 6.14 -8.05
N PHE A 68 11.61 5.58 -6.88
CA PHE A 68 10.29 5.14 -6.34
C PHE A 68 9.32 6.32 -6.25
N LEU A 69 9.77 7.44 -5.72
CA LEU A 69 8.87 8.63 -5.56
C LEU A 69 8.42 9.14 -6.94
N THR A 70 9.29 9.16 -7.90
CA THR A 70 8.91 9.68 -9.26
C THR A 70 7.77 8.84 -9.85
N MET A 71 7.85 7.55 -9.73
CA MET A 71 6.78 6.66 -10.31
C MET A 71 5.42 6.95 -9.67
N MET A 72 5.39 7.16 -8.37
CA MET A 72 4.09 7.44 -7.69
C MET A 72 3.42 8.69 -8.28
N ALA A 73 4.15 9.77 -8.38
CA ALA A 73 3.56 11.03 -8.94
C ALA A 73 3.06 10.79 -10.37
N ARG A 74 3.75 10.00 -11.13
CA ARG A 74 3.31 9.70 -12.53
C ARG A 74 2.11 8.75 -12.54
N LYS A 75 2.09 7.80 -11.66
CA LYS A 75 0.96 6.81 -11.62
C LYS A 75 -0.35 7.45 -11.15
N MET A 76 -0.30 8.31 -10.17
CA MET A 76 -1.56 8.93 -9.63
C MET A 76 -2.31 9.72 -10.71
N LYS A 77 -1.62 10.55 -11.46
CA LYS A 77 -2.33 11.36 -12.51
C LYS A 77 -2.84 10.47 -13.64
N ASP A 78 -2.05 9.51 -14.05
CA ASP A 78 -2.48 8.60 -15.15
C ASP A 78 -3.61 7.67 -14.74
N THR A 79 -3.78 7.47 -13.45
CA THR A 79 -4.87 6.55 -12.98
C THR A 79 -6.03 7.32 -12.34
N ASP A 80 -6.87 6.61 -11.65
CA ASP A 80 -8.03 7.24 -10.97
C ASP A 80 -8.09 6.80 -9.51
N SER A 81 -8.35 7.72 -8.62
CA SER A 81 -8.43 7.35 -7.17
C SER A 81 -9.54 6.34 -6.95
N GLU A 82 -10.58 6.43 -7.72
CA GLU A 82 -11.72 5.46 -7.57
C GLU A 82 -11.21 4.04 -7.83
N GLU A 83 -10.25 3.91 -8.72
CA GLU A 83 -9.68 2.55 -9.02
C GLU A 83 -8.85 2.04 -7.84
N GLU A 84 -8.10 2.91 -7.21
CA GLU A 84 -7.25 2.50 -6.06
C GLU A 84 -8.10 2.03 -4.87
N ILE A 85 -9.25 2.61 -4.68
CA ILE A 85 -10.13 2.19 -3.55
C ILE A 85 -10.69 0.79 -3.81
N ARG A 86 -11.13 0.54 -5.01
CA ARG A 86 -11.71 -0.80 -5.34
C ARG A 86 -10.68 -1.92 -5.12
N GLU A 87 -9.46 -1.71 -5.54
CA GLU A 87 -8.40 -2.75 -5.37
C GLU A 87 -8.01 -2.89 -3.89
N ALA A 88 -7.92 -1.79 -3.19
CA ALA A 88 -7.52 -1.84 -1.74
C ALA A 88 -8.53 -2.65 -0.93
N PHE A 89 -9.79 -2.44 -1.15
CA PHE A 89 -10.83 -3.20 -0.40
C PHE A 89 -10.80 -4.68 -0.81
N ARG A 90 -10.61 -4.95 -2.07
CA ARG A 90 -10.58 -6.37 -2.57
C ARG A 90 -9.47 -7.21 -1.90
N VAL A 91 -8.31 -6.64 -1.69
CA VAL A 91 -7.21 -7.42 -1.06
C VAL A 91 -7.48 -7.67 0.44
N PHE A 92 -8.02 -6.70 1.13
CA PHE A 92 -8.31 -6.89 2.59
C PHE A 92 -9.48 -7.87 2.78
N ASP A 93 -10.46 -7.80 1.91
CA ASP A 93 -11.63 -8.71 2.03
C ASP A 93 -11.31 -10.09 1.46
N LYS A 94 -10.45 -10.85 2.11
CA LYS A 94 -10.11 -12.21 1.59
C LYS A 94 -11.38 -13.07 1.52
N ASP A 95 -12.17 -13.05 2.57
CA ASP A 95 -13.44 -13.85 2.57
C ASP A 95 -14.46 -13.23 1.59
N GLY A 96 -14.28 -11.98 1.25
CA GLY A 96 -15.21 -11.31 0.28
C GLY A 96 -16.61 -11.19 0.89
N ASN A 97 -16.72 -11.17 2.19
CA ASN A 97 -18.07 -11.06 2.83
C ASN A 97 -18.68 -9.67 2.62
N GLY A 98 -17.91 -8.72 2.11
CA GLY A 98 -18.46 -7.35 1.89
C GLY A 98 -18.10 -6.42 3.06
N TYR A 99 -17.58 -6.96 4.14
CA TYR A 99 -17.20 -6.10 5.30
C TYR A 99 -15.83 -6.55 5.83
N ILE A 100 -14.99 -5.63 6.24
CA ILE A 100 -13.65 -6.03 6.75
C ILE A 100 -13.71 -6.28 8.25
N SER A 101 -13.39 -7.46 8.65
CA SER A 101 -13.43 -7.83 10.11
C SER A 101 -12.14 -7.40 10.81
N ALA A 102 -12.13 -7.43 12.12
CA ALA A 102 -10.90 -7.03 12.88
C ALA A 102 -9.78 -8.01 12.59
N ALA A 103 -10.10 -9.28 12.54
CA ALA A 103 -9.07 -10.32 12.26
C ALA A 103 -8.49 -10.08 10.86
N GLU A 104 -9.33 -9.70 9.93
CA GLU A 104 -8.84 -9.45 8.54
C GLU A 104 -7.80 -8.33 8.51
N LEU A 105 -8.01 -7.29 9.28
CA LEU A 105 -7.02 -6.17 9.32
C LEU A 105 -5.69 -6.67 9.87
N ARG A 106 -5.75 -7.45 10.91
CA ARG A 106 -4.51 -8.01 11.54
C ARG A 106 -3.73 -8.89 10.55
N HIS A 107 -4.41 -9.57 9.66
CA HIS A 107 -3.70 -10.47 8.70
C HIS A 107 -2.71 -9.66 7.84
N VAL A 108 -3.11 -8.49 7.38
CA VAL A 108 -2.19 -7.66 6.53
C VAL A 108 -1.10 -7.01 7.38
N MET A 109 -1.43 -6.55 8.56
CA MET A 109 -0.41 -5.89 9.43
C MET A 109 0.75 -6.84 9.69
N THR A 110 0.45 -8.06 10.08
CA THR A 110 1.54 -9.06 10.34
C THR A 110 2.25 -9.36 9.03
N ASN A 111 1.52 -9.58 7.97
CA ASN A 111 2.15 -9.86 6.65
C ASN A 111 3.01 -8.68 6.23
N LEU A 112 2.64 -7.49 6.65
CA LEU A 112 3.44 -6.29 6.28
C LEU A 112 4.79 -6.31 7.01
N GLY A 113 4.84 -6.88 8.18
CA GLY A 113 6.13 -6.93 8.94
C GLY A 113 6.06 -6.03 10.18
N GLU A 114 4.87 -5.79 10.68
CA GLU A 114 4.75 -4.92 11.89
C GLU A 114 4.03 -5.70 13.00
N LYS A 115 4.51 -5.59 14.22
CA LYS A 115 3.86 -6.34 15.35
C LYS A 115 2.95 -5.40 16.15
N LEU A 116 1.69 -5.72 16.22
CA LEU A 116 0.74 -4.86 17.01
C LEU A 116 -0.20 -5.73 17.84
N THR A 117 -0.76 -5.18 18.89
CA THR A 117 -1.70 -5.97 19.73
C THR A 117 -3.05 -6.04 19.05
N ASP A 118 -3.87 -6.98 19.44
CA ASP A 118 -5.23 -7.08 18.83
C ASP A 118 -6.00 -5.79 19.13
N GLU A 119 -5.68 -5.14 20.22
CA GLU A 119 -6.34 -3.86 20.58
C GLU A 119 -5.89 -2.77 19.60
N GLU A 120 -4.67 -2.85 19.15
CA GLU A 120 -4.15 -1.86 18.18
C GLU A 120 -4.87 -2.03 16.85
N VAL A 121 -5.15 -3.26 16.51
CA VAL A 121 -5.86 -3.51 15.22
C VAL A 121 -7.31 -3.02 15.31
N ASP A 122 -7.94 -3.23 16.45
CA ASP A 122 -9.36 -2.81 16.64
C ASP A 122 -9.48 -1.30 16.46
N GLU A 123 -8.52 -0.57 16.93
CA GLU A 123 -8.59 0.91 16.80
C GLU A 123 -8.67 1.28 15.33
N MET A 124 -7.95 0.60 14.47
CA MET A 124 -8.02 0.96 13.01
C MET A 124 -9.49 0.89 12.55
N ILE A 125 -10.23 -0.05 13.09
CA ILE A 125 -11.68 -0.15 12.72
C ILE A 125 -12.44 1.07 13.26
N ARG A 126 -12.10 1.51 14.44
CA ARG A 126 -12.78 2.68 15.06
C ARG A 126 -12.65 3.90 14.17
N GLU A 127 -11.52 4.08 13.55
CA GLU A 127 -11.30 5.26 12.67
C GLU A 127 -12.31 5.24 11.52
N ALA A 128 -12.64 4.08 11.01
CA ALA A 128 -13.64 4.00 9.90
C ALA A 128 -15.01 3.52 10.40
N ASP A 129 -15.13 3.18 11.67
CA ASP A 129 -16.45 2.71 12.20
C ASP A 129 -17.33 3.93 12.55
N ILE A 130 -17.81 4.62 11.55
CA ILE A 130 -18.68 5.82 11.82
C ILE A 130 -20.00 5.39 12.48
N ASP A 131 -20.63 4.38 11.96
CA ASP A 131 -21.93 3.93 12.54
C ASP A 131 -21.75 3.26 13.91
N GLY A 132 -20.57 2.81 14.22
CA GLY A 132 -20.34 2.15 15.55
C GLY A 132 -20.77 0.69 15.51
N ASP A 133 -20.83 0.09 14.34
CA ASP A 133 -21.23 -1.34 14.24
C ASP A 133 -20.04 -2.27 14.55
N GLY A 134 -18.86 -1.71 14.65
CA GLY A 134 -17.65 -2.52 14.97
C GLY A 134 -16.95 -3.00 13.70
N GLN A 135 -17.46 -2.64 12.54
CA GLN A 135 -16.83 -3.07 11.27
C GLN A 135 -16.90 -1.94 10.24
N VAL A 136 -16.02 -1.94 9.28
CA VAL A 136 -16.04 -0.86 8.25
C VAL A 136 -16.82 -1.32 7.02
N ASN A 137 -17.89 -0.64 6.68
CA ASN A 137 -18.69 -1.03 5.49
C ASN A 137 -18.11 -0.34 4.26
N TYR A 138 -18.61 -0.67 3.10
CA TYR A 138 -18.08 -0.03 1.85
C TYR A 138 -18.29 1.49 1.92
N GLU A 139 -19.48 1.92 2.22
CA GLU A 139 -19.76 3.39 2.30
C GLU A 139 -18.89 4.10 3.35
N GLU A 140 -18.70 3.49 4.49
CA GLU A 140 -17.86 4.13 5.55
C GLU A 140 -16.42 4.22 5.08
N PHE A 141 -15.99 3.22 4.37
CA PHE A 141 -14.58 3.20 3.86
C PHE A 141 -14.31 4.38 2.91
N VAL A 142 -15.23 4.66 2.02
CA VAL A 142 -15.02 5.78 1.03
C VAL A 142 -15.09 7.15 1.72
N GLN A 143 -16.06 7.36 2.58
CA GLN A 143 -16.19 8.68 3.27
C GLN A 143 -14.94 8.97 4.10
N MET A 144 -14.47 8.00 4.82
CA MET A 144 -13.26 8.19 5.68
C MET A 144 -12.05 8.53 4.79
N MET A 145 -11.94 7.90 3.65
CA MET A 145 -10.80 8.18 2.73
C MET A 145 -10.94 9.60 2.16
N THR A 146 -12.14 9.98 1.83
CA THR A 146 -12.37 11.35 1.28
C THR A 146 -12.64 12.35 2.41
N ALA A 147 -12.60 11.92 3.65
CA ALA A 147 -12.85 12.85 4.79
C ALA A 147 -11.82 13.98 4.79
N LYS A 148 -12.26 15.20 5.00
CA LYS A 148 -11.31 16.34 5.00
C LYS A 148 -10.82 16.63 6.43
N GLY B 5 -0.19 2.12 13.38
CA GLY B 5 0.04 3.60 13.40
C GLY B 5 -1.21 4.33 12.91
N GLY B 6 -1.49 4.23 11.62
CA GLY B 6 -2.69 4.90 11.06
C GLY B 6 -3.28 4.06 9.93
N PHE B 7 -4.53 3.73 10.02
CA PHE B 7 -5.18 2.90 8.95
C PHE B 7 -5.29 3.69 7.64
N ARG B 8 -5.42 5.00 7.72
CA ARG B 8 -5.53 5.81 6.48
C ARG B 8 -4.28 5.64 5.61
N ARG B 9 -3.13 5.58 6.22
CA ARG B 9 -1.88 5.40 5.43
C ARG B 9 -1.84 3.98 4.83
N ILE B 10 -2.39 3.03 5.53
CA ILE B 10 -2.40 1.61 5.01
C ILE B 10 -3.15 1.54 3.66
N ALA B 11 -4.28 2.19 3.57
CA ALA B 11 -5.06 2.15 2.30
C ALA B 11 -4.31 2.84 1.16
N ARG B 12 -3.66 3.94 1.43
CA ARG B 12 -2.93 4.68 0.36
C ARG B 12 -1.81 3.82 -0.27
N LEU B 13 -1.08 3.10 0.54
CA LEU B 13 0.03 2.25 0.00
C LEU B 13 -0.54 1.07 -0.80
N VAL B 14 -1.59 0.47 -0.30
CA VAL B 14 -2.20 -0.72 -0.99
C VAL B 14 -2.68 -0.32 -2.39
N GLY B 15 -3.28 0.84 -2.54
CA GLY B 15 -3.78 1.29 -3.88
C GLY B 15 -2.66 1.16 -4.92
N VAL B 16 -1.45 1.46 -4.51
CA VAL B 16 -0.28 1.36 -5.44
C VAL B 16 0.15 -0.11 -5.59
N LEU B 17 -0.05 -0.91 -4.57
CA LEU B 17 0.38 -2.35 -4.66
C LEU B 17 -0.31 -3.07 -5.82
N ARG B 18 -1.62 -3.00 -5.89
CA ARG B 18 -2.35 -3.69 -7.01
C ARG B 18 -2.03 -3.03 -8.35
N GLU B 19 -1.95 -1.72 -8.38
CA GLU B 19 -1.66 -1.00 -9.66
C GLU B 19 -0.31 -1.45 -10.23
N TRP B 20 0.61 -1.83 -9.37
CA TRP B 20 1.95 -2.27 -9.85
C TRP B 20 1.79 -3.48 -10.79
N ALA B 21 1.02 -4.45 -10.38
CA ALA B 21 0.82 -5.66 -11.24
C ALA B 21 0.21 -5.29 -12.59
N TYR B 22 -0.79 -4.45 -12.60
CA TYR B 22 -1.43 -4.06 -13.90
C TYR B 22 -0.42 -3.41 -14.84
N ARG B 23 0.44 -2.58 -14.31
CA ARG B 23 1.47 -1.90 -15.17
C ARG B 23 2.55 -1.26 -14.31
N ALA A 1 16.88 27.44 -0.71
CA ALA A 1 17.14 26.12 -0.05
C ALA A 1 16.02 25.82 0.95
N ASP A 2 16.04 24.66 1.55
CA ASP A 2 14.98 24.27 2.54
C ASP A 2 13.59 24.48 1.94
N GLN A 3 13.31 23.78 0.88
CA GLN A 3 12.00 23.88 0.17
C GLN A 3 10.82 23.59 1.11
N LEU A 4 9.68 23.25 0.53
CA LEU A 4 8.47 22.96 1.36
C LEU A 4 8.00 21.51 1.18
N THR A 5 8.39 20.87 0.11
CA THR A 5 7.94 19.45 -0.13
C THR A 5 8.56 18.49 0.88
N GLU A 6 9.51 18.94 1.64
CA GLU A 6 10.16 18.05 2.65
C GLU A 6 9.12 17.42 3.59
N GLU A 7 7.92 17.97 3.65
CA GLU A 7 6.88 17.38 4.54
C GLU A 7 6.39 16.05 3.95
N GLN A 8 6.16 16.05 2.66
CA GLN A 8 5.72 14.79 1.97
C GLN A 8 6.87 13.79 1.95
N ILE A 9 8.07 14.28 1.83
CA ILE A 9 9.26 13.39 1.76
C ILE A 9 9.36 12.51 3.01
N ALA A 10 9.00 13.00 4.18
CA ALA A 10 9.09 12.15 5.42
C ALA A 10 8.17 10.92 5.31
N GLU A 11 6.90 11.10 5.09
CA GLU A 11 5.96 9.93 5.05
C GLU A 11 6.41 8.89 4.01
N PHE A 12 6.91 9.35 2.91
CA PHE A 12 7.40 8.42 1.86
C PHE A 12 8.65 7.70 2.37
N LYS A 13 9.41 8.37 3.20
CA LYS A 13 10.64 7.75 3.77
C LYS A 13 10.25 6.60 4.72
N GLU A 14 9.20 6.78 5.48
CA GLU A 14 8.76 5.73 6.43
C GLU A 14 8.42 4.43 5.70
N ALA A 15 7.49 4.49 4.80
CA ALA A 15 7.06 3.26 4.06
C ALA A 15 8.18 2.67 3.19
N PHE A 16 9.06 3.48 2.65
CA PHE A 16 10.14 2.93 1.77
C PHE A 16 10.99 1.92 2.54
N SER A 17 11.42 2.25 3.73
CA SER A 17 12.22 1.27 4.54
C SER A 17 11.33 0.07 4.87
N LEU A 18 10.09 0.33 5.16
CA LEU A 18 9.12 -0.76 5.49
C LEU A 18 9.01 -1.74 4.33
N PHE A 19 9.00 -1.23 3.12
CA PHE A 19 8.88 -2.11 1.92
C PHE A 19 10.24 -2.80 1.66
N ASP A 20 11.33 -2.16 1.99
CA ASP A 20 12.67 -2.79 1.77
C ASP A 20 13.09 -3.53 3.03
N LYS A 21 12.99 -4.83 3.03
CA LYS A 21 13.35 -5.63 4.24
C LYS A 21 14.81 -5.44 4.64
N ASP A 22 15.72 -5.34 3.70
CA ASP A 22 17.17 -5.22 4.07
C ASP A 22 17.50 -3.79 4.53
N GLY A 23 16.61 -2.85 4.32
CA GLY A 23 16.90 -1.45 4.74
C GLY A 23 18.21 -0.99 4.10
N ASP A 24 18.55 -1.53 2.96
CA ASP A 24 19.81 -1.11 2.28
C ASP A 24 19.56 0.07 1.34
N GLY A 25 18.33 0.54 1.24
CA GLY A 25 18.03 1.69 0.36
C GLY A 25 17.60 1.23 -1.04
N THR A 26 17.45 -0.06 -1.27
CA THR A 26 17.04 -0.51 -2.64
C THR A 26 16.14 -1.76 -2.58
N ILE A 27 15.18 -1.82 -3.46
CA ILE A 27 14.25 -2.99 -3.50
C ILE A 27 14.62 -3.90 -4.68
N THR A 28 14.77 -5.18 -4.43
CA THR A 28 15.13 -6.12 -5.53
C THR A 28 13.94 -7.01 -5.90
N THR A 29 13.82 -7.34 -7.17
CA THR A 29 12.66 -8.17 -7.65
C THR A 29 12.36 -9.35 -6.71
N LYS A 30 13.35 -9.90 -6.06
CA LYS A 30 13.10 -11.02 -5.12
C LYS A 30 12.27 -10.53 -3.93
N GLU A 31 12.71 -9.45 -3.34
CA GLU A 31 12.00 -8.89 -2.14
C GLU A 31 10.55 -8.52 -2.48
N LEU A 32 10.35 -7.71 -3.49
CA LEU A 32 8.96 -7.29 -3.87
C LEU A 32 8.10 -8.49 -4.24
N GLY A 33 8.68 -9.48 -4.87
CA GLY A 33 7.91 -10.70 -5.29
C GLY A 33 7.08 -11.25 -4.12
N THR A 34 7.56 -11.10 -2.92
CA THR A 34 6.79 -11.61 -1.73
C THR A 34 5.52 -10.77 -1.51
N VAL A 35 5.63 -9.48 -1.67
CA VAL A 35 4.43 -8.59 -1.46
C VAL A 35 3.33 -8.95 -2.48
N MET A 36 3.63 -8.88 -3.74
CA MET A 36 2.61 -9.21 -4.79
C MET A 36 2.13 -10.65 -4.65
N ARG A 37 2.98 -11.53 -4.18
CA ARG A 37 2.57 -12.96 -3.99
C ARG A 37 1.40 -13.02 -3.01
N SER A 38 1.55 -12.36 -1.89
CA SER A 38 0.44 -12.32 -0.88
C SER A 38 -0.72 -11.46 -1.38
N LEU A 39 -0.50 -10.69 -2.43
CA LEU A 39 -1.59 -9.82 -2.97
C LEU A 39 -2.50 -10.64 -3.89
N GLY A 40 -1.93 -11.59 -4.58
CA GLY A 40 -2.75 -12.44 -5.49
C GLY A 40 -1.84 -13.31 -6.37
N GLN A 41 -0.65 -12.84 -6.68
CA GLN A 41 0.27 -13.66 -7.52
C GLN A 41 1.71 -13.22 -7.35
N ASN A 42 2.61 -14.13 -7.61
CA ASN A 42 4.05 -13.83 -7.51
C ASN A 42 4.69 -13.88 -8.92
N PRO A 43 4.98 -12.73 -9.48
CA PRO A 43 5.60 -12.69 -10.85
C PRO A 43 6.97 -13.37 -10.81
N THR A 44 7.88 -12.99 -11.67
CA THR A 44 9.22 -13.67 -11.69
C THR A 44 10.36 -12.68 -11.90
N GLU A 45 11.52 -13.03 -11.43
CA GLU A 45 12.72 -12.15 -11.56
C GLU A 45 12.95 -11.71 -13.02
N ALA A 46 12.44 -12.46 -13.97
CA ALA A 46 12.59 -12.05 -15.40
C ALA A 46 11.68 -10.85 -15.69
N GLU A 47 10.40 -11.04 -15.50
CA GLU A 47 9.42 -9.96 -15.76
C GLU A 47 9.56 -8.85 -14.72
N LEU A 48 9.93 -9.19 -13.51
CA LEU A 48 10.11 -8.15 -12.46
C LEU A 48 11.20 -7.17 -12.89
N GLN A 49 12.17 -7.65 -13.59
CA GLN A 49 13.29 -6.76 -14.04
C GLN A 49 12.83 -5.82 -15.17
N ASP A 50 11.91 -6.25 -16.00
CA ASP A 50 11.42 -5.37 -17.11
C ASP A 50 10.58 -4.19 -16.59
N MET A 51 9.70 -4.46 -15.67
CA MET A 51 8.85 -3.36 -15.11
C MET A 51 9.73 -2.34 -14.41
N ILE A 52 10.74 -2.80 -13.71
CA ILE A 52 11.68 -1.85 -13.03
C ILE A 52 12.51 -1.08 -14.07
N ASN A 53 12.83 -1.71 -15.17
CA ASN A 53 13.66 -1.01 -16.22
C ASN A 53 12.97 0.25 -16.74
N GLU A 54 11.67 0.21 -16.93
CA GLU A 54 10.94 1.42 -17.43
C GLU A 54 10.96 2.52 -16.38
N VAL A 55 11.06 2.16 -15.12
CA VAL A 55 11.10 3.19 -14.03
C VAL A 55 12.54 3.43 -13.56
N ASP A 56 13.49 2.62 -13.98
CA ASP A 56 14.90 2.82 -13.54
C ASP A 56 15.53 4.01 -14.26
N ALA A 57 15.73 5.09 -13.55
CA ALA A 57 16.36 6.29 -14.18
C ALA A 57 17.88 6.26 -13.94
N ASP A 58 18.32 5.50 -12.96
CA ASP A 58 19.77 5.42 -12.65
C ASP A 58 20.50 4.55 -13.68
N GLY A 59 19.89 3.47 -14.08
CA GLY A 59 20.54 2.55 -15.05
C GLY A 59 21.21 1.38 -14.31
N ASN A 60 21.20 1.41 -12.99
CA ASN A 60 21.84 0.29 -12.21
C ASN A 60 20.99 -0.97 -12.24
N GLY A 61 19.68 -0.84 -12.15
CA GLY A 61 18.80 -2.03 -12.18
C GLY A 61 17.89 -2.10 -10.94
N THR A 62 17.93 -1.10 -10.09
CA THR A 62 17.08 -1.12 -8.87
C THR A 62 16.41 0.22 -8.66
N ILE A 63 15.38 0.26 -7.85
CA ILE A 63 14.64 1.54 -7.63
C ILE A 63 15.09 2.20 -6.32
N ASP A 64 15.62 3.38 -6.41
CA ASP A 64 16.08 4.10 -5.19
C ASP A 64 14.97 5.03 -4.68
N PHE A 65 15.15 5.59 -3.52
CA PHE A 65 14.11 6.50 -2.93
C PHE A 65 13.57 7.52 -3.94
N PRO A 66 14.43 8.22 -4.66
CA PRO A 66 13.93 9.22 -5.63
C PRO A 66 13.19 8.56 -6.80
N GLU A 67 13.59 7.37 -7.20
CA GLU A 67 12.87 6.69 -8.32
C GLU A 67 11.51 6.16 -7.83
N PHE A 68 11.46 5.61 -6.65
CA PHE A 68 10.17 5.07 -6.12
C PHE A 68 9.11 6.17 -6.02
N LEU A 69 9.48 7.32 -5.50
CA LEU A 69 8.50 8.44 -5.35
C LEU A 69 8.05 8.97 -6.71
N THR A 70 8.96 9.07 -7.65
CA THR A 70 8.60 9.59 -9.00
C THR A 70 7.54 8.69 -9.66
N MET A 71 7.71 7.41 -9.55
CA MET A 71 6.74 6.47 -10.20
C MET A 71 5.35 6.54 -9.54
N MET A 72 5.29 6.60 -8.24
CA MET A 72 3.97 6.66 -7.55
C MET A 72 3.17 7.90 -7.98
N ALA A 73 3.78 9.05 -7.95
CA ALA A 73 3.07 10.31 -8.34
C ALA A 73 2.68 10.31 -9.82
N ARG A 74 3.49 9.70 -10.65
CA ARG A 74 3.18 9.67 -12.11
C ARG A 74 1.98 8.75 -12.41
N LYS A 75 1.92 7.62 -11.74
CA LYS A 75 0.80 6.65 -11.98
C LYS A 75 -0.55 7.19 -11.47
N MET A 76 -0.54 7.87 -10.34
CA MET A 76 -1.83 8.38 -9.77
C MET A 76 -2.60 9.26 -10.78
N LYS A 77 -1.94 10.21 -11.39
CA LYS A 77 -2.66 11.09 -12.37
C LYS A 77 -3.05 10.31 -13.63
N ASP A 78 -2.18 9.46 -14.11
CA ASP A 78 -2.48 8.67 -15.35
C ASP A 78 -3.59 7.64 -15.06
N THR A 79 -3.60 7.11 -13.87
CA THR A 79 -4.61 6.08 -13.50
C THR A 79 -5.78 6.74 -12.74
N ASP A 80 -6.70 5.95 -12.23
CA ASP A 80 -7.86 6.55 -11.48
C ASP A 80 -7.83 6.07 -10.02
N SER A 81 -8.11 6.96 -9.10
CA SER A 81 -8.12 6.57 -7.66
C SER A 81 -9.22 5.55 -7.39
N GLU A 82 -10.27 5.59 -8.17
CA GLU A 82 -11.39 4.61 -7.98
C GLU A 82 -10.84 3.19 -8.15
N GLU A 83 -9.89 3.02 -9.03
CA GLU A 83 -9.29 1.67 -9.25
C GLU A 83 -8.48 1.26 -8.01
N GLU A 84 -7.77 2.19 -7.43
CA GLU A 84 -6.95 1.89 -6.21
C GLU A 84 -7.85 1.49 -5.04
N ILE A 85 -8.99 2.11 -4.91
CA ILE A 85 -9.93 1.76 -3.79
C ILE A 85 -10.49 0.35 -3.96
N ARG A 86 -10.97 0.02 -5.14
CA ARG A 86 -11.57 -1.33 -5.35
C ARG A 86 -10.54 -2.44 -5.08
N GLU A 87 -9.31 -2.26 -5.51
CA GLU A 87 -8.27 -3.32 -5.30
C GLU A 87 -7.88 -3.43 -3.81
N ALA A 88 -7.76 -2.31 -3.14
CA ALA A 88 -7.35 -2.34 -1.69
C ALA A 88 -8.42 -3.01 -0.81
N PHE A 89 -9.66 -2.67 -1.02
CA PHE A 89 -10.76 -3.31 -0.20
C PHE A 89 -10.77 -4.82 -0.47
N ARG A 90 -10.60 -5.19 -1.70
CA ARG A 90 -10.62 -6.65 -2.08
C ARG A 90 -9.52 -7.42 -1.35
N VAL A 91 -8.37 -6.82 -1.15
CA VAL A 91 -7.26 -7.52 -0.44
C VAL A 91 -7.62 -7.72 1.04
N PHE A 92 -8.05 -6.68 1.70
CA PHE A 92 -8.42 -6.78 3.14
C PHE A 92 -9.65 -7.68 3.33
N ASP A 93 -10.62 -7.56 2.45
CA ASP A 93 -11.84 -8.42 2.58
C ASP A 93 -11.54 -9.83 2.08
N LYS A 94 -10.78 -10.58 2.83
CA LYS A 94 -10.44 -11.98 2.41
C LYS A 94 -11.72 -12.80 2.24
N ASP A 95 -12.62 -12.69 3.18
CA ASP A 95 -13.91 -13.45 3.10
C ASP A 95 -14.89 -12.76 2.13
N GLY A 96 -14.73 -11.48 1.92
CA GLY A 96 -15.62 -10.74 0.98
C GLY A 96 -17.04 -10.67 1.56
N ASN A 97 -17.15 -10.65 2.87
CA ASN A 97 -18.52 -10.59 3.50
C ASN A 97 -19.16 -9.21 3.32
N GLY A 98 -18.41 -8.20 2.93
CA GLY A 98 -19.02 -6.84 2.73
C GLY A 98 -18.34 -5.83 3.65
N TYR A 99 -17.73 -6.27 4.72
CA TYR A 99 -17.05 -5.31 5.65
C TYR A 99 -15.81 -5.99 6.24
N ILE A 100 -14.85 -5.22 6.68
CA ILE A 100 -13.60 -5.82 7.25
C ILE A 100 -13.74 -6.06 8.74
N SER A 101 -13.50 -7.27 9.16
CA SER A 101 -13.59 -7.63 10.60
C SER A 101 -12.28 -7.34 11.33
N ALA A 102 -12.27 -7.47 12.63
CA ALA A 102 -11.03 -7.19 13.41
C ALA A 102 -9.98 -8.26 13.09
N ALA A 103 -10.40 -9.50 12.96
CA ALA A 103 -9.44 -10.59 12.63
C ALA A 103 -8.87 -10.35 11.24
N GLU A 104 -9.68 -9.88 10.33
CA GLU A 104 -9.20 -9.62 8.95
C GLU A 104 -8.08 -8.57 8.97
N LEU A 105 -8.19 -7.59 9.81
CA LEU A 105 -7.13 -6.54 9.91
C LEU A 105 -5.80 -7.19 10.29
N ARG A 106 -5.85 -8.12 11.21
CA ARG A 106 -4.60 -8.82 11.67
C ARG A 106 -3.88 -9.55 10.53
N HIS A 107 -4.60 -10.12 9.60
CA HIS A 107 -3.94 -10.87 8.49
C HIS A 107 -2.99 -9.96 7.68
N VAL A 108 -3.43 -8.78 7.33
CA VAL A 108 -2.56 -7.85 6.53
C VAL A 108 -1.45 -7.25 7.40
N MET A 109 -1.74 -6.94 8.63
CA MET A 109 -0.69 -6.33 9.51
C MET A 109 0.50 -7.29 9.65
N THR A 110 0.23 -8.54 9.91
CA THR A 110 1.33 -9.54 10.04
C THR A 110 2.02 -9.71 8.69
N ASN A 111 1.25 -9.74 7.63
CA ASN A 111 1.85 -9.88 6.27
C ASN A 111 2.77 -8.69 6.01
N LEU A 112 2.40 -7.54 6.54
CA LEU A 112 3.24 -6.32 6.35
C LEU A 112 4.54 -6.45 7.15
N GLY A 113 4.48 -7.13 8.28
CA GLY A 113 5.70 -7.30 9.11
C GLY A 113 5.61 -6.41 10.35
N GLU A 114 4.42 -6.08 10.79
CA GLU A 114 4.26 -5.22 12.00
C GLU A 114 3.49 -5.98 13.08
N LYS A 115 3.98 -5.94 14.30
CA LYS A 115 3.30 -6.66 15.41
C LYS A 115 2.45 -5.67 16.22
N LEU A 116 1.16 -5.91 16.28
CA LEU A 116 0.28 -4.97 17.05
C LEU A 116 -0.62 -5.76 18.02
N THR A 117 -1.14 -5.10 19.02
CA THR A 117 -2.04 -5.77 19.99
C THR A 117 -3.45 -5.81 19.44
N ASP A 118 -4.29 -6.64 19.99
CA ASP A 118 -5.71 -6.70 19.52
C ASP A 118 -6.36 -5.34 19.79
N GLU A 119 -5.88 -4.64 20.80
CA GLU A 119 -6.43 -3.28 21.11
C GLU A 119 -6.03 -2.30 20.01
N GLU A 120 -4.83 -2.46 19.49
CA GLU A 120 -4.36 -1.57 18.39
C GLU A 120 -5.21 -1.81 17.15
N VAL A 121 -5.59 -3.04 16.94
CA VAL A 121 -6.42 -3.36 15.75
C VAL A 121 -7.83 -2.78 15.92
N ASP A 122 -8.34 -2.84 17.13
CA ASP A 122 -9.71 -2.32 17.42
C ASP A 122 -9.78 -0.84 17.10
N GLU A 123 -8.75 -0.10 17.43
CA GLU A 123 -8.76 1.37 17.17
C GLU A 123 -8.94 1.61 15.68
N MET A 124 -8.27 0.84 14.86
CA MET A 124 -8.39 1.05 13.38
C MET A 124 -9.87 0.99 12.97
N ILE A 125 -10.62 0.14 13.62
CA ILE A 125 -12.08 0.05 13.32
C ILE A 125 -12.79 1.35 13.73
N ARG A 126 -12.41 1.92 14.84
CA ARG A 126 -13.07 3.17 15.33
C ARG A 126 -12.95 4.31 14.32
N GLU A 127 -11.80 4.44 13.70
CA GLU A 127 -11.61 5.54 12.72
C GLU A 127 -12.61 5.42 11.56
N ALA A 128 -12.90 4.23 11.12
CA ALA A 128 -13.87 4.05 10.00
C ALA A 128 -15.23 3.58 10.50
N ASP A 129 -15.44 3.51 11.81
CA ASP A 129 -16.76 3.03 12.32
C ASP A 129 -17.46 4.11 13.16
N ILE A 130 -18.11 5.04 12.51
CA ILE A 130 -18.82 6.12 13.24
C ILE A 130 -20.02 5.53 14.01
N ASP A 131 -20.71 4.60 13.41
CA ASP A 131 -21.89 3.97 14.07
C ASP A 131 -21.50 3.30 15.39
N GLY A 132 -20.36 2.65 15.43
CA GLY A 132 -19.93 1.98 16.69
C GLY A 132 -20.34 0.51 16.73
N ASP A 133 -20.70 -0.06 15.60
CA ASP A 133 -21.09 -1.50 15.59
C ASP A 133 -19.84 -2.40 15.59
N GLY A 134 -18.72 -1.85 15.20
CA GLY A 134 -17.45 -2.64 15.19
C GLY A 134 -17.14 -3.23 13.81
N GLN A 135 -17.88 -2.87 12.80
CA GLN A 135 -17.61 -3.42 11.45
C GLN A 135 -17.60 -2.28 10.42
N VAL A 136 -16.58 -2.23 9.59
CA VAL A 136 -16.51 -1.14 8.56
C VAL A 136 -17.16 -1.62 7.25
N ASN A 137 -18.29 -1.08 6.91
CA ASN A 137 -18.97 -1.50 5.65
C ASN A 137 -18.38 -0.73 4.47
N TYR A 138 -18.85 -1.01 3.27
CA TYR A 138 -18.30 -0.31 2.08
C TYR A 138 -18.54 1.20 2.19
N GLU A 139 -19.73 1.61 2.57
CA GLU A 139 -20.02 3.08 2.67
C GLU A 139 -19.11 3.76 3.70
N GLU A 140 -18.86 3.11 4.82
CA GLU A 140 -17.98 3.72 5.85
C GLU A 140 -16.57 3.89 5.30
N PHE A 141 -16.14 2.91 4.55
CA PHE A 141 -14.77 2.96 3.97
C PHE A 141 -14.59 4.18 3.06
N VAL A 142 -15.52 4.40 2.15
CA VAL A 142 -15.40 5.56 1.22
C VAL A 142 -15.40 6.89 1.99
N GLN A 143 -16.24 7.02 3.00
CA GLN A 143 -16.28 8.30 3.78
C GLN A 143 -14.91 8.57 4.40
N MET A 144 -14.27 7.54 4.91
CA MET A 144 -12.93 7.72 5.53
C MET A 144 -11.93 8.28 4.51
N MET A 145 -11.96 7.78 3.30
CA MET A 145 -11.01 8.27 2.26
C MET A 145 -11.34 9.71 1.84
N THR A 146 -12.60 10.03 1.71
CA THR A 146 -12.98 11.41 1.30
C THR A 146 -13.35 12.26 2.53
N ALA A 147 -12.93 11.83 3.69
CA ALA A 147 -13.26 12.60 4.94
C ALA A 147 -12.65 14.00 4.85
N LYS A 148 -11.46 14.09 4.32
CA LYS A 148 -10.79 15.43 4.20
C LYS A 148 -10.81 15.89 2.74
N GLY B 5 -0.61 3.87 12.54
CA GLY B 5 -0.59 5.30 12.13
C GLY B 5 -1.98 5.70 11.62
N GLY B 6 -2.12 5.93 10.35
CA GLY B 6 -3.45 6.33 9.79
C GLY B 6 -3.94 5.25 8.83
N PHE B 7 -5.21 4.90 8.92
CA PHE B 7 -5.77 3.85 8.01
C PHE B 7 -5.72 4.32 6.56
N ARG B 8 -5.95 5.59 6.33
CA ARG B 8 -5.93 6.13 4.93
C ARG B 8 -4.55 5.89 4.30
N ARG B 9 -3.51 6.07 5.07
CA ARG B 9 -2.13 5.88 4.52
C ARG B 9 -1.93 4.45 4.00
N ILE B 10 -2.46 3.47 4.69
CA ILE B 10 -2.31 2.05 4.23
C ILE B 10 -3.13 1.81 2.96
N ALA B 11 -4.31 2.36 2.89
CA ALA B 11 -5.18 2.15 1.68
C ALA B 11 -4.49 2.69 0.43
N ARG B 12 -3.83 3.81 0.52
CA ARG B 12 -3.16 4.39 -0.68
C ARG B 12 -1.99 3.49 -1.13
N LEU B 13 -1.24 2.96 -0.19
CA LEU B 13 -0.07 2.10 -0.57
C LEU B 13 -0.54 0.83 -1.29
N VAL B 14 -1.62 0.23 -0.85
CA VAL B 14 -2.12 -1.02 -1.50
C VAL B 14 -2.68 -0.72 -2.89
N GLY B 15 -3.38 0.37 -3.05
CA GLY B 15 -3.98 0.73 -4.38
C GLY B 15 -2.88 0.81 -5.43
N VAL B 16 -1.84 1.56 -5.15
CA VAL B 16 -0.71 1.69 -6.12
C VAL B 16 0.08 0.38 -6.22
N LEU B 17 0.10 -0.39 -5.16
CA LEU B 17 0.87 -1.67 -5.17
C LEU B 17 0.36 -2.64 -6.25
N ARG B 18 -0.92 -2.86 -6.31
CA ARG B 18 -1.48 -3.80 -7.33
C ARG B 18 -1.37 -3.19 -8.74
N GLU B 19 -1.62 -1.91 -8.88
CA GLU B 19 -1.55 -1.26 -10.22
C GLU B 19 -0.14 -1.38 -10.84
N TRP B 20 0.87 -1.22 -10.04
CA TRP B 20 2.28 -1.30 -10.57
C TRP B 20 2.61 -2.75 -10.96
N ALA B 21 2.04 -3.71 -10.27
CA ALA B 21 2.34 -5.15 -10.60
C ALA B 21 2.00 -5.44 -12.07
N TYR B 22 0.84 -5.03 -12.51
CA TYR B 22 0.45 -5.26 -13.94
C TYR B 22 1.45 -4.58 -14.88
N ARG B 23 1.98 -3.46 -14.46
CA ARG B 23 2.95 -2.72 -15.32
C ARG B 23 3.87 -1.85 -14.45
N ALA A 1 9.26 25.83 -1.54
CA ALA A 1 9.41 26.58 -2.83
C ALA A 1 9.99 25.66 -3.92
N ASP A 2 11.07 25.00 -3.62
CA ASP A 2 11.71 24.08 -4.62
C ASP A 2 10.72 22.98 -5.03
N GLN A 3 10.00 22.47 -4.08
CA GLN A 3 9.00 21.40 -4.37
C GLN A 3 7.59 21.88 -4.05
N LEU A 4 6.64 21.42 -4.80
CA LEU A 4 5.22 21.83 -4.56
C LEU A 4 4.77 21.44 -3.15
N THR A 5 5.04 20.22 -2.75
CA THR A 5 4.64 19.77 -1.38
C THR A 5 5.70 18.83 -0.82
N GLU A 6 6.47 19.30 0.11
CA GLU A 6 7.54 18.46 0.73
C GLU A 6 6.99 17.63 1.90
N GLU A 7 5.82 17.98 2.39
CA GLU A 7 5.22 17.22 3.54
C GLU A 7 4.98 15.76 3.15
N GLN A 8 4.57 15.54 1.94
CA GLN A 8 4.31 14.15 1.46
C GLN A 8 5.63 13.38 1.30
N ILE A 9 6.73 14.06 1.18
CA ILE A 9 8.04 13.38 1.00
C ILE A 9 8.37 12.51 2.22
N ALA A 10 8.12 13.02 3.39
CA ALA A 10 8.41 12.24 4.64
C ALA A 10 7.54 10.98 4.71
N GLU A 11 6.35 11.04 4.16
CA GLU A 11 5.47 9.84 4.16
C GLU A 11 6.13 8.71 3.39
N PHE A 12 6.74 9.04 2.29
CA PHE A 12 7.43 8.01 1.45
C PHE A 12 8.60 7.37 2.21
N LYS A 13 9.16 8.04 3.19
CA LYS A 13 10.31 7.45 3.94
C LYS A 13 9.83 6.26 4.77
N GLU A 14 8.68 6.38 5.37
CA GLU A 14 8.14 5.28 6.23
C GLU A 14 7.55 4.16 5.38
N ALA A 15 7.14 4.45 4.17
CA ALA A 15 6.56 3.40 3.28
C ALA A 15 7.67 2.53 2.64
N PHE A 16 8.75 3.16 2.27
CA PHE A 16 9.86 2.41 1.58
C PHE A 16 10.35 1.24 2.44
N SER A 17 10.46 1.42 3.73
CA SER A 17 10.94 0.30 4.59
C SER A 17 9.98 -0.89 4.48
N LEU A 18 8.70 -0.63 4.41
CA LEU A 18 7.71 -1.75 4.29
C LEU A 18 7.99 -2.53 3.00
N PHE A 19 8.25 -1.84 1.93
CA PHE A 19 8.56 -2.52 0.64
C PHE A 19 9.94 -3.17 0.73
N ASP A 20 10.88 -2.52 1.36
CA ASP A 20 12.24 -3.11 1.49
C ASP A 20 12.35 -3.83 2.84
N LYS A 21 12.07 -5.12 2.86
CA LYS A 21 12.13 -5.88 4.14
C LYS A 21 13.53 -5.81 4.78
N ASP A 22 14.55 -5.54 4.00
CA ASP A 22 15.92 -5.50 4.59
C ASP A 22 16.13 -4.15 5.24
N GLY A 23 15.95 -3.11 4.48
CA GLY A 23 16.18 -1.74 5.00
C GLY A 23 17.54 -1.27 4.51
N ASP A 24 17.99 -1.77 3.39
CA ASP A 24 19.30 -1.35 2.85
C ASP A 24 19.13 -0.13 1.93
N GLY A 25 17.92 0.33 1.73
CA GLY A 25 17.69 1.52 0.86
C GLY A 25 17.34 1.09 -0.57
N THR A 26 17.28 -0.19 -0.87
CA THR A 26 16.95 -0.62 -2.26
C THR A 26 16.11 -1.89 -2.29
N ILE A 27 15.19 -1.98 -3.21
CA ILE A 27 14.32 -3.19 -3.30
C ILE A 27 14.73 -4.04 -4.50
N THR A 28 14.92 -5.32 -4.31
CA THR A 28 15.32 -6.21 -5.44
C THR A 28 14.14 -7.08 -5.90
N THR A 29 14.03 -7.33 -7.19
CA THR A 29 12.88 -8.14 -7.73
C THR A 29 12.57 -9.36 -6.85
N LYS A 30 13.56 -9.97 -6.27
CA LYS A 30 13.30 -11.14 -5.37
C LYS A 30 12.48 -10.68 -4.15
N GLU A 31 12.91 -9.61 -3.54
CA GLU A 31 12.21 -9.09 -2.33
C GLU A 31 10.75 -8.76 -2.65
N LEU A 32 10.50 -7.99 -3.68
CA LEU A 32 9.09 -7.63 -4.04
C LEU A 32 8.26 -8.88 -4.33
N GLY A 33 8.87 -9.89 -4.92
CA GLY A 33 8.12 -11.14 -5.25
C GLY A 33 7.30 -11.63 -4.06
N THR A 34 7.78 -11.43 -2.86
CA THR A 34 7.00 -11.88 -1.67
C THR A 34 5.75 -11.02 -1.49
N VAL A 35 5.86 -9.73 -1.71
CA VAL A 35 4.68 -8.82 -1.53
C VAL A 35 3.60 -9.07 -2.61
N MET A 36 3.95 -8.93 -3.87
CA MET A 36 2.95 -9.16 -4.96
C MET A 36 2.40 -10.58 -4.92
N ARG A 37 3.23 -11.53 -4.58
CA ARG A 37 2.78 -12.95 -4.49
C ARG A 37 1.68 -13.07 -3.42
N SER A 38 1.92 -12.53 -2.26
CA SER A 38 0.92 -12.59 -1.16
C SER A 38 -0.28 -11.67 -1.44
N LEU A 39 -0.13 -10.72 -2.34
CA LEU A 39 -1.24 -9.78 -2.64
C LEU A 39 -2.10 -10.28 -3.80
N GLY A 40 -1.62 -11.20 -4.59
CA GLY A 40 -2.45 -11.71 -5.72
C GLY A 40 -1.64 -12.59 -6.68
N GLN A 41 -0.41 -12.23 -6.98
CA GLN A 41 0.39 -13.07 -7.94
C GLN A 41 1.88 -12.83 -7.80
N ASN A 42 2.65 -13.78 -8.24
CA ASN A 42 4.14 -13.64 -8.20
C ASN A 42 4.73 -13.69 -9.62
N PRO A 43 5.10 -12.54 -10.15
CA PRO A 43 5.70 -12.49 -11.52
C PRO A 43 7.03 -13.27 -11.52
N THR A 44 7.99 -12.88 -12.33
CA THR A 44 9.29 -13.63 -12.36
C THR A 44 10.50 -12.69 -12.38
N GLU A 45 11.61 -13.13 -11.84
CA GLU A 45 12.84 -12.30 -11.79
C GLU A 45 13.20 -11.74 -13.19
N ALA A 46 12.76 -12.40 -14.23
CA ALA A 46 13.02 -11.87 -15.61
C ALA A 46 12.15 -10.64 -15.84
N GLU A 47 10.86 -10.83 -15.74
CA GLU A 47 9.90 -9.72 -15.95
C GLU A 47 10.08 -8.66 -14.87
N LEU A 48 10.31 -9.07 -13.65
CA LEU A 48 10.52 -8.08 -12.55
C LEU A 48 11.68 -7.16 -12.89
N GLN A 49 12.68 -7.69 -13.52
CA GLN A 49 13.88 -6.89 -13.89
C GLN A 49 13.55 -5.83 -14.94
N ASP A 50 12.75 -6.17 -15.92
CA ASP A 50 12.39 -5.17 -16.98
C ASP A 50 11.58 -4.02 -16.36
N MET A 51 10.75 -4.33 -15.40
CA MET A 51 9.92 -3.28 -14.73
C MET A 51 10.84 -2.25 -14.08
N ILE A 52 11.85 -2.69 -13.38
CA ILE A 52 12.81 -1.76 -12.73
C ILE A 52 13.61 -0.99 -13.79
N ASN A 53 13.90 -1.63 -14.90
CA ASN A 53 14.70 -0.96 -15.97
C ASN A 53 13.99 0.31 -16.47
N GLU A 54 12.69 0.26 -16.61
CA GLU A 54 11.92 1.46 -17.09
C GLU A 54 11.98 2.59 -16.05
N VAL A 55 12.10 2.23 -14.80
CA VAL A 55 12.16 3.26 -13.72
C VAL A 55 13.61 3.48 -13.24
N ASP A 56 14.54 2.68 -13.70
CA ASP A 56 15.96 2.85 -13.26
C ASP A 56 16.54 4.15 -13.79
N ALA A 57 16.69 5.13 -12.96
CA ALA A 57 17.27 6.44 -13.41
C ALA A 57 18.75 6.26 -13.73
N ASP A 58 19.45 5.49 -12.93
CA ASP A 58 20.91 5.26 -13.18
C ASP A 58 21.12 4.05 -14.09
N GLY A 59 20.21 3.11 -14.06
CA GLY A 59 20.34 1.90 -14.92
C GLY A 59 21.16 0.81 -14.20
N ASN A 60 21.23 0.88 -12.90
CA ASN A 60 22.01 -0.15 -12.13
C ASN A 60 21.25 -1.48 -12.09
N GLY A 61 19.95 -1.42 -12.03
CA GLY A 61 19.14 -2.68 -11.99
C GLY A 61 18.19 -2.71 -10.79
N THR A 62 18.17 -1.67 -9.98
CA THR A 62 17.26 -1.67 -8.79
C THR A 62 16.60 -0.31 -8.60
N ILE A 63 15.57 -0.28 -7.79
CA ILE A 63 14.82 0.99 -7.57
C ILE A 63 15.22 1.64 -6.24
N ASP A 64 15.69 2.86 -6.31
CA ASP A 64 16.08 3.59 -5.07
C ASP A 64 14.92 4.48 -4.60
N PHE A 65 15.04 5.06 -3.43
CA PHE A 65 13.95 5.94 -2.89
C PHE A 65 13.45 6.98 -3.92
N PRO A 66 14.36 7.71 -4.54
CA PRO A 66 13.92 8.74 -5.53
C PRO A 66 13.30 8.09 -6.77
N GLU A 67 13.77 6.93 -7.16
CA GLU A 67 13.17 6.23 -8.35
C GLU A 67 11.77 5.71 -8.02
N PHE A 68 11.60 5.20 -6.83
CA PHE A 68 10.26 4.67 -6.42
C PHE A 68 9.21 5.79 -6.37
N LEU A 69 9.61 6.94 -5.89
CA LEU A 69 8.65 8.08 -5.77
C LEU A 69 8.20 8.59 -7.14
N THR A 70 9.08 8.66 -8.11
CA THR A 70 8.68 9.15 -9.45
C THR A 70 7.59 8.26 -10.05
N MET A 71 7.71 6.97 -9.87
CA MET A 71 6.70 6.02 -10.44
C MET A 71 5.32 6.18 -9.76
N MET A 72 5.26 6.09 -8.47
CA MET A 72 3.95 6.18 -7.74
C MET A 72 3.24 7.53 -7.94
N ALA A 73 3.93 8.61 -7.69
CA ALA A 73 3.29 9.97 -7.81
C ALA A 73 2.92 10.31 -9.26
N ARG A 74 3.74 9.94 -10.20
CA ARG A 74 3.44 10.29 -11.62
C ARG A 74 2.26 9.46 -12.18
N LYS A 75 2.22 8.18 -11.91
CA LYS A 75 1.12 7.32 -12.46
C LYS A 75 -0.23 7.58 -11.78
N MET A 76 -0.26 7.76 -10.48
CA MET A 76 -1.57 7.97 -9.78
C MET A 76 -2.32 9.18 -10.36
N LYS A 77 -1.62 10.07 -11.03
CA LYS A 77 -2.31 11.27 -11.62
C LYS A 77 -3.26 10.86 -12.73
N ASP A 78 -2.76 10.12 -13.70
CA ASP A 78 -3.62 9.67 -14.83
C ASP A 78 -4.63 8.61 -14.35
N THR A 79 -4.31 7.95 -13.26
CA THR A 79 -5.22 6.90 -12.73
C THR A 79 -6.32 7.54 -11.88
N ASP A 80 -7.13 6.74 -11.21
CA ASP A 80 -8.23 7.30 -10.36
C ASP A 80 -8.15 6.70 -8.96
N SER A 81 -8.39 7.50 -7.95
CA SER A 81 -8.33 6.99 -6.55
C SER A 81 -9.49 6.04 -6.28
N GLU A 82 -10.58 6.19 -7.00
CA GLU A 82 -11.75 5.27 -6.78
C GLU A 82 -11.31 3.84 -7.05
N GLU A 83 -10.47 3.68 -8.03
CA GLU A 83 -9.97 2.31 -8.39
C GLU A 83 -9.08 1.77 -7.26
N GLU A 84 -8.28 2.62 -6.68
CA GLU A 84 -7.38 2.19 -5.56
C GLU A 84 -8.20 1.77 -4.34
N ILE A 85 -9.31 2.40 -4.12
CA ILE A 85 -10.19 2.03 -2.96
C ILE A 85 -10.76 0.63 -3.15
N ARG A 86 -11.27 0.35 -4.32
CA ARG A 86 -11.88 -0.99 -4.57
C ARG A 86 -10.86 -2.13 -4.38
N GLU A 87 -9.63 -1.94 -4.81
CA GLU A 87 -8.60 -3.01 -4.65
C GLU A 87 -8.20 -3.18 -3.17
N ALA A 88 -8.06 -2.10 -2.46
CA ALA A 88 -7.63 -2.17 -1.02
C ALA A 88 -8.69 -2.87 -0.17
N PHE A 89 -9.93 -2.52 -0.36
CA PHE A 89 -11.03 -3.17 0.43
C PHE A 89 -11.04 -4.68 0.15
N ARG A 90 -10.97 -5.06 -1.10
CA ARG A 90 -10.99 -6.50 -1.48
C ARG A 90 -9.82 -7.26 -0.85
N VAL A 91 -8.67 -6.65 -0.75
CA VAL A 91 -7.50 -7.34 -0.14
C VAL A 91 -7.73 -7.53 1.37
N PHE A 92 -8.11 -6.49 2.06
CA PHE A 92 -8.37 -6.62 3.53
C PHE A 92 -9.61 -7.49 3.76
N ASP A 93 -10.62 -7.31 2.94
CA ASP A 93 -11.86 -8.13 3.08
C ASP A 93 -11.63 -9.51 2.43
N LYS A 94 -10.97 -10.39 3.13
CA LYS A 94 -10.70 -11.75 2.55
C LYS A 94 -11.98 -12.57 2.41
N ASP A 95 -12.86 -12.48 3.38
CA ASP A 95 -14.14 -13.25 3.32
C ASP A 95 -15.14 -12.56 2.36
N GLY A 96 -14.96 -11.29 2.13
CA GLY A 96 -15.88 -10.57 1.20
C GLY A 96 -17.27 -10.48 1.81
N ASN A 97 -17.37 -10.48 3.11
CA ASN A 97 -18.71 -10.41 3.78
C ASN A 97 -19.34 -9.02 3.65
N GLY A 98 -18.60 -8.03 3.20
CA GLY A 98 -19.18 -6.66 3.05
C GLY A 98 -18.49 -5.67 4.00
N TYR A 99 -17.85 -6.16 5.03
CA TYR A 99 -17.14 -5.25 5.98
C TYR A 99 -15.87 -5.94 6.48
N ILE A 100 -14.87 -5.19 6.86
CA ILE A 100 -13.60 -5.81 7.34
C ILE A 100 -13.67 -6.04 8.84
N SER A 101 -13.33 -7.23 9.25
CA SER A 101 -13.35 -7.57 10.71
C SER A 101 -12.02 -7.17 11.35
N ALA A 102 -11.94 -7.23 12.65
CA ALA A 102 -10.67 -6.88 13.35
C ALA A 102 -9.64 -7.98 13.08
N ALA A 103 -10.07 -9.21 13.08
CA ALA A 103 -9.11 -10.33 12.82
C ALA A 103 -8.58 -10.22 11.39
N GLU A 104 -9.42 -9.81 10.46
CA GLU A 104 -8.95 -9.67 9.04
C GLU A 104 -7.85 -8.61 8.98
N LEU A 105 -7.94 -7.61 9.81
CA LEU A 105 -6.90 -6.53 9.83
C LEU A 105 -5.58 -7.10 10.39
N ARG A 106 -5.66 -7.92 11.40
CA ARG A 106 -4.42 -8.51 12.03
C ARG A 106 -3.63 -9.33 10.99
N HIS A 107 -4.29 -10.07 10.14
CA HIS A 107 -3.56 -10.91 9.14
C HIS A 107 -2.66 -10.06 8.23
N VAL A 108 -3.18 -8.98 7.71
CA VAL A 108 -2.35 -8.11 6.80
C VAL A 108 -1.25 -7.37 7.58
N MET A 109 -1.55 -6.90 8.77
CA MET A 109 -0.54 -6.15 9.56
C MET A 109 0.69 -7.01 9.84
N THR A 110 0.49 -8.21 10.32
CA THR A 110 1.65 -9.11 10.61
C THR A 110 2.34 -9.52 9.31
N ASN A 111 1.56 -9.85 8.32
CA ASN A 111 2.13 -10.26 7.00
C ASN A 111 2.94 -9.10 6.41
N LEU A 112 2.52 -7.89 6.71
CA LEU A 112 3.24 -6.70 6.18
C LEU A 112 4.62 -6.55 6.83
N GLY A 113 4.72 -6.90 8.09
CA GLY A 113 6.03 -6.78 8.80
C GLY A 113 5.90 -5.82 9.99
N GLU A 114 4.70 -5.69 10.53
CA GLU A 114 4.50 -4.78 11.69
C GLU A 114 3.84 -5.55 12.84
N LYS A 115 4.12 -5.18 14.06
CA LYS A 115 3.50 -5.89 15.23
C LYS A 115 2.60 -4.94 16.01
N LEU A 116 1.37 -5.32 16.22
CA LEU A 116 0.43 -4.45 16.98
C LEU A 116 -0.40 -5.32 17.94
N THR A 117 -0.89 -4.75 19.00
CA THR A 117 -1.73 -5.54 19.95
C THR A 117 -3.14 -5.63 19.38
N ASP A 118 -3.94 -6.52 19.87
CA ASP A 118 -5.34 -6.62 19.37
C ASP A 118 -6.07 -5.31 19.68
N GLU A 119 -5.65 -4.62 20.71
CA GLU A 119 -6.27 -3.31 21.07
C GLU A 119 -5.95 -2.27 20.00
N GLU A 120 -4.79 -2.39 19.40
CA GLU A 120 -4.41 -1.44 18.32
C GLU A 120 -5.30 -1.68 17.11
N VAL A 121 -5.62 -2.92 16.87
CA VAL A 121 -6.50 -3.24 15.72
C VAL A 121 -7.90 -2.68 15.98
N ASP A 122 -8.34 -2.77 17.21
CA ASP A 122 -9.70 -2.28 17.58
C ASP A 122 -9.83 -0.78 17.31
N GLU A 123 -8.85 -0.02 17.73
CA GLU A 123 -8.93 1.45 17.52
C GLU A 123 -9.01 1.75 16.03
N MET A 124 -8.26 1.03 15.23
CA MET A 124 -8.32 1.29 13.75
C MET A 124 -9.76 1.19 13.27
N ILE A 125 -10.48 0.24 13.80
CA ILE A 125 -11.92 0.07 13.42
C ILE A 125 -12.73 1.28 13.89
N ARG A 126 -12.41 1.78 15.07
CA ARG A 126 -13.14 2.95 15.64
C ARG A 126 -13.05 4.15 14.69
N GLU A 127 -11.92 4.34 14.08
CA GLU A 127 -11.74 5.50 13.15
C GLU A 127 -12.74 5.42 12.00
N ALA A 128 -13.02 4.24 11.50
CA ALA A 128 -13.99 4.11 10.37
C ALA A 128 -15.35 3.58 10.86
N ASP A 129 -15.49 3.29 12.14
CA ASP A 129 -16.81 2.77 12.65
C ASP A 129 -17.76 3.94 12.96
N ILE A 130 -18.26 4.61 11.94
CA ILE A 130 -19.19 5.75 12.18
C ILE A 130 -20.51 5.24 12.79
N ASP A 131 -21.02 4.14 12.30
CA ASP A 131 -22.31 3.61 12.84
C ASP A 131 -22.12 3.01 14.24
N GLY A 132 -20.91 2.68 14.61
CA GLY A 132 -20.66 2.11 15.98
C GLY A 132 -21.01 0.62 16.04
N ASP A 133 -21.03 -0.05 14.92
CA ASP A 133 -21.36 -1.52 14.92
C ASP A 133 -20.13 -2.36 15.26
N GLY A 134 -18.97 -1.74 15.29
CA GLY A 134 -17.72 -2.49 15.63
C GLY A 134 -17.06 -3.06 14.37
N GLN A 135 -17.62 -2.83 13.22
CA GLN A 135 -17.02 -3.36 11.96
C GLN A 135 -17.08 -2.30 10.87
N VAL A 136 -16.12 -2.27 9.98
CA VAL A 136 -16.11 -1.24 8.90
C VAL A 136 -16.87 -1.75 7.67
N ASN A 137 -17.93 -1.09 7.31
CA ASN A 137 -18.71 -1.52 6.10
C ASN A 137 -18.14 -0.83 4.88
N TYR A 138 -18.64 -1.16 3.73
CA TYR A 138 -18.16 -0.53 2.47
C TYR A 138 -18.41 0.98 2.50
N GLU A 139 -19.60 1.37 2.85
CA GLU A 139 -19.95 2.83 2.88
C GLU A 139 -19.05 3.61 3.86
N GLU A 140 -18.90 3.14 5.07
CA GLU A 140 -18.07 3.86 6.07
C GLU A 140 -16.62 3.90 5.60
N PHE A 141 -16.19 2.86 4.96
CA PHE A 141 -14.78 2.78 4.48
C PHE A 141 -14.48 3.92 3.49
N VAL A 142 -15.36 4.19 2.56
CA VAL A 142 -15.12 5.28 1.57
C VAL A 142 -15.21 6.67 2.23
N GLN A 143 -16.12 6.86 3.16
CA GLN A 143 -16.26 8.21 3.81
C GLN A 143 -14.95 8.61 4.50
N MET A 144 -14.37 7.71 5.26
CA MET A 144 -13.09 8.03 5.96
C MET A 144 -12.01 8.39 4.93
N MET A 145 -11.99 7.68 3.83
CA MET A 145 -10.97 7.97 2.77
C MET A 145 -11.22 9.36 2.18
N THR A 146 -12.46 9.71 1.98
CA THR A 146 -12.78 11.06 1.40
C THR A 146 -13.02 12.09 2.52
N ALA A 147 -12.79 11.73 3.77
CA ALA A 147 -13.01 12.69 4.88
C ALA A 147 -11.68 13.32 5.31
N LYS A 148 -11.57 14.63 5.21
CA LYS A 148 -10.30 15.31 5.60
C LYS A 148 -10.50 16.07 6.92
N GLY B 5 -0.13 3.15 13.21
CA GLY B 5 -0.88 4.43 13.19
C GLY B 5 -0.89 5.00 11.77
N GLY B 6 -2.06 5.17 11.19
CA GLY B 6 -2.14 5.72 9.80
C GLY B 6 -2.88 4.71 8.91
N PHE B 7 -4.16 4.53 9.13
CA PHE B 7 -4.94 3.57 8.31
C PHE B 7 -4.90 3.98 6.83
N ARG B 8 -5.07 5.24 6.56
CA ARG B 8 -5.04 5.72 5.13
C ARG B 8 -3.70 5.41 4.47
N ARG B 9 -2.62 5.56 5.18
CA ARG B 9 -1.27 5.29 4.58
C ARG B 9 -1.19 3.85 4.08
N ILE B 10 -1.72 2.92 4.83
CA ILE B 10 -1.70 1.49 4.39
C ILE B 10 -2.49 1.34 3.09
N ALA B 11 -3.60 2.03 2.98
CA ALA B 11 -4.44 1.95 1.74
C ALA B 11 -3.65 2.48 0.54
N ARG B 12 -2.78 3.43 0.76
CA ARG B 12 -1.98 4.02 -0.36
C ARG B 12 -1.13 2.93 -1.03
N LEU B 13 -0.59 2.02 -0.26
CA LEU B 13 0.25 0.93 -0.83
C LEU B 13 -0.55 0.08 -1.83
N VAL B 14 -1.78 -0.21 -1.51
CA VAL B 14 -2.61 -1.04 -2.44
C VAL B 14 -2.93 -0.27 -3.73
N GLY B 15 -3.21 1.00 -3.62
CA GLY B 15 -3.55 1.80 -4.84
C GLY B 15 -2.40 1.74 -5.86
N VAL B 16 -1.18 1.83 -5.41
CA VAL B 16 -0.03 1.77 -6.36
C VAL B 16 0.20 0.33 -6.85
N LEU B 17 -0.41 -0.65 -6.23
CA LEU B 17 -0.20 -2.07 -6.69
C LEU B 17 -0.65 -2.20 -8.15
N ARG B 18 -1.83 -1.73 -8.46
CA ARG B 18 -2.34 -1.81 -9.86
C ARG B 18 -1.40 -1.06 -10.81
N GLU B 19 -0.92 0.09 -10.40
CA GLU B 19 -0.02 0.89 -11.28
C GLU B 19 1.26 0.10 -11.65
N TRP B 20 1.82 -0.62 -10.72
CA TRP B 20 3.07 -1.39 -11.00
C TRP B 20 2.81 -2.43 -12.09
N ALA B 21 1.76 -3.18 -11.97
CA ALA B 21 1.45 -4.24 -13.00
C ALA B 21 1.28 -3.62 -14.38
N TYR B 22 0.58 -2.52 -14.49
CA TYR B 22 0.36 -1.87 -15.81
C TYR B 22 1.70 -1.48 -16.44
N ARG B 23 2.61 -0.98 -15.65
CA ARG B 23 3.94 -0.57 -16.21
C ARG B 23 5.00 -0.54 -15.09
N ALA A 1 5.26 28.51 -3.75
CA ALA A 1 3.91 28.03 -4.18
C ALA A 1 3.71 26.58 -3.78
N ASP A 2 2.58 26.01 -4.12
CA ASP A 2 2.31 24.59 -3.76
C ASP A 2 2.57 23.67 -4.95
N GLN A 3 3.50 24.06 -5.80
CA GLN A 3 3.82 23.22 -7.00
C GLN A 3 4.29 21.84 -6.55
N LEU A 4 5.06 21.81 -5.51
CA LEU A 4 5.58 20.51 -4.98
C LEU A 4 4.78 20.11 -3.73
N THR A 5 5.14 19.00 -3.13
CA THR A 5 4.41 18.54 -1.91
C THR A 5 5.41 18.02 -0.88
N GLU A 6 5.68 18.80 0.13
CA GLU A 6 6.64 18.37 1.19
C GLU A 6 5.98 17.37 2.15
N GLU A 7 4.71 17.53 2.40
CA GLU A 7 4.01 16.63 3.36
C GLU A 7 4.07 15.16 2.91
N GLN A 8 3.91 14.89 1.64
CA GLN A 8 3.97 13.47 1.15
C GLN A 8 5.40 12.92 1.23
N ILE A 9 6.38 13.77 1.33
CA ILE A 9 7.81 13.29 1.41
C ILE A 9 8.01 12.40 2.64
N ALA A 10 7.59 12.88 3.79
CA ALA A 10 7.77 12.08 5.05
C ALA A 10 7.05 10.74 4.97
N GLU A 11 5.96 10.67 4.25
CA GLU A 11 5.21 9.39 4.15
C GLU A 11 6.09 8.29 3.56
N PHE A 12 6.82 8.61 2.52
CA PHE A 12 7.71 7.60 1.88
C PHE A 12 8.82 7.14 2.83
N LYS A 13 9.16 7.92 3.83
CA LYS A 13 10.23 7.50 4.78
C LYS A 13 9.76 6.35 5.65
N GLU A 14 8.56 6.45 6.14
CA GLU A 14 8.00 5.38 7.03
C GLU A 14 7.60 4.12 6.25
N ALA A 15 7.22 4.25 5.00
CA ALA A 15 6.81 3.05 4.21
C ALA A 15 8.02 2.35 3.56
N PHE A 16 9.04 3.11 3.23
CA PHE A 16 10.22 2.51 2.54
C PHE A 16 10.88 1.41 3.38
N SER A 17 11.08 1.64 4.65
CA SER A 17 11.71 0.59 5.52
C SER A 17 10.83 -0.66 5.51
N LEU A 18 9.54 -0.47 5.55
CA LEU A 18 8.60 -1.62 5.52
C LEU A 18 8.79 -2.40 4.21
N PHE A 19 8.92 -1.69 3.12
CA PHE A 19 9.12 -2.35 1.80
C PHE A 19 10.52 -2.98 1.73
N ASP A 20 11.51 -2.30 2.25
CA ASP A 20 12.90 -2.87 2.22
C ASP A 20 13.16 -3.65 3.50
N LYS A 21 12.97 -4.95 3.47
CA LYS A 21 13.18 -5.78 4.69
C LYS A 21 14.64 -5.66 5.17
N ASP A 22 15.57 -5.55 4.27
CA ASP A 22 17.01 -5.48 4.68
C ASP A 22 17.38 -4.08 5.17
N GLY A 23 16.52 -3.09 4.97
CA GLY A 23 16.84 -1.71 5.43
C GLY A 23 18.17 -1.27 4.80
N ASP A 24 18.51 -1.83 3.66
CA ASP A 24 19.79 -1.46 2.99
C ASP A 24 19.59 -0.24 2.08
N GLY A 25 18.37 0.20 1.87
CA GLY A 25 18.13 1.39 1.00
C GLY A 25 17.75 0.97 -0.43
N THR A 26 17.63 -0.31 -0.72
CA THR A 26 17.26 -0.71 -2.12
C THR A 26 16.36 -1.95 -2.12
N ILE A 27 15.39 -1.98 -3.00
CA ILE A 27 14.47 -3.15 -3.05
C ILE A 27 14.84 -4.03 -4.26
N THR A 28 15.02 -5.31 -4.04
CA THR A 28 15.36 -6.22 -5.17
C THR A 28 14.13 -6.98 -5.65
N THR A 29 13.97 -7.15 -6.93
CA THR A 29 12.76 -7.85 -7.51
C THR A 29 12.39 -9.10 -6.67
N LYS A 30 13.36 -9.75 -6.09
CA LYS A 30 13.06 -10.95 -5.25
C LYS A 30 12.25 -10.51 -4.01
N GLU A 31 12.72 -9.50 -3.32
CA GLU A 31 12.02 -9.03 -2.07
C GLU A 31 10.59 -8.61 -2.39
N LEU A 32 10.39 -7.71 -3.33
CA LEU A 32 9.01 -7.25 -3.65
C LEU A 32 8.14 -8.41 -4.10
N GLY A 33 8.70 -9.37 -4.78
CA GLY A 33 7.89 -10.53 -5.28
C GLY A 33 7.04 -11.13 -4.14
N THR A 34 7.52 -11.06 -2.93
CA THR A 34 6.74 -11.60 -1.77
C THR A 34 5.50 -10.72 -1.51
N VAL A 35 5.64 -9.42 -1.58
CA VAL A 35 4.48 -8.50 -1.33
C VAL A 35 3.41 -8.70 -2.41
N MET A 36 3.81 -8.63 -3.65
CA MET A 36 2.85 -8.81 -4.78
C MET A 36 2.20 -10.19 -4.70
N ARG A 37 2.95 -11.15 -4.23
CA ARG A 37 2.40 -12.54 -4.08
C ARG A 37 1.20 -12.52 -3.13
N SER A 38 1.37 -11.89 -1.99
CA SER A 38 0.27 -11.80 -1.00
C SER A 38 -0.82 -10.84 -1.48
N LEU A 39 -0.54 -10.01 -2.45
CA LEU A 39 -1.57 -9.06 -2.96
C LEU A 39 -2.39 -9.69 -4.10
N GLY A 40 -1.87 -10.72 -4.74
CA GLY A 40 -2.62 -11.36 -5.85
C GLY A 40 -1.74 -12.36 -6.61
N GLN A 41 -0.50 -12.02 -6.89
CA GLN A 41 0.37 -12.98 -7.63
C GLN A 41 1.85 -12.64 -7.46
N ASN A 42 2.69 -13.61 -7.72
CA ASN A 42 4.16 -13.39 -7.60
C ASN A 42 4.82 -13.53 -8.98
N PRO A 43 5.09 -12.42 -9.63
CA PRO A 43 5.72 -12.45 -10.97
C PRO A 43 7.13 -13.06 -10.88
N THR A 44 8.04 -12.67 -11.75
CA THR A 44 9.41 -13.25 -11.71
C THR A 44 10.49 -12.19 -11.99
N GLU A 45 11.70 -12.47 -11.58
CA GLU A 45 12.83 -11.52 -11.80
C GLU A 45 12.97 -11.14 -13.28
N ALA A 46 12.45 -11.94 -14.18
CA ALA A 46 12.52 -11.58 -15.63
C ALA A 46 11.53 -10.44 -15.89
N GLU A 47 10.29 -10.68 -15.62
CA GLU A 47 9.23 -9.65 -15.83
C GLU A 47 9.41 -8.52 -14.82
N LEU A 48 9.81 -8.84 -13.63
CA LEU A 48 10.03 -7.80 -12.58
C LEU A 48 11.06 -6.78 -13.07
N GLN A 49 12.00 -7.23 -13.85
CA GLN A 49 13.06 -6.30 -14.35
C GLN A 49 12.51 -5.35 -15.42
N ASP A 50 11.52 -5.76 -16.18
CA ASP A 50 10.94 -4.86 -17.22
C ASP A 50 10.14 -3.71 -16.59
N MET A 51 9.31 -4.04 -15.63
CA MET A 51 8.49 -3.00 -14.96
C MET A 51 9.40 -1.98 -14.27
N ILE A 52 10.43 -2.46 -13.64
CA ILE A 52 11.40 -1.56 -12.95
C ILE A 52 12.20 -0.75 -13.99
N ASN A 53 12.47 -1.34 -15.12
CA ASN A 53 13.26 -0.63 -16.18
C ASN A 53 12.55 0.64 -16.61
N GLU A 54 11.25 0.61 -16.71
CA GLU A 54 10.48 1.81 -17.12
C GLU A 54 10.62 2.92 -16.06
N VAL A 55 10.86 2.54 -14.83
CA VAL A 55 11.02 3.55 -13.73
C VAL A 55 12.49 3.73 -13.33
N ASP A 56 13.37 2.89 -13.83
CA ASP A 56 14.82 3.00 -13.45
C ASP A 56 15.44 4.28 -14.01
N ALA A 57 15.63 5.27 -13.18
CA ALA A 57 16.26 6.54 -13.66
C ALA A 57 17.70 6.26 -14.10
N ASP A 58 18.41 5.44 -13.38
CA ASP A 58 19.83 5.14 -13.75
C ASP A 58 19.90 3.90 -14.65
N GLY A 59 18.99 2.98 -14.49
CA GLY A 59 19.00 1.75 -15.34
C GLY A 59 19.91 0.67 -14.74
N ASN A 60 20.14 0.73 -13.46
CA ASN A 60 21.02 -0.28 -12.80
C ASN A 60 20.31 -1.63 -12.69
N GLY A 61 19.03 -1.62 -12.43
CA GLY A 61 18.27 -2.89 -12.31
C GLY A 61 17.51 -2.97 -10.97
N THR A 62 17.63 -1.96 -10.14
CA THR A 62 16.90 -1.99 -8.83
C THR A 62 16.24 -0.63 -8.57
N ILE A 63 15.40 -0.56 -7.57
CA ILE A 63 14.67 0.71 -7.30
C ILE A 63 15.16 1.37 -6.01
N ASP A 64 15.67 2.58 -6.12
CA ASP A 64 16.18 3.31 -4.92
C ASP A 64 15.09 4.24 -4.38
N PHE A 65 15.33 4.80 -3.22
CA PHE A 65 14.32 5.73 -2.59
C PHE A 65 13.83 6.82 -3.55
N PRO A 66 14.72 7.50 -4.23
CA PRO A 66 14.28 8.60 -5.15
C PRO A 66 13.51 8.06 -6.35
N GLU A 67 13.88 6.92 -6.87
CA GLU A 67 13.13 6.34 -8.03
C GLU A 67 11.76 5.84 -7.57
N PHE A 68 11.69 5.25 -6.40
CA PHE A 68 10.39 4.73 -5.88
C PHE A 68 9.36 5.85 -5.72
N LEU A 69 9.73 6.93 -5.06
CA LEU A 69 8.78 8.06 -4.84
C LEU A 69 8.30 8.68 -6.15
N THR A 70 9.18 8.84 -7.10
CA THR A 70 8.79 9.42 -8.41
C THR A 70 7.78 8.51 -9.11
N MET A 71 7.95 7.22 -8.94
CA MET A 71 7.03 6.24 -9.59
C MET A 71 5.60 6.32 -9.04
N MET A 72 5.45 6.43 -7.74
CA MET A 72 4.08 6.49 -7.14
C MET A 72 3.29 7.69 -7.66
N ALA A 73 3.90 8.85 -7.71
CA ALA A 73 3.18 10.06 -8.21
C ALA A 73 2.89 9.95 -9.71
N ARG A 74 3.75 9.29 -10.44
CA ARG A 74 3.53 9.13 -11.91
C ARG A 74 2.35 8.20 -12.20
N LYS A 75 2.23 7.14 -11.45
CA LYS A 75 1.11 6.17 -11.69
C LYS A 75 -0.25 6.72 -11.25
N MET A 76 -0.32 7.33 -10.09
CA MET A 76 -1.62 7.85 -9.58
C MET A 76 -2.25 8.91 -10.50
N LYS A 77 -1.46 9.81 -11.07
CA LYS A 77 -2.05 10.87 -11.94
C LYS A 77 -2.63 10.28 -13.23
N ASP A 78 -2.00 9.26 -13.77
CA ASP A 78 -2.50 8.64 -15.03
C ASP A 78 -3.81 7.89 -14.78
N THR A 79 -4.12 7.58 -13.55
CA THR A 79 -5.37 6.83 -13.25
C THR A 79 -6.30 7.67 -12.37
N ASP A 80 -7.21 6.99 -11.70
CA ASP A 80 -8.17 7.71 -10.81
C ASP A 80 -8.06 7.15 -9.39
N SER A 81 -8.13 7.99 -8.40
CA SER A 81 -8.02 7.52 -6.98
C SER A 81 -9.19 6.62 -6.63
N GLU A 82 -10.30 6.76 -7.31
CA GLU A 82 -11.46 5.88 -7.01
C GLU A 82 -11.11 4.43 -7.35
N GLU A 83 -10.32 4.25 -8.38
CA GLU A 83 -9.93 2.88 -8.83
C GLU A 83 -9.01 2.18 -7.80
N GLU A 84 -8.06 2.89 -7.26
CA GLU A 84 -7.12 2.27 -6.27
C GLU A 84 -7.84 1.95 -4.95
N ILE A 85 -8.89 2.67 -4.64
CA ILE A 85 -9.66 2.39 -3.38
C ILE A 85 -10.37 1.04 -3.51
N ARG A 86 -11.02 0.81 -4.61
CA ARG A 86 -11.76 -0.47 -4.81
C ARG A 86 -10.81 -1.67 -4.70
N GLU A 87 -9.62 -1.52 -5.22
CA GLU A 87 -8.63 -2.65 -5.16
C GLU A 87 -8.15 -2.88 -3.72
N ALA A 88 -7.90 -1.81 -2.99
CA ALA A 88 -7.42 -1.94 -1.58
C ALA A 88 -8.48 -2.56 -0.68
N PHE A 89 -9.70 -2.14 -0.81
CA PHE A 89 -10.81 -2.70 0.02
C PHE A 89 -10.94 -4.22 -0.22
N ARG A 90 -10.97 -4.59 -1.48
CA ARG A 90 -11.10 -6.03 -1.83
C ARG A 90 -9.94 -6.84 -1.23
N VAL A 91 -8.79 -6.23 -1.10
CA VAL A 91 -7.62 -6.97 -0.52
C VAL A 91 -7.85 -7.19 0.99
N PHE A 92 -8.37 -6.21 1.69
CA PHE A 92 -8.62 -6.38 3.16
C PHE A 92 -9.73 -7.40 3.42
N ASP A 93 -10.75 -7.40 2.59
CA ASP A 93 -11.85 -8.38 2.79
C ASP A 93 -11.45 -9.74 2.22
N LYS A 94 -10.62 -10.47 2.93
CA LYS A 94 -10.18 -11.81 2.43
C LYS A 94 -11.39 -12.75 2.31
N ASP A 95 -12.24 -12.78 3.31
CA ASP A 95 -13.45 -13.66 3.26
C ASP A 95 -14.53 -13.09 2.33
N GLY A 96 -14.44 -11.84 2.00
CA GLY A 96 -15.44 -11.22 1.07
C GLY A 96 -16.81 -11.10 1.77
N ASN A 97 -16.84 -11.14 3.08
CA ASN A 97 -18.15 -11.02 3.79
C ASN A 97 -18.73 -9.61 3.67
N GLY A 98 -17.96 -8.67 3.17
CA GLY A 98 -18.48 -7.27 3.02
C GLY A 98 -18.08 -6.42 4.25
N TYR A 99 -17.62 -7.05 5.30
CA TYR A 99 -17.20 -6.27 6.51
C TYR A 99 -15.79 -6.73 6.90
N ILE A 100 -14.92 -5.81 7.25
CA ILE A 100 -13.53 -6.23 7.62
C ILE A 100 -13.45 -6.53 9.12
N SER A 101 -13.10 -7.73 9.44
CA SER A 101 -13.01 -8.13 10.88
C SER A 101 -11.66 -7.73 11.47
N ALA A 102 -11.53 -7.83 12.77
CA ALA A 102 -10.23 -7.47 13.44
C ALA A 102 -9.16 -8.47 13.01
N ALA A 103 -9.52 -9.72 12.94
CA ALA A 103 -8.54 -10.76 12.52
C ALA A 103 -8.02 -10.46 11.10
N GLU A 104 -8.88 -9.96 10.25
CA GLU A 104 -8.45 -9.64 8.85
C GLU A 104 -7.45 -8.48 8.85
N LEU A 105 -7.66 -7.48 9.68
CA LEU A 105 -6.70 -6.33 9.72
C LEU A 105 -5.31 -6.83 10.12
N ARG A 106 -5.26 -7.66 11.14
CA ARG A 106 -3.95 -8.22 11.61
C ARG A 106 -3.27 -9.04 10.49
N HIS A 107 -4.04 -9.71 9.68
CA HIS A 107 -3.43 -10.56 8.61
C HIS A 107 -2.56 -9.75 7.65
N VAL A 108 -3.04 -8.63 7.17
CA VAL A 108 -2.24 -7.80 6.20
C VAL A 108 -1.07 -7.08 6.89
N MET A 109 -1.32 -6.39 7.97
CA MET A 109 -0.22 -5.63 8.64
C MET A 109 0.91 -6.59 9.06
N THR A 110 0.56 -7.75 9.54
CA THR A 110 1.61 -8.74 9.94
C THR A 110 2.37 -9.22 8.70
N ASN A 111 1.66 -9.56 7.66
CA ASN A 111 2.30 -10.02 6.41
C ASN A 111 3.18 -8.91 5.85
N LEU A 112 2.79 -7.67 6.07
CA LEU A 112 3.59 -6.53 5.56
C LEU A 112 4.92 -6.41 6.32
N GLY A 113 4.93 -6.77 7.58
CA GLY A 113 6.21 -6.69 8.36
C GLY A 113 6.02 -5.88 9.65
N GLU A 114 4.81 -5.71 10.13
CA GLU A 114 4.60 -4.93 11.38
C GLU A 114 3.89 -5.80 12.42
N LYS A 115 4.30 -5.69 13.67
CA LYS A 115 3.66 -6.50 14.75
C LYS A 115 2.72 -5.61 15.57
N LEU A 116 1.45 -5.94 15.61
CA LEU A 116 0.49 -5.09 16.37
C LEU A 116 -0.41 -5.98 17.25
N THR A 117 -0.98 -5.42 18.28
CA THR A 117 -1.87 -6.20 19.19
C THR A 117 -3.32 -6.07 18.71
N ASP A 118 -4.20 -6.82 19.31
CA ASP A 118 -5.64 -6.74 18.92
C ASP A 118 -6.17 -5.35 19.27
N GLU A 119 -5.54 -4.68 20.22
CA GLU A 119 -5.99 -3.30 20.59
C GLU A 119 -5.67 -2.33 19.46
N GLU A 120 -4.55 -2.52 18.83
CA GLU A 120 -4.16 -1.62 17.69
C GLU A 120 -5.15 -1.82 16.55
N VAL A 121 -5.61 -3.03 16.38
CA VAL A 121 -6.57 -3.32 15.29
C VAL A 121 -7.94 -2.67 15.62
N ASP A 122 -8.32 -2.72 16.87
CA ASP A 122 -9.63 -2.14 17.30
C ASP A 122 -9.68 -0.66 16.97
N GLU A 123 -8.64 0.07 17.30
CA GLU A 123 -8.61 1.52 17.02
C GLU A 123 -8.76 1.75 15.53
N MET A 124 -8.08 0.97 14.73
CA MET A 124 -8.15 1.17 13.25
C MET A 124 -9.62 1.13 12.81
N ILE A 125 -10.39 0.26 13.41
CA ILE A 125 -11.84 0.15 13.06
C ILE A 125 -12.59 1.42 13.51
N ARG A 126 -12.24 1.94 14.66
CA ARG A 126 -12.94 3.15 15.21
C ARG A 126 -12.85 4.33 14.26
N GLU A 127 -11.72 4.52 13.67
CA GLU A 127 -11.53 5.68 12.75
C GLU A 127 -12.54 5.65 11.60
N ALA A 128 -12.82 4.49 11.05
CA ALA A 128 -13.80 4.41 9.92
C ALA A 128 -15.17 3.85 10.39
N ASP A 129 -15.30 3.48 11.65
CA ASP A 129 -16.61 2.94 12.13
C ASP A 129 -17.57 4.08 12.49
N ILE A 130 -18.05 4.79 11.50
CA ILE A 130 -18.98 5.93 11.76
C ILE A 130 -20.34 5.41 12.27
N ASP A 131 -20.83 4.33 11.71
CA ASP A 131 -22.15 3.78 12.14
C ASP A 131 -22.06 3.15 13.54
N GLY A 132 -20.87 2.83 13.99
CA GLY A 132 -20.72 2.24 15.36
C GLY A 132 -21.04 0.73 15.33
N ASP A 133 -20.94 0.11 14.18
CA ASP A 133 -21.23 -1.35 14.10
C ASP A 133 -19.99 -2.18 14.51
N GLY A 134 -18.87 -1.53 14.67
CA GLY A 134 -17.61 -2.26 15.07
C GLY A 134 -16.88 -2.81 13.84
N GLN A 135 -17.40 -2.56 12.66
CA GLN A 135 -16.74 -3.06 11.42
C GLN A 135 -16.76 -1.95 10.37
N VAL A 136 -15.77 -1.89 9.52
CA VAL A 136 -15.75 -0.82 8.47
C VAL A 136 -16.43 -1.32 7.21
N ASN A 137 -17.50 -0.68 6.79
CA ASN A 137 -18.20 -1.12 5.56
C ASN A 137 -17.60 -0.43 4.34
N TYR A 138 -18.06 -0.79 3.18
CA TYR A 138 -17.54 -0.17 1.93
C TYR A 138 -17.81 1.33 1.93
N GLU A 139 -19.02 1.73 2.24
CA GLU A 139 -19.38 3.18 2.24
C GLU A 139 -18.51 3.97 3.22
N GLU A 140 -18.33 3.47 4.42
CA GLU A 140 -17.49 4.19 5.43
C GLU A 140 -16.04 4.26 4.97
N PHE A 141 -15.61 3.22 4.32
CA PHE A 141 -14.18 3.16 3.86
C PHE A 141 -13.86 4.31 2.88
N VAL A 142 -14.70 4.54 1.91
CA VAL A 142 -14.44 5.64 0.92
C VAL A 142 -14.60 7.03 1.57
N GLN A 143 -15.57 7.20 2.43
CA GLN A 143 -15.79 8.54 3.06
C GLN A 143 -14.56 8.98 3.87
N MET A 144 -14.04 8.14 4.72
CA MET A 144 -12.84 8.52 5.53
C MET A 144 -11.66 8.84 4.61
N MET A 145 -11.52 8.14 3.53
CA MET A 145 -10.39 8.40 2.58
C MET A 145 -10.60 9.74 1.87
N THR A 146 -11.81 10.04 1.48
CA THR A 146 -12.07 11.34 0.78
C THR A 146 -12.62 12.38 1.75
N ALA A 147 -12.36 12.22 3.03
CA ALA A 147 -12.88 13.21 4.03
C ALA A 147 -12.33 14.62 3.74
N LYS A 148 -11.05 14.72 3.45
CA LYS A 148 -10.46 16.06 3.15
C LYS A 148 -9.75 16.03 1.79
N GLY B 5 -2.51 4.76 14.81
CA GLY B 5 -3.51 4.31 13.78
C GLY B 5 -2.85 4.30 12.40
N GLY B 6 -2.98 5.36 11.66
CA GLY B 6 -2.37 5.42 10.30
C GLY B 6 -3.11 4.48 9.35
N PHE B 7 -4.38 4.27 9.59
CA PHE B 7 -5.18 3.37 8.70
C PHE B 7 -5.16 3.93 7.27
N ARG B 8 -5.26 5.22 7.14
CA ARG B 8 -5.26 5.85 5.78
C ARG B 8 -3.89 5.65 5.09
N ARG B 9 -2.81 5.78 5.82
CA ARG B 9 -1.45 5.61 5.20
C ARG B 9 -1.28 4.22 4.61
N ILE B 10 -1.65 3.19 5.33
CA ILE B 10 -1.49 1.79 4.81
C ILE B 10 -2.46 1.51 3.66
N ALA B 11 -3.64 2.06 3.72
CA ALA B 11 -4.64 1.82 2.63
C ALA B 11 -4.10 2.32 1.29
N ARG B 12 -3.53 3.50 1.26
CA ARG B 12 -2.99 4.05 -0.03
C ARG B 12 -1.90 3.13 -0.59
N LEU B 13 -1.06 2.60 0.27
CA LEU B 13 0.04 1.71 -0.21
C LEU B 13 -0.53 0.45 -0.87
N VAL B 14 -1.58 -0.11 -0.31
CA VAL B 14 -2.18 -1.33 -0.92
C VAL B 14 -2.71 -1.01 -2.32
N GLY B 15 -3.31 0.15 -2.49
CA GLY B 15 -3.85 0.55 -3.81
C GLY B 15 -2.73 0.56 -4.86
N VAL B 16 -1.57 1.04 -4.46
CA VAL B 16 -0.41 1.11 -5.41
C VAL B 16 0.11 -0.29 -5.76
N LEU B 17 0.09 -1.22 -4.83
CA LEU B 17 0.63 -2.59 -5.09
C LEU B 17 -0.08 -3.30 -6.25
N ARG B 18 -1.39 -3.34 -6.25
CA ARG B 18 -2.11 -4.07 -7.35
C ARG B 18 -1.78 -3.44 -8.72
N GLU B 19 -1.71 -2.13 -8.78
CA GLU B 19 -1.40 -1.45 -10.07
C GLU B 19 -0.02 -1.91 -10.56
N TRP B 20 0.87 -2.17 -9.64
CA TRP B 20 2.25 -2.62 -10.02
C TRP B 20 2.18 -3.94 -10.82
N ALA B 21 1.44 -4.90 -10.31
CA ALA B 21 1.34 -6.21 -11.04
C ALA B 21 0.76 -6.03 -12.44
N TYR B 22 -0.26 -5.21 -12.57
CA TYR B 22 -0.88 -4.98 -13.91
C TYR B 22 0.16 -4.41 -14.87
N ARG B 23 0.99 -3.52 -14.39
CA ARG B 23 2.03 -2.90 -15.27
C ARG B 23 3.40 -2.98 -14.59
N ALA A 1 5.03 30.94 -1.96
CA ALA A 1 5.12 30.30 -3.31
C ALA A 1 5.72 28.89 -3.18
N ASP A 2 5.12 28.06 -2.37
CA ASP A 2 5.64 26.67 -2.19
C ASP A 2 4.99 25.74 -3.22
N GLN A 3 5.48 25.77 -4.43
CA GLN A 3 4.90 24.90 -5.51
C GLN A 3 5.03 23.43 -5.13
N LEU A 4 6.19 23.06 -4.67
CA LEU A 4 6.43 21.64 -4.27
C LEU A 4 5.90 21.39 -2.86
N THR A 5 5.96 20.17 -2.42
CA THR A 5 5.47 19.82 -1.05
C THR A 5 6.34 18.71 -0.47
N GLU A 6 7.06 19.02 0.57
CA GLU A 6 7.95 18.01 1.21
C GLU A 6 7.23 17.28 2.37
N GLU A 7 6.07 17.74 2.76
CA GLU A 7 5.34 17.07 3.88
C GLU A 7 4.91 15.67 3.45
N GLN A 8 4.48 15.55 2.23
CA GLN A 8 4.06 14.22 1.70
C GLN A 8 5.26 13.27 1.64
N ILE A 9 6.41 13.79 1.30
CA ILE A 9 7.63 12.93 1.20
C ILE A 9 7.95 12.24 2.54
N ALA A 10 7.59 12.85 3.64
CA ALA A 10 7.84 12.21 4.98
C ALA A 10 7.07 10.90 5.09
N GLU A 11 5.85 10.88 4.60
CA GLU A 11 5.04 9.63 4.68
C GLU A 11 5.74 8.48 3.96
N PHE A 12 6.31 8.77 2.83
CA PHE A 12 7.03 7.72 2.06
C PHE A 12 8.25 7.22 2.83
N LYS A 13 8.76 7.97 3.77
CA LYS A 13 9.94 7.50 4.55
C LYS A 13 9.55 6.33 5.46
N GLU A 14 8.43 6.46 6.11
CA GLU A 14 7.97 5.39 7.04
C GLU A 14 7.76 4.06 6.30
N ALA A 15 6.98 4.04 5.26
CA ALA A 15 6.73 2.76 4.52
C ALA A 15 7.99 2.29 3.77
N PHE A 16 8.88 3.19 3.42
CA PHE A 16 10.12 2.78 2.66
C PHE A 16 10.83 1.61 3.34
N SER A 17 11.19 1.72 4.59
CA SER A 17 11.86 0.59 5.29
C SER A 17 10.92 -0.62 5.36
N LEU A 18 9.64 -0.36 5.53
CA LEU A 18 8.65 -1.48 5.60
C LEU A 18 8.68 -2.29 4.30
N PHE A 19 8.78 -1.61 3.18
CA PHE A 19 8.83 -2.33 1.87
C PHE A 19 10.23 -2.95 1.66
N ASP A 20 11.26 -2.29 2.15
CA ASP A 20 12.64 -2.84 2.00
C ASP A 20 12.97 -3.70 3.22
N LYS A 21 12.83 -5.00 3.11
CA LYS A 21 13.12 -5.90 4.26
C LYS A 21 14.57 -5.77 4.72
N ASP A 22 15.51 -5.62 3.81
CA ASP A 22 16.95 -5.54 4.22
C ASP A 22 17.28 -4.14 4.76
N GLY A 23 16.42 -3.18 4.57
CA GLY A 23 16.71 -1.81 5.07
C GLY A 23 18.00 -1.29 4.42
N ASP A 24 18.30 -1.77 3.23
CA ASP A 24 19.54 -1.31 2.54
C ASP A 24 19.24 -0.07 1.67
N GLY A 25 18.00 0.36 1.61
CA GLY A 25 17.66 1.57 0.80
C GLY A 25 17.19 1.19 -0.61
N THR A 26 17.06 -0.08 -0.93
CA THR A 26 16.61 -0.45 -2.31
C THR A 26 15.78 -1.72 -2.32
N ILE A 27 14.81 -1.78 -3.19
CA ILE A 27 13.93 -3.00 -3.28
C ILE A 27 14.35 -3.84 -4.49
N THR A 28 14.59 -5.10 -4.28
CA THR A 28 14.99 -6.00 -5.40
C THR A 28 13.79 -6.81 -5.88
N THR A 29 13.64 -6.99 -7.18
CA THR A 29 12.46 -7.75 -7.73
C THR A 29 12.16 -9.02 -6.90
N LYS A 30 13.17 -9.61 -6.32
CA LYS A 30 12.93 -10.82 -5.46
C LYS A 30 12.09 -10.40 -4.24
N GLU A 31 12.51 -9.36 -3.58
CA GLU A 31 11.80 -8.89 -2.36
C GLU A 31 10.34 -8.56 -2.66
N LEU A 32 10.09 -7.71 -3.63
CA LEU A 32 8.68 -7.33 -3.98
C LEU A 32 7.90 -8.57 -4.42
N GLY A 33 8.56 -9.51 -5.04
CA GLY A 33 7.88 -10.75 -5.51
C GLY A 33 7.10 -11.41 -4.37
N THR A 34 7.57 -11.29 -3.16
CA THR A 34 6.85 -11.91 -2.00
C THR A 34 5.53 -11.17 -1.74
N VAL A 35 5.55 -9.87 -1.90
CA VAL A 35 4.31 -9.06 -1.67
C VAL A 35 3.24 -9.47 -2.70
N MET A 36 3.56 -9.37 -3.95
CA MET A 36 2.57 -9.74 -5.03
C MET A 36 2.13 -11.20 -4.89
N ARG A 37 3.01 -12.07 -4.41
CA ARG A 37 2.63 -13.50 -4.26
C ARG A 37 1.44 -13.61 -3.29
N SER A 38 1.55 -12.98 -2.16
CA SER A 38 0.43 -13.00 -1.16
C SER A 38 -0.74 -12.12 -1.64
N LEU A 39 -0.48 -11.21 -2.56
CA LEU A 39 -1.56 -10.33 -3.06
C LEU A 39 -2.14 -10.87 -4.38
N GLY A 40 -1.59 -11.95 -4.90
CA GLY A 40 -2.11 -12.51 -6.17
C GLY A 40 -1.17 -13.62 -6.66
N GLN A 41 0.01 -13.25 -7.11
CA GLN A 41 0.97 -14.29 -7.59
C GLN A 41 2.40 -13.71 -7.68
N ASN A 42 3.35 -14.56 -7.92
CA ASN A 42 4.78 -14.11 -8.04
C ASN A 42 5.22 -14.16 -9.52
N PRO A 43 5.61 -13.02 -10.07
CA PRO A 43 6.04 -12.99 -11.50
C PRO A 43 7.38 -13.74 -11.64
N THR A 44 8.23 -13.34 -12.58
CA THR A 44 9.53 -14.05 -12.76
C THR A 44 10.68 -13.07 -12.98
N GLU A 45 11.88 -13.49 -12.63
CA GLU A 45 13.08 -12.61 -12.80
C GLU A 45 13.21 -12.07 -14.23
N ALA A 46 12.63 -12.75 -15.19
CA ALA A 46 12.68 -12.24 -16.59
C ALA A 46 11.78 -11.00 -16.69
N GLU A 47 10.53 -11.19 -16.39
CA GLU A 47 9.55 -10.06 -16.45
C GLU A 47 9.87 -9.04 -15.35
N LEU A 48 10.27 -9.51 -14.20
CA LEU A 48 10.64 -8.57 -13.09
C LEU A 48 11.73 -7.62 -13.55
N GLN A 49 12.62 -8.10 -14.38
CA GLN A 49 13.73 -7.24 -14.87
C GLN A 49 13.20 -6.07 -15.68
N ASP A 50 12.20 -6.31 -16.50
CA ASP A 50 11.63 -5.20 -17.35
C ASP A 50 10.96 -4.14 -16.48
N MET A 51 10.26 -4.54 -15.45
CA MET A 51 9.58 -3.54 -14.57
C MET A 51 10.62 -2.60 -13.95
N ILE A 52 11.70 -3.15 -13.47
CA ILE A 52 12.77 -2.30 -12.86
C ILE A 52 13.44 -1.43 -13.93
N ASN A 53 13.58 -1.95 -15.13
CA ASN A 53 14.26 -1.18 -16.21
C ASN A 53 13.52 0.13 -16.50
N GLU A 54 12.22 0.11 -16.50
CA GLU A 54 11.44 1.37 -16.79
C GLU A 54 11.57 2.37 -15.62
N VAL A 55 11.77 1.87 -14.42
CA VAL A 55 11.89 2.79 -13.25
C VAL A 55 13.37 3.05 -12.88
N ASP A 56 14.29 2.34 -13.49
CA ASP A 56 15.73 2.56 -13.16
C ASP A 56 16.23 3.87 -13.77
N ALA A 57 16.29 4.91 -13.00
CA ALA A 57 16.80 6.21 -13.54
C ALA A 57 18.28 6.08 -13.88
N ASP A 58 19.02 5.36 -13.08
CA ASP A 58 20.48 5.17 -13.35
C ASP A 58 20.72 3.93 -14.23
N GLY A 59 19.86 2.96 -14.12
CA GLY A 59 20.02 1.72 -14.93
C GLY A 59 20.84 0.66 -14.17
N ASN A 60 20.91 0.78 -12.87
CA ASN A 60 21.69 -0.21 -12.06
C ASN A 60 20.93 -1.53 -11.95
N GLY A 61 19.63 -1.48 -11.83
CA GLY A 61 18.83 -2.74 -11.73
C GLY A 61 17.96 -2.73 -10.46
N THR A 62 17.95 -1.66 -9.71
CA THR A 62 17.11 -1.63 -8.47
C THR A 62 16.37 -0.30 -8.35
N ILE A 63 15.44 -0.25 -7.42
CA ILE A 63 14.62 0.99 -7.25
C ILE A 63 15.03 1.71 -5.96
N ASP A 64 15.42 2.96 -6.09
CA ASP A 64 15.83 3.75 -4.88
C ASP A 64 14.72 4.72 -4.47
N PHE A 65 14.85 5.33 -3.32
CA PHE A 65 13.83 6.29 -2.81
C PHE A 65 13.38 7.31 -3.89
N PRO A 66 14.33 7.96 -4.54
CA PRO A 66 13.95 8.98 -5.56
C PRO A 66 13.25 8.34 -6.76
N GLU A 67 13.61 7.15 -7.13
CA GLU A 67 12.94 6.48 -8.29
C GLU A 67 11.50 6.05 -7.94
N PHE A 68 11.31 5.57 -6.74
CA PHE A 68 9.93 5.14 -6.33
C PHE A 68 8.95 6.34 -6.34
N LEU A 69 9.38 7.46 -5.82
CA LEU A 69 8.47 8.66 -5.77
C LEU A 69 8.08 9.16 -7.18
N THR A 70 9.02 9.23 -8.09
CA THR A 70 8.69 9.73 -9.46
C THR A 70 7.66 8.82 -10.15
N MET A 71 7.73 7.53 -9.88
CA MET A 71 6.77 6.58 -10.52
C MET A 71 5.34 6.79 -10.03
N MET A 72 5.14 6.94 -8.75
CA MET A 72 3.76 7.11 -8.20
C MET A 72 3.13 8.44 -8.67
N ALA A 73 3.88 9.50 -8.63
CA ALA A 73 3.32 10.83 -9.05
C ALA A 73 2.83 10.79 -10.50
N ARG A 74 3.53 10.08 -11.33
CA ARG A 74 3.13 9.98 -12.78
C ARG A 74 1.85 9.14 -12.95
N LYS A 75 1.74 8.07 -12.21
CA LYS A 75 0.55 7.15 -12.34
C LYS A 75 -0.75 7.74 -11.77
N MET A 76 -0.69 8.57 -10.76
CA MET A 76 -1.96 9.09 -10.14
C MET A 76 -2.82 9.86 -11.14
N LYS A 77 -2.24 10.73 -11.92
CA LYS A 77 -3.07 11.53 -12.89
C LYS A 77 -3.62 10.64 -14.01
N ASP A 78 -2.87 9.67 -14.45
CA ASP A 78 -3.35 8.79 -15.56
C ASP A 78 -4.47 7.85 -15.10
N THR A 79 -4.69 7.75 -13.81
CA THR A 79 -5.76 6.84 -13.32
C THR A 79 -6.78 7.56 -12.42
N ASP A 80 -7.54 6.80 -11.70
CA ASP A 80 -8.57 7.39 -10.79
C ASP A 80 -8.28 6.97 -9.34
N SER A 81 -8.32 7.90 -8.42
CA SER A 81 -8.04 7.55 -6.99
C SER A 81 -9.06 6.54 -6.48
N GLU A 82 -10.26 6.55 -7.00
CA GLU A 82 -11.29 5.57 -6.54
C GLU A 82 -10.80 4.14 -6.80
N GLU A 83 -10.02 3.96 -7.84
CA GLU A 83 -9.50 2.60 -8.15
C GLU A 83 -8.65 2.08 -6.98
N GLU A 84 -7.88 2.94 -6.38
CA GLU A 84 -7.02 2.53 -5.23
C GLU A 84 -7.88 2.04 -4.05
N ILE A 85 -9.00 2.68 -3.84
CA ILE A 85 -9.90 2.26 -2.72
C ILE A 85 -10.49 0.88 -2.97
N ARG A 86 -11.01 0.66 -4.15
CA ARG A 86 -11.64 -0.66 -4.46
C ARG A 86 -10.63 -1.80 -4.31
N GLU A 87 -9.43 -1.61 -4.77
CA GLU A 87 -8.39 -2.68 -4.66
C GLU A 87 -7.95 -2.92 -3.21
N ALA A 88 -7.82 -1.86 -2.46
CA ALA A 88 -7.37 -1.97 -1.03
C ALA A 88 -8.41 -2.67 -0.15
N PHE A 89 -9.65 -2.29 -0.28
CA PHE A 89 -10.72 -2.94 0.53
C PHE A 89 -10.77 -4.45 0.21
N ARG A 90 -10.71 -4.76 -1.04
CA ARG A 90 -10.75 -6.20 -1.48
C ARG A 90 -9.57 -6.97 -0.87
N VAL A 91 -8.42 -6.33 -0.78
CA VAL A 91 -7.22 -7.03 -0.22
C VAL A 91 -7.43 -7.31 1.29
N PHE A 92 -7.88 -6.33 2.03
CA PHE A 92 -8.10 -6.55 3.49
C PHE A 92 -9.26 -7.52 3.73
N ASP A 93 -10.29 -7.44 2.91
CA ASP A 93 -11.45 -8.37 3.07
C ASP A 93 -11.07 -9.73 2.49
N LYS A 94 -10.32 -10.53 3.22
CA LYS A 94 -9.90 -11.86 2.70
C LYS A 94 -11.13 -12.73 2.40
N ASP A 95 -12.09 -12.74 3.28
CA ASP A 95 -13.32 -13.55 3.06
C ASP A 95 -14.28 -12.83 2.09
N GLY A 96 -14.11 -11.54 1.93
CA GLY A 96 -14.98 -10.77 1.00
C GLY A 96 -16.43 -10.80 1.48
N ASN A 97 -16.64 -10.94 2.77
CA ASN A 97 -18.03 -10.98 3.30
C ASN A 97 -18.69 -9.59 3.23
N GLY A 98 -17.94 -8.55 2.93
CA GLY A 98 -18.54 -7.19 2.83
C GLY A 98 -18.20 -6.38 4.09
N TYR A 99 -17.84 -7.04 5.17
CA TYR A 99 -17.50 -6.30 6.42
C TYR A 99 -16.05 -6.64 6.81
N ILE A 100 -15.29 -5.67 7.25
CA ILE A 100 -13.86 -5.95 7.63
C ILE A 100 -13.77 -6.28 9.11
N SER A 101 -13.29 -7.44 9.43
CA SER A 101 -13.15 -7.86 10.85
C SER A 101 -11.77 -7.50 11.39
N ALA A 102 -11.58 -7.63 12.68
CA ALA A 102 -10.25 -7.30 13.30
C ALA A 102 -9.23 -8.36 12.90
N ALA A 103 -9.66 -9.59 12.82
CA ALA A 103 -8.73 -10.70 12.43
C ALA A 103 -8.23 -10.46 11.00
N GLU A 104 -9.08 -10.00 10.12
CA GLU A 104 -8.64 -9.75 8.71
C GLU A 104 -7.58 -8.66 8.65
N LEU A 105 -7.75 -7.64 9.44
CA LEU A 105 -6.76 -6.52 9.48
C LEU A 105 -5.42 -7.04 9.99
N ARG A 106 -5.46 -7.90 10.97
CA ARG A 106 -4.21 -8.47 11.55
C ARG A 106 -3.45 -9.31 10.50
N HIS A 107 -4.16 -9.91 9.59
CA HIS A 107 -3.46 -10.75 8.55
C HIS A 107 -2.47 -9.91 7.74
N VAL A 108 -2.89 -8.75 7.29
CA VAL A 108 -1.98 -7.87 6.48
C VAL A 108 -0.92 -7.19 7.37
N MET A 109 -1.28 -6.83 8.58
CA MET A 109 -0.31 -6.15 9.47
C MET A 109 0.91 -7.06 9.72
N THR A 110 0.68 -8.29 10.07
CA THR A 110 1.81 -9.23 10.31
C THR A 110 2.52 -9.56 9.00
N ASN A 111 1.76 -9.74 7.95
CA ASN A 111 2.38 -10.05 6.63
C ASN A 111 3.31 -8.91 6.24
N LEU A 112 2.93 -7.70 6.59
CA LEU A 112 3.78 -6.52 6.27
C LEU A 112 5.06 -6.53 7.13
N GLY A 113 4.94 -7.02 8.34
CA GLY A 113 6.13 -7.07 9.24
C GLY A 113 5.90 -6.15 10.46
N GLU A 114 4.66 -5.79 10.73
CA GLU A 114 4.37 -4.90 11.90
C GLU A 114 3.65 -5.70 12.99
N LYS A 115 4.10 -5.59 14.21
CA LYS A 115 3.45 -6.33 15.33
C LYS A 115 2.51 -5.40 16.12
N LEU A 116 1.24 -5.73 16.19
CA LEU A 116 0.27 -4.86 16.93
C LEU A 116 -0.66 -5.70 17.80
N THR A 117 -1.21 -5.11 18.82
CA THR A 117 -2.17 -5.85 19.70
C THR A 117 -3.54 -5.85 19.04
N ASP A 118 -4.40 -6.76 19.42
CA ASP A 118 -5.76 -6.79 18.83
C ASP A 118 -6.48 -5.48 19.17
N GLU A 119 -6.09 -4.85 20.25
CA GLU A 119 -6.71 -3.55 20.64
C GLU A 119 -6.30 -2.47 19.63
N GLU A 120 -5.11 -2.60 19.08
CA GLU A 120 -4.66 -1.61 18.07
C GLU A 120 -5.51 -1.73 16.82
N VAL A 121 -5.92 -2.93 16.50
CA VAL A 121 -6.76 -3.13 15.29
C VAL A 121 -8.18 -2.59 15.54
N ASP A 122 -8.69 -2.79 16.73
CA ASP A 122 -10.06 -2.33 17.07
C ASP A 122 -10.15 -0.82 16.90
N GLU A 123 -9.15 -0.11 17.38
CA GLU A 123 -9.15 1.36 17.25
C GLU A 123 -9.20 1.73 15.77
N MET A 124 -8.44 1.05 14.94
CA MET A 124 -8.45 1.40 13.48
C MET A 124 -9.90 1.35 12.97
N ILE A 125 -10.66 0.41 13.45
CA ILE A 125 -12.09 0.32 13.03
C ILE A 125 -12.84 1.56 13.52
N ARG A 126 -12.51 2.01 14.70
CA ARG A 126 -13.18 3.21 15.29
C ARG A 126 -13.05 4.43 14.38
N GLU A 127 -11.92 4.61 13.75
CA GLU A 127 -11.70 5.81 12.89
C GLU A 127 -12.72 5.87 11.75
N ALA A 128 -13.04 4.75 11.15
CA ALA A 128 -14.02 4.77 10.02
C ALA A 128 -15.38 4.19 10.44
N ASP A 129 -15.53 3.77 11.68
CA ASP A 129 -16.84 3.19 12.12
C ASP A 129 -17.69 4.24 12.86
N ILE A 130 -18.26 5.17 12.14
CA ILE A 130 -19.12 6.20 12.80
C ILE A 130 -20.38 5.55 13.37
N ASP A 131 -20.94 4.62 12.65
CA ASP A 131 -22.19 3.93 13.09
C ASP A 131 -21.99 3.23 14.45
N GLY A 132 -20.84 2.65 14.68
CA GLY A 132 -20.59 1.98 16.00
C GLY A 132 -20.93 0.48 15.93
N ASP A 133 -21.03 -0.08 14.75
CA ASP A 133 -21.34 -1.54 14.64
C ASP A 133 -20.08 -2.39 14.85
N GLY A 134 -18.92 -1.77 14.81
CA GLY A 134 -17.64 -2.52 15.02
C GLY A 134 -17.09 -3.06 13.70
N GLN A 135 -17.69 -2.74 12.59
CA GLN A 135 -17.17 -3.24 11.27
C GLN A 135 -17.19 -2.10 10.24
N VAL A 136 -16.20 -2.04 9.40
CA VAL A 136 -16.15 -0.95 8.37
C VAL A 136 -16.76 -1.45 7.06
N ASN A 137 -17.74 -0.74 6.55
CA ASN A 137 -18.38 -1.14 5.26
C ASN A 137 -17.77 -0.35 4.11
N TYR A 138 -18.22 -0.60 2.92
CA TYR A 138 -17.67 0.12 1.73
C TYR A 138 -17.96 1.63 1.83
N GLU A 139 -19.19 2.00 2.08
CA GLU A 139 -19.54 3.46 2.19
C GLU A 139 -18.79 4.13 3.36
N GLU A 140 -18.75 3.49 4.49
CA GLU A 140 -18.05 4.08 5.68
C GLU A 140 -16.55 4.15 5.41
N PHE A 141 -16.04 3.15 4.77
CA PHE A 141 -14.57 3.10 4.46
C PHE A 141 -14.15 4.29 3.59
N VAL A 142 -14.89 4.60 2.56
CA VAL A 142 -14.53 5.75 1.66
C VAL A 142 -14.73 7.09 2.38
N GLN A 143 -15.77 7.23 3.16
CA GLN A 143 -16.03 8.52 3.85
C GLN A 143 -14.86 8.89 4.77
N MET A 144 -14.40 7.96 5.56
CA MET A 144 -13.25 8.23 6.48
C MET A 144 -12.02 8.66 5.69
N MET A 145 -11.81 8.06 4.54
CA MET A 145 -10.63 8.44 3.70
C MET A 145 -10.80 9.87 3.19
N THR A 146 -11.99 10.23 2.81
CA THR A 146 -12.24 11.62 2.31
C THR A 146 -12.53 12.58 3.46
N ALA A 147 -12.47 12.13 4.69
CA ALA A 147 -12.74 13.04 5.85
C ALA A 147 -11.75 14.21 5.85
N LYS A 148 -12.22 15.40 6.13
CA LYS A 148 -11.32 16.59 6.15
C LYS A 148 -11.00 16.99 7.60
N GLY B 5 -5.00 8.25 13.71
CA GLY B 5 -5.10 8.13 12.23
C GLY B 5 -4.09 7.10 11.73
N GLY B 6 -3.65 7.21 10.50
CA GLY B 6 -2.66 6.24 9.95
C GLY B 6 -3.36 5.20 9.07
N PHE B 7 -4.66 5.02 9.24
CA PHE B 7 -5.38 4.00 8.40
C PHE B 7 -5.42 4.45 6.94
N ARG B 8 -5.63 5.72 6.70
CA ARG B 8 -5.69 6.24 5.30
C ARG B 8 -4.30 6.19 4.64
N ARG B 9 -3.27 6.52 5.38
CA ARG B 9 -1.89 6.52 4.80
C ARG B 9 -1.52 5.13 4.28
N ILE B 10 -1.88 4.10 4.99
CA ILE B 10 -1.54 2.72 4.54
C ILE B 10 -2.46 2.28 3.39
N ALA B 11 -3.66 2.81 3.34
CA ALA B 11 -4.61 2.41 2.25
C ALA B 11 -4.07 2.89 0.89
N ARG B 12 -3.52 4.08 0.84
CA ARG B 12 -3.00 4.61 -0.45
C ARG B 12 -1.91 3.70 -1.03
N LEU B 13 -1.04 3.19 -0.20
CA LEU B 13 0.05 2.29 -0.71
C LEU B 13 -0.54 1.02 -1.34
N VAL B 14 -1.56 0.48 -0.73
CA VAL B 14 -2.19 -0.77 -1.25
C VAL B 14 -2.81 -0.53 -2.63
N GLY B 15 -3.45 0.60 -2.83
CA GLY B 15 -4.11 0.88 -4.15
C GLY B 15 -3.07 0.80 -5.28
N VAL B 16 -1.88 1.30 -5.05
CA VAL B 16 -0.82 1.26 -6.11
C VAL B 16 -0.21 -0.15 -6.24
N LEU B 17 -0.44 -1.02 -5.28
CA LEU B 17 0.17 -2.39 -5.37
C LEU B 17 -0.31 -3.13 -6.63
N ARG B 18 -1.59 -3.17 -6.88
CA ARG B 18 -2.09 -3.90 -8.09
C ARG B 18 -1.66 -3.17 -9.37
N GLU B 19 -1.72 -1.86 -9.37
CA GLU B 19 -1.32 -1.08 -10.59
C GLU B 19 0.16 -1.38 -10.94
N TRP B 20 0.96 -1.66 -9.95
CA TRP B 20 2.41 -1.95 -10.19
C TRP B 20 2.55 -3.16 -11.11
N ALA B 21 1.83 -4.22 -10.84
CA ALA B 21 1.93 -5.45 -11.70
C ALA B 21 1.55 -5.11 -13.14
N TYR B 22 0.42 -4.49 -13.34
CA TYR B 22 -0.01 -4.13 -14.74
C TYR B 22 1.02 -3.19 -15.38
N ARG B 23 1.58 -2.31 -14.60
CA ARG B 23 2.61 -1.37 -15.15
C ARG B 23 3.97 -1.64 -14.52
N ALA A 1 11.53 28.55 -1.50
CA ALA A 1 12.30 27.55 -0.71
C ALA A 1 11.73 26.15 -0.89
N ASP A 2 10.43 26.01 -0.74
CA ASP A 2 9.80 24.65 -0.89
C ASP A 2 9.44 24.40 -2.35
N GLN A 3 10.41 24.01 -3.14
CA GLN A 3 10.14 23.74 -4.59
C GLN A 3 9.18 22.56 -4.71
N LEU A 4 9.37 21.58 -3.89
CA LEU A 4 8.51 20.37 -3.91
C LEU A 4 7.68 20.30 -2.63
N THR A 5 6.91 19.26 -2.47
CA THR A 5 6.08 19.11 -1.23
C THR A 5 6.56 17.88 -0.46
N GLU A 6 7.33 18.11 0.57
CA GLU A 6 7.87 16.98 1.38
C GLU A 6 6.78 16.36 2.29
N GLU A 7 5.64 16.99 2.41
CA GLU A 7 4.56 16.41 3.28
C GLU A 7 4.17 15.02 2.76
N GLN A 8 3.83 14.96 1.50
CA GLN A 8 3.46 13.65 0.89
C GLN A 8 4.67 12.70 0.83
N ILE A 9 5.83 13.25 0.55
CA ILE A 9 7.05 12.40 0.45
C ILE A 9 7.36 11.69 1.78
N ALA A 10 6.98 12.26 2.90
CA ALA A 10 7.24 11.58 4.22
C ALA A 10 6.52 10.25 4.26
N GLU A 11 5.34 10.19 3.71
CA GLU A 11 4.56 8.93 3.71
C GLU A 11 5.33 7.82 2.97
N PHE A 12 5.84 8.13 1.81
CA PHE A 12 6.63 7.13 1.02
C PHE A 12 7.95 6.80 1.72
N LYS A 13 8.43 7.69 2.54
CA LYS A 13 9.70 7.44 3.27
C LYS A 13 9.48 6.32 4.29
N GLU A 14 8.48 6.48 5.13
CA GLU A 14 8.20 5.45 6.17
C GLU A 14 7.99 4.07 5.54
N ALA A 15 7.17 3.98 4.52
CA ALA A 15 6.93 2.65 3.86
C ALA A 15 8.18 2.16 3.11
N PHE A 16 9.08 3.04 2.77
CA PHE A 16 10.29 2.62 2.00
C PHE A 16 11.11 1.58 2.80
N SER A 17 11.37 1.83 4.05
CA SER A 17 12.12 0.83 4.88
C SER A 17 11.29 -0.45 4.98
N LEU A 18 10.00 -0.28 5.14
CA LEU A 18 9.09 -1.45 5.25
C LEU A 18 9.12 -2.23 3.94
N PHE A 19 9.16 -1.54 2.83
CA PHE A 19 9.23 -2.22 1.51
C PHE A 19 10.61 -2.87 1.34
N ASP A 20 11.63 -2.24 1.88
CA ASP A 20 13.00 -2.82 1.79
C ASP A 20 13.28 -3.68 3.01
N LYS A 21 13.04 -4.97 2.92
CA LYS A 21 13.27 -5.88 4.08
C LYS A 21 14.73 -5.85 4.56
N ASP A 22 15.68 -5.75 3.66
CA ASP A 22 17.11 -5.78 4.09
C ASP A 22 17.56 -4.44 4.66
N GLY A 23 16.75 -3.41 4.53
CA GLY A 23 17.16 -2.08 5.07
C GLY A 23 18.47 -1.63 4.38
N ASP A 24 18.75 -2.16 3.21
CA ASP A 24 19.98 -1.76 2.49
C ASP A 24 19.74 -0.49 1.67
N GLY A 25 18.50 -0.05 1.56
CA GLY A 25 18.21 1.20 0.80
C GLY A 25 17.69 0.89 -0.61
N THR A 26 17.44 -0.36 -0.94
CA THR A 26 16.95 -0.67 -2.33
C THR A 26 16.00 -1.87 -2.35
N ILE A 27 14.99 -1.81 -3.19
CA ILE A 27 14.03 -2.96 -3.31
C ILE A 27 14.40 -3.78 -4.54
N THR A 28 14.62 -5.05 -4.36
CA THR A 28 14.99 -5.93 -5.51
C THR A 28 13.78 -6.73 -6.00
N THR A 29 13.64 -6.88 -7.29
CA THR A 29 12.47 -7.63 -7.88
C THR A 29 12.15 -8.91 -7.10
N LYS A 30 13.15 -9.54 -6.54
CA LYS A 30 12.89 -10.77 -5.74
C LYS A 30 12.07 -10.42 -4.49
N GLU A 31 12.50 -9.42 -3.78
CA GLU A 31 11.81 -9.01 -2.52
C GLU A 31 10.33 -8.61 -2.80
N LEU A 32 10.11 -7.70 -3.71
CA LEU A 32 8.71 -7.26 -4.03
C LEU A 32 7.87 -8.43 -4.53
N GLY A 33 8.47 -9.32 -5.27
CA GLY A 33 7.70 -10.49 -5.82
C GLY A 33 7.03 -11.26 -4.67
N THR A 34 7.65 -11.28 -3.52
CA THR A 34 7.07 -12.02 -2.36
C THR A 34 5.91 -11.24 -1.74
N VAL A 35 6.05 -9.94 -1.61
CA VAL A 35 4.95 -9.13 -0.99
C VAL A 35 3.69 -9.22 -1.86
N MET A 36 3.80 -8.81 -3.11
CA MET A 36 2.62 -8.89 -4.03
C MET A 36 2.10 -10.33 -4.13
N ARG A 37 2.92 -11.30 -3.80
CA ARG A 37 2.48 -12.73 -3.84
C ARG A 37 1.28 -12.93 -2.89
N SER A 38 1.34 -12.29 -1.76
CA SER A 38 0.25 -12.41 -0.73
C SER A 38 -1.04 -11.72 -1.20
N LEU A 39 -0.96 -10.87 -2.18
CA LEU A 39 -2.19 -10.18 -2.68
C LEU A 39 -2.80 -10.94 -3.85
N GLY A 40 -2.11 -11.92 -4.39
CA GLY A 40 -2.66 -12.70 -5.52
C GLY A 40 -1.56 -13.62 -6.09
N GLN A 41 -0.48 -13.05 -6.57
CA GLN A 41 0.62 -13.89 -7.12
C GLN A 41 1.89 -13.05 -7.34
N ASN A 42 2.96 -13.71 -7.67
CA ASN A 42 4.24 -12.99 -7.92
C ASN A 42 4.70 -13.23 -9.38
N PRO A 43 5.17 -12.19 -10.05
CA PRO A 43 5.63 -12.33 -11.45
C PRO A 43 6.93 -13.15 -11.50
N THR A 44 7.80 -12.88 -12.46
CA THR A 44 9.09 -13.65 -12.55
C THR A 44 10.24 -12.70 -12.86
N GLU A 45 11.45 -13.13 -12.59
CA GLU A 45 12.65 -12.28 -12.83
C GLU A 45 12.70 -11.74 -14.26
N ALA A 46 12.08 -12.40 -15.20
CA ALA A 46 12.06 -11.87 -16.60
C ALA A 46 11.17 -10.63 -16.65
N GLU A 47 9.93 -10.81 -16.30
CA GLU A 47 8.96 -9.67 -16.31
C GLU A 47 9.36 -8.66 -15.24
N LEU A 48 9.82 -9.13 -14.11
CA LEU A 48 10.25 -8.20 -13.02
C LEU A 48 11.33 -7.26 -13.54
N GLN A 49 12.18 -7.75 -14.41
CA GLN A 49 13.28 -6.91 -14.95
C GLN A 49 12.72 -5.72 -15.73
N ASP A 50 11.68 -5.94 -16.50
CA ASP A 50 11.07 -4.83 -17.30
C ASP A 50 10.48 -3.74 -16.39
N MET A 51 9.83 -4.13 -15.32
CA MET A 51 9.23 -3.13 -14.40
C MET A 51 10.32 -2.20 -13.85
N ILE A 52 11.42 -2.78 -13.48
CA ILE A 52 12.57 -1.99 -12.95
C ILE A 52 13.15 -1.08 -14.05
N ASN A 53 13.21 -1.58 -15.26
CA ASN A 53 13.80 -0.77 -16.37
C ASN A 53 13.05 0.55 -16.58
N GLU A 54 11.74 0.53 -16.50
CA GLU A 54 10.95 1.79 -16.69
C GLU A 54 11.23 2.77 -15.53
N VAL A 55 11.55 2.26 -14.38
CA VAL A 55 11.82 3.14 -13.20
C VAL A 55 13.33 3.35 -12.97
N ASP A 56 14.17 2.61 -13.65
CA ASP A 56 15.64 2.77 -13.43
C ASP A 56 16.15 4.09 -14.01
N ALA A 57 16.24 5.10 -13.18
CA ALA A 57 16.75 6.41 -13.66
C ALA A 57 18.20 6.27 -14.09
N ASP A 58 18.98 5.49 -13.36
CA ASP A 58 20.41 5.31 -13.71
C ASP A 58 20.61 4.08 -14.61
N GLY A 59 19.75 3.10 -14.47
CA GLY A 59 19.88 1.88 -15.32
C GLY A 59 20.70 0.81 -14.60
N ASN A 60 20.83 0.90 -13.31
CA ASN A 60 21.63 -0.11 -12.54
C ASN A 60 20.85 -1.43 -12.43
N GLY A 61 19.55 -1.36 -12.35
CA GLY A 61 18.73 -2.60 -12.26
C GLY A 61 17.93 -2.64 -10.95
N THR A 62 17.97 -1.59 -10.17
CA THR A 62 17.21 -1.59 -8.88
C THR A 62 16.49 -0.27 -8.65
N ILE A 63 15.64 -0.23 -7.66
CA ILE A 63 14.84 1.01 -7.39
C ILE A 63 15.38 1.74 -6.17
N ASP A 64 15.79 2.97 -6.35
CA ASP A 64 16.34 3.76 -5.21
C ASP A 64 15.25 4.71 -4.68
N PHE A 65 15.46 5.27 -3.51
CA PHE A 65 14.45 6.20 -2.91
C PHE A 65 13.99 7.29 -3.91
N PRO A 66 14.92 7.96 -4.56
CA PRO A 66 14.51 9.03 -5.52
C PRO A 66 13.72 8.44 -6.70
N GLU A 67 14.06 7.26 -7.14
CA GLU A 67 13.30 6.65 -8.29
C GLU A 67 11.90 6.24 -7.83
N PHE A 68 11.78 5.71 -6.64
CA PHE A 68 10.44 5.29 -6.11
C PHE A 68 9.48 6.47 -6.01
N LEU A 69 9.95 7.60 -5.52
CA LEU A 69 9.05 8.79 -5.37
C LEU A 69 8.57 9.30 -6.74
N THR A 70 9.45 9.35 -7.70
CA THR A 70 9.07 9.85 -9.05
C THR A 70 8.00 8.94 -9.68
N MET A 71 8.11 7.65 -9.52
CA MET A 71 7.12 6.71 -10.13
C MET A 71 5.73 6.83 -9.49
N MET A 72 5.66 6.97 -8.19
CA MET A 72 4.33 7.07 -7.52
C MET A 72 3.56 8.29 -8.00
N ALA A 73 4.21 9.42 -8.08
CA ALA A 73 3.54 10.66 -8.53
C ALA A 73 3.03 10.54 -9.96
N ARG A 74 3.72 9.79 -10.78
CA ARG A 74 3.30 9.61 -12.21
C ARG A 74 2.04 8.71 -12.27
N LYS A 75 2.00 7.68 -11.46
CA LYS A 75 0.84 6.75 -11.47
C LYS A 75 -0.47 7.43 -11.07
N MET A 76 -0.44 8.31 -10.10
CA MET A 76 -1.69 8.99 -9.65
C MET A 76 -2.35 9.74 -10.81
N LYS A 77 -1.56 10.26 -11.70
CA LYS A 77 -2.11 11.02 -12.87
C LYS A 77 -2.85 10.07 -13.83
N ASP A 78 -2.15 9.07 -14.30
CA ASP A 78 -2.77 8.10 -15.25
C ASP A 78 -3.82 7.25 -14.54
N THR A 79 -3.56 6.93 -13.31
CA THR A 79 -4.51 6.08 -12.53
C THR A 79 -5.60 6.95 -11.88
N ASP A 80 -6.45 6.38 -11.07
CA ASP A 80 -7.53 7.16 -10.41
C ASP A 80 -7.61 6.79 -8.93
N SER A 81 -8.01 7.73 -8.11
CA SER A 81 -8.12 7.45 -6.65
C SER A 81 -9.21 6.41 -6.41
N GLU A 82 -10.24 6.44 -7.21
CA GLU A 82 -11.34 5.45 -7.06
C GLU A 82 -10.80 4.04 -7.33
N GLU A 83 -9.86 3.95 -8.23
CA GLU A 83 -9.26 2.63 -8.58
C GLU A 83 -8.41 2.10 -7.42
N GLU A 84 -7.68 2.97 -6.77
CA GLU A 84 -6.84 2.53 -5.61
C GLU A 84 -7.75 2.01 -4.48
N ILE A 85 -8.88 2.63 -4.30
CA ILE A 85 -9.83 2.18 -3.22
C ILE A 85 -10.34 0.76 -3.49
N ARG A 86 -10.83 0.50 -4.68
CA ARG A 86 -11.38 -0.86 -4.98
C ARG A 86 -10.32 -1.95 -4.74
N GLU A 87 -9.10 -1.68 -5.10
CA GLU A 87 -8.01 -2.70 -4.91
C GLU A 87 -7.67 -2.88 -3.41
N ALA A 88 -7.64 -1.82 -2.66
CA ALA A 88 -7.29 -1.90 -1.20
C ALA A 88 -8.34 -2.70 -0.40
N PHE A 89 -9.60 -2.38 -0.56
CA PHE A 89 -10.66 -3.12 0.20
C PHE A 89 -10.61 -4.60 -0.19
N ARG A 90 -10.40 -4.86 -1.44
CA ARG A 90 -10.34 -6.27 -1.94
C ARG A 90 -9.20 -7.04 -1.25
N VAL A 91 -8.09 -6.40 -0.99
CA VAL A 91 -6.95 -7.10 -0.33
C VAL A 91 -7.27 -7.43 1.14
N PHE A 92 -7.67 -6.44 1.91
CA PHE A 92 -8.00 -6.70 3.35
C PHE A 92 -9.19 -7.65 3.47
N ASP A 93 -10.18 -7.50 2.63
CA ASP A 93 -11.37 -8.41 2.68
C ASP A 93 -11.05 -9.73 1.96
N LYS A 94 -10.23 -10.56 2.54
CA LYS A 94 -9.88 -11.86 1.87
C LYS A 94 -11.16 -12.71 1.70
N ASP A 95 -11.99 -12.74 2.71
CA ASP A 95 -13.26 -13.53 2.61
C ASP A 95 -14.27 -12.85 1.68
N GLY A 96 -14.13 -11.57 1.49
CA GLY A 96 -15.07 -10.83 0.57
C GLY A 96 -16.48 -10.80 1.19
N ASN A 97 -16.58 -10.91 2.49
CA ASN A 97 -17.93 -10.89 3.14
C ASN A 97 -18.56 -9.49 3.09
N GLY A 98 -17.80 -8.47 2.74
CA GLY A 98 -18.37 -7.10 2.68
C GLY A 98 -18.03 -6.31 3.95
N TYR A 99 -17.63 -7.00 5.01
CA TYR A 99 -17.28 -6.29 6.28
C TYR A 99 -15.84 -6.65 6.67
N ILE A 100 -15.06 -5.69 7.08
CA ILE A 100 -13.65 -5.99 7.49
C ILE A 100 -13.60 -6.34 8.97
N SER A 101 -13.16 -7.50 9.28
CA SER A 101 -13.07 -7.95 10.70
C SER A 101 -11.70 -7.59 11.30
N ALA A 102 -11.56 -7.75 12.58
CA ALA A 102 -10.26 -7.44 13.25
C ALA A 102 -9.23 -8.50 12.85
N ALA A 103 -9.66 -9.72 12.70
CA ALA A 103 -8.72 -10.81 12.31
C ALA A 103 -8.14 -10.51 10.93
N GLU A 104 -8.93 -9.93 10.06
CA GLU A 104 -8.43 -9.61 8.68
C GLU A 104 -7.38 -8.49 8.73
N LEU A 105 -7.57 -7.52 9.58
CA LEU A 105 -6.60 -6.40 9.68
C LEU A 105 -5.26 -6.91 10.22
N ARG A 106 -5.31 -7.77 11.20
CA ARG A 106 -4.06 -8.32 11.81
C ARG A 106 -3.23 -9.06 10.75
N HIS A 107 -3.88 -9.77 9.87
CA HIS A 107 -3.14 -10.55 8.82
C HIS A 107 -2.27 -9.65 7.93
N VAL A 108 -2.79 -8.52 7.50
CA VAL A 108 -1.99 -7.62 6.59
C VAL A 108 -0.88 -6.90 7.35
N MET A 109 -1.18 -6.25 8.44
CA MET A 109 -0.13 -5.50 9.18
C MET A 109 1.00 -6.45 9.61
N THR A 110 0.65 -7.63 10.04
CA THR A 110 1.70 -8.61 10.45
C THR A 110 2.53 -9.00 9.24
N ASN A 111 1.88 -9.28 8.14
CA ASN A 111 2.62 -9.63 6.89
C ASN A 111 3.50 -8.44 6.50
N LEU A 112 3.02 -7.25 6.77
CA LEU A 112 3.81 -6.03 6.44
C LEU A 112 5.02 -5.92 7.38
N GLY A 113 4.86 -6.32 8.62
CA GLY A 113 5.99 -6.26 9.58
C GLY A 113 5.64 -5.33 10.75
N GLU A 114 4.37 -5.24 11.09
CA GLU A 114 3.96 -4.36 12.22
C GLU A 114 3.28 -5.20 13.30
N LYS A 115 3.74 -5.09 14.53
CA LYS A 115 3.13 -5.89 15.64
C LYS A 115 2.15 -5.03 16.45
N LEU A 116 0.91 -5.45 16.51
CA LEU A 116 -0.10 -4.68 17.29
C LEU A 116 -0.99 -5.64 18.10
N THR A 117 -1.56 -5.16 19.17
CA THR A 117 -2.46 -6.02 19.99
C THR A 117 -3.86 -5.99 19.38
N ASP A 118 -4.73 -6.87 19.80
CA ASP A 118 -6.11 -6.87 19.24
C ASP A 118 -6.80 -5.56 19.65
N GLU A 119 -6.36 -4.96 20.73
CA GLU A 119 -6.96 -3.67 21.18
C GLU A 119 -6.59 -2.56 20.19
N GLU A 120 -5.40 -2.64 19.65
CA GLU A 120 -4.95 -1.64 18.66
C GLU A 120 -5.82 -1.75 17.41
N VAL A 121 -6.19 -2.95 17.08
CA VAL A 121 -7.05 -3.17 15.87
C VAL A 121 -8.46 -2.62 16.12
N ASP A 122 -8.97 -2.80 17.30
CA ASP A 122 -10.35 -2.33 17.62
C ASP A 122 -10.47 -0.83 17.41
N GLU A 123 -9.52 -0.08 17.91
CA GLU A 123 -9.58 1.40 17.75
C GLU A 123 -9.59 1.74 16.27
N MET A 124 -8.81 1.06 15.48
CA MET A 124 -8.77 1.38 14.01
C MET A 124 -10.20 1.32 13.45
N ILE A 125 -10.96 0.36 13.88
CA ILE A 125 -12.37 0.24 13.40
C ILE A 125 -13.18 1.45 13.88
N ARG A 126 -12.93 1.91 15.08
CA ARG A 126 -13.68 3.06 15.65
C ARG A 126 -13.53 4.32 14.78
N GLU A 127 -12.35 4.57 14.28
CA GLU A 127 -12.12 5.80 13.46
C GLU A 127 -12.99 5.82 12.21
N ALA A 128 -13.17 4.71 11.55
CA ALA A 128 -14.00 4.69 10.30
C ALA A 128 -15.40 4.14 10.58
N ASP A 129 -15.60 3.46 11.69
CA ASP A 129 -16.95 2.91 11.98
C ASP A 129 -17.82 3.95 12.67
N ILE A 130 -18.30 4.92 11.93
CA ILE A 130 -19.17 5.97 12.51
C ILE A 130 -20.49 5.36 13.00
N ASP A 131 -21.03 4.43 12.27
CA ASP A 131 -22.31 3.78 12.66
C ASP A 131 -22.17 3.11 14.04
N GLY A 132 -21.05 2.49 14.31
CA GLY A 132 -20.85 1.84 15.63
C GLY A 132 -21.18 0.34 15.56
N ASP A 133 -21.26 -0.23 14.39
CA ASP A 133 -21.58 -1.68 14.29
C ASP A 133 -20.30 -2.52 14.50
N GLY A 134 -19.15 -1.88 14.52
CA GLY A 134 -17.88 -2.62 14.76
C GLY A 134 -17.26 -3.12 13.44
N GLN A 135 -17.84 -2.80 12.32
CA GLN A 135 -17.29 -3.28 11.02
C GLN A 135 -17.26 -2.14 10.00
N VAL A 136 -16.17 -2.02 9.28
CA VAL A 136 -16.08 -0.93 8.25
C VAL A 136 -16.56 -1.43 6.89
N ASN A 137 -17.58 -0.81 6.35
CA ASN A 137 -18.11 -1.24 5.03
C ASN A 137 -17.51 -0.38 3.92
N TYR A 138 -17.96 -0.58 2.71
CA TYR A 138 -17.44 0.21 1.55
C TYR A 138 -17.70 1.70 1.78
N GLU A 139 -18.92 2.07 2.11
CA GLU A 139 -19.24 3.52 2.34
C GLU A 139 -18.40 4.11 3.47
N GLU A 140 -18.26 3.40 4.56
CA GLU A 140 -17.45 3.92 5.71
C GLU A 140 -16.01 4.10 5.27
N PHE A 141 -15.54 3.17 4.48
CA PHE A 141 -14.13 3.22 3.99
C PHE A 141 -13.88 4.51 3.18
N VAL A 142 -14.81 4.90 2.35
CA VAL A 142 -14.63 6.14 1.52
C VAL A 142 -14.64 7.39 2.41
N GLN A 143 -15.49 7.43 3.41
CA GLN A 143 -15.55 8.63 4.30
C GLN A 143 -14.20 8.84 5.00
N MET A 144 -13.57 7.78 5.42
CA MET A 144 -12.26 7.91 6.12
C MET A 144 -11.22 8.58 5.21
N MET A 145 -11.21 8.25 3.95
CA MET A 145 -10.25 8.91 3.01
C MET A 145 -10.73 10.31 2.66
N THR A 146 -12.03 10.48 2.57
CA THR A 146 -12.60 11.82 2.21
C THR A 146 -12.92 12.64 3.47
N ALA A 147 -12.26 12.35 4.57
CA ALA A 147 -12.54 13.11 5.83
C ALA A 147 -12.24 14.60 5.62
N LYS A 148 -11.19 14.92 4.93
CA LYS A 148 -10.83 16.35 4.69
C LYS A 148 -11.31 16.79 3.30
N GLY B 5 -3.39 7.43 14.30
CA GLY B 5 -4.13 6.39 13.52
C GLY B 5 -3.28 5.94 12.33
N GLY B 6 -3.40 6.63 11.22
CA GLY B 6 -2.60 6.26 10.01
C GLY B 6 -3.28 5.11 9.25
N PHE B 7 -4.48 4.72 9.63
CA PHE B 7 -5.18 3.62 8.91
C PHE B 7 -5.37 4.02 7.44
N ARG B 8 -5.86 5.21 7.22
CA ARG B 8 -6.09 5.69 5.82
C ARG B 8 -4.78 5.74 5.03
N ARG B 9 -3.71 6.14 5.65
CA ARG B 9 -2.40 6.23 4.91
C ARG B 9 -1.99 4.85 4.37
N ILE B 10 -2.21 3.81 5.14
CA ILE B 10 -1.84 2.44 4.68
C ILE B 10 -2.75 2.00 3.53
N ALA B 11 -4.02 2.31 3.63
CA ALA B 11 -4.98 1.89 2.55
C ALA B 11 -4.58 2.49 1.20
N ARG B 12 -4.23 3.74 1.16
CA ARG B 12 -3.83 4.37 -0.14
C ARG B 12 -2.61 3.67 -0.74
N LEU B 13 -1.66 3.31 0.09
CA LEU B 13 -0.44 2.61 -0.42
C LEU B 13 -0.83 1.27 -1.07
N VAL B 14 -1.75 0.57 -0.47
CA VAL B 14 -2.20 -0.74 -1.02
C VAL B 14 -2.80 -0.53 -2.43
N GLY B 15 -3.55 0.52 -2.61
CA GLY B 15 -4.16 0.79 -3.96
C GLY B 15 -3.08 0.79 -5.04
N VAL B 16 -1.91 1.29 -4.71
CA VAL B 16 -0.79 1.33 -5.70
C VAL B 16 -0.15 -0.07 -5.82
N LEU B 17 -0.18 -0.84 -4.77
CA LEU B 17 0.44 -2.22 -4.81
C LEU B 17 -0.19 -3.10 -5.89
N ARG B 18 -1.48 -3.20 -5.91
CA ARG B 18 -2.16 -4.06 -6.92
C ARG B 18 -1.85 -3.61 -8.35
N GLU B 19 -1.82 -2.33 -8.58
CA GLU B 19 -1.54 -1.80 -9.96
C GLU B 19 -0.16 -2.28 -10.45
N TRP B 20 0.79 -2.38 -9.56
CA TRP B 20 2.16 -2.83 -9.98
C TRP B 20 2.09 -4.23 -10.60
N ALA B 21 1.30 -5.11 -10.05
CA ALA B 21 1.19 -6.49 -10.62
C ALA B 21 0.70 -6.43 -12.07
N TYR B 22 -0.36 -5.69 -12.33
CA TYR B 22 -0.88 -5.58 -13.73
C TYR B 22 0.21 -4.99 -14.63
N ARG B 23 0.93 -4.02 -14.12
CA ARG B 23 2.02 -3.39 -14.90
C ARG B 23 3.29 -4.25 -14.83
N ALA A 1 10.38 25.47 2.75
CA ALA A 1 9.69 24.34 3.44
C ALA A 1 8.19 24.36 3.13
N ASP A 2 7.51 25.39 3.55
CA ASP A 2 6.04 25.49 3.28
C ASP A 2 5.78 25.69 1.79
N GLN A 3 6.64 26.41 1.15
CA GLN A 3 6.48 26.69 -0.31
C GLN A 3 6.50 25.38 -1.10
N LEU A 4 7.35 24.48 -0.72
CA LEU A 4 7.43 23.17 -1.46
C LEU A 4 6.47 22.15 -0.85
N THR A 5 6.45 20.96 -1.38
CA THR A 5 5.55 19.89 -0.84
C THR A 5 6.37 18.83 -0.11
N GLU A 6 7.51 19.21 0.40
CA GLU A 6 8.39 18.23 1.13
C GLU A 6 7.64 17.53 2.28
N GLU A 7 6.50 18.03 2.68
CA GLU A 7 5.74 17.36 3.79
C GLU A 7 5.32 15.95 3.35
N GLN A 8 4.86 15.81 2.13
CA GLN A 8 4.43 14.47 1.63
C GLN A 8 5.63 13.52 1.60
N ILE A 9 6.77 14.05 1.26
CA ILE A 9 8.00 13.20 1.18
C ILE A 9 8.27 12.50 2.52
N ALA A 10 7.88 13.08 3.63
CA ALA A 10 8.11 12.42 4.95
C ALA A 10 7.30 11.12 5.03
N GLU A 11 6.10 11.12 4.52
CA GLU A 11 5.26 9.89 4.58
C GLU A 11 5.95 8.75 3.84
N PHE A 12 6.52 9.06 2.70
CA PHE A 12 7.24 8.01 1.91
C PHE A 12 8.46 7.48 2.69
N LYS A 13 8.95 8.21 3.65
CA LYS A 13 10.12 7.72 4.44
C LYS A 13 9.69 6.50 5.25
N GLU A 14 8.52 6.56 5.80
CA GLU A 14 8.00 5.44 6.63
C GLU A 14 7.82 4.17 5.79
N ALA A 15 7.03 4.23 4.75
CA ALA A 15 6.77 3.01 3.91
C ALA A 15 8.04 2.48 3.25
N PHE A 16 9.03 3.31 3.00
CA PHE A 16 10.25 2.79 2.31
C PHE A 16 10.91 1.66 3.12
N SER A 17 11.10 1.84 4.40
CA SER A 17 11.71 0.74 5.22
C SER A 17 10.82 -0.49 5.19
N LEU A 18 9.53 -0.28 5.20
CA LEU A 18 8.56 -1.42 5.15
C LEU A 18 8.78 -2.22 3.86
N PHE A 19 9.03 -1.53 2.79
CA PHE A 19 9.26 -2.21 1.48
C PHE A 19 10.65 -2.85 1.44
N ASP A 20 11.63 -2.20 2.01
CA ASP A 20 13.01 -2.77 2.00
C ASP A 20 13.27 -3.57 3.28
N LYS A 21 13.12 -4.87 3.22
CA LYS A 21 13.34 -5.71 4.44
C LYS A 21 14.81 -5.66 4.88
N ASP A 22 15.73 -5.53 3.95
CA ASP A 22 17.18 -5.53 4.33
C ASP A 22 17.61 -4.15 4.86
N GLY A 23 16.78 -3.15 4.74
CA GLY A 23 17.17 -1.79 5.23
C GLY A 23 18.48 -1.36 4.56
N ASP A 24 18.75 -1.87 3.38
CA ASP A 24 20.00 -1.49 2.68
C ASP A 24 19.78 -0.24 1.80
N GLY A 25 18.55 0.20 1.66
CA GLY A 25 18.28 1.43 0.85
C GLY A 25 17.80 1.08 -0.56
N THR A 26 17.62 -0.18 -0.90
CA THR A 26 17.17 -0.52 -2.29
C THR A 26 16.20 -1.71 -2.31
N ILE A 27 15.20 -1.64 -3.16
CA ILE A 27 14.21 -2.76 -3.25
C ILE A 27 14.53 -3.62 -4.47
N THR A 28 14.79 -4.89 -4.26
CA THR A 28 15.11 -5.81 -5.40
C THR A 28 13.91 -6.66 -5.76
N THR A 29 13.69 -6.91 -7.05
CA THR A 29 12.50 -7.70 -7.50
C THR A 29 12.22 -8.92 -6.60
N LYS A 30 13.24 -9.47 -6.00
CA LYS A 30 13.01 -10.64 -5.09
C LYS A 30 12.15 -10.19 -3.89
N GLU A 31 12.58 -9.14 -3.24
CA GLU A 31 11.85 -8.63 -2.04
C GLU A 31 10.40 -8.24 -2.39
N LEU A 32 10.20 -7.40 -3.37
CA LEU A 32 8.81 -6.96 -3.72
C LEU A 32 7.94 -8.15 -4.11
N GLY A 33 8.51 -9.12 -4.78
CA GLY A 33 7.72 -10.32 -5.19
C GLY A 33 7.01 -10.93 -3.97
N THR A 34 7.60 -10.81 -2.81
CA THR A 34 6.96 -11.36 -1.58
C THR A 34 5.71 -10.55 -1.22
N VAL A 35 5.77 -9.24 -1.34
CA VAL A 35 4.58 -8.39 -1.00
C VAL A 35 3.42 -8.72 -1.95
N MET A 36 3.67 -8.63 -3.23
CA MET A 36 2.60 -8.92 -4.24
C MET A 36 2.10 -10.36 -4.06
N ARG A 37 2.95 -11.24 -3.60
CA ARG A 37 2.52 -12.65 -3.37
C ARG A 37 1.39 -12.67 -2.35
N SER A 38 1.58 -12.00 -1.24
CA SER A 38 0.52 -11.94 -0.18
C SER A 38 -0.65 -11.07 -0.66
N LEU A 39 -0.45 -10.25 -1.66
CA LEU A 39 -1.56 -9.39 -2.16
C LEU A 39 -2.41 -10.15 -3.19
N GLY A 40 -1.86 -11.18 -3.79
CA GLY A 40 -2.65 -11.95 -4.80
C GLY A 40 -1.76 -12.95 -5.54
N GLN A 41 -0.59 -12.54 -5.99
CA GLN A 41 0.29 -13.49 -6.73
C GLN A 41 1.74 -13.02 -6.77
N ASN A 42 2.62 -13.94 -7.02
CA ASN A 42 4.07 -13.59 -7.13
C ASN A 42 4.54 -13.84 -8.57
N PRO A 43 4.74 -12.76 -9.32
CA PRO A 43 5.20 -12.89 -10.73
C PRO A 43 6.58 -13.57 -10.80
N THR A 44 7.38 -13.25 -11.79
CA THR A 44 8.72 -13.92 -11.91
C THR A 44 9.81 -12.92 -12.28
N GLU A 45 11.04 -13.28 -12.03
CA GLU A 45 12.19 -12.38 -12.33
C GLU A 45 12.19 -11.92 -13.79
N ALA A 46 11.53 -12.62 -14.67
CA ALA A 46 11.45 -12.17 -16.09
C ALA A 46 10.56 -10.92 -16.15
N GLU A 47 9.35 -11.09 -15.71
CA GLU A 47 8.38 -9.96 -15.71
C GLU A 47 8.83 -8.91 -14.70
N LEU A 48 9.34 -9.33 -13.57
CA LEU A 48 9.82 -8.36 -12.55
C LEU A 48 10.90 -7.47 -13.15
N GLN A 49 11.68 -8.01 -14.04
CA GLN A 49 12.77 -7.22 -14.68
C GLN A 49 12.19 -6.08 -15.51
N ASP A 50 11.11 -6.33 -16.20
CA ASP A 50 10.48 -5.26 -17.05
C ASP A 50 9.95 -4.11 -16.17
N MET A 51 9.36 -4.44 -15.05
CA MET A 51 8.81 -3.39 -14.15
C MET A 51 9.95 -2.48 -13.68
N ILE A 52 11.07 -3.05 -13.32
CA ILE A 52 12.23 -2.24 -12.86
C ILE A 52 12.80 -1.40 -14.01
N ASN A 53 12.80 -1.93 -15.21
CA ASN A 53 13.38 -1.19 -16.37
C ASN A 53 12.64 0.14 -16.57
N GLU A 54 11.33 0.15 -16.46
CA GLU A 54 10.56 1.42 -16.64
C GLU A 54 10.80 2.39 -15.47
N VAL A 55 11.12 1.87 -14.31
CA VAL A 55 11.33 2.76 -13.13
C VAL A 55 12.83 3.02 -12.87
N ASP A 56 13.71 2.32 -13.53
CA ASP A 56 15.16 2.54 -13.29
C ASP A 56 15.61 3.88 -13.88
N ALA A 57 15.68 4.89 -13.06
CA ALA A 57 16.14 6.22 -13.56
C ALA A 57 17.62 6.16 -13.93
N ASP A 58 18.40 5.42 -13.15
CA ASP A 58 19.85 5.29 -13.44
C ASP A 58 20.11 4.09 -14.35
N GLY A 59 19.25 3.11 -14.30
CA GLY A 59 19.43 1.90 -15.17
C GLY A 59 20.27 0.83 -14.47
N ASN A 60 20.36 0.90 -13.17
CA ASN A 60 21.17 -0.12 -12.44
C ASN A 60 20.42 -1.46 -12.36
N GLY A 61 19.11 -1.40 -12.35
CA GLY A 61 18.30 -2.65 -12.28
C GLY A 61 17.50 -2.72 -10.96
N THR A 62 17.59 -1.71 -10.14
CA THR A 62 16.83 -1.74 -8.85
C THR A 62 16.13 -0.41 -8.61
N ILE A 63 15.24 -0.38 -7.65
CA ILE A 63 14.47 0.86 -7.38
C ILE A 63 15.01 1.55 -6.13
N ASP A 64 15.48 2.77 -6.26
CA ASP A 64 16.03 3.50 -5.09
C ASP A 64 14.96 4.44 -4.52
N PHE A 65 15.20 4.96 -3.34
CA PHE A 65 14.21 5.89 -2.70
C PHE A 65 13.71 6.98 -3.68
N PRO A 66 14.61 7.66 -4.36
CA PRO A 66 14.17 8.73 -5.29
C PRO A 66 13.39 8.15 -6.48
N GLU A 67 13.75 6.97 -6.94
CA GLU A 67 13.02 6.35 -8.08
C GLU A 67 11.62 5.87 -7.63
N PHE A 68 11.52 5.31 -6.46
CA PHE A 68 10.20 4.80 -5.96
C PHE A 68 9.17 5.93 -5.83
N LEU A 69 9.58 7.08 -5.35
CA LEU A 69 8.62 8.21 -5.16
C LEU A 69 8.16 8.77 -6.51
N THR A 70 9.05 8.90 -7.46
CA THR A 70 8.66 9.44 -8.79
C THR A 70 7.60 8.57 -9.47
N MET A 71 7.73 7.27 -9.35
CA MET A 71 6.75 6.34 -10.00
C MET A 71 5.35 6.43 -9.35
N MET A 72 5.27 6.31 -8.05
CA MET A 72 3.93 6.36 -7.36
C MET A 72 3.21 7.68 -7.61
N ALA A 73 3.89 8.78 -7.40
CA ALA A 73 3.24 10.11 -7.60
C ALA A 73 2.77 10.27 -9.05
N ARG A 74 3.52 9.73 -9.97
CA ARG A 74 3.12 9.80 -11.41
C ARG A 74 2.02 8.79 -11.70
N LYS A 75 2.17 7.59 -11.19
CA LYS A 75 1.17 6.51 -11.44
C LYS A 75 -0.22 6.88 -10.91
N MET A 76 -0.31 7.35 -9.69
CA MET A 76 -1.64 7.71 -9.11
C MET A 76 -2.32 8.79 -9.96
N LYS A 77 -1.56 9.71 -10.49
CA LYS A 77 -2.17 10.80 -11.33
C LYS A 77 -2.69 10.20 -12.62
N ASP A 78 -1.93 9.32 -13.21
CA ASP A 78 -2.35 8.66 -14.46
C ASP A 78 -3.53 7.73 -14.18
N THR A 79 -3.55 7.19 -12.99
CA THR A 79 -4.65 6.27 -12.59
C THR A 79 -5.75 7.06 -11.85
N ASP A 80 -6.75 6.39 -11.32
CA ASP A 80 -7.84 7.10 -10.58
C ASP A 80 -7.90 6.59 -9.14
N SER A 81 -8.16 7.48 -8.21
CA SER A 81 -8.24 7.05 -6.78
C SER A 81 -9.35 6.02 -6.60
N GLU A 82 -10.37 6.09 -7.42
CA GLU A 82 -11.48 5.09 -7.31
C GLU A 82 -10.93 3.68 -7.54
N GLU A 83 -9.99 3.58 -8.43
CA GLU A 83 -9.37 2.25 -8.72
C GLU A 83 -8.52 1.79 -7.54
N GLU A 84 -7.79 2.70 -6.94
CA GLU A 84 -6.92 2.33 -5.78
C GLU A 84 -7.77 1.86 -4.59
N ILE A 85 -8.89 2.49 -4.36
CA ILE A 85 -9.79 2.07 -3.23
C ILE A 85 -10.31 0.64 -3.45
N ARG A 86 -10.83 0.36 -4.61
CA ARG A 86 -11.38 -1.00 -4.88
C ARG A 86 -10.32 -2.09 -4.67
N GLU A 87 -9.10 -1.84 -5.08
CA GLU A 87 -8.02 -2.86 -4.91
C GLU A 87 -7.62 -3.04 -3.44
N ALA A 88 -7.55 -1.97 -2.69
CA ALA A 88 -7.16 -2.08 -1.25
C ALA A 88 -8.21 -2.83 -0.43
N PHE A 89 -9.46 -2.47 -0.60
CA PHE A 89 -10.56 -3.16 0.15
C PHE A 89 -10.57 -4.66 -0.17
N ARG A 90 -10.50 -5.00 -1.44
CA ARG A 90 -10.52 -6.44 -1.85
C ARG A 90 -9.34 -7.18 -1.24
N VAL A 91 -8.20 -6.54 -1.13
CA VAL A 91 -7.00 -7.22 -0.54
C VAL A 91 -7.26 -7.50 0.95
N PHE A 92 -7.76 -6.54 1.68
CA PHE A 92 -8.02 -6.75 3.14
C PHE A 92 -9.20 -7.71 3.36
N ASP A 93 -10.22 -7.61 2.54
CA ASP A 93 -11.40 -8.51 2.71
C ASP A 93 -11.08 -9.92 2.20
N LYS A 94 -10.36 -10.69 2.98
CA LYS A 94 -10.02 -12.08 2.56
C LYS A 94 -11.30 -12.90 2.31
N ASP A 95 -12.22 -12.85 3.24
CA ASP A 95 -13.50 -13.61 3.07
C ASP A 95 -14.46 -12.90 2.11
N GLY A 96 -14.25 -11.63 1.88
CA GLY A 96 -15.14 -10.87 0.94
C GLY A 96 -16.56 -10.83 1.51
N ASN A 97 -16.70 -10.89 2.80
CA ASN A 97 -18.07 -10.86 3.41
C ASN A 97 -18.69 -9.45 3.34
N GLY A 98 -17.92 -8.45 2.96
CA GLY A 98 -18.47 -7.07 2.88
C GLY A 98 -18.01 -6.24 4.08
N TYR A 99 -17.53 -6.88 5.12
CA TYR A 99 -17.05 -6.12 6.32
C TYR A 99 -15.65 -6.65 6.69
N ILE A 100 -14.75 -5.78 7.04
CA ILE A 100 -13.37 -6.24 7.40
C ILE A 100 -13.29 -6.56 8.90
N SER A 101 -12.89 -7.76 9.20
CA SER A 101 -12.78 -8.18 10.63
C SER A 101 -11.39 -7.84 11.18
N ALA A 102 -11.20 -7.99 12.46
CA ALA A 102 -9.87 -7.68 13.09
C ALA A 102 -8.84 -8.70 12.61
N ALA A 103 -9.24 -9.94 12.51
CA ALA A 103 -8.29 -10.99 12.05
C ALA A 103 -7.87 -10.71 10.60
N GLU A 104 -8.79 -10.24 9.79
CA GLU A 104 -8.46 -9.95 8.36
C GLU A 104 -7.45 -8.79 8.27
N LEU A 105 -7.62 -7.78 9.08
CA LEU A 105 -6.69 -6.61 9.05
C LEU A 105 -5.26 -7.06 9.42
N ARG A 106 -5.15 -7.84 10.46
CA ARG A 106 -3.80 -8.31 10.90
C ARG A 106 -3.12 -9.11 9.78
N HIS A 107 -3.89 -9.77 8.96
CA HIS A 107 -3.29 -10.59 7.85
C HIS A 107 -2.47 -9.72 6.89
N VAL A 108 -3.03 -8.63 6.42
CA VAL A 108 -2.28 -7.76 5.45
C VAL A 108 -1.17 -6.94 6.13
N MET A 109 -1.48 -6.23 7.18
CA MET A 109 -0.43 -5.39 7.85
C MET A 109 0.76 -6.26 8.26
N THR A 110 0.50 -7.41 8.80
CA THR A 110 1.61 -8.32 9.22
C THR A 110 2.39 -8.77 7.99
N ASN A 111 1.70 -9.19 6.96
CA ASN A 111 2.38 -9.62 5.71
C ASN A 111 3.16 -8.45 5.13
N LEU A 112 2.64 -7.26 5.29
CA LEU A 112 3.34 -6.06 4.76
C LEU A 112 4.61 -5.77 5.55
N GLY A 113 4.60 -6.05 6.83
CA GLY A 113 5.82 -5.80 7.67
C GLY A 113 5.45 -4.89 8.85
N GLU A 114 4.31 -5.12 9.46
CA GLU A 114 3.89 -4.29 10.61
C GLU A 114 3.28 -5.16 11.71
N LYS A 115 3.69 -4.97 12.95
CA LYS A 115 3.15 -5.80 14.07
C LYS A 115 2.19 -4.96 14.92
N LEU A 116 1.11 -5.55 15.38
CA LEU A 116 0.14 -4.80 16.23
C LEU A 116 -0.72 -5.76 17.05
N THR A 117 -1.27 -5.28 18.14
CA THR A 117 -2.13 -6.14 19.01
C THR A 117 -3.55 -6.14 18.48
N ASP A 118 -4.38 -7.03 18.98
CA ASP A 118 -5.80 -7.04 18.54
C ASP A 118 -6.46 -5.74 19.02
N GLU A 119 -5.95 -5.17 20.09
CA GLU A 119 -6.49 -3.87 20.60
C GLU A 119 -6.14 -2.76 19.62
N GLU A 120 -4.96 -2.83 19.07
CA GLU A 120 -4.52 -1.81 18.07
C GLU A 120 -5.44 -1.88 16.86
N VAL A 121 -5.77 -3.09 16.50
CA VAL A 121 -6.67 -3.30 15.32
C VAL A 121 -8.08 -2.77 15.63
N ASP A 122 -8.55 -2.98 16.83
CA ASP A 122 -9.92 -2.53 17.22
C ASP A 122 -10.04 -1.02 17.07
N GLU A 123 -9.06 -0.29 17.53
CA GLU A 123 -9.12 1.18 17.43
C GLU A 123 -9.21 1.59 15.96
N MET A 124 -8.47 0.92 15.10
CA MET A 124 -8.53 1.29 13.65
C MET A 124 -9.98 1.21 13.17
N ILE A 125 -10.71 0.24 13.65
CA ILE A 125 -12.15 0.12 13.26
C ILE A 125 -12.92 1.33 13.79
N ARG A 126 -12.57 1.76 14.97
CA ARG A 126 -13.25 2.91 15.63
C ARG A 126 -13.14 4.17 14.76
N GLU A 127 -12.01 4.38 14.16
CA GLU A 127 -11.81 5.61 13.32
C GLU A 127 -12.80 5.68 12.16
N ALA A 128 -13.10 4.57 11.52
CA ALA A 128 -14.04 4.61 10.37
C ALA A 128 -15.41 3.99 10.73
N ASP A 129 -15.52 3.33 11.86
CA ASP A 129 -16.83 2.71 12.23
C ASP A 129 -17.83 3.79 12.67
N ILE A 130 -18.28 4.60 11.75
CA ILE A 130 -19.25 5.67 12.10
C ILE A 130 -20.61 5.06 12.49
N ASP A 131 -21.05 4.04 11.79
CA ASP A 131 -22.36 3.42 12.11
C ASP A 131 -22.32 2.69 13.47
N GLY A 132 -21.15 2.28 13.91
CA GLY A 132 -21.04 1.59 15.23
C GLY A 132 -21.36 0.10 15.10
N ASP A 133 -21.19 -0.46 13.94
CA ASP A 133 -21.48 -1.92 13.76
C ASP A 133 -20.28 -2.78 14.22
N GLY A 134 -19.17 -2.14 14.49
CA GLY A 134 -17.96 -2.90 14.96
C GLY A 134 -17.08 -3.34 13.77
N GLN A 135 -17.51 -3.03 12.57
CA GLN A 135 -16.70 -3.43 11.38
C GLN A 135 -16.69 -2.28 10.37
N VAL A 136 -15.65 -2.16 9.59
CA VAL A 136 -15.58 -1.05 8.59
C VAL A 136 -16.13 -1.53 7.25
N ASN A 137 -17.18 -0.91 6.77
CA ASN A 137 -17.76 -1.31 5.47
C ASN A 137 -17.11 -0.53 4.33
N TYR A 138 -17.66 -0.66 3.17
CA TYR A 138 -17.11 0.06 1.98
C TYR A 138 -17.37 1.58 2.11
N GLU A 139 -18.53 1.95 2.58
CA GLU A 139 -18.86 3.42 2.72
C GLU A 139 -17.89 4.16 3.66
N GLU A 140 -17.62 3.60 4.82
CA GLU A 140 -16.69 4.26 5.79
C GLU A 140 -15.30 4.36 5.19
N PHE A 141 -14.92 3.36 4.47
CA PHE A 141 -13.56 3.34 3.86
C PHE A 141 -13.36 4.52 2.90
N VAL A 142 -14.28 4.74 1.99
CA VAL A 142 -14.13 5.87 1.01
C VAL A 142 -14.27 7.26 1.64
N GLN A 143 -15.19 7.43 2.53
CA GLN A 143 -15.41 8.79 3.15
C GLN A 143 -14.14 9.27 3.88
N MET A 144 -13.59 8.46 4.74
CA MET A 144 -12.36 8.87 5.48
C MET A 144 -11.21 9.12 4.49
N MET A 145 -11.14 8.30 3.47
CA MET A 145 -10.05 8.46 2.44
C MET A 145 -10.31 9.74 1.63
N THR A 146 -11.54 10.01 1.30
CA THR A 146 -11.87 11.24 0.51
C THR A 146 -11.96 12.48 1.42
N ALA A 147 -11.74 12.31 2.70
CA ALA A 147 -11.83 13.48 3.64
C ALA A 147 -10.80 14.55 3.25
N LYS A 148 -9.62 14.15 2.86
CA LYS A 148 -8.57 15.14 2.47
C LYS A 148 -8.65 15.43 0.97
N GLY B 5 0.22 4.49 12.94
CA GLY B 5 -0.02 5.37 11.77
C GLY B 5 -1.53 5.49 11.52
N GLY B 6 -1.92 6.40 10.67
CA GLY B 6 -3.38 6.58 10.38
C GLY B 6 -3.86 5.47 9.44
N PHE B 7 -5.05 4.97 9.66
CA PHE B 7 -5.59 3.88 8.80
C PHE B 7 -5.69 4.34 7.34
N ARG B 8 -6.12 5.56 7.12
CA ARG B 8 -6.25 6.08 5.72
C ARG B 8 -4.90 6.07 4.98
N ARG B 9 -3.84 6.42 5.65
CA ARG B 9 -2.50 6.45 5.00
C ARG B 9 -2.11 5.05 4.52
N ILE B 10 -2.41 4.04 5.30
CA ILE B 10 -2.07 2.63 4.89
C ILE B 10 -2.88 2.22 3.67
N ALA B 11 -4.14 2.59 3.62
CA ALA B 11 -5.00 2.20 2.46
C ALA B 11 -4.43 2.74 1.15
N ARG B 12 -3.94 3.95 1.17
CA ARG B 12 -3.38 4.56 -0.09
C ARG B 12 -2.23 3.72 -0.65
N LEU B 13 -1.34 3.25 0.19
CA LEU B 13 -0.19 2.44 -0.32
C LEU B 13 -0.68 1.13 -0.94
N VAL B 14 -1.64 0.49 -0.31
CA VAL B 14 -2.17 -0.80 -0.85
C VAL B 14 -2.76 -0.61 -2.26
N GLY B 15 -3.46 0.48 -2.47
CA GLY B 15 -4.09 0.72 -3.80
C GLY B 15 -3.07 0.68 -4.94
N VAL B 16 -1.89 1.22 -4.74
CA VAL B 16 -0.88 1.23 -5.85
C VAL B 16 -0.20 -0.14 -6.04
N LEU B 17 -0.17 -0.97 -5.04
CA LEU B 17 0.50 -2.31 -5.19
C LEU B 17 -0.18 -3.14 -6.29
N ARG B 18 -1.49 -3.24 -6.28
CA ARG B 18 -2.18 -4.03 -7.34
C ARG B 18 -1.94 -3.40 -8.72
N GLU B 19 -1.94 -2.10 -8.81
CA GLU B 19 -1.70 -1.44 -10.14
C GLU B 19 -0.30 -1.79 -10.65
N TRP B 20 0.61 -2.09 -9.75
CA TRP B 20 2.00 -2.44 -10.17
C TRP B 20 1.98 -3.67 -11.08
N ALA B 21 1.18 -4.65 -10.76
CA ALA B 21 1.10 -5.88 -11.61
C ALA B 21 0.66 -5.53 -13.03
N TYR B 22 -0.42 -4.79 -13.18
CA TYR B 22 -0.89 -4.42 -14.54
C TYR B 22 0.19 -3.62 -15.29
N ARG B 23 0.86 -2.73 -14.59
CA ARG B 23 1.94 -1.92 -15.23
C ARG B 23 2.73 -1.14 -14.18
N ALA A 1 0.59 27.71 -9.49
CA ALA A 1 0.82 26.89 -8.26
C ALA A 1 1.86 25.80 -8.55
N ASP A 2 3.11 26.18 -8.64
CA ASP A 2 4.18 25.18 -8.93
C ASP A 2 5.04 24.92 -7.68
N GLN A 3 4.59 25.33 -6.52
CA GLN A 3 5.39 25.10 -5.28
C GLN A 3 5.50 23.59 -5.03
N LEU A 4 6.06 23.19 -3.92
CA LEU A 4 6.21 21.73 -3.63
C LEU A 4 5.73 21.40 -2.21
N THR A 5 5.76 20.14 -1.88
CA THR A 5 5.34 19.70 -0.52
C THR A 5 6.28 18.59 -0.04
N GLU A 6 7.16 18.92 0.87
CA GLU A 6 8.13 17.90 1.38
C GLU A 6 7.53 17.11 2.56
N GLU A 7 6.39 17.52 3.07
CA GLU A 7 5.78 16.79 4.22
C GLU A 7 5.26 15.41 3.76
N GLN A 8 4.76 15.32 2.56
CA GLN A 8 4.26 14.00 2.04
C GLN A 8 5.44 13.06 1.82
N ILE A 9 6.55 13.58 1.34
CA ILE A 9 7.73 12.73 1.06
C ILE A 9 8.22 12.02 2.34
N ALA A 10 8.05 12.63 3.48
CA ALA A 10 8.49 11.98 4.75
C ALA A 10 7.74 10.65 4.95
N GLU A 11 6.48 10.63 4.62
CA GLU A 11 5.69 9.37 4.80
C GLU A 11 6.29 8.25 3.96
N PHE A 12 6.72 8.55 2.77
CA PHE A 12 7.35 7.51 1.89
C PHE A 12 8.66 7.00 2.50
N LYS A 13 9.28 7.77 3.35
CA LYS A 13 10.55 7.30 3.98
C LYS A 13 10.23 6.16 4.93
N GLU A 14 9.14 6.29 5.64
CA GLU A 14 8.74 5.24 6.61
C GLU A 14 8.46 3.92 5.88
N ALA A 15 7.56 3.92 4.93
CA ALA A 15 7.19 2.66 4.21
C ALA A 15 8.38 2.06 3.46
N PHE A 16 9.35 2.87 3.08
CA PHE A 16 10.52 2.32 2.32
C PHE A 16 11.25 1.24 3.15
N SER A 17 11.46 1.50 4.42
CA SER A 17 12.16 0.48 5.27
C SER A 17 11.35 -0.81 5.33
N LEU A 18 10.04 -0.70 5.33
CA LEU A 18 9.19 -1.92 5.36
C LEU A 18 9.38 -2.67 4.05
N PHE A 19 9.46 -1.94 2.97
CA PHE A 19 9.67 -2.56 1.64
C PHE A 19 11.10 -3.12 1.58
N ASP A 20 12.05 -2.39 2.12
CA ASP A 20 13.46 -2.87 2.12
C ASP A 20 13.76 -3.65 3.39
N LYS A 21 13.51 -4.94 3.39
CA LYS A 21 13.78 -5.76 4.62
C LYS A 21 15.26 -5.69 5.01
N ASP A 22 16.17 -5.57 4.06
CA ASP A 22 17.62 -5.55 4.40
C ASP A 22 18.05 -4.16 4.88
N GLY A 23 17.22 -3.16 4.74
CA GLY A 23 17.59 -1.79 5.20
C GLY A 23 18.87 -1.35 4.45
N ASP A 24 19.12 -1.89 3.28
CA ASP A 24 20.33 -1.50 2.52
C ASP A 24 20.06 -0.26 1.65
N GLY A 25 18.83 0.18 1.55
CA GLY A 25 18.53 1.39 0.73
C GLY A 25 18.01 1.00 -0.67
N THR A 26 17.83 -0.27 -0.96
CA THR A 26 17.34 -0.65 -2.32
C THR A 26 16.38 -1.83 -2.26
N ILE A 27 15.35 -1.80 -3.06
CA ILE A 27 14.36 -2.92 -3.08
C ILE A 27 14.67 -3.86 -4.24
N THR A 28 14.95 -5.11 -3.95
CA THR A 28 15.28 -6.09 -5.02
C THR A 28 14.00 -6.66 -5.62
N THR A 29 14.12 -7.47 -6.64
CA THR A 29 12.91 -8.07 -7.26
C THR A 29 12.38 -9.20 -6.37
N LYS A 30 13.27 -9.88 -5.69
CA LYS A 30 12.82 -10.99 -4.78
C LYS A 30 12.05 -10.43 -3.59
N GLU A 31 12.50 -9.35 -3.02
CA GLU A 31 11.79 -8.76 -1.84
C GLU A 31 10.35 -8.37 -2.21
N LEU A 32 10.19 -7.54 -3.20
CA LEU A 32 8.81 -7.09 -3.58
C LEU A 32 7.94 -8.28 -3.99
N GLY A 33 8.50 -9.24 -4.71
CA GLY A 33 7.71 -10.42 -5.17
C GLY A 33 6.89 -11.02 -4.02
N THR A 34 7.37 -10.90 -2.81
CA THR A 34 6.60 -11.44 -1.64
C THR A 34 5.32 -10.61 -1.46
N VAL A 35 5.45 -9.32 -1.63
CA VAL A 35 4.27 -8.41 -1.48
C VAL A 35 3.22 -8.73 -2.55
N MET A 36 3.65 -8.92 -3.77
CA MET A 36 2.71 -9.22 -4.89
C MET A 36 1.93 -10.51 -4.60
N ARG A 37 2.60 -11.51 -4.06
CA ARG A 37 1.90 -12.79 -3.73
C ARG A 37 0.80 -12.52 -2.71
N SER A 38 1.07 -11.65 -1.77
CA SER A 38 0.07 -11.32 -0.72
C SER A 38 -1.17 -10.66 -1.33
N LEU A 39 -1.02 -10.00 -2.46
CA LEU A 39 -2.20 -9.37 -3.12
C LEU A 39 -2.81 -10.32 -4.15
N GLY A 40 -2.09 -11.33 -4.54
CA GLY A 40 -2.61 -12.30 -5.56
C GLY A 40 -1.49 -13.27 -5.94
N GLN A 41 -0.45 -12.79 -6.59
CA GLN A 41 0.65 -13.71 -7.00
C GLN A 41 1.94 -12.94 -7.31
N ASN A 42 3.03 -13.66 -7.47
CA ASN A 42 4.34 -13.02 -7.80
C ASN A 42 4.77 -13.41 -9.23
N PRO A 43 5.13 -12.42 -10.03
CA PRO A 43 5.58 -12.71 -11.43
C PRO A 43 6.94 -13.43 -11.39
N THR A 44 7.85 -13.16 -12.32
CA THR A 44 9.16 -13.86 -12.30
C THR A 44 10.33 -12.87 -12.39
N GLU A 45 11.48 -13.27 -11.90
CA GLU A 45 12.69 -12.39 -11.92
C GLU A 45 12.96 -11.82 -13.31
N ALA A 46 12.46 -12.45 -14.35
CA ALA A 46 12.65 -11.90 -15.73
C ALA A 46 11.75 -10.67 -15.88
N GLU A 47 10.48 -10.87 -15.65
CA GLU A 47 9.50 -9.76 -15.76
C GLU A 47 9.73 -8.72 -14.68
N LEU A 48 10.15 -9.15 -13.51
CA LEU A 48 10.41 -8.17 -12.41
C LEU A 48 11.44 -7.14 -12.86
N GLN A 49 12.39 -7.56 -13.66
CA GLN A 49 13.45 -6.61 -14.12
C GLN A 49 12.91 -5.62 -15.16
N ASP A 50 11.93 -6.01 -15.93
CA ASP A 50 11.35 -5.07 -16.95
C ASP A 50 10.58 -3.94 -16.26
N MET A 51 9.86 -4.25 -15.23
CA MET A 51 9.08 -3.20 -14.52
C MET A 51 10.06 -2.22 -13.87
N ILE A 52 11.13 -2.72 -13.32
CA ILE A 52 12.15 -1.85 -12.67
C ILE A 52 12.85 -0.98 -13.73
N ASN A 53 13.05 -1.49 -14.92
CA ASN A 53 13.76 -0.70 -15.98
C ASN A 53 13.01 0.61 -16.31
N GLU A 54 11.71 0.58 -16.37
CA GLU A 54 10.95 1.84 -16.70
C GLU A 54 11.11 2.88 -15.60
N VAL A 55 11.34 2.44 -14.38
CA VAL A 55 11.50 3.39 -13.25
C VAL A 55 12.99 3.64 -12.97
N ASP A 56 13.86 2.89 -13.58
CA ASP A 56 15.33 3.09 -13.35
C ASP A 56 15.78 4.42 -13.96
N ALA A 57 15.87 5.44 -13.16
CA ALA A 57 16.32 6.76 -13.68
C ALA A 57 17.77 6.66 -14.17
N ASP A 58 18.59 5.91 -13.46
CA ASP A 58 20.01 5.74 -13.85
C ASP A 58 20.17 4.54 -14.79
N GLY A 59 19.36 3.52 -14.61
CA GLY A 59 19.46 2.31 -15.48
C GLY A 59 20.42 1.28 -14.88
N ASN A 60 20.64 1.34 -13.59
CA ASN A 60 21.57 0.36 -12.95
C ASN A 60 20.91 -1.01 -12.82
N GLY A 61 19.61 -1.04 -12.63
CA GLY A 61 18.89 -2.34 -12.51
C GLY A 61 18.07 -2.39 -11.21
N THR A 62 18.13 -1.37 -10.38
CA THR A 62 17.35 -1.39 -9.10
C THR A 62 16.68 -0.04 -8.86
N ILE A 63 15.76 0.01 -7.93
CA ILE A 63 15.01 1.27 -7.67
C ILE A 63 15.45 1.92 -6.35
N ASP A 64 15.87 3.15 -6.42
CA ASP A 64 16.32 3.88 -5.20
C ASP A 64 15.23 4.81 -4.67
N PHE A 65 15.44 5.37 -3.51
CA PHE A 65 14.43 6.28 -2.88
C PHE A 65 13.90 7.34 -3.87
N PRO A 66 14.79 8.04 -4.55
CA PRO A 66 14.34 9.10 -5.50
C PRO A 66 13.64 8.49 -6.73
N GLU A 67 14.09 7.36 -7.20
CA GLU A 67 13.43 6.73 -8.38
C GLU A 67 12.04 6.21 -7.98
N PHE A 68 11.94 5.65 -6.81
CA PHE A 68 10.63 5.11 -6.33
C PHE A 68 9.58 6.22 -6.22
N LEU A 69 9.97 7.37 -5.73
CA LEU A 69 8.99 8.50 -5.57
C LEU A 69 8.48 9.01 -6.93
N THR A 70 9.33 9.10 -7.92
CA THR A 70 8.89 9.59 -9.25
C THR A 70 7.78 8.70 -9.82
N MET A 71 7.90 7.41 -9.65
CA MET A 71 6.88 6.46 -10.19
C MET A 71 5.54 6.63 -9.44
N MET A 72 5.59 6.82 -8.15
CA MET A 72 4.32 6.96 -7.35
C MET A 72 3.48 8.14 -7.82
N ALA A 73 4.08 9.30 -7.95
CA ALA A 73 3.32 10.51 -8.36
C ALA A 73 2.88 10.43 -9.84
N ARG A 74 3.64 9.76 -10.67
CA ARG A 74 3.28 9.67 -12.11
C ARG A 74 2.03 8.79 -12.32
N LYS A 75 1.94 7.72 -11.59
CA LYS A 75 0.76 6.78 -11.75
C LYS A 75 -0.55 7.38 -11.22
N MET A 76 -0.50 8.27 -10.27
CA MET A 76 -1.78 8.84 -9.70
C MET A 76 -2.64 9.52 -10.77
N LYS A 77 -2.06 10.38 -11.57
CA LYS A 77 -2.86 11.10 -12.61
C LYS A 77 -3.33 10.16 -13.73
N ASP A 78 -2.54 9.17 -14.06
CA ASP A 78 -2.94 8.23 -15.16
C ASP A 78 -4.10 7.34 -14.74
N THR A 79 -4.33 7.21 -13.46
CA THR A 79 -5.42 6.32 -12.98
C THR A 79 -6.50 7.08 -12.20
N ASP A 80 -7.34 6.35 -11.52
CA ASP A 80 -8.43 6.97 -10.70
C ASP A 80 -8.40 6.39 -9.29
N SER A 81 -8.57 7.23 -8.30
CA SER A 81 -8.54 6.75 -6.89
C SER A 81 -9.64 5.73 -6.65
N GLU A 82 -10.75 5.86 -7.32
CA GLU A 82 -11.87 4.88 -7.13
C GLU A 82 -11.40 3.47 -7.50
N GLU A 83 -10.53 3.37 -8.46
CA GLU A 83 -10.03 2.02 -8.89
C GLU A 83 -9.12 1.41 -7.80
N GLU A 84 -8.29 2.23 -7.20
CA GLU A 84 -7.37 1.71 -6.13
C GLU A 84 -8.16 1.31 -4.89
N ILE A 85 -9.23 2.01 -4.61
CA ILE A 85 -10.07 1.68 -3.42
C ILE A 85 -10.71 0.29 -3.58
N ARG A 86 -11.32 0.04 -4.70
CA ARG A 86 -12.00 -1.27 -4.92
C ARG A 86 -11.00 -2.43 -4.76
N GLU A 87 -9.80 -2.26 -5.23
CA GLU A 87 -8.77 -3.35 -5.13
C GLU A 87 -8.33 -3.57 -3.67
N ALA A 88 -8.11 -2.51 -2.94
CA ALA A 88 -7.63 -2.63 -1.52
C ALA A 88 -8.69 -3.30 -0.62
N PHE A 89 -9.92 -2.87 -0.73
CA PHE A 89 -11.00 -3.49 0.12
C PHE A 89 -11.10 -4.98 -0.19
N ARG A 90 -11.10 -5.32 -1.45
CA ARG A 90 -11.20 -6.75 -1.86
C ARG A 90 -10.03 -7.57 -1.29
N VAL A 91 -8.88 -6.97 -1.18
CA VAL A 91 -7.70 -7.72 -0.62
C VAL A 91 -7.92 -8.00 0.88
N PHE A 92 -8.32 -7.01 1.63
CA PHE A 92 -8.55 -7.20 3.09
C PHE A 92 -9.79 -8.07 3.35
N ASP A 93 -10.84 -7.87 2.59
CA ASP A 93 -12.08 -8.68 2.80
C ASP A 93 -11.93 -10.05 2.13
N LYS A 94 -11.25 -10.97 2.78
CA LYS A 94 -11.06 -12.33 2.18
C LYS A 94 -12.38 -13.11 2.16
N ASP A 95 -13.15 -13.03 3.21
CA ASP A 95 -14.46 -13.77 3.24
C ASP A 95 -15.49 -13.10 2.33
N GLY A 96 -15.33 -11.84 2.06
CA GLY A 96 -16.29 -11.12 1.17
C GLY A 96 -17.64 -10.99 1.90
N ASN A 97 -17.63 -11.02 3.21
CA ASN A 97 -18.90 -10.89 3.98
C ASN A 97 -19.47 -9.47 3.89
N GLY A 98 -18.72 -8.53 3.35
CA GLY A 98 -19.22 -7.13 3.26
C GLY A 98 -18.71 -6.30 4.43
N TYR A 99 -18.15 -6.92 5.44
CA TYR A 99 -17.63 -6.17 6.61
C TYR A 99 -16.23 -6.68 6.95
N ILE A 100 -15.32 -5.79 7.28
CA ILE A 100 -13.93 -6.24 7.61
C ILE A 100 -13.82 -6.54 9.10
N SER A 101 -13.42 -7.73 9.42
CA SER A 101 -13.27 -8.12 10.85
C SER A 101 -11.90 -7.74 11.38
N ALA A 102 -11.70 -7.85 12.67
CA ALA A 102 -10.38 -7.50 13.26
C ALA A 102 -9.34 -8.53 12.86
N ALA A 103 -9.72 -9.78 12.85
CA ALA A 103 -8.76 -10.86 12.45
C ALA A 103 -8.32 -10.65 11.00
N GLU A 104 -9.24 -10.26 10.14
CA GLU A 104 -8.88 -10.04 8.70
C GLU A 104 -7.80 -8.95 8.58
N LEU A 105 -7.91 -7.93 9.38
CA LEU A 105 -6.92 -6.81 9.34
C LEU A 105 -5.54 -7.28 9.85
N ARG A 106 -5.56 -8.06 10.89
CA ARG A 106 -4.28 -8.58 11.50
C ARG A 106 -3.49 -9.44 10.50
N HIS A 107 -4.16 -10.21 9.69
CA HIS A 107 -3.42 -11.09 8.73
C HIS A 107 -2.55 -10.28 7.75
N VAL A 108 -3.04 -9.19 7.23
CA VAL A 108 -2.23 -8.39 6.25
C VAL A 108 -1.14 -7.58 6.97
N MET A 109 -1.45 -6.95 8.07
CA MET A 109 -0.43 -6.12 8.78
C MET A 109 0.77 -6.99 9.16
N THR A 110 0.55 -8.15 9.71
CA THR A 110 1.69 -9.05 10.07
C THR A 110 2.36 -9.54 8.78
N ASN A 111 1.56 -9.87 7.81
CA ASN A 111 2.12 -10.35 6.51
C ASN A 111 2.96 -9.23 5.89
N LEU A 112 2.58 -8.01 6.13
CA LEU A 112 3.35 -6.85 5.57
C LEU A 112 4.71 -6.75 6.25
N GLY A 113 4.76 -7.03 7.53
CA GLY A 113 6.06 -6.95 8.27
C GLY A 113 5.95 -5.93 9.39
N GLU A 114 4.81 -5.88 10.04
CA GLU A 114 4.62 -4.90 11.16
C GLU A 114 4.08 -5.62 12.39
N LYS A 115 4.54 -5.26 13.56
CA LYS A 115 4.06 -5.94 14.79
C LYS A 115 3.15 -5.00 15.60
N LEU A 116 1.88 -5.28 15.63
CA LEU A 116 0.91 -4.43 16.39
C LEU A 116 0.01 -5.31 17.27
N THR A 117 -0.53 -4.76 18.32
CA THR A 117 -1.43 -5.56 19.21
C THR A 117 -2.84 -5.57 18.62
N ASP A 118 -3.68 -6.46 19.10
CA ASP A 118 -5.08 -6.51 18.62
C ASP A 118 -5.76 -5.18 18.93
N GLU A 119 -5.31 -4.51 19.96
CA GLU A 119 -5.88 -3.18 20.33
C GLU A 119 -5.58 -2.19 19.22
N GLU A 120 -4.46 -2.36 18.56
CA GLU A 120 -4.08 -1.44 17.44
C GLU A 120 -5.10 -1.61 16.31
N VAL A 121 -5.54 -2.82 16.11
CA VAL A 121 -6.53 -3.08 15.01
C VAL A 121 -7.90 -2.50 15.39
N ASP A 122 -8.26 -2.62 16.64
CA ASP A 122 -9.59 -2.11 17.12
C ASP A 122 -9.68 -0.60 16.88
N GLU A 123 -8.63 0.11 17.20
CA GLU A 123 -8.65 1.58 16.99
C GLU A 123 -8.85 1.89 15.52
N MET A 124 -8.20 1.15 14.65
CA MET A 124 -8.37 1.43 13.17
C MET A 124 -9.86 1.37 12.82
N ILE A 125 -10.56 0.45 13.44
CA ILE A 125 -12.03 0.34 13.18
C ILE A 125 -12.74 1.61 13.68
N ARG A 126 -12.32 2.11 14.81
CA ARG A 126 -12.98 3.32 15.38
C ARG A 126 -12.90 4.51 14.42
N GLU A 127 -11.79 4.69 13.75
CA GLU A 127 -11.64 5.83 12.81
C GLU A 127 -12.67 5.77 11.67
N ALA A 128 -12.95 4.61 11.14
CA ALA A 128 -13.92 4.52 10.02
C ALA A 128 -15.29 4.00 10.49
N ASP A 129 -15.43 3.61 11.73
CA ASP A 129 -16.75 3.09 12.20
C ASP A 129 -17.61 4.25 12.74
N ILE A 130 -18.07 5.11 11.87
CA ILE A 130 -18.92 6.27 12.32
C ILE A 130 -20.30 5.80 12.78
N ASP A 131 -20.89 4.84 12.09
CA ASP A 131 -22.26 4.37 12.48
C ASP A 131 -22.25 3.74 13.88
N GLY A 132 -21.22 2.99 14.21
CA GLY A 132 -21.16 2.37 15.56
C GLY A 132 -21.52 0.88 15.50
N ASP A 133 -21.38 0.26 14.35
CA ASP A 133 -21.71 -1.20 14.23
C ASP A 133 -20.51 -2.06 14.69
N GLY A 134 -19.40 -1.43 14.96
CA GLY A 134 -18.19 -2.19 15.42
C GLY A 134 -17.38 -2.69 14.22
N GLN A 135 -17.85 -2.46 13.02
CA GLN A 135 -17.12 -2.92 11.81
C GLN A 135 -17.17 -1.83 10.73
N VAL A 136 -16.15 -1.73 9.93
CA VAL A 136 -16.12 -0.67 8.88
C VAL A 136 -16.69 -1.22 7.56
N ASN A 137 -17.76 -0.63 7.08
CA ASN A 137 -18.38 -1.10 5.81
C ASN A 137 -17.78 -0.37 4.62
N TYR A 138 -18.32 -0.62 3.46
CA TYR A 138 -17.81 0.06 2.23
C TYR A 138 -18.16 1.55 2.22
N GLU A 139 -19.35 1.90 2.65
CA GLU A 139 -19.76 3.36 2.64
C GLU A 139 -18.82 4.20 3.51
N GLU A 140 -18.59 3.78 4.73
CA GLU A 140 -17.70 4.56 5.64
C GLU A 140 -16.28 4.55 5.10
N PHE A 141 -15.90 3.48 4.49
CA PHE A 141 -14.51 3.36 3.94
C PHE A 141 -14.21 4.49 2.93
N VAL A 142 -15.10 4.70 1.99
CA VAL A 142 -14.89 5.77 0.96
C VAL A 142 -15.02 7.17 1.59
N GLN A 143 -15.95 7.36 2.49
CA GLN A 143 -16.15 8.71 3.11
C GLN A 143 -14.86 9.20 3.78
N MET A 144 -14.25 8.38 4.59
CA MET A 144 -13.00 8.79 5.29
C MET A 144 -11.91 9.16 4.27
N MET A 145 -11.88 8.47 3.16
CA MET A 145 -10.87 8.80 2.10
C MET A 145 -11.25 10.09 1.38
N THR A 146 -12.52 10.26 1.11
CA THR A 146 -12.99 11.49 0.40
C THR A 146 -12.85 12.73 1.29
N ALA A 147 -12.76 12.55 2.58
CA ALA A 147 -12.63 13.71 3.51
C ALA A 147 -11.22 13.81 4.07
N LYS A 148 -10.66 14.99 4.13
CA LYS A 148 -9.28 15.16 4.67
C LYS A 148 -9.28 16.21 5.78
N GLY B 5 -0.70 1.51 13.39
CA GLY B 5 -0.59 2.62 12.39
C GLY B 5 -1.96 3.23 12.15
N GLY B 6 -2.10 4.02 11.11
CA GLY B 6 -3.42 4.66 10.81
C GLY B 6 -4.14 3.87 9.72
N PHE B 7 -5.45 3.82 9.79
CA PHE B 7 -6.23 3.06 8.75
C PHE B 7 -5.96 3.64 7.36
N ARG B 8 -5.92 4.95 7.26
CA ARG B 8 -5.68 5.61 5.94
C ARG B 8 -4.32 5.17 5.37
N ARG B 9 -3.34 5.07 6.22
CA ARG B 9 -1.98 4.67 5.75
C ARG B 9 -2.01 3.28 5.10
N ILE B 10 -2.77 2.37 5.66
CA ILE B 10 -2.83 0.99 5.07
C ILE B 10 -3.57 0.96 3.73
N ALA B 11 -4.65 1.70 3.60
CA ALA B 11 -5.43 1.69 2.32
C ALA B 11 -4.63 2.29 1.16
N ARG B 12 -3.94 3.37 1.37
CA ARG B 12 -3.16 4.01 0.26
C ARG B 12 -1.98 3.13 -0.14
N LEU B 13 -1.32 2.54 0.82
CA LEU B 13 -0.13 1.67 0.50
C LEU B 13 -0.54 0.52 -0.41
N VAL B 14 -1.66 -0.11 -0.12
CA VAL B 14 -2.13 -1.24 -0.96
C VAL B 14 -2.48 -0.75 -2.37
N GLY B 15 -3.10 0.40 -2.47
CA GLY B 15 -3.49 0.95 -3.80
C GLY B 15 -2.25 1.11 -4.69
N VAL B 16 -1.16 1.55 -4.12
CA VAL B 16 0.10 1.73 -4.92
C VAL B 16 0.60 0.38 -5.44
N LEU B 17 0.48 -0.66 -4.65
CA LEU B 17 0.98 -2.01 -5.07
C LEU B 17 0.27 -2.47 -6.37
N ARG B 18 -1.02 -2.32 -6.43
CA ARG B 18 -1.77 -2.75 -7.65
C ARG B 18 -1.29 -2.00 -8.89
N GLU B 19 -1.00 -0.74 -8.75
CA GLU B 19 -0.52 0.07 -9.93
C GLU B 19 0.77 -0.53 -10.48
N TRP B 20 1.62 -1.00 -9.60
CA TRP B 20 2.92 -1.62 -10.06
C TRP B 20 2.63 -2.82 -10.96
N ALA B 21 1.68 -3.64 -10.58
CA ALA B 21 1.34 -4.84 -11.42
C ALA B 21 0.85 -4.40 -12.81
N TYR B 22 -0.13 -3.53 -12.85
CA TYR B 22 -0.67 -3.06 -14.16
C TYR B 22 0.44 -2.39 -14.99
N ARG B 23 1.30 -1.65 -14.36
CA ARG B 23 2.40 -0.97 -15.12
C ARG B 23 3.69 -0.99 -14.29
N ALA A 1 6.83 15.36 -8.72
CA ALA A 1 6.80 16.80 -8.33
C ALA A 1 6.30 16.95 -6.89
N ASP A 2 7.09 16.52 -5.94
CA ASP A 2 6.68 16.63 -4.51
C ASP A 2 7.31 17.87 -3.85
N GLN A 3 7.92 18.73 -4.64
CA GLN A 3 8.57 19.97 -4.09
C GLN A 3 7.54 20.85 -3.37
N LEU A 4 6.35 20.93 -3.88
CA LEU A 4 5.31 21.80 -3.25
C LEU A 4 5.04 21.34 -1.81
N THR A 5 5.00 20.05 -1.58
CA THR A 5 4.76 19.55 -0.20
C THR A 5 5.76 18.43 0.12
N GLU A 6 6.77 18.75 0.88
CA GLU A 6 7.79 17.73 1.23
C GLU A 6 7.31 16.79 2.34
N GLU A 7 6.18 17.09 2.95
CA GLU A 7 5.66 16.18 4.03
C GLU A 7 5.21 14.85 3.42
N GLN A 8 4.87 14.84 2.16
CA GLN A 8 4.44 13.57 1.50
C GLN A 8 5.62 12.61 1.44
N ILE A 9 6.80 13.12 1.23
CA ILE A 9 8.03 12.27 1.13
C ILE A 9 8.25 11.48 2.42
N ALA A 10 7.89 12.02 3.57
CA ALA A 10 8.09 11.25 4.85
C ALA A 10 7.21 10.02 4.88
N GLU A 11 6.05 10.08 4.27
CA GLU A 11 5.15 8.90 4.24
C GLU A 11 5.78 7.76 3.46
N PHE A 12 6.34 8.08 2.32
CA PHE A 12 7.01 7.05 1.47
C PHE A 12 8.30 6.58 2.15
N LYS A 13 8.85 7.40 2.99
CA LYS A 13 10.11 7.03 3.70
C LYS A 13 9.84 5.87 4.66
N GLU A 14 8.85 6.02 5.51
CA GLU A 14 8.54 4.93 6.50
C GLU A 14 8.25 3.62 5.76
N ALA A 15 7.35 3.63 4.81
CA ALA A 15 7.02 2.36 4.08
C ALA A 15 8.23 1.83 3.32
N PHE A 16 9.15 2.68 2.95
CA PHE A 16 10.36 2.20 2.17
C PHE A 16 11.11 1.14 2.98
N SER A 17 11.38 1.39 4.24
CA SER A 17 12.08 0.38 5.09
C SER A 17 11.21 -0.88 5.18
N LEU A 18 9.92 -0.68 5.31
CA LEU A 18 8.98 -1.82 5.40
C LEU A 18 9.08 -2.68 4.14
N PHE A 19 9.21 -2.04 3.00
CA PHE A 19 9.35 -2.77 1.71
C PHE A 19 10.74 -3.42 1.62
N ASP A 20 11.75 -2.77 2.13
CA ASP A 20 13.13 -3.33 2.06
C ASP A 20 13.46 -4.09 3.36
N LYS A 21 13.33 -5.39 3.34
CA LYS A 21 13.63 -6.19 4.57
C LYS A 21 15.11 -6.10 4.95
N ASP A 22 15.99 -5.96 4.00
CA ASP A 22 17.45 -5.92 4.32
C ASP A 22 17.87 -4.53 4.82
N GLY A 23 17.02 -3.55 4.70
CA GLY A 23 17.38 -2.18 5.17
C GLY A 23 18.66 -1.73 4.48
N ASP A 24 18.93 -2.24 3.30
CA ASP A 24 20.15 -1.84 2.57
C ASP A 24 19.88 -0.60 1.69
N GLY A 25 18.64 -0.13 1.67
CA GLY A 25 18.33 1.08 0.85
C GLY A 25 17.86 0.70 -0.55
N THR A 26 17.69 -0.57 -0.86
CA THR A 26 17.26 -0.93 -2.25
C THR A 26 16.34 -2.16 -2.24
N ILE A 27 15.35 -2.15 -3.10
CA ILE A 27 14.40 -3.31 -3.18
C ILE A 27 14.74 -4.15 -4.42
N THR A 28 14.92 -5.43 -4.24
CA THR A 28 15.26 -6.31 -5.40
C THR A 28 14.02 -7.08 -5.87
N THR A 29 13.87 -7.23 -7.17
CA THR A 29 12.66 -7.94 -7.75
C THR A 29 12.27 -9.19 -6.94
N LYS A 30 13.23 -9.91 -6.41
CA LYS A 30 12.88 -11.12 -5.60
C LYS A 30 12.14 -10.69 -4.33
N GLU A 31 12.64 -9.67 -3.67
CA GLU A 31 12.00 -9.20 -2.40
C GLU A 31 10.55 -8.76 -2.64
N LEU A 32 10.33 -7.87 -3.56
CA LEU A 32 8.94 -7.37 -3.81
C LEU A 32 8.00 -8.51 -4.22
N GLY A 33 8.50 -9.46 -4.96
CA GLY A 33 7.64 -10.61 -5.40
C GLY A 33 6.97 -11.28 -4.19
N THR A 34 7.60 -11.22 -3.05
CA THR A 34 7.01 -11.85 -1.81
C THR A 34 5.77 -11.07 -1.34
N VAL A 35 5.83 -9.77 -1.42
CA VAL A 35 4.66 -8.95 -0.97
C VAL A 35 3.46 -9.23 -1.87
N MET A 36 3.62 -9.09 -3.15
CA MET A 36 2.50 -9.34 -4.10
C MET A 36 2.00 -10.78 -3.99
N ARG A 37 2.86 -11.70 -3.63
CA ARG A 37 2.45 -13.14 -3.50
C ARG A 37 1.34 -13.27 -2.44
N SER A 38 1.56 -12.73 -1.28
CA SER A 38 0.55 -12.81 -0.18
C SER A 38 -0.66 -11.91 -0.48
N LEU A 39 -0.50 -10.95 -1.37
CA LEU A 39 -1.64 -10.06 -1.71
C LEU A 39 -2.31 -10.47 -3.02
N GLY A 40 -1.78 -11.46 -3.70
CA GLY A 40 -2.40 -11.91 -4.98
C GLY A 40 -1.49 -12.94 -5.67
N GLN A 41 -0.33 -12.52 -6.14
CA GLN A 41 0.58 -13.48 -6.81
C GLN A 41 2.02 -12.96 -6.85
N ASN A 42 2.94 -13.81 -7.25
CA ASN A 42 4.37 -13.42 -7.33
C ASN A 42 4.82 -13.33 -8.80
N PRO A 43 5.21 -12.15 -9.24
CA PRO A 43 5.67 -11.98 -10.65
C PRO A 43 7.00 -12.72 -10.84
N THR A 44 7.85 -12.27 -11.74
CA THR A 44 9.16 -12.97 -11.95
C THR A 44 10.29 -11.96 -12.10
N GLU A 45 11.47 -12.32 -11.65
CA GLU A 45 12.64 -11.39 -11.74
C GLU A 45 12.87 -10.94 -13.20
N ALA A 46 12.38 -11.68 -14.17
CA ALA A 46 12.51 -11.24 -15.58
C ALA A 46 11.59 -10.04 -15.82
N GLU A 47 10.32 -10.25 -15.59
CA GLU A 47 9.31 -9.18 -15.77
C GLU A 47 9.53 -8.08 -14.74
N LEU A 48 9.86 -8.46 -13.54
CA LEU A 48 10.12 -7.46 -12.47
C LEU A 48 11.26 -6.53 -12.89
N GLN A 49 12.20 -7.06 -13.61
CA GLN A 49 13.37 -6.25 -14.08
C GLN A 49 12.93 -5.21 -15.10
N ASP A 50 12.02 -5.55 -15.98
CA ASP A 50 11.55 -4.56 -17.01
C ASP A 50 10.80 -3.41 -16.33
N MET A 51 10.02 -3.73 -15.32
CA MET A 51 9.25 -2.67 -14.60
C MET A 51 10.21 -1.68 -13.96
N ILE A 52 11.26 -2.18 -13.35
CA ILE A 52 12.27 -1.28 -12.70
C ILE A 52 13.03 -0.48 -13.77
N ASN A 53 13.24 -1.05 -14.93
CA ASN A 53 14.01 -0.32 -15.99
C ASN A 53 13.31 0.98 -16.35
N GLU A 54 11.99 0.98 -16.43
CA GLU A 54 11.25 2.23 -16.76
C GLU A 54 11.45 3.28 -15.66
N VAL A 55 11.69 2.84 -14.44
CA VAL A 55 11.92 3.81 -13.32
C VAL A 55 13.41 3.95 -13.01
N ASP A 56 14.25 3.12 -13.58
CA ASP A 56 15.71 3.20 -13.30
C ASP A 56 16.30 4.49 -13.87
N ALA A 57 16.50 5.47 -13.03
CA ALA A 57 17.10 6.75 -13.50
C ALA A 57 18.57 6.53 -13.85
N ASP A 58 19.24 5.72 -13.06
CA ASP A 58 20.68 5.44 -13.32
C ASP A 58 20.84 4.22 -14.23
N GLY A 59 19.92 3.29 -14.15
CA GLY A 59 20.01 2.08 -15.03
C GLY A 59 20.85 0.98 -14.36
N ASN A 60 20.99 1.02 -13.06
CA ASN A 60 21.81 -0.02 -12.36
C ASN A 60 21.04 -1.35 -12.29
N GLY A 61 19.74 -1.29 -12.19
CA GLY A 61 18.91 -2.54 -12.12
C GLY A 61 18.09 -2.59 -10.82
N THR A 62 18.18 -1.58 -9.98
CA THR A 62 17.40 -1.60 -8.72
C THR A 62 16.69 -0.25 -8.50
N ILE A 63 15.82 -0.20 -7.54
CA ILE A 63 15.06 1.06 -7.29
C ILE A 63 15.56 1.77 -6.04
N ASP A 64 15.99 3.00 -6.16
CA ASP A 64 16.48 3.76 -4.99
C ASP A 64 15.39 4.69 -4.45
N PHE A 65 15.62 5.27 -3.30
CA PHE A 65 14.60 6.18 -2.68
C PHE A 65 14.03 7.22 -3.68
N PRO A 66 14.87 7.90 -4.42
CA PRO A 66 14.37 8.92 -5.38
C PRO A 66 13.68 8.27 -6.57
N GLU A 67 14.11 7.11 -6.99
CA GLU A 67 13.44 6.43 -8.15
C GLU A 67 12.06 5.89 -7.74
N PHE A 68 11.98 5.35 -6.55
CA PHE A 68 10.68 4.79 -6.07
C PHE A 68 9.63 5.89 -5.95
N LEU A 69 9.99 7.02 -5.38
CA LEU A 69 9.01 8.14 -5.22
C LEU A 69 8.50 8.60 -6.59
N THR A 70 9.36 8.65 -7.57
CA THR A 70 8.95 9.10 -8.93
C THR A 70 7.88 8.17 -9.52
N MET A 71 8.03 6.88 -9.32
CA MET A 71 7.04 5.90 -9.89
C MET A 71 5.68 5.99 -9.20
N MET A 72 5.66 6.14 -7.90
CA MET A 72 4.35 6.22 -7.18
C MET A 72 3.50 7.40 -7.67
N ALA A 73 4.08 8.56 -7.72
CA ALA A 73 3.33 9.77 -8.17
C ALA A 73 2.98 9.72 -9.67
N ARG A 74 3.83 9.11 -10.46
CA ARG A 74 3.54 9.04 -11.93
C ARG A 74 2.41 8.05 -12.25
N LYS A 75 2.43 6.89 -11.62
CA LYS A 75 1.37 5.86 -11.90
C LYS A 75 0.01 6.22 -11.30
N MET A 76 -0.02 6.73 -10.09
CA MET A 76 -1.34 7.06 -9.45
C MET A 76 -2.12 8.10 -10.27
N LYS A 77 -1.43 8.96 -10.98
CA LYS A 77 -2.13 10.02 -11.77
C LYS A 77 -3.00 9.41 -12.88
N ASP A 78 -2.44 8.56 -13.70
CA ASP A 78 -3.23 7.95 -14.81
C ASP A 78 -4.26 6.95 -14.27
N THR A 79 -4.18 6.62 -13.01
CA THR A 79 -5.14 5.67 -12.41
C THR A 79 -6.39 6.43 -11.93
N ASP A 80 -7.31 5.78 -11.27
CA ASP A 80 -8.54 6.46 -10.77
C ASP A 80 -8.72 6.18 -9.29
N SER A 81 -9.14 7.16 -8.53
CA SER A 81 -9.33 6.96 -7.07
C SER A 81 -10.35 5.85 -6.82
N GLU A 82 -11.34 5.75 -7.66
CA GLU A 82 -12.37 4.68 -7.50
C GLU A 82 -11.70 3.31 -7.61
N GLU A 83 -10.70 3.21 -8.44
CA GLU A 83 -9.98 1.91 -8.63
C GLU A 83 -9.16 1.56 -7.39
N GLU A 84 -8.52 2.51 -6.78
CA GLU A 84 -7.67 2.21 -5.59
C GLU A 84 -8.54 1.81 -4.39
N ILE A 85 -9.66 2.47 -4.20
CA ILE A 85 -10.54 2.11 -3.04
C ILE A 85 -11.17 0.74 -3.23
N ARG A 86 -11.79 0.48 -4.36
CA ARG A 86 -12.45 -0.84 -4.57
C ARG A 86 -11.45 -2.01 -4.48
N GLU A 87 -10.27 -1.84 -5.03
CA GLU A 87 -9.25 -2.93 -4.99
C GLU A 87 -8.70 -3.14 -3.58
N ALA A 88 -8.44 -2.07 -2.87
CA ALA A 88 -7.87 -2.18 -1.48
C ALA A 88 -8.85 -2.86 -0.55
N PHE A 89 -10.11 -2.50 -0.63
CA PHE A 89 -11.15 -3.15 0.24
C PHE A 89 -11.21 -4.64 -0.11
N ARG A 90 -11.13 -4.94 -1.37
CA ARG A 90 -11.19 -6.37 -1.82
C ARG A 90 -10.03 -7.17 -1.20
N VAL A 91 -8.88 -6.56 -1.07
CA VAL A 91 -7.71 -7.29 -0.47
C VAL A 91 -7.94 -7.53 1.02
N PHE A 92 -8.30 -6.51 1.76
CA PHE A 92 -8.55 -6.68 3.23
C PHE A 92 -9.79 -7.55 3.45
N ASP A 93 -10.81 -7.35 2.66
CA ASP A 93 -12.05 -8.17 2.80
C ASP A 93 -11.83 -9.53 2.12
N LYS A 94 -11.10 -10.40 2.76
CA LYS A 94 -10.84 -11.74 2.14
C LYS A 94 -12.12 -12.57 2.10
N ASP A 95 -12.91 -12.52 3.15
CA ASP A 95 -14.20 -13.29 3.16
C ASP A 95 -15.24 -12.62 2.26
N GLY A 96 -15.08 -11.35 1.99
CA GLY A 96 -16.05 -10.63 1.11
C GLY A 96 -17.41 -10.53 1.82
N ASN A 97 -17.42 -10.55 3.13
CA ASN A 97 -18.70 -10.46 3.88
C ASN A 97 -19.34 -9.06 3.75
N GLY A 98 -18.61 -8.10 3.27
CA GLY A 98 -19.19 -6.72 3.12
C GLY A 98 -18.46 -5.74 4.04
N TYR A 99 -17.80 -6.22 5.06
CA TYR A 99 -17.06 -5.29 5.98
C TYR A 99 -15.78 -5.96 6.47
N ILE A 100 -14.78 -5.18 6.82
CA ILE A 100 -13.49 -5.78 7.30
C ILE A 100 -13.52 -6.00 8.80
N SER A 101 -13.13 -7.17 9.21
CA SER A 101 -13.12 -7.53 10.65
C SER A 101 -11.79 -7.12 11.29
N ALA A 102 -11.69 -7.20 12.59
CA ALA A 102 -10.43 -6.84 13.29
C ALA A 102 -9.33 -7.83 12.88
N ALA A 103 -9.69 -9.08 12.79
CA ALA A 103 -8.69 -10.11 12.39
C ALA A 103 -8.19 -9.82 10.97
N GLU A 104 -9.07 -9.38 10.12
CA GLU A 104 -8.66 -9.07 8.71
C GLU A 104 -7.62 -7.95 8.68
N LEU A 105 -7.77 -6.95 9.51
CA LEU A 105 -6.78 -5.83 9.55
C LEU A 105 -5.40 -6.38 9.95
N ARG A 106 -5.36 -7.21 10.95
CA ARG A 106 -4.06 -7.80 11.41
C ARG A 106 -3.46 -8.69 10.32
N HIS A 107 -4.30 -9.27 9.49
CA HIS A 107 -3.79 -10.19 8.42
C HIS A 107 -2.86 -9.45 7.45
N VAL A 108 -3.27 -8.29 6.99
CA VAL A 108 -2.44 -7.52 6.01
C VAL A 108 -1.21 -6.89 6.69
N MET A 109 -1.39 -6.23 7.81
CA MET A 109 -0.23 -5.58 8.48
C MET A 109 0.85 -6.60 8.82
N THR A 110 0.45 -7.77 9.25
CA THR A 110 1.45 -8.84 9.57
C THR A 110 2.13 -9.28 8.28
N ASN A 111 1.35 -9.49 7.25
CA ASN A 111 1.94 -9.89 5.93
C ASN A 111 2.86 -8.79 5.44
N LEU A 112 2.53 -7.56 5.74
CA LEU A 112 3.38 -6.42 5.30
C LEU A 112 4.71 -6.44 6.05
N GLY A 113 4.68 -6.78 7.31
CA GLY A 113 5.94 -6.83 8.11
C GLY A 113 5.84 -5.84 9.28
N GLU A 114 4.69 -5.75 9.90
CA GLU A 114 4.52 -4.82 11.04
C GLU A 114 4.05 -5.59 12.29
N LYS A 115 4.63 -5.30 13.43
CA LYS A 115 4.23 -6.01 14.68
C LYS A 115 3.21 -5.16 15.44
N LEU A 116 2.08 -5.73 15.78
CA LEU A 116 1.04 -4.96 16.51
C LEU A 116 0.16 -5.87 17.37
N THR A 117 -0.41 -5.32 18.42
CA THR A 117 -1.30 -6.12 19.29
C THR A 117 -2.73 -6.07 18.74
N ASP A 118 -3.61 -6.91 19.24
CA ASP A 118 -5.01 -6.85 18.76
C ASP A 118 -5.62 -5.50 19.15
N GLU A 119 -5.05 -4.84 20.13
CA GLU A 119 -5.56 -3.50 20.56
C GLU A 119 -5.27 -2.48 19.46
N GLU A 120 -4.11 -2.61 18.84
CA GLU A 120 -3.72 -1.69 17.73
C GLU A 120 -4.72 -1.83 16.60
N VAL A 121 -5.12 -3.04 16.35
CA VAL A 121 -6.08 -3.32 15.25
C VAL A 121 -7.48 -2.77 15.61
N ASP A 122 -7.88 -2.90 16.83
CA ASP A 122 -9.23 -2.44 17.27
C ASP A 122 -9.38 -0.94 17.02
N GLU A 123 -8.41 -0.17 17.45
CA GLU A 123 -8.51 1.30 17.25
C GLU A 123 -8.61 1.62 15.78
N MET A 124 -7.88 0.92 14.94
CA MET A 124 -7.94 1.23 13.48
C MET A 124 -9.39 1.12 13.00
N ILE A 125 -10.12 0.16 13.54
CA ILE A 125 -11.56 0.02 13.16
C ILE A 125 -12.33 1.26 13.64
N ARG A 126 -11.96 1.78 14.78
CA ARG A 126 -12.65 2.97 15.34
C ARG A 126 -12.57 4.15 14.37
N GLU A 127 -11.45 4.33 13.72
CA GLU A 127 -11.29 5.47 12.78
C GLU A 127 -12.32 5.41 11.65
N ALA A 128 -12.61 4.24 11.14
CA ALA A 128 -13.61 4.13 10.04
C ALA A 128 -14.99 3.74 10.58
N ASP A 129 -15.05 3.20 11.78
CA ASP A 129 -16.38 2.78 12.34
C ASP A 129 -17.23 4.00 12.74
N ILE A 130 -17.73 4.72 11.77
CA ILE A 130 -18.57 5.92 12.08
C ILE A 130 -19.90 5.48 12.70
N ASP A 131 -20.49 4.42 12.19
CA ASP A 131 -21.81 3.96 12.74
C ASP A 131 -21.65 3.31 14.12
N GLY A 132 -20.45 2.92 14.48
CA GLY A 132 -20.24 2.30 15.84
C GLY A 132 -20.63 0.82 15.82
N ASP A 133 -20.64 0.19 14.68
CA ASP A 133 -21.00 -1.26 14.61
C ASP A 133 -19.77 -2.13 14.95
N GLY A 134 -18.63 -1.53 15.09
CA GLY A 134 -17.39 -2.30 15.44
C GLY A 134 -16.76 -2.90 14.17
N GLN A 135 -17.37 -2.70 13.03
CA GLN A 135 -16.82 -3.26 11.76
C GLN A 135 -16.94 -2.20 10.66
N VAL A 136 -16.04 -2.21 9.71
CA VAL A 136 -16.11 -1.19 8.62
C VAL A 136 -16.90 -1.73 7.41
N ASN A 137 -18.06 -1.19 7.16
CA ASN A 137 -18.87 -1.65 5.99
C ASN A 137 -18.35 -1.01 4.72
N TYR A 138 -18.86 -1.42 3.59
CA TYR A 138 -18.39 -0.85 2.29
C TYR A 138 -18.81 0.61 2.15
N GLU A 139 -20.01 0.95 2.58
CA GLU A 139 -20.48 2.38 2.43
C GLU A 139 -19.62 3.35 3.24
N GLU A 140 -19.43 3.09 4.52
CA GLU A 140 -18.62 4.01 5.35
C GLU A 140 -17.13 3.97 4.95
N PHE A 141 -16.71 2.90 4.34
CA PHE A 141 -15.27 2.79 3.91
C PHE A 141 -14.94 3.92 2.93
N VAL A 142 -15.84 4.19 2.02
CA VAL A 142 -15.61 5.27 1.00
C VAL A 142 -15.68 6.67 1.67
N GLN A 143 -16.56 6.84 2.61
CA GLN A 143 -16.72 8.18 3.27
C GLN A 143 -15.40 8.61 3.94
N MET A 144 -14.81 7.76 4.74
CA MET A 144 -13.53 8.12 5.41
C MET A 144 -12.45 8.44 4.37
N MET A 145 -12.44 7.70 3.28
CA MET A 145 -11.42 7.93 2.21
C MET A 145 -11.62 9.28 1.52
N THR A 146 -12.85 9.67 1.28
CA THR A 146 -13.11 10.98 0.60
C THR A 146 -12.49 12.13 1.39
N ALA A 147 -12.33 11.95 2.68
CA ALA A 147 -11.73 13.05 3.51
C ALA A 147 -10.22 13.13 3.27
N LYS A 148 -9.71 14.32 3.10
CA LYS A 148 -8.24 14.48 2.86
C LYS A 148 -7.64 15.45 3.89
N GLY B 5 -0.60 4.85 12.67
CA GLY B 5 -0.76 6.13 11.93
C GLY B 5 -2.24 6.35 11.62
N GLY B 6 -2.60 6.37 10.36
CA GLY B 6 -4.03 6.59 9.99
C GLY B 6 -4.44 5.57 8.92
N PHE B 7 -5.64 5.06 9.02
CA PHE B 7 -6.11 4.06 8.01
C PHE B 7 -6.16 4.68 6.62
N ARG B 8 -6.61 5.90 6.52
CA ARG B 8 -6.69 6.57 5.18
C ARG B 8 -5.29 6.72 4.57
N ARG B 9 -4.32 7.05 5.38
CA ARG B 9 -2.93 7.22 4.85
C ARG B 9 -2.39 5.91 4.26
N ILE B 10 -2.53 4.83 4.97
CA ILE B 10 -2.02 3.51 4.44
C ILE B 10 -2.87 3.03 3.26
N ALA B 11 -4.11 3.44 3.19
CA ALA B 11 -4.98 3.01 2.06
C ALA B 11 -4.40 3.50 0.74
N ARG B 12 -3.80 4.66 0.75
CA ARG B 12 -3.19 5.22 -0.50
C ARG B 12 -2.12 4.27 -1.03
N LEU B 13 -1.33 3.70 -0.16
CA LEU B 13 -0.26 2.75 -0.60
C LEU B 13 -0.87 1.52 -1.27
N VAL B 14 -1.96 1.01 -0.74
CA VAL B 14 -2.61 -0.20 -1.33
C VAL B 14 -3.09 0.10 -2.76
N GLY B 15 -3.64 1.26 -2.99
CA GLY B 15 -4.13 1.61 -4.35
C GLY B 15 -2.96 1.57 -5.36
N VAL B 16 -1.81 2.03 -4.95
CA VAL B 16 -0.63 2.04 -5.87
C VAL B 16 -0.11 0.60 -6.09
N LEU B 17 -0.41 -0.31 -5.20
CA LEU B 17 0.09 -1.71 -5.36
C LEU B 17 -0.45 -2.31 -6.66
N ARG B 18 -1.70 -2.07 -6.96
CA ARG B 18 -2.29 -2.61 -8.23
C ARG B 18 -1.67 -1.89 -9.45
N GLU B 19 -1.40 -0.62 -9.30
CA GLU B 19 -0.80 0.16 -10.43
C GLU B 19 0.55 -0.44 -10.82
N TRP B 20 1.30 -0.92 -9.86
CA TRP B 20 2.64 -1.50 -10.16
C TRP B 20 2.52 -2.69 -11.12
N ALA B 21 1.53 -3.53 -10.92
CA ALA B 21 1.36 -4.72 -11.83
C ALA B 21 1.17 -4.27 -13.28
N TYR B 22 0.26 -3.36 -13.52
CA TYR B 22 0.03 -2.88 -14.91
C TYR B 22 1.32 -2.27 -15.49
N ARG B 23 2.03 -1.53 -14.68
CA ARG B 23 3.29 -0.88 -15.16
C ARG B 23 4.43 -1.14 -14.17
N ALA A 1 4.83 30.68 -3.09
CA ALA A 1 4.78 29.36 -3.79
C ALA A 1 4.94 28.23 -2.77
N ASP A 2 3.99 28.10 -1.88
CA ASP A 2 4.06 27.02 -0.84
C ASP A 2 3.00 25.95 -1.14
N GLN A 3 2.61 25.82 -2.37
CA GLN A 3 1.56 24.80 -2.74
C GLN A 3 2.05 23.40 -2.38
N LEU A 4 3.30 23.14 -2.61
CA LEU A 4 3.87 21.79 -2.29
C LEU A 4 4.01 21.63 -0.79
N THR A 5 4.38 20.46 -0.35
CA THR A 5 4.55 20.20 1.11
C THR A 5 5.68 19.19 1.32
N GLU A 6 6.72 19.60 1.98
CA GLU A 6 7.87 18.69 2.25
C GLU A 6 7.48 17.64 3.30
N GLU A 7 6.54 17.94 4.15
CA GLU A 7 6.13 16.96 5.21
C GLU A 7 5.53 15.69 4.59
N GLN A 8 5.06 15.77 3.37
CA GLN A 8 4.51 14.54 2.71
C GLN A 8 5.65 13.58 2.39
N ILE A 9 6.78 14.11 1.97
CA ILE A 9 7.96 13.29 1.61
C ILE A 9 8.48 12.49 2.80
N ALA A 10 8.48 13.06 3.98
CA ALA A 10 8.98 12.32 5.18
C ALA A 10 8.14 11.07 5.42
N GLU A 11 6.85 11.15 5.22
CA GLU A 11 5.98 9.96 5.42
C GLU A 11 6.39 8.83 4.48
N PHE A 12 6.73 9.17 3.27
CA PHE A 12 7.16 8.13 2.29
C PHE A 12 8.45 7.45 2.75
N LYS A 13 9.23 8.09 3.59
CA LYS A 13 10.49 7.45 4.06
C LYS A 13 10.15 6.27 4.97
N GLU A 14 9.17 6.46 5.81
CA GLU A 14 8.76 5.37 6.75
C GLU A 14 8.03 4.25 6.00
N ALA A 15 7.46 4.54 4.86
CA ALA A 15 6.75 3.49 4.06
C ALA A 15 7.78 2.64 3.30
N PHE A 16 8.83 3.26 2.85
CA PHE A 16 9.88 2.55 2.05
C PHE A 16 10.48 1.39 2.84
N SER A 17 10.66 1.55 4.13
CA SER A 17 11.23 0.44 4.96
C SER A 17 10.30 -0.77 4.90
N LEU A 18 9.00 -0.54 4.89
CA LEU A 18 8.03 -1.67 4.83
C LEU A 18 8.27 -2.48 3.54
N PHE A 19 8.55 -1.81 2.46
CA PHE A 19 8.82 -2.52 1.18
C PHE A 19 10.24 -3.08 1.17
N ASP A 20 11.17 -2.36 1.75
CA ASP A 20 12.59 -2.84 1.78
C ASP A 20 12.85 -3.62 3.07
N LYS A 21 12.75 -4.91 3.03
CA LYS A 21 12.97 -5.74 4.26
C LYS A 21 14.40 -5.58 4.78
N ASP A 22 15.36 -5.36 3.91
CA ASP A 22 16.78 -5.26 4.36
C ASP A 22 17.08 -3.88 4.93
N GLY A 23 16.20 -2.92 4.77
CA GLY A 23 16.46 -1.55 5.31
C GLY A 23 17.78 -1.04 4.71
N ASP A 24 18.13 -1.49 3.53
CA ASP A 24 19.38 -1.02 2.89
C ASP A 24 19.12 0.17 1.97
N GLY A 25 17.87 0.58 1.82
CA GLY A 25 17.57 1.76 0.96
C GLY A 25 17.20 1.34 -0.48
N THR A 26 17.13 0.06 -0.77
CA THR A 26 16.78 -0.35 -2.17
C THR A 26 15.88 -1.60 -2.19
N ILE A 27 14.92 -1.61 -3.10
CA ILE A 27 13.98 -2.76 -3.21
C ILE A 27 14.31 -3.63 -4.43
N THR A 28 14.42 -4.92 -4.24
CA THR A 28 14.75 -5.82 -5.39
C THR A 28 13.56 -6.74 -5.71
N THR A 29 13.38 -7.08 -6.97
CA THR A 29 12.22 -7.94 -7.41
C THR A 29 11.97 -9.11 -6.45
N LYS A 30 13.01 -9.62 -5.82
CA LYS A 30 12.80 -10.73 -4.85
C LYS A 30 11.99 -10.23 -3.65
N GLU A 31 12.39 -9.12 -3.10
CA GLU A 31 11.69 -8.55 -1.91
C GLU A 31 10.22 -8.23 -2.21
N LEU A 32 9.96 -7.41 -3.20
CA LEU A 32 8.54 -7.05 -3.52
C LEU A 32 7.74 -8.29 -3.92
N GLY A 33 8.38 -9.25 -4.54
CA GLY A 33 7.68 -10.49 -4.98
C GLY A 33 6.90 -11.10 -3.81
N THR A 34 7.41 -10.98 -2.61
CA THR A 34 6.69 -11.54 -1.43
C THR A 34 5.42 -10.73 -1.14
N VAL A 35 5.49 -9.43 -1.28
CA VAL A 35 4.29 -8.57 -1.00
C VAL A 35 3.16 -8.89 -1.99
N MET A 36 3.42 -8.75 -3.26
CA MET A 36 2.37 -9.05 -4.28
C MET A 36 1.90 -10.50 -4.19
N ARG A 37 2.78 -11.38 -3.76
CA ARG A 37 2.39 -12.82 -3.63
C ARG A 37 1.25 -12.94 -2.61
N SER A 38 1.42 -12.34 -1.46
CA SER A 38 0.36 -12.38 -0.41
C SER A 38 -0.79 -11.44 -0.77
N LEU A 39 -0.54 -10.49 -1.65
CA LEU A 39 -1.61 -9.54 -2.05
C LEU A 39 -2.26 -9.96 -3.38
N GLY A 40 -1.80 -11.03 -3.99
CA GLY A 40 -2.39 -11.47 -5.28
C GLY A 40 -1.57 -12.60 -5.89
N GLN A 41 -0.38 -12.32 -6.38
CA GLN A 41 0.45 -13.40 -6.99
C GLN A 41 1.91 -13.00 -7.09
N ASN A 42 2.77 -13.96 -7.25
CA ASN A 42 4.22 -13.67 -7.39
C ASN A 42 4.66 -14.02 -8.82
N PRO A 43 4.85 -13.01 -9.65
CA PRO A 43 5.28 -13.25 -11.05
C PRO A 43 6.66 -13.93 -11.09
N THR A 44 7.50 -13.64 -12.06
CA THR A 44 8.83 -14.31 -12.12
C THR A 44 9.97 -13.32 -12.37
N GLU A 45 11.16 -13.71 -11.99
CA GLU A 45 12.36 -12.83 -12.17
C GLU A 45 12.49 -12.34 -13.63
N ALA A 46 11.92 -13.05 -14.57
CA ALA A 46 11.97 -12.58 -15.99
C ALA A 46 11.08 -11.33 -16.12
N GLU A 47 9.82 -11.51 -15.82
CA GLU A 47 8.85 -10.38 -15.90
C GLU A 47 9.18 -9.34 -14.83
N LEU A 48 9.61 -9.79 -13.68
CA LEU A 48 9.98 -8.82 -12.59
C LEU A 48 11.08 -7.89 -13.07
N GLN A 49 11.96 -8.40 -13.89
CA GLN A 49 13.09 -7.56 -14.41
C GLN A 49 12.56 -6.42 -15.29
N ASP A 50 11.57 -6.69 -16.10
CA ASP A 50 11.00 -5.62 -16.99
C ASP A 50 10.37 -4.49 -16.17
N MET A 51 9.67 -4.84 -15.12
CA MET A 51 9.00 -3.79 -14.28
C MET A 51 10.06 -2.84 -13.71
N ILE A 52 11.16 -3.38 -13.27
CA ILE A 52 12.26 -2.54 -12.71
C ILE A 52 12.92 -1.69 -13.80
N ASN A 53 13.07 -2.24 -14.98
CA ASN A 53 13.73 -1.47 -16.08
C ASN A 53 12.96 -0.19 -16.41
N GLU A 54 11.65 -0.23 -16.43
CA GLU A 54 10.87 1.00 -16.74
C GLU A 54 10.98 2.01 -15.59
N VAL A 55 11.18 1.53 -14.38
CA VAL A 55 11.29 2.45 -13.21
C VAL A 55 12.75 2.77 -12.89
N ASP A 56 13.70 2.10 -13.50
CA ASP A 56 15.13 2.39 -13.23
C ASP A 56 15.56 3.69 -13.90
N ALA A 57 15.56 4.77 -13.17
CA ALA A 57 15.98 6.07 -13.77
C ALA A 57 17.48 6.06 -14.06
N ASP A 58 18.24 5.39 -13.22
CA ASP A 58 19.72 5.34 -13.44
C ASP A 58 20.10 4.10 -14.28
N GLY A 59 19.30 3.08 -14.23
CA GLY A 59 19.59 1.85 -15.03
C GLY A 59 20.48 0.88 -14.25
N ASN A 60 20.52 1.01 -12.95
CA ASN A 60 21.37 0.09 -12.13
C ASN A 60 20.70 -1.28 -11.99
N GLY A 61 19.40 -1.31 -12.09
CA GLY A 61 18.66 -2.61 -11.98
C GLY A 61 17.86 -2.68 -10.66
N THR A 62 17.95 -1.67 -9.83
CA THR A 62 17.20 -1.68 -8.53
C THR A 62 16.43 -0.39 -8.34
N ILE A 63 15.59 -0.34 -7.35
CA ILE A 63 14.77 0.88 -7.09
C ILE A 63 15.53 1.83 -6.17
N ASP A 64 15.06 3.03 -6.06
CA ASP A 64 15.71 4.04 -5.15
C ASP A 64 14.65 4.97 -4.57
N PHE A 65 14.88 5.50 -3.38
CA PHE A 65 13.91 6.44 -2.74
C PHE A 65 13.35 7.47 -3.75
N PRO A 66 14.25 8.16 -4.44
CA PRO A 66 13.79 9.16 -5.44
C PRO A 66 13.14 8.49 -6.66
N GLU A 67 13.54 7.27 -7.00
CA GLU A 67 12.90 6.57 -8.16
C GLU A 67 11.49 6.12 -7.78
N PHE A 68 11.34 5.53 -6.62
CA PHE A 68 9.99 5.06 -6.17
C PHE A 68 9.00 6.22 -6.08
N LEU A 69 9.43 7.33 -5.54
CA LEU A 69 8.51 8.51 -5.38
C LEU A 69 8.13 9.11 -6.73
N THR A 70 9.06 9.22 -7.64
CA THR A 70 8.74 9.80 -8.98
C THR A 70 7.71 8.94 -9.72
N MET A 71 7.84 7.65 -9.62
CA MET A 71 6.90 6.73 -10.32
C MET A 71 5.48 6.83 -9.74
N MET A 72 5.35 6.81 -8.44
CA MET A 72 3.99 6.89 -7.81
C MET A 72 3.28 8.19 -8.20
N ALA A 73 3.93 9.32 -8.06
CA ALA A 73 3.28 10.62 -8.41
C ALA A 73 2.90 10.65 -9.89
N ARG A 74 3.67 10.01 -10.71
CA ARG A 74 3.38 9.99 -12.18
C ARG A 74 2.14 9.14 -12.48
N LYS A 75 1.98 8.04 -11.80
CA LYS A 75 0.80 7.15 -12.05
C LYS A 75 -0.50 7.76 -11.52
N MET A 76 -0.44 8.74 -10.64
CA MET A 76 -1.70 9.32 -10.07
C MET A 76 -2.56 9.91 -11.20
N LYS A 77 -1.98 10.71 -12.05
CA LYS A 77 -2.76 11.33 -13.17
C LYS A 77 -3.14 10.28 -14.22
N ASP A 78 -2.31 9.29 -14.41
CA ASP A 78 -2.61 8.23 -15.42
C ASP A 78 -3.77 7.34 -14.98
N THR A 79 -4.08 7.33 -13.71
CA THR A 79 -5.17 6.44 -13.21
C THR A 79 -6.28 7.23 -12.50
N ASP A 80 -7.09 6.54 -11.75
CA ASP A 80 -8.21 7.19 -11.02
C ASP A 80 -8.17 6.81 -9.54
N SER A 81 -8.48 7.75 -8.68
CA SER A 81 -8.47 7.47 -7.22
C SER A 81 -9.57 6.46 -6.88
N GLU A 82 -10.65 6.50 -7.59
CA GLU A 82 -11.77 5.53 -7.33
C GLU A 82 -11.25 4.11 -7.53
N GLU A 83 -10.40 3.94 -8.50
CA GLU A 83 -9.84 2.58 -8.80
C GLU A 83 -8.88 2.15 -7.68
N GLU A 84 -8.10 3.07 -7.18
CA GLU A 84 -7.13 2.73 -6.09
C GLU A 84 -7.88 2.25 -4.84
N ILE A 85 -9.01 2.84 -4.55
CA ILE A 85 -9.80 2.42 -3.34
C ILE A 85 -10.36 1.01 -3.53
N ARG A 86 -10.90 0.71 -4.68
CA ARG A 86 -11.49 -0.65 -4.90
C ARG A 86 -10.42 -1.73 -4.71
N GLU A 87 -9.21 -1.49 -5.17
CA GLU A 87 -8.13 -2.52 -5.02
C GLU A 87 -7.70 -2.65 -3.55
N ALA A 88 -7.61 -1.56 -2.84
CA ALA A 88 -7.15 -1.61 -1.40
C ALA A 88 -8.15 -2.39 -0.54
N PHE A 89 -9.41 -2.12 -0.68
CA PHE A 89 -10.45 -2.85 0.11
C PHE A 89 -10.40 -4.34 -0.24
N ARG A 90 -10.23 -4.64 -1.50
CA ARG A 90 -10.19 -6.06 -1.95
C ARG A 90 -9.05 -6.84 -1.26
N VAL A 91 -7.91 -6.22 -1.09
CA VAL A 91 -6.77 -6.94 -0.44
C VAL A 91 -7.06 -7.16 1.05
N PHE A 92 -7.56 -6.17 1.73
CA PHE A 92 -7.85 -6.33 3.19
C PHE A 92 -9.01 -7.32 3.42
N ASP A 93 -10.02 -7.28 2.60
CA ASP A 93 -11.17 -8.21 2.76
C ASP A 93 -10.80 -9.59 2.20
N LYS A 94 -10.04 -10.36 2.94
CA LYS A 94 -9.62 -11.71 2.47
C LYS A 94 -10.85 -12.59 2.21
N ASP A 95 -11.79 -12.58 3.12
CA ASP A 95 -13.04 -13.40 2.94
C ASP A 95 -14.03 -12.69 2.01
N GLY A 96 -13.86 -11.40 1.83
CA GLY A 96 -14.78 -10.64 0.92
C GLY A 96 -16.23 -10.80 1.37
N ASN A 97 -16.56 -10.35 2.55
CA ASN A 97 -17.97 -10.48 3.04
C ASN A 97 -18.69 -9.12 3.02
N GLY A 98 -17.98 -8.03 2.79
CA GLY A 98 -18.64 -6.69 2.75
C GLY A 98 -17.97 -5.76 3.77
N TYR A 99 -17.39 -6.30 4.81
CA TYR A 99 -16.71 -5.45 5.83
C TYR A 99 -15.49 -6.18 6.38
N ILE A 100 -14.50 -5.45 6.83
CA ILE A 100 -13.27 -6.11 7.36
C ILE A 100 -13.42 -6.39 8.85
N SER A 101 -13.12 -7.60 9.22
CA SER A 101 -13.24 -8.01 10.66
C SER A 101 -11.94 -7.69 11.42
N ALA A 102 -11.96 -7.85 12.72
CA ALA A 102 -10.74 -7.58 13.53
C ALA A 102 -9.63 -8.56 13.13
N ALA A 103 -9.99 -9.80 12.93
CA ALA A 103 -8.98 -10.81 12.53
C ALA A 103 -8.45 -10.46 11.14
N GLU A 104 -9.30 -9.97 10.27
CA GLU A 104 -8.84 -9.61 8.90
C GLU A 104 -7.84 -8.46 8.95
N LEU A 105 -8.07 -7.47 9.79
CA LEU A 105 -7.11 -6.33 9.88
C LEU A 105 -5.72 -6.85 10.30
N ARG A 106 -5.70 -7.72 11.28
CA ARG A 106 -4.41 -8.31 11.76
C ARG A 106 -3.73 -9.12 10.65
N HIS A 107 -4.49 -9.72 9.77
CA HIS A 107 -3.86 -10.54 8.68
C HIS A 107 -2.93 -9.68 7.82
N VAL A 108 -3.38 -8.51 7.42
CA VAL A 108 -2.53 -7.62 6.58
C VAL A 108 -1.43 -6.95 7.41
N MET A 109 -1.70 -6.68 8.67
CA MET A 109 -0.67 -6.02 9.52
C MET A 109 0.58 -6.91 9.62
N THR A 110 0.39 -8.17 9.92
CA THR A 110 1.55 -9.10 10.04
C THR A 110 2.18 -9.33 8.66
N ASN A 111 1.37 -9.54 7.65
CA ASN A 111 1.93 -9.75 6.27
C ASN A 111 2.75 -8.53 5.86
N LEU A 112 2.38 -7.38 6.36
CA LEU A 112 3.13 -6.15 6.02
C LEU A 112 4.51 -6.18 6.68
N GLY A 113 4.63 -6.84 7.81
CA GLY A 113 5.95 -6.93 8.49
C GLY A 113 5.93 -6.14 9.81
N GLU A 114 4.76 -5.86 10.34
CA GLU A 114 4.68 -5.09 11.62
C GLU A 114 3.91 -5.90 12.68
N LYS A 115 4.31 -5.79 13.92
CA LYS A 115 3.61 -6.56 15.01
C LYS A 115 2.72 -5.64 15.83
N LEU A 116 1.46 -5.94 15.93
CA LEU A 116 0.52 -5.09 16.72
C LEU A 116 -0.38 -5.97 17.59
N THR A 117 -0.93 -5.42 18.64
CA THR A 117 -1.84 -6.20 19.53
C THR A 117 -3.25 -6.15 18.95
N ASP A 118 -4.13 -6.99 19.44
CA ASP A 118 -5.54 -6.96 18.96
C ASP A 118 -6.15 -5.59 19.27
N GLU A 119 -5.65 -4.95 20.30
CA GLU A 119 -6.16 -3.60 20.68
C GLU A 119 -5.81 -2.59 19.58
N GLU A 120 -4.69 -2.78 18.95
CA GLU A 120 -4.29 -1.87 17.84
C GLU A 120 -5.28 -2.05 16.69
N VAL A 121 -5.74 -3.25 16.49
CA VAL A 121 -6.70 -3.51 15.39
C VAL A 121 -8.05 -2.83 15.71
N ASP A 122 -8.46 -2.88 16.95
CA ASP A 122 -9.76 -2.29 17.35
C ASP A 122 -9.79 -0.79 17.05
N GLU A 123 -8.77 -0.08 17.47
CA GLU A 123 -8.75 1.38 17.23
C GLU A 123 -8.77 1.68 15.74
N MET A 124 -8.04 0.95 14.94
CA MET A 124 -8.05 1.23 13.47
C MET A 124 -9.49 1.20 12.95
N ILE A 125 -10.28 0.30 13.46
CA ILE A 125 -11.71 0.23 13.04
C ILE A 125 -12.44 1.51 13.46
N ARG A 126 -12.11 2.03 14.60
CA ARG A 126 -12.77 3.27 15.11
C ARG A 126 -12.68 4.41 14.10
N GLU A 127 -11.60 4.50 13.38
CA GLU A 127 -11.44 5.60 12.38
C GLU A 127 -12.53 5.55 11.32
N ALA A 128 -12.91 4.38 10.86
CA ALA A 128 -13.99 4.30 9.82
C ALA A 128 -15.29 3.75 10.43
N ASP A 129 -15.28 3.33 11.68
CA ASP A 129 -16.53 2.79 12.29
C ASP A 129 -17.45 3.95 12.71
N ILE A 130 -17.97 4.66 11.75
CA ILE A 130 -18.87 5.81 12.08
C ILE A 130 -20.20 5.31 12.68
N ASP A 131 -20.74 4.23 12.17
CA ASP A 131 -22.01 3.70 12.71
C ASP A 131 -21.82 3.11 14.11
N GLY A 132 -20.61 2.75 14.46
CA GLY A 132 -20.35 2.20 15.82
C GLY A 132 -20.69 0.69 15.88
N ASP A 133 -20.72 0.03 14.76
CA ASP A 133 -21.03 -1.43 14.76
C ASP A 133 -19.78 -2.26 15.09
N GLY A 134 -18.64 -1.63 15.13
CA GLY A 134 -17.36 -2.35 15.45
C GLY A 134 -16.73 -2.94 14.19
N GLN A 135 -17.29 -2.68 13.03
CA GLN A 135 -16.71 -3.23 11.77
C GLN A 135 -16.78 -2.16 10.67
N VAL A 136 -15.83 -2.16 9.77
CA VAL A 136 -15.84 -1.14 8.68
C VAL A 136 -16.55 -1.70 7.44
N ASN A 137 -17.67 -1.13 7.08
CA ASN A 137 -18.41 -1.62 5.88
C ASN A 137 -17.79 -0.99 4.64
N TYR A 138 -18.21 -1.44 3.49
CA TYR A 138 -17.66 -0.88 2.21
C TYR A 138 -17.95 0.63 2.15
N GLU A 139 -19.15 1.02 2.50
CA GLU A 139 -19.52 2.47 2.48
C GLU A 139 -18.66 3.28 3.46
N GLU A 140 -18.52 2.80 4.68
CA GLU A 140 -17.71 3.54 5.69
C GLU A 140 -16.24 3.57 5.27
N PHE A 141 -15.80 2.54 4.62
CA PHE A 141 -14.37 2.47 4.18
C PHE A 141 -14.02 3.62 3.24
N VAL A 142 -14.84 3.90 2.25
CA VAL A 142 -14.54 5.02 1.30
C VAL A 142 -14.67 6.39 1.99
N GLN A 143 -15.67 6.55 2.83
CA GLN A 143 -15.88 7.87 3.51
C GLN A 143 -14.66 8.28 4.34
N MET A 144 -14.17 7.38 5.16
CA MET A 144 -12.97 7.69 6.01
C MET A 144 -11.76 8.05 5.14
N MET A 145 -11.60 7.36 4.03
CA MET A 145 -10.44 7.64 3.14
C MET A 145 -10.55 9.04 2.52
N THR A 146 -11.74 9.44 2.15
CA THR A 146 -11.93 10.80 1.53
C THR A 146 -12.43 11.79 2.59
N ALA A 147 -12.21 11.50 3.85
CA ALA A 147 -12.69 12.42 4.93
C ALA A 147 -12.07 13.81 4.77
N LYS A 148 -10.77 13.87 4.59
CA LYS A 148 -10.10 15.20 4.44
C LYS A 148 -10.28 15.73 3.01
N GLY B 5 1.62 2.80 11.23
CA GLY B 5 1.41 4.00 10.38
C GLY B 5 -0.08 4.38 10.40
N GLY B 6 -0.49 5.22 9.49
CA GLY B 6 -1.92 5.63 9.44
C GLY B 6 -2.70 4.67 8.55
N PHE B 7 -3.96 4.45 8.86
CA PHE B 7 -4.78 3.51 8.03
C PHE B 7 -4.86 4.00 6.59
N ARG B 8 -5.08 5.27 6.39
CA ARG B 8 -5.17 5.83 5.01
C ARG B 8 -3.89 5.62 4.22
N ARG B 9 -2.74 5.78 4.86
CA ARG B 9 -1.44 5.61 4.14
C ARG B 9 -1.28 4.19 3.61
N ILE B 10 -1.67 3.21 4.37
CA ILE B 10 -1.52 1.78 3.91
C ILE B 10 -2.45 1.49 2.73
N ALA B 11 -3.66 1.99 2.76
CA ALA B 11 -4.62 1.71 1.65
C ALA B 11 -4.14 2.35 0.34
N ARG B 12 -3.60 3.55 0.41
CA ARG B 12 -3.12 4.23 -0.84
C ARG B 12 -2.00 3.42 -1.51
N LEU B 13 -1.09 2.88 -0.73
CA LEU B 13 0.02 2.09 -1.32
C LEU B 13 -0.51 0.89 -2.10
N VAL B 14 -1.52 0.24 -1.59
CA VAL B 14 -2.09 -0.95 -2.29
C VAL B 14 -2.74 -0.51 -3.62
N GLY B 15 -3.42 0.61 -3.62
CA GLY B 15 -4.09 1.09 -4.87
C GLY B 15 -3.05 1.19 -6.00
N VAL B 16 -1.88 1.69 -5.70
CA VAL B 16 -0.82 1.80 -6.74
C VAL B 16 -0.09 0.45 -6.90
N LEU B 17 -0.21 -0.43 -5.93
CA LEU B 17 0.51 -1.74 -6.02
C LEU B 17 0.04 -2.54 -7.25
N ARG B 18 -1.24 -2.66 -7.44
CA ARG B 18 -1.75 -3.43 -8.62
C ARG B 18 -1.36 -2.72 -9.91
N GLU B 19 -1.43 -1.41 -9.91
CA GLU B 19 -1.05 -0.63 -11.13
C GLU B 19 0.44 -0.85 -11.45
N TRP B 20 1.21 -1.18 -10.46
CA TRP B 20 2.69 -1.41 -10.68
C TRP B 20 2.89 -2.55 -11.69
N ALA B 21 2.14 -3.61 -11.56
CA ALA B 21 2.28 -4.76 -12.52
C ALA B 21 2.01 -4.30 -13.96
N TYR B 22 0.94 -3.58 -14.17
CA TYR B 22 0.62 -3.10 -15.56
C TYR B 22 1.76 -2.24 -16.11
N ARG B 23 2.35 -1.43 -15.28
CA ARG B 23 3.46 -0.56 -15.75
C ARG B 23 4.63 -0.59 -14.75
N ALA A 1 9.14 30.16 -0.21
CA ALA A 1 9.48 29.02 -1.10
C ALA A 1 8.44 27.90 -0.97
N ASP A 2 7.25 28.13 -1.48
CA ASP A 2 6.18 27.10 -1.38
C ASP A 2 5.97 26.39 -2.73
N GLN A 3 6.91 26.52 -3.64
CA GLN A 3 6.78 25.85 -4.97
C GLN A 3 6.66 24.34 -4.80
N LEU A 4 7.43 23.80 -3.90
CA LEU A 4 7.41 22.33 -3.65
C LEU A 4 6.81 22.02 -2.29
N THR A 5 6.79 20.77 -1.91
CA THR A 5 6.24 20.36 -0.59
C THR A 5 7.12 19.27 0.03
N GLU A 6 7.88 19.63 1.02
CA GLU A 6 8.78 18.64 1.69
C GLU A 6 8.02 17.83 2.75
N GLU A 7 6.81 18.20 3.08
CA GLU A 7 6.02 17.44 4.09
C GLU A 7 5.61 16.08 3.54
N GLN A 8 5.34 16.03 2.27
CA GLN A 8 4.97 14.73 1.62
C GLN A 8 6.19 13.79 1.57
N ILE A 9 7.37 14.34 1.62
CA ILE A 9 8.61 13.50 1.53
C ILE A 9 8.62 12.44 2.63
N ALA A 10 8.40 12.83 3.87
CA ALA A 10 8.41 11.83 4.98
C ALA A 10 7.27 10.80 4.83
N GLU A 11 6.23 11.15 4.11
CA GLU A 11 5.10 10.20 3.91
C GLU A 11 5.56 9.02 3.05
N PHE A 12 6.11 9.33 1.90
CA PHE A 12 6.64 8.26 1.00
C PHE A 12 7.85 7.60 1.64
N LYS A 13 8.49 8.29 2.56
CA LYS A 13 9.67 7.73 3.25
C LYS A 13 9.25 6.55 4.13
N GLU A 14 8.15 6.68 4.82
CA GLU A 14 7.68 5.58 5.71
C GLU A 14 7.42 4.30 4.90
N ALA A 15 6.57 4.36 3.90
CA ALA A 15 6.25 3.13 3.10
C ALA A 15 7.50 2.60 2.38
N PHE A 16 8.39 3.46 1.95
CA PHE A 16 9.61 3.00 1.23
C PHE A 16 10.42 2.02 2.10
N SER A 17 10.68 2.38 3.33
CA SER A 17 11.42 1.44 4.24
C SER A 17 10.53 0.22 4.49
N LEU A 18 9.26 0.45 4.64
CA LEU A 18 8.29 -0.67 4.90
C LEU A 18 8.33 -1.66 3.75
N PHE A 19 8.48 -1.19 2.54
CA PHE A 19 8.54 -2.09 1.36
C PHE A 19 9.88 -2.83 1.31
N ASP A 20 10.93 -2.23 1.84
CA ASP A 20 12.27 -2.90 1.82
C ASP A 20 12.50 -3.61 3.16
N LYS A 21 12.32 -4.91 3.20
CA LYS A 21 12.52 -5.66 4.48
C LYS A 21 13.98 -5.65 4.92
N ASP A 22 14.91 -5.61 4.00
CA ASP A 22 16.35 -5.64 4.39
C ASP A 22 16.84 -4.26 4.83
N GLY A 23 16.04 -3.23 4.65
CA GLY A 23 16.48 -1.87 5.06
C GLY A 23 17.70 -1.46 4.20
N ASP A 24 17.83 -2.05 3.03
CA ASP A 24 18.99 -1.73 2.16
C ASP A 24 18.77 -0.42 1.41
N GLY A 25 17.59 0.14 1.46
CA GLY A 25 17.32 1.39 0.72
C GLY A 25 17.05 1.04 -0.76
N THR A 26 16.96 -0.22 -1.10
CA THR A 26 16.71 -0.61 -2.51
C THR A 26 15.89 -1.92 -2.56
N ILE A 27 14.98 -2.01 -3.49
CA ILE A 27 14.14 -3.24 -3.60
C ILE A 27 14.62 -4.11 -4.76
N THR A 28 14.96 -5.34 -4.47
CA THR A 28 15.43 -6.26 -5.53
C THR A 28 14.28 -7.17 -5.99
N THR A 29 14.22 -7.48 -7.27
CA THR A 29 13.10 -8.32 -7.81
C THR A 29 12.72 -9.48 -6.87
N LYS A 30 13.67 -10.08 -6.21
CA LYS A 30 13.32 -11.17 -5.25
C LYS A 30 12.47 -10.60 -4.11
N GLU A 31 12.87 -9.48 -3.58
CA GLU A 31 12.11 -8.86 -2.44
C GLU A 31 10.66 -8.57 -2.85
N LEU A 32 10.46 -7.85 -3.93
CA LEU A 32 9.06 -7.52 -4.36
C LEU A 32 8.24 -8.79 -4.60
N GLY A 33 8.85 -9.81 -5.15
CA GLY A 33 8.11 -11.08 -5.41
C GLY A 33 7.42 -11.55 -4.12
N THR A 34 8.00 -11.29 -2.99
CA THR A 34 7.37 -11.71 -1.69
C THR A 34 6.11 -10.89 -1.40
N VAL A 35 6.15 -9.61 -1.68
CA VAL A 35 4.96 -8.74 -1.42
C VAL A 35 3.79 -9.20 -2.30
N MET A 36 3.99 -9.21 -3.61
CA MET A 36 2.89 -9.63 -4.54
C MET A 36 2.45 -11.06 -4.21
N ARG A 37 3.34 -11.86 -3.69
CA ARG A 37 2.98 -13.27 -3.31
C ARG A 37 1.85 -13.24 -2.27
N SER A 38 1.93 -12.30 -1.36
CA SER A 38 0.88 -12.17 -0.30
C SER A 38 -0.47 -11.76 -0.91
N LEU A 39 -0.46 -11.26 -2.12
CA LEU A 39 -1.75 -10.86 -2.78
C LEU A 39 -2.36 -12.08 -3.46
N GLY A 40 -1.54 -13.00 -3.88
CA GLY A 40 -2.03 -14.23 -4.56
C GLY A 40 -0.83 -14.99 -5.11
N GLN A 41 0.05 -14.28 -5.77
CA GLN A 41 1.27 -14.92 -6.34
C GLN A 41 2.34 -13.87 -6.64
N ASN A 42 3.48 -14.31 -7.07
CA ASN A 42 4.58 -13.37 -7.38
C ASN A 42 5.01 -13.48 -8.87
N PRO A 43 5.45 -12.37 -9.42
CA PRO A 43 5.89 -12.36 -10.85
C PRO A 43 7.19 -13.16 -11.00
N THR A 44 8.07 -12.79 -11.90
CA THR A 44 9.35 -13.56 -12.07
C THR A 44 10.55 -12.63 -12.22
N GLU A 45 11.70 -13.07 -11.77
CA GLU A 45 12.94 -12.24 -11.87
C GLU A 45 13.19 -11.74 -13.30
N ALA A 46 12.65 -12.43 -14.28
CA ALA A 46 12.81 -11.95 -15.69
C ALA A 46 11.94 -10.71 -15.89
N GLU A 47 10.66 -10.88 -15.67
CA GLU A 47 9.71 -9.74 -15.84
C GLU A 47 9.98 -8.68 -14.77
N LEU A 48 10.31 -9.08 -13.58
CA LEU A 48 10.62 -8.09 -12.50
C LEU A 48 11.77 -7.20 -12.95
N GLN A 49 12.69 -7.76 -13.66
CA GLN A 49 13.87 -6.99 -14.14
C GLN A 49 13.48 -5.97 -15.19
N ASP A 50 12.57 -6.31 -16.09
CA ASP A 50 12.13 -5.34 -17.14
C ASP A 50 11.39 -4.16 -16.52
N MET A 51 10.60 -4.43 -15.51
CA MET A 51 9.82 -3.34 -14.83
C MET A 51 10.79 -2.30 -14.25
N ILE A 52 11.83 -2.77 -13.62
CA ILE A 52 12.86 -1.85 -13.04
C ILE A 52 13.64 -1.15 -14.16
N ASN A 53 13.88 -1.83 -15.25
CA ASN A 53 14.64 -1.21 -16.39
C ASN A 53 13.90 0.02 -16.91
N GLU A 54 12.60 -0.04 -17.03
CA GLU A 54 11.81 1.14 -17.52
C GLU A 54 11.79 2.26 -16.48
N VAL A 55 11.88 1.91 -15.23
CA VAL A 55 11.84 2.93 -14.13
C VAL A 55 13.25 3.30 -13.64
N ASP A 56 14.27 2.60 -14.07
CA ASP A 56 15.65 2.93 -13.60
C ASP A 56 16.15 4.23 -14.23
N ALA A 57 16.22 5.29 -13.45
CA ALA A 57 16.70 6.59 -14.00
C ALA A 57 18.19 6.48 -14.36
N ASP A 58 18.97 5.83 -13.53
CA ASP A 58 20.42 5.67 -13.81
C ASP A 58 20.66 4.42 -14.67
N GLY A 59 19.82 3.43 -14.52
CA GLY A 59 19.98 2.19 -15.33
C GLY A 59 20.92 1.19 -14.61
N ASN A 60 21.09 1.34 -13.32
CA ASN A 60 21.98 0.41 -12.57
C ASN A 60 21.34 -0.98 -12.45
N GLY A 61 20.03 -1.01 -12.25
CA GLY A 61 19.33 -2.33 -12.12
C GLY A 61 18.40 -2.34 -10.91
N THR A 62 18.43 -1.32 -10.09
CA THR A 62 17.54 -1.32 -8.88
C THR A 62 16.87 0.06 -8.72
N ILE A 63 15.91 0.14 -7.83
CA ILE A 63 15.18 1.44 -7.64
C ILE A 63 15.60 2.14 -6.35
N ASP A 64 16.05 3.36 -6.48
CA ASP A 64 16.51 4.13 -5.27
C ASP A 64 15.43 5.12 -4.82
N PHE A 65 15.65 5.74 -3.70
CA PHE A 65 14.67 6.74 -3.14
C PHE A 65 14.21 7.77 -4.21
N PRO A 66 15.13 8.38 -4.93
CA PRO A 66 14.74 9.39 -5.94
C PRO A 66 13.94 8.76 -7.09
N GLU A 67 14.27 7.56 -7.50
CA GLU A 67 13.50 6.91 -8.61
C GLU A 67 12.10 6.53 -8.14
N PHE A 68 11.99 6.05 -6.93
CA PHE A 68 10.65 5.63 -6.40
C PHE A 68 9.68 6.82 -6.34
N LEU A 69 10.16 7.97 -5.94
CA LEU A 69 9.26 9.17 -5.84
C LEU A 69 8.79 9.65 -7.22
N THR A 70 9.66 9.66 -8.20
CA THR A 70 9.25 10.14 -9.56
C THR A 70 8.09 9.30 -10.12
N MET A 71 8.19 8.00 -10.01
CA MET A 71 7.10 7.12 -10.55
C MET A 71 5.81 7.25 -9.75
N MET A 72 5.91 7.35 -8.44
CA MET A 72 4.69 7.46 -7.59
C MET A 72 3.86 8.70 -7.95
N ALA A 73 4.50 9.85 -8.03
CA ALA A 73 3.75 11.11 -8.35
C ALA A 73 3.29 11.16 -9.81
N ARG A 74 4.03 10.55 -10.71
CA ARG A 74 3.63 10.58 -12.15
C ARG A 74 2.59 9.50 -12.48
N LYS A 75 2.86 8.28 -12.10
CA LYS A 75 1.92 7.16 -12.42
C LYS A 75 0.59 7.29 -11.67
N MET A 76 0.61 7.71 -10.43
CA MET A 76 -0.66 7.82 -9.64
C MET A 76 -1.71 8.69 -10.36
N LYS A 77 -1.28 9.70 -11.06
CA LYS A 77 -2.26 10.59 -11.77
C LYS A 77 -2.93 9.83 -12.91
N ASP A 78 -2.18 9.03 -13.62
CA ASP A 78 -2.78 8.22 -14.72
C ASP A 78 -3.74 7.19 -14.14
N THR A 79 -3.59 6.88 -12.87
CA THR A 79 -4.48 5.88 -12.21
C THR A 79 -5.82 6.54 -11.85
N ASP A 80 -6.68 5.83 -11.17
CA ASP A 80 -8.00 6.41 -10.76
C ASP A 80 -8.29 6.04 -9.31
N SER A 81 -8.67 7.00 -8.50
CA SER A 81 -8.96 6.70 -7.06
C SER A 81 -10.10 5.68 -6.97
N GLU A 82 -11.03 5.76 -7.87
CA GLU A 82 -12.17 4.79 -7.85
C GLU A 82 -11.63 3.36 -8.00
N GLU A 83 -10.65 3.20 -8.84
CA GLU A 83 -10.05 1.85 -9.07
C GLU A 83 -9.27 1.38 -7.84
N GLU A 84 -8.55 2.27 -7.21
CA GLU A 84 -7.73 1.89 -6.02
C GLU A 84 -8.62 1.47 -4.84
N ILE A 85 -9.75 2.10 -4.68
CA ILE A 85 -10.66 1.74 -3.54
C ILE A 85 -11.24 0.33 -3.74
N ARG A 86 -11.73 0.03 -4.91
CA ARG A 86 -12.35 -1.31 -5.16
C ARG A 86 -11.36 -2.46 -4.91
N GLU A 87 -10.14 -2.32 -5.36
CA GLU A 87 -9.13 -3.40 -5.17
C GLU A 87 -8.65 -3.50 -3.72
N ALA A 88 -8.44 -2.39 -3.07
CA ALA A 88 -7.94 -2.40 -1.66
C ALA A 88 -8.96 -3.04 -0.72
N PHE A 89 -10.21 -2.65 -0.82
CA PHE A 89 -11.28 -3.23 0.06
C PHE A 89 -11.36 -4.75 -0.16
N ARG A 90 -11.35 -5.15 -1.39
CA ARG A 90 -11.47 -6.62 -1.72
C ARG A 90 -10.30 -7.40 -1.11
N VAL A 91 -9.12 -6.81 -1.04
CA VAL A 91 -7.95 -7.54 -0.45
C VAL A 91 -8.14 -7.72 1.06
N PHE A 92 -8.38 -6.66 1.78
CA PHE A 92 -8.59 -6.77 3.27
C PHE A 92 -9.84 -7.61 3.57
N ASP A 93 -10.87 -7.43 2.79
CA ASP A 93 -12.12 -8.22 3.02
C ASP A 93 -11.93 -9.65 2.48
N LYS A 94 -11.26 -10.48 3.22
CA LYS A 94 -11.00 -11.88 2.74
C LYS A 94 -12.33 -12.63 2.50
N ASP A 95 -13.29 -12.45 3.37
CA ASP A 95 -14.61 -13.14 3.20
C ASP A 95 -15.53 -12.35 2.26
N GLY A 96 -15.31 -11.08 2.12
CA GLY A 96 -16.16 -10.24 1.21
C GLY A 96 -17.58 -10.15 1.80
N ASN A 97 -17.70 -10.17 3.10
CA ASN A 97 -19.05 -10.10 3.74
C ASN A 97 -19.63 -8.68 3.70
N GLY A 98 -18.85 -7.68 3.36
CA GLY A 98 -19.40 -6.29 3.31
C GLY A 98 -18.66 -5.39 4.32
N TYR A 99 -18.04 -5.97 5.32
CA TYR A 99 -17.28 -5.15 6.33
C TYR A 99 -16.05 -5.94 6.77
N ILE A 100 -14.99 -5.26 7.13
CA ILE A 100 -13.74 -5.99 7.54
C ILE A 100 -13.76 -6.29 9.04
N SER A 101 -13.48 -7.51 9.39
CA SER A 101 -13.44 -7.92 10.82
C SER A 101 -12.04 -7.69 11.38
N ALA A 102 -11.88 -7.88 12.66
CA ALA A 102 -10.53 -7.69 13.30
C ALA A 102 -9.60 -8.80 12.82
N ALA A 103 -10.10 -9.99 12.71
CA ALA A 103 -9.26 -11.13 12.23
C ALA A 103 -8.76 -10.85 10.81
N GLU A 104 -9.61 -10.30 9.98
CA GLU A 104 -9.20 -10.00 8.57
C GLU A 104 -8.04 -8.99 8.58
N LEU A 105 -8.11 -8.01 9.44
CA LEU A 105 -7.02 -6.99 9.53
C LEU A 105 -5.71 -7.67 9.96
N ARG A 106 -5.79 -8.60 10.87
CA ARG A 106 -4.57 -9.31 11.35
C ARG A 106 -3.91 -10.09 10.21
N HIS A 107 -4.68 -10.56 9.25
CA HIS A 107 -4.08 -11.35 8.13
C HIS A 107 -3.06 -10.50 7.35
N VAL A 108 -3.41 -9.29 6.98
CA VAL A 108 -2.47 -8.42 6.20
C VAL A 108 -1.29 -7.96 7.06
N MET A 109 -1.55 -7.51 8.27
CA MET A 109 -0.43 -7.01 9.13
C MET A 109 0.64 -8.08 9.35
N THR A 110 0.23 -9.28 9.67
CA THR A 110 1.23 -10.37 9.91
C THR A 110 1.96 -10.69 8.60
N ASN A 111 1.22 -10.87 7.54
CA ASN A 111 1.85 -11.17 6.23
C ASN A 111 2.75 -10.00 5.83
N LEU A 112 2.37 -8.80 6.23
CA LEU A 112 3.19 -7.60 5.90
C LEU A 112 4.51 -7.63 6.68
N GLY A 113 4.45 -8.02 7.93
CA GLY A 113 5.69 -8.07 8.76
C GLY A 113 5.60 -7.05 9.89
N GLU A 114 4.42 -6.85 10.42
CA GLU A 114 4.26 -5.87 11.53
C GLU A 114 3.41 -6.48 12.65
N LYS A 115 3.84 -6.37 13.89
CA LYS A 115 3.07 -6.96 15.02
C LYS A 115 2.31 -5.87 15.77
N LEU A 116 1.02 -6.06 15.96
CA LEU A 116 0.21 -5.05 16.70
C LEU A 116 -0.68 -5.77 17.72
N THR A 117 -1.12 -5.09 18.74
CA THR A 117 -2.01 -5.72 19.76
C THR A 117 -3.44 -5.70 19.27
N ASP A 118 -4.28 -6.52 19.84
CA ASP A 118 -5.72 -6.52 19.42
C ASP A 118 -6.30 -5.13 19.66
N GLU A 119 -5.75 -4.41 20.61
CA GLU A 119 -6.24 -3.03 20.90
C GLU A 119 -5.85 -2.11 19.74
N GLU A 120 -4.71 -2.35 19.15
CA GLU A 120 -4.27 -1.51 17.99
C GLU A 120 -5.22 -1.73 16.82
N VAL A 121 -5.63 -2.95 16.62
CA VAL A 121 -6.55 -3.24 15.49
C VAL A 121 -7.95 -2.64 15.76
N ASP A 122 -8.39 -2.74 16.99
CA ASP A 122 -9.73 -2.22 17.36
C ASP A 122 -9.82 -0.73 17.09
N GLU A 123 -8.78 -0.01 17.45
CA GLU A 123 -8.79 1.46 17.22
C GLU A 123 -8.92 1.74 15.75
N MET A 124 -8.24 0.99 14.93
CA MET A 124 -8.33 1.24 13.45
C MET A 124 -9.80 1.15 13.02
N ILE A 125 -10.53 0.24 13.61
CA ILE A 125 -11.98 0.13 13.28
C ILE A 125 -12.71 1.39 13.76
N ARG A 126 -12.31 1.90 14.90
CA ARG A 126 -12.95 3.10 15.49
C ARG A 126 -12.88 4.28 14.50
N GLU A 127 -11.78 4.40 13.81
CA GLU A 127 -11.60 5.52 12.84
C GLU A 127 -12.68 5.45 11.75
N ALA A 128 -13.03 4.27 11.30
CA ALA A 128 -14.08 4.15 10.24
C ALA A 128 -15.42 3.69 10.84
N ASP A 129 -15.49 3.46 12.14
CA ASP A 129 -16.77 3.00 12.75
C ASP A 129 -17.66 4.20 13.12
N ILE A 130 -18.19 4.87 12.13
CA ILE A 130 -19.07 6.05 12.42
C ILE A 130 -20.37 5.59 13.11
N ASP A 131 -20.92 4.49 12.68
CA ASP A 131 -22.17 3.98 13.29
C ASP A 131 -21.92 3.39 14.68
N GLY A 132 -20.69 3.02 14.98
CA GLY A 132 -20.38 2.45 16.32
C GLY A 132 -20.76 0.97 16.39
N ASP A 133 -20.83 0.30 15.27
CA ASP A 133 -21.20 -1.14 15.28
C ASP A 133 -19.97 -2.02 15.60
N GLY A 134 -18.80 -1.43 15.60
CA GLY A 134 -17.56 -2.21 15.91
C GLY A 134 -16.94 -2.79 14.63
N GLN A 135 -17.52 -2.53 13.48
CA GLN A 135 -16.95 -3.06 12.21
C GLN A 135 -17.01 -1.99 11.13
N VAL A 136 -16.08 -2.01 10.20
CA VAL A 136 -16.08 -0.99 9.12
C VAL A 136 -16.84 -1.53 7.89
N ASN A 137 -17.91 -0.88 7.51
CA ASN A 137 -18.69 -1.35 6.33
C ASN A 137 -18.15 -0.68 5.07
N TYR A 138 -18.69 -1.06 3.94
CA TYR A 138 -18.22 -0.46 2.65
C TYR A 138 -18.45 1.05 2.64
N GLU A 139 -19.64 1.47 3.00
CA GLU A 139 -19.95 2.93 2.99
C GLU A 139 -19.02 3.72 3.93
N GLU A 140 -18.80 3.26 5.13
CA GLU A 140 -17.92 3.99 6.08
C GLU A 140 -16.51 4.04 5.52
N PHE A 141 -16.10 3.00 4.85
CA PHE A 141 -14.74 2.97 4.25
C PHE A 141 -14.55 4.12 3.26
N VAL A 142 -15.56 4.41 2.48
CA VAL A 142 -15.45 5.53 1.48
C VAL A 142 -15.42 6.89 2.18
N GLN A 143 -16.20 7.08 3.20
CA GLN A 143 -16.22 8.40 3.92
C GLN A 143 -14.84 8.72 4.50
N MET A 144 -14.19 7.73 5.04
CA MET A 144 -12.83 7.95 5.65
C MET A 144 -11.86 8.47 4.59
N MET A 145 -11.94 7.94 3.40
CA MET A 145 -11.04 8.41 2.31
C MET A 145 -11.42 9.82 1.86
N THR A 146 -12.70 10.11 1.78
CA THR A 146 -13.13 11.47 1.35
C THR A 146 -13.55 12.31 2.57
N ALA A 147 -13.10 11.96 3.75
CA ALA A 147 -13.49 12.75 4.97
C ALA A 147 -12.63 14.02 5.09
N LYS A 148 -13.27 15.14 5.27
CA LYS A 148 -12.52 16.42 5.40
C LYS A 148 -11.71 16.45 6.70
N GLY B 5 -4.43 9.31 10.33
CA GLY B 5 -4.72 8.00 10.97
C GLY B 5 -3.84 6.92 10.33
N GLY B 6 -3.45 5.93 11.10
CA GLY B 6 -2.59 4.84 10.55
C GLY B 6 -3.35 4.10 9.44
N PHE B 7 -4.63 3.87 9.63
CA PHE B 7 -5.42 3.14 8.60
C PHE B 7 -5.42 3.91 7.28
N ARG B 8 -5.51 5.22 7.33
CA ARG B 8 -5.52 6.02 6.07
C ARG B 8 -4.17 5.93 5.36
N ARG B 9 -3.09 5.95 6.10
CA ARG B 9 -1.74 5.87 5.46
C ARG B 9 -1.59 4.55 4.69
N ILE B 10 -1.97 3.45 5.28
CA ILE B 10 -1.85 2.14 4.59
C ILE B 10 -2.84 2.03 3.42
N ALA B 11 -3.97 2.69 3.52
CA ALA B 11 -4.97 2.63 2.41
C ALA B 11 -4.41 3.26 1.14
N ARG B 12 -3.77 4.39 1.26
CA ARG B 12 -3.20 5.07 0.06
C ARG B 12 -2.14 4.17 -0.59
N LEU B 13 -1.34 3.51 0.21
CA LEU B 13 -0.27 2.62 -0.33
C LEU B 13 -0.88 1.44 -1.10
N VAL B 14 -1.98 0.91 -0.63
CA VAL B 14 -2.62 -0.26 -1.31
C VAL B 14 -2.98 0.11 -2.75
N GLY B 15 -3.48 1.31 -2.97
CA GLY B 15 -3.85 1.73 -4.36
C GLY B 15 -2.59 1.69 -5.23
N VAL B 16 -1.46 2.00 -4.67
CA VAL B 16 -0.18 1.98 -5.45
C VAL B 16 0.28 0.54 -5.69
N LEU B 17 -0.20 -0.41 -4.91
CA LEU B 17 0.24 -1.83 -5.10
C LEU B 17 -0.13 -2.31 -6.51
N ARG B 18 -1.35 -2.10 -6.94
CA ARG B 18 -1.74 -2.54 -8.32
C ARG B 18 -1.03 -1.67 -9.37
N GLU B 19 -0.72 -0.45 -9.03
CA GLU B 19 -0.04 0.47 -9.99
C GLU B 19 1.32 -0.13 -10.41
N TRP B 20 2.06 -0.64 -9.46
CA TRP B 20 3.39 -1.25 -9.77
C TRP B 20 3.22 -2.42 -10.74
N ALA B 21 2.20 -3.21 -10.54
CA ALA B 21 1.97 -4.40 -11.43
C ALA B 21 1.79 -3.96 -12.89
N TYR B 22 0.98 -2.96 -13.13
CA TYR B 22 0.76 -2.50 -14.54
C TYR B 22 2.08 -2.03 -15.17
N ARG B 23 2.90 -1.36 -14.41
CA ARG B 23 4.20 -0.87 -14.97
C ARG B 23 5.27 -0.85 -13.87
N ALA A 1 4.39 22.30 0.21
CA ALA A 1 3.83 23.67 0.05
C ALA A 1 4.74 24.50 -0.86
N ASP A 2 6.03 24.43 -0.67
CA ASP A 2 6.96 25.22 -1.53
C ASP A 2 6.80 24.82 -3.00
N GLN A 3 6.64 23.55 -3.23
CA GLN A 3 6.46 23.06 -4.64
C GLN A 3 5.13 22.29 -4.76
N LEU A 4 5.14 21.01 -4.53
CA LEU A 4 3.88 20.21 -4.61
C LEU A 4 3.37 19.90 -3.20
N THR A 5 3.95 18.93 -2.54
CA THR A 5 3.50 18.58 -1.16
C THR A 5 4.66 17.96 -0.36
N GLU A 6 5.19 18.69 0.58
CA GLU A 6 6.32 18.16 1.41
C GLU A 6 5.80 17.06 2.34
N GLU A 7 4.61 17.24 2.87
CA GLU A 7 4.04 16.22 3.83
C GLU A 7 4.17 14.80 3.27
N GLN A 8 3.57 14.54 2.15
CA GLN A 8 3.62 13.15 1.57
C GLN A 8 5.05 12.66 1.36
N ILE A 9 6.03 13.53 1.24
CA ILE A 9 7.44 13.06 1.04
C ILE A 9 7.86 12.20 2.23
N ALA A 10 7.75 12.71 3.42
CA ALA A 10 8.12 11.94 4.63
C ALA A 10 7.27 10.66 4.73
N GLU A 11 6.09 10.70 4.18
CA GLU A 11 5.19 9.52 4.21
C GLU A 11 5.79 8.38 3.38
N PHE A 12 6.37 8.70 2.25
CA PHE A 12 7.01 7.65 1.40
C PHE A 12 8.27 7.14 2.10
N LYS A 13 8.84 7.94 2.95
CA LYS A 13 10.05 7.51 3.69
C LYS A 13 9.63 6.43 4.70
N GLU A 14 8.51 6.63 5.34
CA GLU A 14 8.02 5.65 6.35
C GLU A 14 7.81 4.26 5.72
N ALA A 15 7.05 4.19 4.65
CA ALA A 15 6.78 2.86 4.01
C ALA A 15 8.03 2.30 3.31
N PHE A 16 8.98 3.14 2.96
CA PHE A 16 10.20 2.64 2.24
C PHE A 16 10.91 1.59 3.09
N SER A 17 11.12 1.86 4.35
CA SER A 17 11.79 0.85 5.24
C SER A 17 10.92 -0.41 5.31
N LEU A 18 9.63 -0.23 5.35
CA LEU A 18 8.70 -1.40 5.39
C LEU A 18 8.83 -2.18 4.08
N PHE A 19 8.94 -1.47 2.99
CA PHE A 19 9.10 -2.14 1.67
C PHE A 19 10.47 -2.81 1.57
N ASP A 20 11.49 -2.18 2.11
CA ASP A 20 12.85 -2.78 2.06
C ASP A 20 13.10 -3.63 3.31
N LYS A 21 12.90 -4.92 3.23
CA LYS A 21 13.11 -5.79 4.42
C LYS A 21 14.55 -5.69 4.94
N ASP A 22 15.51 -5.60 4.07
CA ASP A 22 16.94 -5.55 4.52
C ASP A 22 17.31 -4.15 5.00
N GLY A 23 16.47 -3.16 4.78
CA GLY A 23 16.80 -1.78 5.23
C GLY A 23 18.15 -1.35 4.62
N ASP A 24 18.49 -1.89 3.48
CA ASP A 24 19.77 -1.52 2.83
C ASP A 24 19.58 -0.28 1.93
N GLY A 25 18.38 0.19 1.77
CA GLY A 25 18.15 1.40 0.93
C GLY A 25 17.75 1.02 -0.50
N THR A 26 17.56 -0.24 -0.80
CA THR A 26 17.18 -0.61 -2.21
C THR A 26 16.20 -1.79 -2.23
N ILE A 27 15.25 -1.73 -3.13
CA ILE A 27 14.25 -2.84 -3.25
C ILE A 27 14.62 -3.75 -4.42
N THR A 28 14.81 -5.00 -4.15
CA THR A 28 15.17 -5.96 -5.25
C THR A 28 13.92 -6.71 -5.70
N THR A 29 13.75 -6.89 -7.00
CA THR A 29 12.53 -7.57 -7.55
C THR A 29 12.15 -8.82 -6.72
N LYS A 30 13.12 -9.46 -6.10
CA LYS A 30 12.80 -10.65 -5.26
C LYS A 30 11.96 -10.22 -4.05
N GLU A 31 12.43 -9.22 -3.35
CA GLU A 31 11.72 -8.74 -2.12
C GLU A 31 10.29 -8.26 -2.43
N LEU A 32 10.15 -7.33 -3.35
CA LEU A 32 8.79 -6.80 -3.67
C LEU A 32 7.90 -7.92 -4.21
N GLY A 33 8.47 -8.85 -4.93
CA GLY A 33 7.67 -9.97 -5.51
C GLY A 33 6.79 -10.63 -4.44
N THR A 34 7.24 -10.64 -3.21
CA THR A 34 6.42 -11.25 -2.11
C THR A 34 5.16 -10.40 -1.89
N VAL A 35 5.31 -9.11 -1.94
CA VAL A 35 4.13 -8.20 -1.76
C VAL A 35 3.13 -8.42 -2.90
N MET A 36 3.64 -8.58 -4.09
CA MET A 36 2.75 -8.80 -5.27
C MET A 36 1.90 -10.06 -5.08
N ARG A 37 2.47 -11.08 -4.51
CA ARG A 37 1.69 -12.35 -4.27
C ARG A 37 0.52 -12.09 -3.32
N SER A 38 0.75 -11.30 -2.31
CA SER A 38 -0.30 -11.01 -1.29
C SER A 38 -1.53 -10.37 -1.95
N LEU A 39 -1.36 -9.69 -3.04
CA LEU A 39 -2.53 -9.09 -3.76
C LEU A 39 -3.14 -10.14 -4.69
N GLY A 40 -2.36 -11.10 -5.09
CA GLY A 40 -2.86 -12.18 -6.00
C GLY A 40 -1.67 -13.02 -6.45
N GLN A 41 -0.73 -12.43 -7.13
CA GLN A 41 0.47 -13.19 -7.58
C GLN A 41 1.60 -12.24 -7.98
N ASN A 42 2.74 -12.80 -8.24
CA ASN A 42 3.91 -11.97 -8.66
C ASN A 42 4.34 -12.35 -10.09
N PRO A 43 4.95 -11.40 -10.77
CA PRO A 43 5.42 -11.66 -12.16
C PRO A 43 6.55 -12.71 -12.14
N THR A 44 7.52 -12.62 -13.04
CA THR A 44 8.62 -13.62 -13.07
C THR A 44 9.98 -12.94 -13.00
N GLU A 45 11.02 -13.70 -12.74
CA GLU A 45 12.39 -13.13 -12.64
C GLU A 45 12.82 -12.40 -13.93
N ALA A 46 12.41 -12.91 -15.07
CA ALA A 46 12.74 -12.22 -16.36
C ALA A 46 11.90 -10.94 -16.48
N GLU A 47 10.64 -11.08 -16.24
CA GLU A 47 9.70 -9.92 -16.34
C GLU A 47 10.01 -8.91 -15.25
N LEU A 48 10.39 -9.36 -14.08
CA LEU A 48 10.73 -8.42 -12.97
C LEU A 48 11.86 -7.50 -13.42
N GLN A 49 12.76 -8.02 -14.19
CA GLN A 49 13.92 -7.22 -14.67
C GLN A 49 13.46 -6.11 -15.62
N ASP A 50 12.52 -6.39 -16.48
CA ASP A 50 12.04 -5.35 -17.44
C ASP A 50 11.34 -4.20 -16.70
N MET A 51 10.57 -4.53 -15.69
CA MET A 51 9.86 -3.46 -14.93
C MET A 51 10.87 -2.49 -14.31
N ILE A 52 11.89 -3.03 -13.69
CA ILE A 52 12.95 -2.17 -13.08
C ILE A 52 13.69 -1.39 -14.16
N ASN A 53 13.90 -2.00 -15.31
CA ASN A 53 14.64 -1.32 -16.41
C ASN A 53 13.94 -0.01 -16.85
N GLU A 54 12.64 -0.04 -17.04
CA GLU A 54 11.92 1.20 -17.47
C GLU A 54 11.89 2.25 -16.36
N VAL A 55 11.94 1.82 -15.13
CA VAL A 55 11.92 2.79 -14.00
C VAL A 55 13.35 3.08 -13.51
N ASP A 56 14.33 2.36 -13.99
CA ASP A 56 15.73 2.60 -13.56
C ASP A 56 16.27 3.88 -14.21
N ALA A 57 16.33 4.95 -13.46
CA ALA A 57 16.87 6.22 -14.02
C ALA A 57 18.38 6.09 -14.26
N ASP A 58 19.06 5.39 -13.38
CA ASP A 58 20.53 5.21 -13.52
C ASP A 58 20.85 3.93 -14.31
N GLY A 59 19.98 2.97 -14.26
CA GLY A 59 20.22 1.69 -15.00
C GLY A 59 21.02 0.71 -14.15
N ASN A 60 21.04 0.88 -12.86
CA ASN A 60 21.81 -0.05 -11.98
C ASN A 60 21.07 -1.39 -11.85
N GLY A 61 19.77 -1.35 -11.88
CA GLY A 61 18.98 -2.61 -11.76
C GLY A 61 18.10 -2.60 -10.50
N THR A 62 18.12 -1.54 -9.73
CA THR A 62 17.29 -1.48 -8.49
C THR A 62 16.63 -0.11 -8.35
N ILE A 63 15.72 0.00 -7.43
CA ILE A 63 15.01 1.28 -7.22
C ILE A 63 15.50 1.99 -5.96
N ASP A 64 16.02 3.18 -6.10
CA ASP A 64 16.53 3.93 -4.92
C ASP A 64 15.48 4.94 -4.43
N PHE A 65 15.72 5.51 -3.28
CA PHE A 65 14.75 6.49 -2.70
C PHE A 65 14.28 7.55 -3.71
N PRO A 66 15.20 8.18 -4.42
CA PRO A 66 14.79 9.24 -5.39
C PRO A 66 14.09 8.63 -6.61
N GLU A 67 14.48 7.45 -7.01
CA GLU A 67 13.83 6.81 -8.20
C GLU A 67 12.40 6.36 -7.85
N PHE A 68 12.23 5.81 -6.67
CA PHE A 68 10.89 5.33 -6.24
C PHE A 68 9.87 6.49 -6.16
N LEU A 69 10.29 7.61 -5.63
CA LEU A 69 9.36 8.78 -5.48
C LEU A 69 8.98 9.39 -6.84
N THR A 70 9.92 9.49 -7.74
CA THR A 70 9.61 10.10 -9.07
C THR A 70 8.52 9.32 -9.81
N MET A 71 8.64 8.03 -9.86
CA MET A 71 7.62 7.20 -10.58
C MET A 71 6.27 7.19 -9.85
N MET A 72 6.29 7.15 -8.55
CA MET A 72 5.01 7.11 -7.76
C MET A 72 4.13 8.34 -8.03
N ALA A 73 4.67 9.53 -7.94
CA ALA A 73 3.85 10.77 -8.15
C ALA A 73 3.44 10.93 -9.62
N ARG A 74 4.18 10.37 -10.53
CA ARG A 74 3.83 10.53 -11.98
C ARG A 74 2.67 9.62 -12.42
N LYS A 75 2.81 8.33 -12.25
CA LYS A 75 1.75 7.37 -12.70
C LYS A 75 0.45 7.46 -11.89
N MET A 76 0.54 7.61 -10.60
CA MET A 76 -0.71 7.64 -9.76
C MET A 76 -1.71 8.69 -10.25
N LYS A 77 -1.25 9.84 -10.65
CA LYS A 77 -2.19 10.90 -11.14
C LYS A 77 -2.99 10.39 -12.35
N ASP A 78 -2.34 9.83 -13.32
CA ASP A 78 -3.05 9.32 -14.53
C ASP A 78 -4.00 8.18 -14.13
N THR A 79 -3.68 7.51 -13.08
CA THR A 79 -4.53 6.38 -12.59
C THR A 79 -5.85 6.93 -12.00
N ASP A 80 -6.66 6.09 -11.41
CA ASP A 80 -7.95 6.55 -10.81
C ASP A 80 -8.06 6.05 -9.37
N SER A 81 -8.55 6.87 -8.48
CA SER A 81 -8.68 6.45 -7.05
C SER A 81 -9.77 5.40 -6.88
N GLU A 82 -10.74 5.40 -7.74
CA GLU A 82 -11.85 4.38 -7.63
C GLU A 82 -11.26 2.97 -7.75
N GLU A 83 -10.27 2.82 -8.58
CA GLU A 83 -9.63 1.48 -8.78
C GLU A 83 -8.85 1.08 -7.53
N GLU A 84 -8.17 2.01 -6.92
CA GLU A 84 -7.36 1.70 -5.69
C GLU A 84 -8.26 1.20 -4.55
N ILE A 85 -9.42 1.79 -4.40
CA ILE A 85 -10.35 1.35 -3.30
C ILE A 85 -10.87 -0.07 -3.57
N ARG A 86 -11.26 -0.35 -4.78
CA ARG A 86 -11.82 -1.70 -5.09
C ARG A 86 -10.82 -2.82 -4.80
N GLU A 87 -9.56 -2.62 -5.10
CA GLU A 87 -8.55 -3.69 -4.84
C GLU A 87 -8.18 -3.80 -3.36
N ALA A 88 -8.05 -2.69 -2.68
CA ALA A 88 -7.67 -2.75 -1.22
C ALA A 88 -8.74 -3.45 -0.39
N PHE A 89 -9.98 -3.08 -0.58
CA PHE A 89 -11.08 -3.72 0.20
C PHE A 89 -11.13 -5.22 -0.10
N ARG A 90 -11.01 -5.57 -1.36
CA ARG A 90 -11.06 -7.02 -1.76
C ARG A 90 -9.93 -7.80 -1.09
N VAL A 91 -8.77 -7.21 -0.94
CA VAL A 91 -7.63 -7.93 -0.30
C VAL A 91 -7.91 -8.14 1.20
N PHE A 92 -8.31 -7.10 1.89
CA PHE A 92 -8.59 -7.23 3.35
C PHE A 92 -9.83 -8.11 3.60
N ASP A 93 -10.84 -7.97 2.78
CA ASP A 93 -12.07 -8.81 2.96
C ASP A 93 -11.84 -10.20 2.35
N LYS A 94 -11.03 -11.01 2.98
CA LYS A 94 -10.76 -12.38 2.43
C LYS A 94 -12.07 -13.17 2.34
N ASP A 95 -12.85 -13.17 3.40
CA ASP A 95 -14.14 -13.93 3.38
C ASP A 95 -15.16 -13.26 2.46
N GLY A 96 -15.01 -11.97 2.23
CA GLY A 96 -15.97 -11.24 1.34
C GLY A 96 -17.32 -11.11 2.03
N ASN A 97 -17.37 -11.20 3.34
CA ASN A 97 -18.68 -11.08 4.06
C ASN A 97 -19.25 -9.66 3.94
N GLY A 98 -18.45 -8.70 3.53
CA GLY A 98 -18.96 -7.30 3.40
C GLY A 98 -18.48 -6.43 4.57
N TYR A 99 -17.97 -7.04 5.61
CA TYR A 99 -17.48 -6.24 6.78
C TYR A 99 -16.09 -6.74 7.20
N ILE A 100 -15.21 -5.86 7.57
CA ILE A 100 -13.84 -6.30 7.97
C ILE A 100 -13.80 -6.62 9.46
N SER A 101 -13.46 -7.83 9.79
CA SER A 101 -13.39 -8.23 11.22
C SER A 101 -12.03 -7.85 11.81
N ALA A 102 -11.90 -7.94 13.11
CA ALA A 102 -10.60 -7.60 13.75
C ALA A 102 -9.57 -8.66 13.40
N ALA A 103 -9.99 -9.89 13.33
CA ALA A 103 -9.04 -10.98 12.98
C ALA A 103 -8.50 -10.78 11.56
N GLU A 104 -9.34 -10.29 10.66
CA GLU A 104 -8.88 -10.08 9.26
C GLU A 104 -7.82 -8.97 9.19
N LEU A 105 -8.02 -7.91 9.94
CA LEU A 105 -7.04 -6.79 9.95
C LEU A 105 -5.69 -7.27 10.50
N ARG A 106 -5.72 -8.04 11.54
CA ARG A 106 -4.46 -8.57 12.16
C ARG A 106 -3.69 -9.46 11.19
N HIS A 107 -4.37 -10.28 10.43
CA HIS A 107 -3.67 -11.23 9.49
C HIS A 107 -2.82 -10.47 8.46
N VAL A 108 -3.36 -9.48 7.80
CA VAL A 108 -2.57 -8.73 6.76
C VAL A 108 -1.48 -7.87 7.40
N MET A 109 -1.82 -7.06 8.37
CA MET A 109 -0.80 -6.17 9.00
C MET A 109 0.39 -6.99 9.50
N THR A 110 0.13 -8.13 10.08
CA THR A 110 1.26 -9.00 10.55
C THR A 110 2.04 -9.50 9.34
N ASN A 111 1.34 -9.95 8.34
CA ASN A 111 2.02 -10.44 7.10
C ASN A 111 2.71 -9.28 6.38
N LEU A 112 2.24 -8.07 6.60
CA LEU A 112 2.86 -6.89 5.94
C LEU A 112 4.26 -6.65 6.53
N GLY A 113 4.48 -7.05 7.76
CA GLY A 113 5.82 -6.84 8.39
C GLY A 113 5.68 -6.00 9.68
N GLU A 114 4.47 -5.81 10.16
CA GLU A 114 4.29 -5.01 11.41
C GLU A 114 3.45 -5.80 12.41
N LYS A 115 3.90 -5.88 13.64
CA LYS A 115 3.12 -6.63 14.67
C LYS A 115 2.41 -5.66 15.62
N LEU A 116 1.12 -5.82 15.77
CA LEU A 116 0.35 -4.92 16.67
C LEU A 116 -0.52 -5.73 17.63
N THR A 117 -0.95 -5.11 18.71
CA THR A 117 -1.82 -5.82 19.69
C THR A 117 -3.26 -5.82 19.18
N ASP A 118 -4.08 -6.67 19.73
CA ASP A 118 -5.52 -6.69 19.31
C ASP A 118 -6.15 -5.33 19.59
N GLU A 119 -5.68 -4.67 20.61
CA GLU A 119 -6.22 -3.32 20.97
C GLU A 119 -5.83 -2.32 19.88
N GLU A 120 -4.69 -2.51 19.27
CA GLU A 120 -4.25 -1.60 18.18
C GLU A 120 -5.17 -1.78 16.98
N VAL A 121 -5.60 -2.99 16.74
CA VAL A 121 -6.50 -3.24 15.59
C VAL A 121 -7.88 -2.63 15.85
N ASP A 122 -8.36 -2.75 17.07
CA ASP A 122 -9.70 -2.20 17.43
C ASP A 122 -9.74 -0.70 17.19
N GLU A 123 -8.72 0.00 17.62
CA GLU A 123 -8.70 1.47 17.43
C GLU A 123 -8.76 1.80 15.95
N MET A 124 -8.04 1.06 15.14
CA MET A 124 -8.05 1.35 13.67
C MET A 124 -9.50 1.34 13.18
N ILE A 125 -10.31 0.47 13.71
CA ILE A 125 -11.75 0.41 13.32
C ILE A 125 -12.45 1.69 13.79
N ARG A 126 -12.09 2.19 14.95
CA ARG A 126 -12.73 3.42 15.49
C ARG A 126 -12.57 4.60 14.53
N GLU A 127 -11.42 4.73 13.92
CA GLU A 127 -11.18 5.86 12.98
C GLU A 127 -12.18 5.82 11.82
N ALA A 128 -12.49 4.66 11.31
CA ALA A 128 -13.45 4.58 10.16
C ALA A 128 -14.84 4.15 10.62
N ASP A 129 -14.99 3.71 11.85
CA ASP A 129 -16.35 3.28 12.31
C ASP A 129 -17.13 4.44 12.92
N ILE A 130 -17.61 5.33 12.09
CA ILE A 130 -18.40 6.49 12.58
C ILE A 130 -19.71 6.00 13.18
N ASP A 131 -20.33 5.03 12.56
CA ASP A 131 -21.62 4.49 13.06
C ASP A 131 -21.47 3.95 14.48
N GLY A 132 -20.38 3.29 14.78
CA GLY A 132 -20.17 2.75 16.15
C GLY A 132 -20.58 1.28 16.24
N ASP A 133 -20.75 0.61 15.13
CA ASP A 133 -21.15 -0.83 15.18
C ASP A 133 -19.91 -1.73 15.41
N GLY A 134 -18.73 -1.16 15.33
CA GLY A 134 -17.48 -1.94 15.56
C GLY A 134 -17.00 -2.64 14.29
N GLN A 135 -17.68 -2.45 13.19
CA GLN A 135 -17.25 -3.10 11.92
C GLN A 135 -17.19 -2.07 10.80
N VAL A 136 -16.12 -2.03 10.06
CA VAL A 136 -16.01 -1.03 8.95
C VAL A 136 -16.55 -1.62 7.64
N ASN A 137 -17.66 -1.12 7.18
CA ASN A 137 -18.25 -1.63 5.92
C ASN A 137 -17.69 -0.87 4.73
N TYR A 138 -18.28 -1.06 3.59
CA TYR A 138 -17.78 -0.36 2.36
C TYR A 138 -18.06 1.14 2.43
N GLU A 139 -19.21 1.53 2.92
CA GLU A 139 -19.56 3.00 3.00
C GLU A 139 -18.54 3.75 3.87
N GLU A 140 -18.22 3.22 5.03
CA GLU A 140 -17.26 3.91 5.94
C GLU A 140 -15.86 3.96 5.31
N PHE A 141 -15.51 2.90 4.64
CA PHE A 141 -14.15 2.80 4.02
C PHE A 141 -13.91 3.93 3.00
N VAL A 142 -14.86 4.20 2.14
CA VAL A 142 -14.66 5.26 1.09
C VAL A 142 -14.84 6.69 1.66
N GLN A 143 -15.80 6.90 2.52
CA GLN A 143 -16.04 8.30 3.05
C GLN A 143 -14.79 8.84 3.78
N MET A 144 -14.26 8.10 4.72
CA MET A 144 -13.06 8.60 5.47
C MET A 144 -11.89 8.84 4.51
N MET A 145 -11.77 8.00 3.51
CA MET A 145 -10.66 8.17 2.52
C MET A 145 -10.89 9.42 1.66
N THR A 146 -12.11 9.66 1.27
CA THR A 146 -12.41 10.85 0.40
C THR A 146 -12.91 12.03 1.26
N ALA A 147 -12.73 11.98 2.56
CA ALA A 147 -13.21 13.10 3.43
C ALA A 147 -12.54 14.42 3.02
N LYS A 148 -11.25 14.38 2.75
CA LYS A 148 -10.53 15.62 2.34
C LYS A 148 -9.91 15.44 0.95
N GLY B 5 0.89 7.38 10.24
CA GLY B 5 0.00 6.19 10.36
C GLY B 5 -1.42 6.57 9.92
N GLY B 6 -2.42 5.98 10.55
CA GLY B 6 -3.83 6.31 10.17
C GLY B 6 -4.35 5.24 9.21
N PHE B 7 -5.60 4.86 9.34
CA PHE B 7 -6.18 3.82 8.44
C PHE B 7 -6.10 4.29 6.98
N ARG B 8 -6.44 5.53 6.73
CA ARG B 8 -6.41 6.07 5.33
C ARG B 8 -4.99 5.98 4.76
N ARG B 9 -3.99 6.24 5.55
CA ARG B 9 -2.58 6.18 5.04
C ARG B 9 -2.26 4.77 4.53
N ILE B 10 -2.70 3.76 5.21
CA ILE B 10 -2.43 2.36 4.76
C ILE B 10 -3.17 2.06 3.45
N ALA B 11 -4.38 2.54 3.34
CA ALA B 11 -5.18 2.27 2.11
C ALA B 11 -4.49 2.82 0.85
N ARG B 12 -3.91 3.99 0.92
CA ARG B 12 -3.24 4.56 -0.30
C ARG B 12 -2.11 3.64 -0.77
N LEU B 13 -1.36 3.08 0.15
CA LEU B 13 -0.24 2.18 -0.25
C LEU B 13 -0.78 0.98 -1.03
N VAL B 14 -1.90 0.46 -0.60
CA VAL B 14 -2.50 -0.72 -1.32
C VAL B 14 -2.86 -0.32 -2.76
N GLY B 15 -3.38 0.88 -2.93
CA GLY B 15 -3.76 1.35 -4.30
C GLY B 15 -2.51 1.36 -5.20
N VAL B 16 -1.39 1.71 -4.63
CA VAL B 16 -0.12 1.75 -5.42
C VAL B 16 0.21 0.37 -6.00
N LEU B 17 -0.16 -0.69 -5.31
CA LEU B 17 0.16 -2.06 -5.80
C LEU B 17 -0.48 -2.31 -7.17
N ARG B 18 -1.69 -1.88 -7.39
CA ARG B 18 -2.34 -2.10 -8.72
C ARG B 18 -1.53 -1.40 -9.81
N GLU B 19 -1.05 -0.22 -9.52
CA GLU B 19 -0.25 0.54 -10.54
C GLU B 19 1.03 -0.22 -10.92
N TRP B 20 1.68 -0.82 -9.96
CA TRP B 20 2.95 -1.56 -10.25
C TRP B 20 2.70 -2.70 -11.25
N ALA B 21 1.61 -3.40 -11.10
CA ALA B 21 1.32 -4.54 -12.04
C ALA B 21 0.98 -4.02 -13.44
N TYR B 22 0.22 -2.96 -13.52
CA TYR B 22 -0.17 -2.40 -14.85
C TYR B 22 1.09 -1.99 -15.64
N ARG B 23 2.05 -1.40 -14.98
CA ARG B 23 3.29 -0.97 -15.70
C ARG B 23 4.39 -0.63 -14.69
N ALA A 1 9.46 25.30 5.86
CA ALA A 1 9.25 23.88 5.43
C ALA A 1 7.91 23.74 4.72
N ASP A 2 7.71 22.63 4.03
CA ASP A 2 6.42 22.41 3.29
C ASP A 2 6.10 23.60 2.37
N GLN A 3 7.10 24.17 1.76
CA GLN A 3 6.85 25.33 0.85
C GLN A 3 6.01 24.90 -0.34
N LEU A 4 6.30 23.75 -0.87
CA LEU A 4 5.53 23.23 -2.04
C LEU A 4 4.74 21.97 -1.65
N THR A 5 5.33 20.80 -1.77
CA THR A 5 4.59 19.54 -1.41
C THR A 5 5.49 18.56 -0.64
N GLU A 6 6.64 19.00 -0.20
CA GLU A 6 7.57 18.09 0.54
C GLU A 6 6.91 17.44 1.76
N GLU A 7 5.77 17.93 2.21
CA GLU A 7 5.11 17.30 3.40
C GLU A 7 4.67 15.86 3.07
N GLN A 8 4.13 15.64 1.89
CA GLN A 8 3.69 14.28 1.48
C GLN A 8 4.90 13.33 1.36
N ILE A 9 5.98 13.84 0.82
CA ILE A 9 7.20 12.98 0.61
C ILE A 9 7.72 12.40 1.94
N ALA A 10 7.57 13.10 3.04
CA ALA A 10 8.05 12.54 4.35
C ALA A 10 7.35 11.22 4.64
N GLU A 11 6.08 11.15 4.35
CA GLU A 11 5.31 9.89 4.61
C GLU A 11 5.94 8.74 3.85
N PHE A 12 6.33 8.96 2.62
CA PHE A 12 6.97 7.89 1.81
C PHE A 12 8.32 7.46 2.41
N LYS A 13 8.94 8.30 3.21
CA LYS A 13 10.24 7.90 3.84
C LYS A 13 9.97 6.81 4.87
N GLU A 14 8.92 6.98 5.61
CA GLU A 14 8.58 5.98 6.67
C GLU A 14 8.35 4.59 6.07
N ALA A 15 7.52 4.47 5.06
CA ALA A 15 7.25 3.13 4.46
C ALA A 15 8.46 2.59 3.67
N PHE A 16 9.37 3.45 3.27
CA PHE A 16 10.54 2.97 2.47
C PHE A 16 11.34 1.90 3.23
N SER A 17 11.69 2.14 4.46
CA SER A 17 12.46 1.12 5.24
C SER A 17 11.57 -0.11 5.48
N LEU A 18 10.31 0.13 5.76
CA LEU A 18 9.36 -0.99 6.01
C LEU A 18 9.28 -1.88 4.77
N PHE A 19 9.28 -1.29 3.61
CA PHE A 19 9.20 -2.09 2.35
C PHE A 19 10.56 -2.71 2.03
N ASP A 20 11.63 -2.04 2.39
CA ASP A 20 13.00 -2.58 2.11
C ASP A 20 13.48 -3.39 3.31
N LYS A 21 13.41 -4.69 3.23
CA LYS A 21 13.83 -5.56 4.38
C LYS A 21 15.30 -5.35 4.76
N ASP A 22 16.18 -5.19 3.79
CA ASP A 22 17.63 -5.05 4.13
C ASP A 22 17.97 -3.62 4.59
N GLY A 23 17.06 -2.69 4.41
CA GLY A 23 17.36 -1.29 4.84
C GLY A 23 18.65 -0.82 4.17
N ASP A 24 18.95 -1.35 3.00
CA ASP A 24 20.19 -0.94 2.29
C ASP A 24 19.93 0.28 1.40
N GLY A 25 18.70 0.71 1.29
CA GLY A 25 18.38 1.90 0.44
C GLY A 25 17.87 1.47 -0.94
N THR A 26 17.74 0.18 -1.20
CA THR A 26 17.25 -0.24 -2.55
C THR A 26 16.36 -1.47 -2.46
N ILE A 27 15.32 -1.52 -3.26
CA ILE A 27 14.41 -2.69 -3.25
C ILE A 27 14.72 -3.62 -4.43
N THR A 28 15.00 -4.87 -4.16
CA THR A 28 15.31 -5.83 -5.27
C THR A 28 14.09 -6.67 -5.60
N THR A 29 13.85 -6.91 -6.86
CA THR A 29 12.64 -7.70 -7.29
C THR A 29 12.41 -8.94 -6.40
N LYS A 30 13.46 -9.49 -5.84
CA LYS A 30 13.28 -10.67 -4.94
C LYS A 30 12.50 -10.25 -3.69
N GLU A 31 12.93 -9.19 -3.05
CA GLU A 31 12.25 -8.71 -1.80
C GLU A 31 10.78 -8.37 -2.06
N LEU A 32 10.52 -7.54 -3.04
CA LEU A 32 9.12 -7.13 -3.35
C LEU A 32 8.25 -8.33 -3.73
N GLY A 33 8.82 -9.30 -4.40
CA GLY A 33 8.04 -10.51 -4.83
C GLY A 33 7.27 -11.10 -3.65
N THR A 34 7.79 -10.97 -2.46
CA THR A 34 7.08 -11.52 -1.26
C THR A 34 5.81 -10.71 -0.97
N VAL A 35 5.88 -9.40 -1.10
CA VAL A 35 4.67 -8.56 -0.82
C VAL A 35 3.55 -8.94 -1.80
N MET A 36 3.83 -8.89 -3.07
CA MET A 36 2.79 -9.24 -4.09
C MET A 36 2.29 -10.67 -3.88
N ARG A 37 3.15 -11.54 -3.40
CA ARG A 37 2.74 -12.95 -3.14
C ARG A 37 1.62 -12.97 -2.09
N SER A 38 1.76 -12.13 -1.08
CA SER A 38 0.73 -12.05 -0.02
C SER A 38 -0.56 -11.41 -0.56
N LEU A 39 -0.46 -10.69 -1.65
CA LEU A 39 -1.68 -10.06 -2.25
C LEU A 39 -2.35 -11.03 -3.24
N GLY A 40 -1.65 -12.05 -3.67
CA GLY A 40 -2.25 -13.02 -4.62
C GLY A 40 -1.17 -13.99 -5.10
N GLN A 41 -0.15 -13.50 -5.78
CA GLN A 41 0.93 -14.42 -6.26
C GLN A 41 2.24 -13.67 -6.48
N ASN A 42 3.30 -14.41 -6.69
CA ASN A 42 4.64 -13.79 -6.93
C ASN A 42 5.00 -13.88 -8.43
N PRO A 43 5.38 -12.78 -9.02
CA PRO A 43 5.75 -12.78 -10.46
C PRO A 43 7.03 -13.60 -10.67
N THR A 44 7.83 -13.28 -11.66
CA THR A 44 9.09 -14.06 -11.90
C THR A 44 10.26 -13.12 -12.18
N GLU A 45 11.45 -13.54 -11.85
CA GLU A 45 12.66 -12.69 -12.06
C GLU A 45 12.75 -12.17 -13.50
N ALA A 46 12.13 -12.83 -14.44
CA ALA A 46 12.12 -12.33 -15.85
C ALA A 46 11.22 -11.10 -15.93
N GLU A 47 9.98 -11.29 -15.59
CA GLU A 47 8.99 -10.16 -15.62
C GLU A 47 9.35 -9.13 -14.56
N LEU A 48 9.83 -9.55 -13.42
CA LEU A 48 10.23 -8.59 -12.36
C LEU A 48 11.31 -7.65 -12.91
N GLN A 49 12.15 -8.17 -13.76
CA GLN A 49 13.24 -7.36 -14.36
C GLN A 49 12.65 -6.22 -15.21
N ASP A 50 11.61 -6.50 -15.94
CA ASP A 50 10.97 -5.44 -16.79
C ASP A 50 10.38 -4.33 -15.93
N MET A 51 9.78 -4.69 -14.83
CA MET A 51 9.17 -3.66 -13.92
C MET A 51 10.26 -2.70 -13.44
N ILE A 52 11.38 -3.24 -13.05
CA ILE A 52 12.51 -2.39 -12.56
C ILE A 52 13.06 -1.53 -13.71
N ASN A 53 13.12 -2.07 -14.90
CA ASN A 53 13.68 -1.30 -16.05
C ASN A 53 12.89 -0.01 -16.32
N GLU A 54 11.58 -0.06 -16.22
CA GLU A 54 10.77 1.17 -16.46
C GLU A 54 11.00 2.20 -15.35
N VAL A 55 11.32 1.75 -14.17
CA VAL A 55 11.56 2.67 -13.02
C VAL A 55 13.06 2.92 -12.80
N ASP A 56 13.92 2.17 -13.46
CA ASP A 56 15.38 2.37 -13.26
C ASP A 56 15.85 3.69 -13.89
N ALA A 57 15.93 4.73 -13.11
CA ALA A 57 16.41 6.03 -13.65
C ALA A 57 17.91 5.96 -13.95
N ASP A 58 18.63 5.21 -13.16
CA ASP A 58 20.10 5.07 -13.38
C ASP A 58 20.42 3.83 -14.22
N GLY A 59 19.54 2.86 -14.20
CA GLY A 59 19.76 1.61 -15.00
C GLY A 59 20.57 0.59 -14.20
N ASN A 60 20.62 0.72 -12.91
CA ASN A 60 21.39 -0.26 -12.08
C ASN A 60 20.63 -1.58 -11.95
N GLY A 61 19.33 -1.54 -12.08
CA GLY A 61 18.52 -2.78 -11.97
C GLY A 61 17.71 -2.82 -10.67
N THR A 62 17.76 -1.78 -9.88
CA THR A 62 17.01 -1.77 -8.59
C THR A 62 16.25 -0.46 -8.41
N ILE A 63 15.39 -0.41 -7.41
CA ILE A 63 14.57 0.81 -7.17
C ILE A 63 15.16 1.63 -6.02
N ASP A 64 15.54 2.86 -6.27
CA ASP A 64 16.13 3.70 -5.19
C ASP A 64 15.10 4.72 -4.66
N PHE A 65 15.42 5.35 -3.57
CA PHE A 65 14.50 6.36 -2.94
C PHE A 65 13.86 7.31 -3.97
N PRO A 66 14.66 7.93 -4.81
CA PRO A 66 14.13 8.89 -5.80
C PRO A 66 13.35 8.18 -6.92
N GLU A 67 13.72 6.97 -7.25
CA GLU A 67 12.98 6.25 -8.33
C GLU A 67 11.59 5.83 -7.83
N PHE A 68 11.51 5.39 -6.60
CA PHE A 68 10.20 4.95 -6.02
C PHE A 68 9.21 6.13 -5.96
N LEU A 69 9.67 7.28 -5.56
CA LEU A 69 8.75 8.46 -5.45
C LEU A 69 8.24 8.89 -6.83
N THR A 70 9.10 8.90 -7.81
CA THR A 70 8.69 9.32 -9.19
C THR A 70 7.63 8.38 -9.78
N MET A 71 7.79 7.08 -9.58
CA MET A 71 6.80 6.11 -10.13
C MET A 71 5.45 6.25 -9.42
N MET A 72 5.47 6.44 -8.13
CA MET A 72 4.21 6.56 -7.35
C MET A 72 3.38 7.76 -7.81
N ALA A 73 4.02 8.87 -8.04
CA ALA A 73 3.27 10.09 -8.49
C ALA A 73 2.76 9.91 -9.93
N ARG A 74 3.48 9.16 -10.72
CA ARG A 74 3.05 8.93 -12.14
C ARG A 74 1.79 8.04 -12.18
N LYS A 75 1.73 7.03 -11.34
CA LYS A 75 0.56 6.10 -11.34
C LYS A 75 -0.73 6.81 -10.88
N MET A 76 -0.72 7.41 -9.72
CA MET A 76 -1.93 8.09 -9.19
C MET A 76 -2.39 9.21 -10.14
N LYS A 77 -1.45 9.84 -10.79
CA LYS A 77 -1.80 10.96 -11.71
C LYS A 77 -2.62 10.48 -12.93
N ASP A 78 -2.04 9.63 -13.75
CA ASP A 78 -2.76 9.16 -14.97
C ASP A 78 -3.92 8.22 -14.63
N THR A 79 -4.02 7.80 -13.40
CA THR A 79 -5.11 6.85 -13.02
C THR A 79 -6.26 7.57 -12.32
N ASP A 80 -7.05 6.81 -11.60
CA ASP A 80 -8.22 7.39 -10.87
C ASP A 80 -8.21 6.92 -9.42
N SER A 81 -8.52 7.81 -8.51
CA SER A 81 -8.55 7.44 -7.06
C SER A 81 -9.62 6.38 -6.82
N GLU A 82 -10.70 6.45 -7.55
CA GLU A 82 -11.78 5.43 -7.37
C GLU A 82 -11.23 4.03 -7.65
N GLU A 83 -10.30 3.94 -8.56
CA GLU A 83 -9.71 2.61 -8.90
C GLU A 83 -8.85 2.12 -7.73
N GLU A 84 -8.14 3.02 -7.11
CA GLU A 84 -7.26 2.64 -5.96
C GLU A 84 -8.12 2.11 -4.80
N ILE A 85 -9.28 2.68 -4.61
CA ILE A 85 -10.18 2.21 -3.51
C ILE A 85 -10.69 0.79 -3.81
N ARG A 86 -11.08 0.54 -5.03
CA ARG A 86 -11.62 -0.80 -5.40
C ARG A 86 -10.58 -1.90 -5.14
N GLU A 87 -9.34 -1.66 -5.51
CA GLU A 87 -8.28 -2.69 -5.31
C GLU A 87 -7.93 -2.88 -3.83
N ALA A 88 -7.88 -1.80 -3.09
CA ALA A 88 -7.52 -1.90 -1.62
C ALA A 88 -8.59 -2.66 -0.84
N PHE A 89 -9.83 -2.34 -1.05
CA PHE A 89 -10.94 -3.04 -0.33
C PHE A 89 -10.94 -4.52 -0.70
N ARG A 90 -10.78 -4.80 -1.97
CA ARG A 90 -10.79 -6.22 -2.44
C ARG A 90 -9.68 -7.03 -1.74
N VAL A 91 -8.56 -6.41 -1.48
CA VAL A 91 -7.45 -7.15 -0.81
C VAL A 91 -7.84 -7.44 0.66
N PHE A 92 -8.28 -6.43 1.38
CA PHE A 92 -8.67 -6.65 2.81
C PHE A 92 -9.95 -7.50 2.91
N ASP A 93 -10.92 -7.23 2.06
CA ASP A 93 -12.18 -8.03 2.10
C ASP A 93 -11.99 -9.36 1.37
N LYS A 94 -11.31 -10.29 1.97
CA LYS A 94 -11.07 -11.62 1.30
C LYS A 94 -12.38 -12.41 1.23
N ASP A 95 -13.15 -12.36 2.27
CA ASP A 95 -14.46 -13.10 2.29
C ASP A 95 -15.51 -12.37 1.45
N GLY A 96 -15.38 -11.08 1.29
CA GLY A 96 -16.36 -10.31 0.48
C GLY A 96 -17.68 -10.16 1.26
N ASN A 97 -17.61 -10.20 2.56
CA ASN A 97 -18.87 -10.07 3.39
C ASN A 97 -19.45 -8.65 3.31
N GLY A 98 -18.69 -7.69 2.83
CA GLY A 98 -19.21 -6.29 2.73
C GLY A 98 -18.42 -5.37 3.67
N TYR A 99 -17.71 -5.92 4.63
CA TYR A 99 -16.90 -5.07 5.57
C TYR A 99 -15.67 -5.86 6.00
N ILE A 100 -14.64 -5.19 6.44
CA ILE A 100 -13.39 -5.92 6.86
C ILE A 100 -13.48 -6.32 8.33
N SER A 101 -13.32 -7.58 8.60
CA SER A 101 -13.41 -8.09 9.99
C SER A 101 -12.08 -7.92 10.74
N ALA A 102 -12.09 -8.19 12.02
CA ALA A 102 -10.85 -8.05 12.84
C ALA A 102 -9.78 -9.01 12.34
N ALA A 103 -10.14 -10.25 12.12
CA ALA A 103 -9.14 -11.25 11.63
C ALA A 103 -8.62 -10.82 10.26
N GLU A 104 -9.46 -10.24 9.44
CA GLU A 104 -9.02 -9.79 8.09
C GLU A 104 -7.91 -8.73 8.22
N LEU A 105 -8.04 -7.83 9.17
CA LEU A 105 -7.00 -6.77 9.36
C LEU A 105 -5.67 -7.41 9.79
N ARG A 106 -5.74 -8.34 10.71
CA ARG A 106 -4.51 -9.02 11.23
C ARG A 106 -3.73 -9.77 10.14
N HIS A 107 -4.42 -10.39 9.21
CA HIS A 107 -3.70 -11.17 8.15
C HIS A 107 -2.76 -10.27 7.34
N VAL A 108 -3.25 -9.15 6.90
CA VAL A 108 -2.39 -8.21 6.09
C VAL A 108 -1.30 -7.56 6.96
N MET A 109 -1.62 -7.18 8.17
CA MET A 109 -0.61 -6.51 9.04
C MET A 109 0.63 -7.39 9.24
N THR A 110 0.43 -8.63 9.63
CA THR A 110 1.61 -9.53 9.82
C THR A 110 2.26 -9.82 8.47
N ASN A 111 1.47 -10.02 7.46
CA ASN A 111 2.02 -10.28 6.09
C ASN A 111 2.86 -9.09 5.64
N LEU A 112 2.47 -7.91 6.07
CA LEU A 112 3.22 -6.69 5.69
C LEU A 112 4.60 -6.69 6.36
N GLY A 113 4.71 -7.29 7.51
CA GLY A 113 6.01 -7.32 8.23
C GLY A 113 5.96 -6.39 9.45
N GLU A 114 4.79 -6.19 9.99
CA GLU A 114 4.66 -5.30 11.18
C GLU A 114 4.10 -6.08 12.37
N LYS A 115 4.61 -5.84 13.55
CA LYS A 115 4.09 -6.57 14.75
C LYS A 115 3.16 -5.66 15.54
N LEU A 116 1.90 -6.01 15.62
CA LEU A 116 0.93 -5.15 16.37
C LEU A 116 0.08 -6.02 17.30
N THR A 117 -0.42 -5.45 18.37
CA THR A 117 -1.27 -6.21 19.32
C THR A 117 -2.70 -6.21 18.80
N ASP A 118 -3.54 -7.07 19.33
CA ASP A 118 -4.95 -7.11 18.88
C ASP A 118 -5.62 -5.77 19.20
N GLU A 119 -5.13 -5.08 20.21
CA GLU A 119 -5.70 -3.75 20.57
C GLU A 119 -5.36 -2.74 19.48
N GLU A 120 -4.19 -2.88 18.89
CA GLU A 120 -3.78 -1.97 17.80
C GLU A 120 -4.69 -2.16 16.60
N VAL A 121 -5.08 -3.39 16.35
CA VAL A 121 -5.97 -3.68 15.20
C VAL A 121 -7.37 -3.12 15.47
N ASP A 122 -7.82 -3.24 16.69
CA ASP A 122 -9.19 -2.75 17.07
C ASP A 122 -9.28 -1.25 16.82
N GLU A 123 -8.25 -0.53 17.12
CA GLU A 123 -8.27 0.94 16.92
C GLU A 123 -8.52 1.24 15.45
N MET A 124 -7.89 0.49 14.57
CA MET A 124 -8.09 0.75 13.11
C MET A 124 -9.60 0.68 12.78
N ILE A 125 -10.30 -0.21 13.41
CA ILE A 125 -11.77 -0.33 13.17
C ILE A 125 -12.50 0.92 13.69
N ARG A 126 -12.09 1.42 14.82
CA ARG A 126 -12.75 2.62 15.42
C ARG A 126 -12.69 3.84 14.50
N GLU A 127 -11.57 4.06 13.90
CA GLU A 127 -11.41 5.25 13.02
C GLU A 127 -12.41 5.24 11.87
N ALA A 128 -12.67 4.10 11.29
CA ALA A 128 -13.65 4.04 10.16
C ALA A 128 -15.03 3.58 10.65
N ASP A 129 -15.11 3.00 11.82
CA ASP A 129 -16.44 2.54 12.34
C ASP A 129 -17.24 3.72 12.89
N ILE A 130 -17.74 4.56 12.01
CA ILE A 130 -18.53 5.75 12.45
C ILE A 130 -19.83 5.31 13.14
N ASP A 131 -20.54 4.38 12.56
CA ASP A 131 -21.83 3.92 13.16
C ASP A 131 -21.60 3.28 14.54
N GLY A 132 -20.56 2.50 14.69
CA GLY A 132 -20.28 1.86 16.02
C GLY A 132 -20.66 0.38 16.01
N ASP A 133 -20.75 -0.24 14.85
CA ASP A 133 -21.09 -1.68 14.78
C ASP A 133 -19.84 -2.56 15.02
N GLY A 134 -18.68 -1.95 15.03
CA GLY A 134 -17.42 -2.72 15.26
C GLY A 134 -16.86 -3.24 13.94
N GLN A 135 -17.48 -2.93 12.84
CA GLN A 135 -16.98 -3.39 11.52
C GLN A 135 -17.03 -2.24 10.51
N VAL A 136 -16.09 -2.16 9.61
CA VAL A 136 -16.08 -1.04 8.62
C VAL A 136 -16.81 -1.45 7.35
N ASN A 137 -17.87 -0.76 7.01
CA ASN A 137 -18.62 -1.09 5.76
C ASN A 137 -18.00 -0.35 4.59
N TYR A 138 -18.55 -0.51 3.42
CA TYR A 138 -17.99 0.18 2.23
C TYR A 138 -18.25 1.69 2.33
N GLU A 139 -19.43 2.06 2.77
CA GLU A 139 -19.76 3.52 2.90
C GLU A 139 -18.84 4.20 3.91
N GLU A 140 -18.61 3.57 5.04
CA GLU A 140 -17.72 4.18 6.07
C GLU A 140 -16.29 4.27 5.55
N PHE A 141 -15.88 3.27 4.83
CA PHE A 141 -14.49 3.25 4.27
C PHE A 141 -14.25 4.45 3.35
N VAL A 142 -15.19 4.74 2.49
CA VAL A 142 -15.03 5.90 1.55
C VAL A 142 -15.06 7.24 2.31
N GLN A 143 -15.91 7.36 3.29
CA GLN A 143 -15.98 8.66 4.06
C GLN A 143 -14.64 8.95 4.73
N MET A 144 -14.02 7.95 5.30
CA MET A 144 -12.71 8.15 5.99
C MET A 144 -11.65 8.66 5.00
N MET A 145 -11.65 8.15 3.80
CA MET A 145 -10.66 8.61 2.79
C MET A 145 -10.97 10.04 2.34
N THR A 146 -12.23 10.35 2.16
CA THR A 146 -12.60 11.73 1.72
C THR A 146 -12.99 12.60 2.93
N ALA A 147 -12.60 12.21 4.12
CA ALA A 147 -12.95 13.00 5.34
C ALA A 147 -12.19 14.33 5.35
N LYS A 148 -12.83 15.39 5.80
CA LYS A 148 -12.14 16.72 5.85
C LYS A 148 -11.39 16.88 7.17
N GLY B 5 -0.40 3.59 12.00
CA GLY B 5 -0.48 4.96 11.43
C GLY B 5 -1.92 5.29 11.06
N GLY B 6 -2.13 6.33 10.29
CA GLY B 6 -3.52 6.71 9.89
C GLY B 6 -4.09 5.62 8.99
N PHE B 7 -5.35 5.29 9.18
CA PHE B 7 -6.00 4.24 8.34
C PHE B 7 -5.96 4.65 6.86
N ARG B 8 -6.25 5.89 6.58
CA ARG B 8 -6.26 6.36 5.15
C ARG B 8 -4.86 6.18 4.53
N ARG B 9 -3.83 6.33 5.31
CA ARG B 9 -2.44 6.18 4.77
C ARG B 9 -2.22 4.78 4.20
N ILE B 10 -2.69 3.75 4.88
CA ILE B 10 -2.50 2.36 4.37
C ILE B 10 -3.35 2.12 3.12
N ALA B 11 -4.56 2.61 3.10
CA ALA B 11 -5.45 2.40 1.91
C ALA B 11 -4.82 2.99 0.64
N ARG B 12 -4.20 4.14 0.74
CA ARG B 12 -3.58 4.76 -0.47
C ARG B 12 -2.37 3.96 -0.94
N LEU B 13 -1.58 3.48 -0.03
CA LEU B 13 -0.36 2.70 -0.42
C LEU B 13 -0.75 1.44 -1.21
N VAL B 14 -1.74 0.70 -0.74
CA VAL B 14 -2.15 -0.54 -1.45
C VAL B 14 -2.83 -0.20 -2.79
N GLY B 15 -3.49 0.95 -2.87
CA GLY B 15 -4.17 1.33 -4.15
C GLY B 15 -3.12 1.43 -5.26
N VAL B 16 -1.98 1.98 -4.94
CA VAL B 16 -0.88 2.10 -5.95
C VAL B 16 -0.14 0.78 -6.10
N LEU B 17 -0.16 -0.04 -5.06
CA LEU B 17 0.57 -1.35 -5.11
C LEU B 17 0.15 -2.20 -6.32
N ARG B 18 -1.11 -2.54 -6.41
CA ARG B 18 -1.59 -3.40 -7.54
C ARG B 18 -1.48 -2.68 -8.89
N GLU B 19 -1.71 -1.39 -8.92
CA GLU B 19 -1.62 -0.63 -10.22
C GLU B 19 -0.21 -0.77 -10.81
N TRP B 20 0.78 -0.74 -9.96
CA TRP B 20 2.20 -0.87 -10.44
C TRP B 20 2.40 -2.20 -11.16
N ALA B 21 1.81 -3.26 -10.65
CA ALA B 21 1.98 -4.60 -11.29
C ALA B 21 1.45 -4.56 -12.73
N TYR B 22 0.41 -3.82 -12.97
CA TYR B 22 -0.15 -3.72 -14.36
C TYR B 22 0.91 -3.17 -15.31
N ARG B 23 1.71 -2.25 -14.84
CA ARG B 23 2.78 -1.65 -15.72
C ARG B 23 4.14 -2.28 -15.39
N ALA A 1 6.48 26.25 0.31
CA ALA A 1 5.97 26.08 -1.08
C ALA A 1 4.48 25.77 -1.05
N ASP A 2 3.65 26.74 -1.36
CA ASP A 2 2.17 26.51 -1.35
C ASP A 2 1.75 25.58 -2.48
N GLN A 3 2.34 25.76 -3.63
CA GLN A 3 1.98 24.91 -4.81
C GLN A 3 2.37 23.46 -4.56
N LEU A 4 3.51 23.26 -3.96
CA LEU A 4 3.97 21.87 -3.66
C LEU A 4 3.72 21.54 -2.19
N THR A 5 4.02 20.33 -1.81
CA THR A 5 3.81 19.92 -0.38
C THR A 5 4.89 18.91 0.01
N GLU A 6 5.78 19.33 0.87
CA GLU A 6 6.87 18.42 1.34
C GLU A 6 6.33 17.38 2.35
N GLU A 7 5.18 17.64 2.92
CA GLU A 7 4.61 16.67 3.91
C GLU A 7 4.31 15.31 3.27
N GLN A 8 4.05 15.28 1.98
CA GLN A 8 3.81 13.97 1.29
C GLN A 8 5.11 13.18 1.19
N ILE A 9 6.24 13.85 1.25
CA ILE A 9 7.55 13.15 1.14
C ILE A 9 7.73 12.12 2.25
N ALA A 10 7.50 12.51 3.47
CA ALA A 10 7.66 11.55 4.61
C ALA A 10 6.69 10.37 4.51
N GLU A 11 5.60 10.54 3.81
CA GLU A 11 4.61 9.42 3.66
C GLU A 11 5.23 8.30 2.84
N PHE A 12 5.88 8.66 1.76
CA PHE A 12 6.54 7.65 0.89
C PHE A 12 7.76 7.07 1.61
N LYS A 13 8.29 7.81 2.55
CA LYS A 13 9.46 7.34 3.33
C LYS A 13 9.03 6.20 4.27
N GLU A 14 7.87 6.33 4.86
CA GLU A 14 7.39 5.28 5.82
C GLU A 14 7.25 3.91 5.14
N ALA A 15 6.56 3.84 4.03
CA ALA A 15 6.37 2.51 3.35
C ALA A 15 7.67 2.00 2.73
N PHE A 16 8.62 2.87 2.47
CA PHE A 16 9.90 2.41 1.84
C PHE A 16 10.58 1.37 2.73
N SER A 17 10.71 1.62 4.01
CA SER A 17 11.35 0.60 4.91
C SER A 17 10.52 -0.68 4.89
N LEU A 18 9.22 -0.54 4.83
CA LEU A 18 8.32 -1.74 4.77
C LEU A 18 8.62 -2.51 3.47
N PHE A 19 8.85 -1.78 2.42
CA PHE A 19 9.16 -2.41 1.11
C PHE A 19 10.56 -3.05 1.17
N ASP A 20 11.49 -2.39 1.80
CA ASP A 20 12.88 -2.94 1.90
C ASP A 20 13.06 -3.65 3.25
N LYS A 21 12.94 -4.95 3.27
CA LYS A 21 13.09 -5.71 4.55
C LYS A 21 14.54 -5.67 5.02
N ASP A 22 15.47 -5.57 4.10
CA ASP A 22 16.93 -5.59 4.49
C ASP A 22 17.41 -4.21 4.94
N GLY A 23 16.60 -3.17 4.76
CA GLY A 23 17.05 -1.82 5.18
C GLY A 23 18.28 -1.42 4.35
N ASP A 24 18.43 -1.99 3.18
CA ASP A 24 19.62 -1.68 2.33
C ASP A 24 19.42 -0.34 1.61
N GLY A 25 18.24 0.21 1.64
CA GLY A 25 17.98 1.49 0.93
C GLY A 25 17.60 1.18 -0.54
N THR A 26 17.48 -0.10 -0.89
CA THR A 26 17.13 -0.45 -2.29
C THR A 26 16.26 -1.71 -2.31
N ILE A 27 15.27 -1.75 -3.18
CA ILE A 27 14.38 -2.94 -3.27
C ILE A 27 14.79 -3.80 -4.47
N THR A 28 15.10 -5.04 -4.23
CA THR A 28 15.51 -5.94 -5.35
C THR A 28 14.31 -6.79 -5.80
N THR A 29 14.18 -7.01 -7.09
CA THR A 29 13.03 -7.80 -7.64
C THR A 29 12.65 -9.00 -6.75
N LYS A 30 13.63 -9.63 -6.14
CA LYS A 30 13.31 -10.79 -5.25
C LYS A 30 12.53 -10.28 -4.02
N GLU A 31 12.99 -9.19 -3.45
CA GLU A 31 12.32 -8.62 -2.23
C GLU A 31 10.88 -8.22 -2.52
N LEU A 32 10.67 -7.34 -3.47
CA LEU A 32 9.27 -6.88 -3.79
C LEU A 32 8.38 -8.05 -4.21
N GLY A 33 8.93 -9.01 -4.91
CA GLY A 33 8.11 -10.18 -5.37
C GLY A 33 7.34 -10.78 -4.20
N THR A 34 7.87 -10.68 -3.00
CA THR A 34 7.15 -11.24 -1.81
C THR A 34 5.90 -10.41 -1.50
N VAL A 35 5.99 -9.11 -1.61
CA VAL A 35 4.80 -8.24 -1.33
C VAL A 35 3.69 -8.56 -2.33
N MET A 36 4.02 -8.56 -3.59
CA MET A 36 3.01 -8.86 -4.65
C MET A 36 2.45 -10.27 -4.46
N ARG A 37 3.26 -11.17 -3.96
CA ARG A 37 2.80 -12.56 -3.71
C ARG A 37 1.65 -12.57 -2.70
N SER A 38 1.78 -11.77 -1.66
CA SER A 38 0.69 -11.70 -0.62
C SER A 38 -0.54 -11.00 -1.20
N LEU A 39 -0.40 -10.31 -2.30
CA LEU A 39 -1.58 -9.62 -2.92
C LEU A 39 -2.33 -10.62 -3.81
N GLY A 40 -1.64 -11.63 -4.28
CA GLY A 40 -2.29 -12.65 -5.15
C GLY A 40 -1.21 -13.57 -5.71
N GLN A 41 -0.17 -13.01 -6.29
CA GLN A 41 0.93 -13.84 -6.84
C GLN A 41 2.17 -13.00 -7.08
N ASN A 42 3.25 -13.64 -7.43
CA ASN A 42 4.52 -12.91 -7.69
C ASN A 42 4.98 -13.15 -9.14
N PRO A 43 5.56 -12.14 -9.76
CA PRO A 43 6.04 -12.26 -11.15
C PRO A 43 7.28 -13.17 -11.20
N THR A 44 8.17 -12.97 -12.14
CA THR A 44 9.38 -13.83 -12.24
C THR A 44 10.61 -12.96 -12.55
N GLU A 45 11.78 -13.49 -12.30
CA GLU A 45 13.04 -12.72 -12.55
C GLU A 45 13.08 -12.16 -13.98
N ALA A 46 12.42 -12.80 -14.91
CA ALA A 46 12.38 -12.26 -16.30
C ALA A 46 11.49 -11.02 -16.34
N GLU A 47 10.26 -11.19 -15.94
CA GLU A 47 9.29 -10.05 -15.94
C GLU A 47 9.73 -8.99 -14.93
N LEU A 48 10.21 -9.41 -13.79
CA LEU A 48 10.67 -8.44 -12.76
C LEU A 48 11.74 -7.51 -13.34
N GLN A 49 12.54 -8.04 -14.24
CA GLN A 49 13.60 -7.20 -14.85
C GLN A 49 12.99 -6.10 -15.72
N ASP A 50 11.90 -6.40 -16.40
CA ASP A 50 11.25 -5.38 -17.28
C ASP A 50 10.63 -4.25 -16.44
N MET A 51 9.99 -4.59 -15.35
CA MET A 51 9.35 -3.54 -14.49
C MET A 51 10.42 -2.59 -13.96
N ILE A 52 11.53 -3.14 -13.52
CA ILE A 52 12.64 -2.30 -12.99
C ILE A 52 13.26 -1.46 -14.12
N ASN A 53 13.32 -2.00 -15.31
CA ASN A 53 13.93 -1.26 -16.45
C ASN A 53 13.17 0.04 -16.76
N GLU A 54 11.86 0.02 -16.72
CA GLU A 54 11.08 1.26 -17.02
C GLU A 54 11.25 2.28 -15.90
N VAL A 55 11.47 1.83 -14.69
CA VAL A 55 11.62 2.77 -13.54
C VAL A 55 13.11 2.97 -13.19
N ASP A 56 14.00 2.20 -13.77
CA ASP A 56 15.45 2.37 -13.46
C ASP A 56 16.00 3.69 -14.00
N ALA A 57 16.13 4.67 -13.15
CA ALA A 57 16.67 5.99 -13.60
C ALA A 57 18.17 5.85 -13.91
N ASP A 58 18.86 5.02 -13.18
CA ASP A 58 20.32 4.84 -13.41
C ASP A 58 20.59 3.59 -14.27
N GLY A 59 19.67 2.67 -14.29
CA GLY A 59 19.84 1.44 -15.12
C GLY A 59 20.68 0.39 -14.37
N ASN A 60 20.76 0.51 -13.07
CA ASN A 60 21.56 -0.49 -12.29
C ASN A 60 20.80 -1.82 -12.19
N GLY A 61 19.50 -1.76 -12.05
CA GLY A 61 18.69 -3.01 -11.95
C GLY A 61 17.81 -3.01 -10.70
N THR A 62 17.82 -1.95 -9.92
CA THR A 62 16.96 -1.93 -8.68
C THR A 62 16.29 -0.57 -8.50
N ILE A 63 15.38 -0.51 -7.57
CA ILE A 63 14.63 0.76 -7.32
C ILE A 63 15.18 1.46 -6.08
N ASP A 64 15.65 2.67 -6.23
CA ASP A 64 16.21 3.42 -5.06
C ASP A 64 15.18 4.43 -4.54
N PHE A 65 15.45 5.01 -3.40
CA PHE A 65 14.50 6.00 -2.80
C PHE A 65 14.01 7.06 -3.81
N PRO A 66 14.92 7.67 -4.54
CA PRO A 66 14.51 8.72 -5.52
C PRO A 66 13.72 8.13 -6.69
N GLU A 67 14.06 6.95 -7.15
CA GLU A 67 13.30 6.33 -8.28
C GLU A 67 11.89 5.93 -7.84
N PHE A 68 11.77 5.40 -6.65
CA PHE A 68 10.44 4.97 -6.14
C PHE A 68 9.48 6.16 -6.05
N LEU A 69 9.96 7.30 -5.59
CA LEU A 69 9.07 8.49 -5.45
C LEU A 69 8.58 8.99 -6.82
N THR A 70 9.44 9.02 -7.81
CA THR A 70 9.03 9.50 -9.15
C THR A 70 7.92 8.63 -9.76
N MET A 71 8.01 7.33 -9.60
CA MET A 71 6.99 6.42 -10.18
C MET A 71 5.64 6.55 -9.45
N MET A 72 5.66 6.68 -8.15
CA MET A 72 4.39 6.79 -7.38
C MET A 72 3.60 8.04 -7.81
N ALA A 73 4.27 9.16 -7.86
CA ALA A 73 3.57 10.43 -8.25
C ALA A 73 3.08 10.37 -9.71
N ARG A 74 3.78 9.67 -10.56
CA ARG A 74 3.37 9.58 -12.00
C ARG A 74 2.10 8.75 -12.17
N LYS A 75 1.98 7.67 -11.44
CA LYS A 75 0.77 6.79 -11.58
C LYS A 75 -0.51 7.45 -11.06
N MET A 76 -0.41 8.29 -10.06
CA MET A 76 -1.65 8.93 -9.49
C MET A 76 -2.43 9.74 -10.53
N LYS A 77 -1.77 10.59 -11.27
CA LYS A 77 -2.49 11.43 -12.27
C LYS A 77 -3.04 10.61 -13.44
N ASP A 78 -2.31 9.61 -13.89
CA ASP A 78 -2.79 8.78 -15.03
C ASP A 78 -3.98 7.89 -14.61
N THR A 79 -4.14 7.67 -13.34
CA THR A 79 -5.26 6.81 -12.86
C THR A 79 -6.31 7.62 -12.09
N ASP A 80 -7.14 6.92 -11.38
CA ASP A 80 -8.21 7.59 -10.58
C ASP A 80 -8.21 7.06 -9.14
N SER A 81 -8.54 7.88 -8.19
CA SER A 81 -8.55 7.43 -6.78
C SER A 81 -9.65 6.40 -6.54
N GLU A 82 -10.69 6.45 -7.32
CA GLU A 82 -11.80 5.45 -7.16
C GLU A 82 -11.25 4.04 -7.40
N GLU A 83 -10.33 3.92 -8.32
CA GLU A 83 -9.73 2.58 -8.61
C GLU A 83 -8.91 2.10 -7.42
N GLU A 84 -8.19 3.00 -6.81
CA GLU A 84 -7.33 2.63 -5.64
C GLU A 84 -8.18 2.11 -4.46
N ILE A 85 -9.33 2.69 -4.24
CA ILE A 85 -10.20 2.22 -3.12
C ILE A 85 -10.76 0.82 -3.40
N ARG A 86 -11.23 0.58 -4.60
CA ARG A 86 -11.81 -0.76 -4.92
C ARG A 86 -10.77 -1.86 -4.70
N GLU A 87 -9.55 -1.62 -5.10
CA GLU A 87 -8.49 -2.65 -4.92
C GLU A 87 -8.11 -2.84 -3.44
N ALA A 88 -8.05 -1.76 -2.69
CA ALA A 88 -7.67 -1.85 -1.24
C ALA A 88 -8.70 -2.65 -0.44
N PHE A 89 -9.97 -2.34 -0.61
CA PHE A 89 -11.04 -3.08 0.13
C PHE A 89 -10.99 -4.57 -0.25
N ARG A 90 -10.80 -4.84 -1.50
CA ARG A 90 -10.77 -6.26 -1.98
C ARG A 90 -9.63 -7.03 -1.28
N VAL A 91 -8.50 -6.39 -1.06
CA VAL A 91 -7.36 -7.11 -0.42
C VAL A 91 -7.68 -7.40 1.06
N PHE A 92 -8.00 -6.38 1.83
CA PHE A 92 -8.32 -6.60 3.28
C PHE A 92 -9.52 -7.54 3.43
N ASP A 93 -10.52 -7.39 2.61
CA ASP A 93 -11.72 -8.27 2.69
C ASP A 93 -11.44 -9.62 2.02
N LYS A 94 -10.73 -10.50 2.68
CA LYS A 94 -10.44 -11.84 2.06
C LYS A 94 -11.73 -12.64 1.92
N ASP A 95 -12.57 -12.60 2.91
CA ASP A 95 -13.85 -13.36 2.87
C ASP A 95 -14.87 -12.66 1.97
N GLY A 96 -14.71 -11.38 1.74
CA GLY A 96 -15.67 -10.63 0.86
C GLY A 96 -17.03 -10.52 1.56
N ASN A 97 -17.05 -10.61 2.86
CA ASN A 97 -18.35 -10.51 3.60
C ASN A 97 -18.94 -9.09 3.53
N GLY A 98 -18.17 -8.13 3.07
CA GLY A 98 -18.68 -6.73 2.99
C GLY A 98 -18.17 -5.91 4.18
N TYR A 99 -17.66 -6.54 5.21
CA TYR A 99 -17.13 -5.80 6.39
C TYR A 99 -15.78 -6.37 6.78
N ILE A 100 -14.84 -5.54 7.17
CA ILE A 100 -13.50 -6.05 7.56
C ILE A 100 -13.48 -6.39 9.05
N SER A 101 -13.18 -7.61 9.36
CA SER A 101 -13.14 -8.05 10.78
C SER A 101 -11.80 -7.71 11.43
N ALA A 102 -11.70 -7.87 12.72
CA ALA A 102 -10.44 -7.56 13.44
C ALA A 102 -9.34 -8.51 12.99
N ALA A 103 -9.68 -9.76 12.81
CA ALA A 103 -8.66 -10.76 12.35
C ALA A 103 -8.16 -10.38 10.96
N GLU A 104 -9.01 -9.79 10.16
CA GLU A 104 -8.58 -9.39 8.78
C GLU A 104 -7.57 -8.25 8.82
N LEU A 105 -7.77 -7.29 9.69
CA LEU A 105 -6.81 -6.15 9.78
C LEU A 105 -5.42 -6.68 10.18
N ARG A 106 -5.40 -7.52 11.17
CA ARG A 106 -4.10 -8.12 11.65
C ARG A 106 -3.47 -9.00 10.57
N HIS A 107 -4.26 -9.60 9.73
CA HIS A 107 -3.70 -10.50 8.66
C HIS A 107 -2.78 -9.74 7.69
N VAL A 108 -3.22 -8.61 7.19
CA VAL A 108 -2.38 -7.83 6.21
C VAL A 108 -1.17 -7.20 6.91
N MET A 109 -1.37 -6.56 8.03
CA MET A 109 -0.23 -5.90 8.72
C MET A 109 0.85 -6.92 9.08
N THR A 110 0.46 -8.09 9.52
CA THR A 110 1.47 -9.14 9.85
C THR A 110 2.21 -9.53 8.58
N ASN A 111 1.49 -9.76 7.52
CA ASN A 111 2.13 -10.12 6.22
C ASN A 111 3.01 -8.96 5.77
N LEU A 112 2.60 -7.76 6.10
CA LEU A 112 3.39 -6.56 5.71
C LEU A 112 4.69 -6.49 6.52
N GLY A 113 4.67 -6.94 7.75
CA GLY A 113 5.91 -6.91 8.59
C GLY A 113 5.72 -5.98 9.78
N GLU A 114 4.53 -5.90 10.31
CA GLU A 114 4.29 -5.01 11.49
C GLU A 114 3.68 -5.80 12.64
N LYS A 115 4.15 -5.58 13.84
CA LYS A 115 3.60 -6.32 15.02
C LYS A 115 2.64 -5.40 15.78
N LEU A 116 1.46 -5.89 16.08
CA LEU A 116 0.46 -5.04 16.81
C LEU A 116 -0.42 -5.91 17.71
N THR A 117 -0.92 -5.35 18.78
CA THR A 117 -1.82 -6.11 19.69
C THR A 117 -3.23 -6.12 19.11
N ASP A 118 -4.06 -7.02 19.56
CA ASP A 118 -5.46 -7.06 19.06
C ASP A 118 -6.15 -5.74 19.42
N GLU A 119 -5.70 -5.11 20.47
CA GLU A 119 -6.29 -3.79 20.87
C GLU A 119 -5.93 -2.74 19.83
N GLU A 120 -4.75 -2.86 19.27
CA GLU A 120 -4.29 -1.90 18.21
C GLU A 120 -5.22 -2.02 17.02
N VAL A 121 -5.60 -3.24 16.72
CA VAL A 121 -6.51 -3.48 15.56
C VAL A 121 -7.89 -2.87 15.84
N ASP A 122 -8.36 -3.00 17.05
CA ASP A 122 -9.72 -2.47 17.42
C ASP A 122 -9.79 -0.97 17.19
N GLU A 123 -8.79 -0.24 17.62
CA GLU A 123 -8.82 1.23 17.43
C GLU A 123 -8.89 1.57 15.95
N MET A 124 -8.16 0.85 15.13
CA MET A 124 -8.20 1.17 13.66
C MET A 124 -9.65 1.13 13.17
N ILE A 125 -10.43 0.22 13.68
CA ILE A 125 -11.87 0.15 13.30
C ILE A 125 -12.61 1.41 13.77
N ARG A 126 -12.29 1.89 14.94
CA ARG A 126 -12.99 3.09 15.49
C ARG A 126 -12.86 4.30 14.56
N GLU A 127 -11.72 4.50 13.98
CA GLU A 127 -11.50 5.67 13.08
C GLU A 127 -12.47 5.68 11.89
N ALA A 128 -12.72 4.53 11.30
CA ALA A 128 -13.63 4.51 10.11
C ALA A 128 -14.99 3.87 10.43
N ASP A 129 -15.18 3.34 11.61
CA ASP A 129 -16.50 2.70 11.92
C ASP A 129 -17.47 3.71 12.54
N ILE A 130 -17.98 4.62 11.74
CA ILE A 130 -18.95 5.65 12.25
C ILE A 130 -20.27 4.98 12.65
N ASP A 131 -20.71 4.03 11.86
CA ASP A 131 -22.00 3.33 12.16
C ASP A 131 -21.93 2.62 13.52
N GLY A 132 -20.82 2.02 13.85
CA GLY A 132 -20.70 1.32 15.17
C GLY A 132 -21.08 -0.15 15.05
N ASP A 133 -20.97 -0.74 13.89
CA ASP A 133 -21.31 -2.18 13.74
C ASP A 133 -20.13 -3.07 14.18
N GLY A 134 -18.99 -2.46 14.45
CA GLY A 134 -17.79 -3.24 14.89
C GLY A 134 -16.87 -3.54 13.71
N GLN A 135 -17.21 -3.13 12.52
CA GLN A 135 -16.33 -3.40 11.34
C GLN A 135 -16.34 -2.19 10.41
N VAL A 136 -15.34 -2.06 9.57
CA VAL A 136 -15.31 -0.90 8.63
C VAL A 136 -16.08 -1.26 7.36
N ASN A 137 -17.13 -0.53 7.07
CA ASN A 137 -17.95 -0.83 5.87
C ASN A 137 -17.39 -0.12 4.64
N TYR A 138 -17.91 -0.47 3.51
CA TYR A 138 -17.44 0.14 2.23
C TYR A 138 -17.73 1.65 2.20
N GLU A 139 -18.95 2.05 2.49
CA GLU A 139 -19.30 3.50 2.45
C GLU A 139 -18.47 4.27 3.49
N GLU A 140 -18.30 3.72 4.65
CA GLU A 140 -17.50 4.40 5.71
C GLU A 140 -16.04 4.48 5.26
N PHE A 141 -15.59 3.46 4.60
CA PHE A 141 -14.18 3.41 4.11
C PHE A 141 -13.90 4.57 3.15
N VAL A 142 -14.81 4.87 2.26
CA VAL A 142 -14.58 5.98 1.28
C VAL A 142 -14.71 7.36 1.93
N GLN A 143 -15.68 7.55 2.79
CA GLN A 143 -15.88 8.90 3.43
C GLN A 143 -14.66 9.34 4.25
N MET A 144 -14.15 8.50 5.10
CA MET A 144 -12.98 8.88 5.94
C MET A 144 -11.76 9.19 5.06
N MET A 145 -11.61 8.46 3.98
CA MET A 145 -10.47 8.71 3.07
C MET A 145 -10.64 10.05 2.34
N THR A 146 -11.84 10.35 1.94
CA THR A 146 -12.09 11.65 1.22
C THR A 146 -12.64 12.70 2.19
N ALA A 147 -12.41 12.54 3.46
CA ALA A 147 -12.94 13.52 4.47
C ALA A 147 -12.26 14.89 4.32
N LYS A 148 -10.98 14.91 4.08
CA LYS A 148 -10.26 16.22 3.95
C LYS A 148 -9.57 16.32 2.59
N GLY B 5 -2.69 4.47 14.69
CA GLY B 5 -3.73 5.01 13.77
C GLY B 5 -3.16 5.09 12.35
N GLY B 6 -3.44 6.17 11.66
CA GLY B 6 -2.91 6.32 10.26
C GLY B 6 -3.63 5.33 9.35
N PHE B 7 -4.88 5.04 9.64
CA PHE B 7 -5.64 4.08 8.79
C PHE B 7 -5.72 4.59 7.35
N ARG B 8 -5.95 5.87 7.18
CA ARG B 8 -6.05 6.45 5.80
C ARG B 8 -4.74 6.25 5.03
N ARG B 9 -3.62 6.42 5.68
CA ARG B 9 -2.31 6.25 4.98
C ARG B 9 -2.09 4.80 4.53
N ILE B 10 -2.47 3.85 5.34
CA ILE B 10 -2.28 2.41 4.96
C ILE B 10 -3.15 2.07 3.75
N ALA B 11 -4.37 2.57 3.72
CA ALA B 11 -5.27 2.27 2.57
C ALA B 11 -4.67 2.83 1.27
N ARG B 12 -4.09 4.00 1.33
CA ARG B 12 -3.48 4.61 0.11
C ARG B 12 -2.34 3.74 -0.42
N LEU B 13 -1.53 3.21 0.47
CA LEU B 13 -0.38 2.36 0.04
C LEU B 13 -0.89 1.09 -0.65
N VAL B 14 -1.93 0.49 -0.13
CA VAL B 14 -2.48 -0.77 -0.74
C VAL B 14 -2.98 -0.48 -2.16
N GLY B 15 -3.63 0.64 -2.36
CA GLY B 15 -4.14 1.00 -3.73
C GLY B 15 -2.98 0.99 -4.72
N VAL B 16 -1.80 1.33 -4.25
CA VAL B 16 -0.61 1.37 -5.15
C VAL B 16 -0.02 -0.04 -5.36
N LEU B 17 -0.18 -0.93 -4.42
CA LEU B 17 0.41 -2.31 -4.57
C LEU B 17 -0.15 -3.03 -5.80
N ARG B 18 -1.44 -3.07 -5.97
CA ARG B 18 -2.03 -3.77 -7.16
C ARG B 18 -1.66 -3.02 -8.44
N GLU B 19 -1.68 -1.72 -8.42
CA GLU B 19 -1.33 -0.94 -9.64
C GLU B 19 0.10 -1.25 -10.10
N TRP B 20 0.96 -1.58 -9.18
CA TRP B 20 2.38 -1.89 -9.55
C TRP B 20 2.42 -3.07 -10.54
N ALA B 21 1.60 -4.07 -10.32
CA ALA B 21 1.60 -5.26 -11.23
C ALA B 21 1.34 -4.85 -12.68
N TYR B 22 0.46 -3.91 -12.91
CA TYR B 22 0.18 -3.47 -14.32
C TYR B 22 1.45 -2.93 -14.97
N ARG B 23 2.24 -2.18 -14.24
CA ARG B 23 3.49 -1.61 -14.81
C ARG B 23 4.62 -1.69 -13.78
N ALA A 1 9.00 13.33 -6.30
CA ALA A 1 9.41 14.71 -6.70
C ALA A 1 8.18 15.62 -6.78
N ASP A 2 7.37 15.62 -5.76
CA ASP A 2 6.15 16.48 -5.77
C ASP A 2 6.49 17.86 -5.17
N GLN A 3 7.00 18.74 -5.98
CA GLN A 3 7.36 20.11 -5.48
C GLN A 3 6.12 20.80 -4.92
N LEU A 4 5.02 20.62 -5.58
CA LEU A 4 3.74 21.27 -5.14
C LEU A 4 3.36 20.83 -3.73
N THR A 5 3.54 19.57 -3.41
CA THR A 5 3.18 19.10 -2.04
C THR A 5 4.27 18.18 -1.49
N GLU A 6 5.05 18.68 -0.58
CA GLU A 6 6.13 17.84 0.01
C GLU A 6 5.58 16.93 1.13
N GLU A 7 4.39 17.20 1.60
CA GLU A 7 3.81 16.36 2.71
C GLU A 7 3.86 14.88 2.33
N GLN A 8 3.51 14.56 1.11
CA GLN A 8 3.54 13.13 0.66
C GLN A 8 4.99 12.61 0.53
N ILE A 9 5.96 13.48 0.39
CA ILE A 9 7.37 13.01 0.25
C ILE A 9 7.80 12.23 1.50
N ALA A 10 7.60 12.80 2.66
CA ALA A 10 7.98 12.11 3.94
C ALA A 10 7.20 10.80 4.09
N GLU A 11 5.98 10.77 3.67
CA GLU A 11 5.17 9.53 3.82
C GLU A 11 5.82 8.38 3.06
N PHE A 12 6.25 8.62 1.85
CA PHE A 12 6.91 7.54 1.06
C PHE A 12 8.22 7.09 1.70
N LYS A 13 8.83 7.92 2.52
CA LYS A 13 10.10 7.51 3.18
C LYS A 13 9.78 6.41 4.19
N GLU A 14 8.71 6.58 4.91
CA GLU A 14 8.32 5.57 5.94
C GLU A 14 8.09 4.20 5.29
N ALA A 15 7.27 4.13 4.27
CA ALA A 15 7.00 2.81 3.63
C ALA A 15 8.23 2.26 2.90
N PHE A 16 9.16 3.11 2.51
CA PHE A 16 10.38 2.60 1.79
C PHE A 16 11.08 1.53 2.63
N SER A 17 11.29 1.80 3.90
CA SER A 17 11.95 0.79 4.79
C SER A 17 11.09 -0.48 4.84
N LEU A 18 9.79 -0.30 4.87
CA LEU A 18 8.87 -1.47 4.89
C LEU A 18 9.03 -2.24 3.58
N PHE A 19 9.17 -1.52 2.49
CA PHE A 19 9.37 -2.18 1.17
C PHE A 19 10.76 -2.83 1.14
N ASP A 20 11.74 -2.16 1.69
CA ASP A 20 13.13 -2.72 1.69
C ASP A 20 13.39 -3.45 3.01
N LYS A 21 13.24 -4.75 3.03
CA LYS A 21 13.47 -5.52 4.29
C LYS A 21 14.93 -5.44 4.73
N ASP A 22 15.86 -5.35 3.81
CA ASP A 22 17.30 -5.31 4.20
C ASP A 22 17.73 -3.92 4.67
N GLY A 23 16.89 -2.92 4.49
CA GLY A 23 17.29 -1.54 4.92
C GLY A 23 18.61 -1.15 4.23
N ASP A 24 18.89 -1.76 3.10
CA ASP A 24 20.14 -1.44 2.37
C ASP A 24 19.95 -0.24 1.44
N GLY A 25 18.71 0.20 1.25
CA GLY A 25 18.47 1.38 0.38
C GLY A 25 17.96 0.98 -1.01
N THR A 26 17.74 -0.30 -1.27
CA THR A 26 17.27 -0.70 -2.64
C THR A 26 16.28 -1.88 -2.59
N ILE A 27 15.27 -1.84 -3.43
CA ILE A 27 14.29 -2.96 -3.48
C ILE A 27 14.62 -3.88 -4.66
N THR A 28 14.87 -5.14 -4.38
CA THR A 28 15.21 -6.10 -5.49
C THR A 28 14.00 -6.95 -5.88
N THR A 29 13.84 -7.22 -7.15
CA THR A 29 12.66 -8.03 -7.65
C THR A 29 12.35 -9.22 -6.73
N LYS A 30 13.35 -9.80 -6.13
CA LYS A 30 13.11 -10.94 -5.20
C LYS A 30 12.29 -10.45 -3.99
N GLU A 31 12.76 -9.39 -3.37
CA GLU A 31 12.07 -8.86 -2.16
C GLU A 31 10.63 -8.44 -2.47
N LEU A 32 10.43 -7.60 -3.45
CA LEU A 32 9.04 -7.13 -3.77
C LEU A 32 8.15 -8.31 -4.14
N GLY A 33 8.71 -9.30 -4.81
CA GLY A 33 7.91 -10.49 -5.25
C GLY A 33 7.11 -11.06 -4.07
N THR A 34 7.61 -10.92 -2.87
CA THR A 34 6.87 -11.46 -1.68
C THR A 34 5.61 -10.62 -1.41
N VAL A 35 5.72 -9.31 -1.56
CA VAL A 35 4.53 -8.43 -1.32
C VAL A 35 3.44 -8.73 -2.35
N MET A 36 3.79 -8.74 -3.61
CA MET A 36 2.79 -9.02 -4.68
C MET A 36 2.20 -10.41 -4.47
N ARG A 37 2.99 -11.32 -3.96
CA ARG A 37 2.48 -12.71 -3.69
C ARG A 37 1.35 -12.63 -2.66
N SER A 38 1.52 -11.81 -1.66
CA SER A 38 0.47 -11.64 -0.61
C SER A 38 -0.74 -10.88 -1.16
N LEU A 39 -0.56 -10.16 -2.24
CA LEU A 39 -1.70 -9.38 -2.82
C LEU A 39 -2.47 -10.23 -3.83
N GLY A 40 -1.89 -11.30 -4.30
CA GLY A 40 -2.58 -12.17 -5.30
C GLY A 40 -1.60 -13.21 -5.83
N GLN A 41 -0.49 -12.79 -6.37
CA GLN A 41 0.51 -13.76 -6.91
C GLN A 41 1.90 -13.11 -7.02
N ASN A 42 2.90 -13.91 -7.28
CA ASN A 42 4.28 -13.39 -7.42
C ASN A 42 4.72 -13.41 -8.89
N PRO A 43 5.16 -12.29 -9.41
CA PRO A 43 5.60 -12.24 -10.83
C PRO A 43 6.91 -13.04 -10.96
N THR A 44 7.80 -12.67 -11.84
CA THR A 44 9.08 -13.43 -11.99
C THR A 44 10.27 -12.48 -12.15
N GLU A 45 11.43 -12.90 -11.70
CA GLU A 45 12.65 -12.04 -11.81
C GLU A 45 12.88 -11.57 -13.25
N ALA A 46 12.35 -12.27 -14.22
CA ALA A 46 12.50 -11.83 -15.64
C ALA A 46 11.59 -10.61 -15.87
N GLU A 47 10.32 -10.80 -15.67
CA GLU A 47 9.33 -9.69 -15.89
C GLU A 47 9.55 -8.61 -14.84
N LEU A 48 9.86 -8.99 -13.63
CA LEU A 48 10.09 -7.97 -12.55
C LEU A 48 11.21 -7.01 -12.97
N GLN A 49 12.16 -7.52 -13.70
CA GLN A 49 13.30 -6.66 -14.15
C GLN A 49 12.82 -5.59 -15.13
N ASP A 50 11.86 -5.91 -15.97
CA ASP A 50 11.34 -4.89 -16.95
C ASP A 50 10.65 -3.73 -16.22
N MET A 51 9.91 -4.04 -15.19
CA MET A 51 9.20 -2.96 -14.44
C MET A 51 10.21 -1.95 -13.87
N ILE A 52 11.26 -2.46 -13.28
CA ILE A 52 12.31 -1.56 -12.71
C ILE A 52 13.05 -0.79 -13.82
N ASN A 53 13.22 -1.40 -14.97
CA ASN A 53 13.97 -0.71 -16.08
C ASN A 53 13.25 0.59 -16.45
N GLU A 54 11.94 0.58 -16.49
CA GLU A 54 11.19 1.82 -16.83
C GLU A 54 11.37 2.87 -15.72
N VAL A 55 11.63 2.42 -14.52
CA VAL A 55 11.82 3.37 -13.39
C VAL A 55 13.31 3.58 -13.09
N ASP A 56 14.18 2.81 -13.68
CA ASP A 56 15.64 2.97 -13.42
C ASP A 56 16.18 4.24 -14.09
N ALA A 57 16.33 5.29 -13.34
CA ALA A 57 16.87 6.56 -13.92
C ALA A 57 18.31 6.34 -14.37
N ASP A 58 19.06 5.62 -13.58
CA ASP A 58 20.49 5.35 -13.94
C ASP A 58 20.61 4.10 -14.81
N GLY A 59 19.68 3.18 -14.65
CA GLY A 59 19.73 1.92 -15.46
C GLY A 59 20.61 0.87 -14.78
N ASN A 60 20.80 0.98 -13.50
CA ASN A 60 21.65 -0.02 -12.77
C ASN A 60 20.91 -1.35 -12.62
N GLY A 61 19.61 -1.31 -12.46
CA GLY A 61 18.83 -2.56 -12.30
C GLY A 61 18.05 -2.59 -10.98
N THR A 62 18.16 -1.56 -10.17
CA THR A 62 17.42 -1.54 -8.87
C THR A 62 16.72 -0.21 -8.69
N ILE A 63 15.87 -0.12 -7.70
CA ILE A 63 15.10 1.14 -7.47
C ILE A 63 15.63 1.90 -6.25
N ASP A 64 16.07 3.11 -6.45
CA ASP A 64 16.60 3.92 -5.31
C ASP A 64 15.56 4.92 -4.80
N PHE A 65 15.82 5.53 -3.68
CA PHE A 65 14.87 6.52 -3.08
C PHE A 65 14.30 7.52 -4.10
N PRO A 66 15.16 8.17 -4.86
CA PRO A 66 14.66 9.17 -5.86
C PRO A 66 13.89 8.49 -6.99
N GLU A 67 14.24 7.28 -7.33
CA GLU A 67 13.52 6.57 -8.44
C GLU A 67 12.12 6.16 -7.97
N PHE A 68 12.01 5.69 -6.76
CA PHE A 68 10.68 5.25 -6.22
C PHE A 68 9.71 6.44 -6.08
N LEU A 69 10.20 7.57 -5.63
CA LEU A 69 9.31 8.76 -5.45
C LEU A 69 8.78 9.28 -6.79
N THR A 70 9.60 9.29 -7.80
CA THR A 70 9.15 9.80 -9.13
C THR A 70 8.04 8.92 -9.71
N MET A 71 8.17 7.63 -9.59
CA MET A 71 7.12 6.71 -10.17
C MET A 71 5.80 6.85 -9.39
N MET A 72 5.86 6.97 -8.10
CA MET A 72 4.60 7.11 -7.30
C MET A 72 3.81 8.34 -7.72
N ALA A 73 4.49 9.45 -7.89
CA ALA A 73 3.80 10.70 -8.32
C ALA A 73 3.29 10.55 -9.76
N ARG A 74 3.99 9.78 -10.55
CA ARG A 74 3.57 9.56 -11.97
C ARG A 74 2.30 8.72 -12.05
N LYS A 75 2.19 7.72 -11.21
CA LYS A 75 1.00 6.82 -11.25
C LYS A 75 -0.29 7.55 -10.85
N MET A 76 -0.22 8.46 -9.92
CA MET A 76 -1.48 9.18 -9.47
C MET A 76 -2.15 9.92 -10.62
N LYS A 77 -1.40 10.71 -11.36
CA LYS A 77 -2.02 11.47 -12.49
C LYS A 77 -2.41 10.52 -13.64
N ASP A 78 -1.60 9.54 -13.91
CA ASP A 78 -1.93 8.58 -15.01
C ASP A 78 -3.14 7.73 -14.61
N THR A 79 -3.18 7.33 -13.38
CA THR A 79 -4.30 6.48 -12.88
C THR A 79 -5.32 7.35 -12.11
N ASP A 80 -6.30 6.73 -11.49
CA ASP A 80 -7.32 7.50 -10.72
C ASP A 80 -7.46 6.92 -9.32
N SER A 81 -7.75 7.75 -8.35
CA SER A 81 -7.90 7.26 -6.95
C SER A 81 -9.02 6.22 -6.86
N GLU A 82 -9.99 6.31 -7.73
CA GLU A 82 -11.11 5.32 -7.72
C GLU A 82 -10.54 3.92 -7.94
N GLU A 83 -9.54 3.81 -8.78
CA GLU A 83 -8.93 2.47 -9.05
C GLU A 83 -8.16 1.98 -7.81
N GLU A 84 -7.47 2.87 -7.14
CA GLU A 84 -6.69 2.45 -5.94
C GLU A 84 -7.64 2.10 -4.79
N ILE A 85 -8.72 2.82 -4.64
CA ILE A 85 -9.68 2.54 -3.54
C ILE A 85 -10.34 1.16 -3.72
N ARG A 86 -10.93 0.91 -4.86
CA ARG A 86 -11.62 -0.39 -5.07
C ARG A 86 -10.64 -1.57 -4.93
N GLU A 87 -9.45 -1.43 -5.44
CA GLU A 87 -8.44 -2.53 -5.36
C GLU A 87 -7.98 -2.76 -3.91
N ALA A 88 -7.79 -1.69 -3.20
CA ALA A 88 -7.32 -1.79 -1.78
C ALA A 88 -8.37 -2.47 -0.90
N PHE A 89 -9.61 -2.09 -1.05
CA PHE A 89 -10.70 -2.74 -0.25
C PHE A 89 -10.73 -4.24 -0.58
N ARG A 90 -10.58 -4.55 -1.83
CA ARG A 90 -10.61 -5.98 -2.28
C ARG A 90 -9.49 -6.78 -1.60
N VAL A 91 -8.33 -6.18 -1.42
CA VAL A 91 -7.19 -6.90 -0.78
C VAL A 91 -7.50 -7.14 0.71
N PHE A 92 -8.02 -6.15 1.38
CA PHE A 92 -8.33 -6.31 2.84
C PHE A 92 -9.50 -7.28 3.06
N ASP A 93 -10.51 -7.23 2.21
CA ASP A 93 -11.67 -8.15 2.39
C ASP A 93 -11.33 -9.54 1.83
N LYS A 94 -10.58 -10.32 2.56
CA LYS A 94 -10.22 -11.69 2.07
C LYS A 94 -11.49 -12.53 1.86
N ASP A 95 -12.42 -12.44 2.77
CA ASP A 95 -13.70 -13.22 2.63
C ASP A 95 -14.69 -12.50 1.70
N GLY A 96 -14.51 -11.22 1.49
CA GLY A 96 -15.42 -10.45 0.60
C GLY A 96 -16.87 -10.56 1.11
N ASN A 97 -17.14 -10.06 2.28
CA ASN A 97 -18.54 -10.14 2.84
C ASN A 97 -19.21 -8.76 2.86
N GLY A 98 -18.48 -7.69 2.63
CA GLY A 98 -19.08 -6.33 2.66
C GLY A 98 -18.41 -5.46 3.72
N TYR A 99 -17.81 -6.07 4.72
CA TYR A 99 -17.12 -5.28 5.79
C TYR A 99 -15.93 -6.08 6.32
N ILE A 100 -14.93 -5.41 6.82
CA ILE A 100 -13.74 -6.14 7.35
C ILE A 100 -13.94 -6.46 8.83
N SER A 101 -13.82 -7.70 9.17
CA SER A 101 -14.01 -8.13 10.58
C SER A 101 -12.73 -7.88 11.39
N ALA A 102 -12.79 -8.05 12.68
CA ALA A 102 -11.57 -7.82 13.53
C ALA A 102 -10.50 -8.84 13.16
N ALA A 103 -10.90 -10.06 12.93
CA ALA A 103 -9.91 -11.11 12.54
C ALA A 103 -9.29 -10.74 11.20
N GLU A 104 -10.08 -10.21 10.30
CA GLU A 104 -9.56 -9.84 8.95
C GLU A 104 -8.47 -8.76 9.05
N LEU A 105 -8.64 -7.79 9.94
CA LEU A 105 -7.59 -6.73 10.08
C LEU A 105 -6.27 -7.36 10.53
N ARG A 106 -6.35 -8.26 11.48
CA ARG A 106 -5.12 -8.93 12.00
C ARG A 106 -4.39 -9.68 10.88
N HIS A 107 -5.12 -10.23 9.95
CA HIS A 107 -4.46 -10.99 8.83
C HIS A 107 -3.50 -10.10 8.03
N VAL A 108 -3.91 -8.92 7.68
CA VAL A 108 -3.02 -7.99 6.89
C VAL A 108 -1.88 -7.43 7.74
N MET A 109 -2.16 -7.09 8.97
CA MET A 109 -1.11 -6.50 9.85
C MET A 109 0.05 -7.50 10.01
N THR A 110 -0.25 -8.73 10.32
CA THR A 110 0.83 -9.76 10.48
C THR A 110 1.48 -10.03 9.13
N ASN A 111 0.70 -10.11 8.09
CA ASN A 111 1.26 -10.35 6.73
C ASN A 111 2.19 -9.20 6.36
N LEU A 112 1.89 -8.02 6.84
CA LEU A 112 2.76 -6.85 6.54
C LEU A 112 4.11 -7.01 7.24
N GLY A 113 4.12 -7.63 8.40
CA GLY A 113 5.39 -7.82 9.15
C GLY A 113 5.43 -6.88 10.34
N GLU A 114 4.28 -6.53 10.88
CA GLU A 114 4.24 -5.62 12.05
C GLU A 114 3.55 -6.31 13.22
N LYS A 115 4.15 -6.29 14.38
CA LYS A 115 3.53 -6.96 15.56
C LYS A 115 2.68 -5.95 16.35
N LEU A 116 1.40 -6.18 16.45
CA LEU A 116 0.50 -5.24 17.19
C LEU A 116 -0.41 -6.04 18.12
N THR A 117 -0.91 -5.39 19.15
CA THR A 117 -1.82 -6.09 20.10
C THR A 117 -3.24 -6.06 19.55
N ASP A 118 -4.11 -6.90 20.07
CA ASP A 118 -5.52 -6.90 19.61
C ASP A 118 -6.13 -5.51 19.87
N GLU A 119 -5.60 -4.80 20.84
CA GLU A 119 -6.09 -3.44 21.14
C GLU A 119 -5.77 -2.52 19.97
N GLU A 120 -4.65 -2.76 19.34
CA GLU A 120 -4.24 -1.94 18.16
C GLU A 120 -5.27 -2.11 17.05
N VAL A 121 -5.76 -3.31 16.89
CA VAL A 121 -6.77 -3.58 15.81
C VAL A 121 -8.09 -2.89 16.16
N ASP A 122 -8.46 -2.91 17.41
CA ASP A 122 -9.75 -2.29 17.85
C ASP A 122 -9.78 -0.81 17.49
N GLU A 123 -8.76 -0.08 17.84
CA GLU A 123 -8.75 1.37 17.52
C GLU A 123 -8.84 1.59 16.02
N MET A 124 -8.14 0.80 15.24
CA MET A 124 -8.19 1.00 13.74
C MET A 124 -9.65 0.95 13.30
N ILE A 125 -10.40 0.06 13.87
CA ILE A 125 -11.85 -0.05 13.52
C ILE A 125 -12.58 1.25 13.92
N ARG A 126 -12.24 1.80 15.05
CA ARG A 126 -12.94 3.04 15.53
C ARG A 126 -12.77 4.21 14.54
N GLU A 127 -11.62 4.37 13.95
CA GLU A 127 -11.39 5.50 13.01
C GLU A 127 -12.34 5.45 11.82
N ALA A 128 -12.60 4.28 11.28
CA ALA A 128 -13.52 4.17 10.11
C ALA A 128 -14.93 3.76 10.54
N ASP A 129 -15.07 3.21 11.74
CA ASP A 129 -16.42 2.79 12.20
C ASP A 129 -17.13 3.92 12.96
N ILE A 130 -17.65 4.88 12.26
CA ILE A 130 -18.35 6.02 12.91
C ILE A 130 -19.61 5.55 13.66
N ASP A 131 -20.35 4.63 13.10
CA ASP A 131 -21.59 4.14 13.77
C ASP A 131 -21.28 3.53 15.14
N GLY A 132 -20.18 2.82 15.27
CA GLY A 132 -19.82 2.24 16.60
C GLY A 132 -20.22 0.76 16.69
N ASP A 133 -20.59 0.14 15.60
CA ASP A 133 -20.98 -1.30 15.65
C ASP A 133 -19.73 -2.20 15.65
N GLY A 134 -18.59 -1.64 15.33
CA GLY A 134 -17.33 -2.44 15.34
C GLY A 134 -17.06 -3.10 13.98
N GLN A 135 -17.86 -2.81 12.98
CA GLN A 135 -17.62 -3.42 11.63
C GLN A 135 -17.57 -2.32 10.57
N VAL A 136 -16.52 -2.28 9.78
CA VAL A 136 -16.43 -1.23 8.72
C VAL A 136 -17.06 -1.74 7.43
N ASN A 137 -18.15 -1.14 7.01
CA ASN A 137 -18.81 -1.58 5.75
C ASN A 137 -18.25 -0.80 4.56
N TYR A 138 -18.74 -1.07 3.39
CA TYR A 138 -18.23 -0.36 2.18
C TYR A 138 -18.49 1.15 2.29
N GLU A 139 -19.65 1.55 2.76
CA GLU A 139 -19.97 3.01 2.88
C GLU A 139 -19.01 3.71 3.86
N GLU A 140 -18.76 3.12 4.99
CA GLU A 140 -17.84 3.75 6.00
C GLU A 140 -16.45 3.86 5.40
N PHE A 141 -16.06 2.85 4.68
CA PHE A 141 -14.70 2.84 4.05
C PHE A 141 -14.53 4.02 3.09
N VAL A 142 -15.55 4.32 2.32
CA VAL A 142 -15.46 5.46 1.34
C VAL A 142 -15.39 6.81 2.08
N GLN A 143 -16.14 6.97 3.13
CA GLN A 143 -16.11 8.26 3.89
C GLN A 143 -14.71 8.53 4.42
N MET A 144 -14.06 7.50 4.91
CA MET A 144 -12.69 7.66 5.47
C MET A 144 -11.72 8.19 4.39
N MET A 145 -11.83 7.70 3.19
CA MET A 145 -10.92 8.16 2.09
C MET A 145 -11.41 9.48 1.49
N THR A 146 -12.71 9.60 1.33
CA THR A 146 -13.28 10.84 0.72
C THR A 146 -12.91 12.06 1.58
N ALA A 147 -12.69 11.87 2.86
CA ALA A 147 -12.33 13.03 3.74
C ALA A 147 -10.85 13.38 3.60
N LYS A 148 -10.57 14.59 3.17
CA LYS A 148 -9.14 15.03 3.01
C LYS A 148 -8.29 13.97 2.29
N GLY B 5 -2.20 3.78 14.64
CA GLY B 5 -3.28 4.41 13.84
C GLY B 5 -2.81 4.56 12.39
N GLY B 6 -3.29 5.56 11.70
CA GLY B 6 -2.87 5.78 10.29
C GLY B 6 -3.52 4.73 9.39
N PHE B 7 -4.76 4.38 9.64
CA PHE B 7 -5.45 3.36 8.80
C PHE B 7 -5.50 3.84 7.35
N ARG B 8 -5.89 5.07 7.14
CA ARG B 8 -5.96 5.64 5.77
C ARG B 8 -4.58 5.62 5.10
N ARG B 9 -3.55 5.92 5.86
CA ARG B 9 -2.17 5.93 5.30
C ARG B 9 -1.81 4.55 4.74
N ILE B 10 -2.19 3.51 5.44
CA ILE B 10 -1.89 2.13 4.98
C ILE B 10 -2.69 1.81 3.70
N ALA B 11 -3.93 2.22 3.64
CA ALA B 11 -4.77 1.94 2.44
C ALA B 11 -4.15 2.55 1.18
N ARG B 12 -3.59 3.72 1.29
CA ARG B 12 -2.96 4.37 0.09
C ARG B 12 -1.83 3.48 -0.46
N LEU B 13 -1.05 2.91 0.42
CA LEU B 13 0.06 2.03 -0.03
C LEU B 13 -0.49 0.80 -0.76
N VAL B 14 -1.57 0.24 -0.26
CA VAL B 14 -2.17 -0.97 -0.91
C VAL B 14 -2.63 -0.63 -2.33
N GLY B 15 -3.20 0.52 -2.54
CA GLY B 15 -3.68 0.92 -3.91
C GLY B 15 -2.49 0.88 -4.88
N VAL B 16 -1.34 1.28 -4.41
CA VAL B 16 -0.11 1.29 -5.26
C VAL B 16 0.31 -0.14 -5.61
N LEU B 17 0.21 -1.04 -4.66
CA LEU B 17 0.65 -2.46 -4.92
C LEU B 17 -0.14 -3.10 -6.06
N ARG B 18 -1.44 -2.95 -6.08
CA ARG B 18 -2.25 -3.58 -7.17
C ARG B 18 -1.81 -3.02 -8.54
N GLU B 19 -1.54 -1.75 -8.60
CA GLU B 19 -1.09 -1.12 -9.89
C GLU B 19 0.20 -1.77 -10.38
N TRP B 20 1.10 -2.06 -9.48
CA TRP B 20 2.41 -2.68 -9.88
C TRP B 20 2.16 -4.03 -10.57
N ALA B 21 1.31 -4.85 -10.01
CA ALA B 21 1.04 -6.18 -10.64
C ALA B 21 0.42 -6.00 -12.03
N TYR B 22 -0.47 -5.04 -12.17
CA TYR B 22 -1.10 -4.80 -13.51
C TYR B 22 -0.02 -4.44 -14.54
N ARG B 23 0.95 -3.66 -14.14
CA ARG B 23 2.04 -3.26 -15.07
C ARG B 23 3.27 -4.13 -14.85
N ALA A 1 7.91 31.63 -7.00
CA ALA A 1 6.45 31.56 -6.70
C ALA A 1 6.01 30.09 -6.59
N ASP A 2 6.68 29.20 -7.24
CA ASP A 2 6.30 27.75 -7.17
C ASP A 2 7.12 27.05 -6.08
N GLN A 3 6.46 26.58 -5.06
CA GLN A 3 7.20 25.90 -3.95
C GLN A 3 6.82 24.41 -3.90
N LEU A 4 7.68 23.60 -3.35
CA LEU A 4 7.39 22.13 -3.27
C LEU A 4 6.77 21.78 -1.91
N THR A 5 6.49 20.52 -1.69
CA THR A 5 5.90 20.10 -0.40
C THR A 5 6.72 18.96 0.22
N GLU A 6 7.48 19.28 1.22
CA GLU A 6 8.33 18.25 1.91
C GLU A 6 7.49 17.47 2.94
N GLU A 7 6.28 17.88 3.18
CA GLU A 7 5.41 17.16 4.18
C GLU A 7 5.02 15.79 3.64
N GLN A 8 4.70 15.73 2.37
CA GLN A 8 4.32 14.44 1.74
C GLN A 8 5.52 13.50 1.63
N ILE A 9 6.68 14.05 1.40
CA ILE A 9 7.91 13.21 1.24
C ILE A 9 8.20 12.38 2.49
N ALA A 10 7.99 12.91 3.67
CA ALA A 10 8.26 12.10 4.91
C ALA A 10 7.36 10.86 4.97
N GLU A 11 6.19 10.93 4.39
CA GLU A 11 5.30 9.73 4.40
C GLU A 11 5.96 8.58 3.66
N PHE A 12 6.58 8.88 2.56
CA PHE A 12 7.27 7.83 1.75
C PHE A 12 8.42 7.20 2.51
N LYS A 13 8.96 7.87 3.49
CA LYS A 13 10.11 7.30 4.27
C LYS A 13 9.66 6.06 5.03
N GLU A 14 8.47 6.12 5.58
CA GLU A 14 7.95 4.96 6.37
C GLU A 14 7.79 3.73 5.47
N ALA A 15 7.01 3.82 4.42
CA ALA A 15 6.77 2.65 3.53
C ALA A 15 8.08 2.13 2.90
N PHE A 16 8.99 3.00 2.57
CA PHE A 16 10.28 2.54 1.92
C PHE A 16 10.96 1.47 2.78
N SER A 17 11.13 1.74 4.05
CA SER A 17 11.78 0.74 4.96
C SER A 17 10.96 -0.55 4.99
N LEU A 18 9.66 -0.43 4.91
CA LEU A 18 8.80 -1.65 4.91
C LEU A 18 9.06 -2.44 3.62
N PHE A 19 9.24 -1.73 2.53
CA PHE A 19 9.53 -2.40 1.24
C PHE A 19 10.96 -2.95 1.22
N ASP A 20 11.90 -2.22 1.75
CA ASP A 20 13.32 -2.69 1.74
C ASP A 20 13.65 -3.41 3.05
N LYS A 21 13.54 -4.71 3.07
CA LYS A 21 13.85 -5.48 4.32
C LYS A 21 15.34 -5.38 4.68
N ASP A 22 16.22 -5.31 3.70
CA ASP A 22 17.68 -5.27 4.00
C ASP A 22 18.13 -3.88 4.44
N GLY A 23 17.29 -2.88 4.30
CA GLY A 23 17.68 -1.51 4.71
C GLY A 23 18.88 -1.05 3.86
N ASP A 24 19.03 -1.60 2.69
CA ASP A 24 20.16 -1.21 1.81
C ASP A 24 19.78 -0.02 0.92
N GLY A 25 18.54 0.43 0.98
CA GLY A 25 18.11 1.59 0.15
C GLY A 25 17.65 1.14 -1.25
N THR A 26 17.51 -0.15 -1.49
CA THR A 26 17.08 -0.60 -2.86
C THR A 26 16.20 -1.86 -2.80
N ILE A 27 15.21 -1.92 -3.66
CA ILE A 27 14.32 -3.12 -3.70
C ILE A 27 14.72 -4.03 -4.86
N THR A 28 15.06 -5.27 -4.57
CA THR A 28 15.46 -6.20 -5.66
C THR A 28 14.30 -7.11 -6.05
N THR A 29 14.19 -7.41 -7.33
CA THR A 29 13.07 -8.27 -7.85
C THR A 29 12.75 -9.45 -6.92
N LYS A 30 13.75 -10.05 -6.33
CA LYS A 30 13.47 -11.19 -5.39
C LYS A 30 12.63 -10.69 -4.21
N GLU A 31 13.06 -9.59 -3.63
CA GLU A 31 12.36 -9.02 -2.45
C GLU A 31 10.89 -8.68 -2.77
N LEU A 32 10.66 -7.87 -3.78
CA LEU A 32 9.26 -7.48 -4.13
C LEU A 32 8.39 -8.70 -4.47
N GLY A 33 8.94 -9.68 -5.12
CA GLY A 33 8.17 -10.89 -5.52
C GLY A 33 7.38 -11.45 -4.32
N THR A 34 7.89 -11.31 -3.13
CA THR A 34 7.16 -11.82 -1.93
C THR A 34 5.92 -10.95 -1.65
N VAL A 35 6.05 -9.66 -1.81
CA VAL A 35 4.86 -8.76 -1.55
C VAL A 35 3.74 -9.05 -2.56
N MET A 36 4.06 -9.01 -3.83
CA MET A 36 3.04 -9.27 -4.89
C MET A 36 2.47 -10.68 -4.72
N ARG A 37 3.29 -11.60 -4.30
CA ARG A 37 2.83 -13.02 -4.09
C ARG A 37 1.72 -13.05 -3.04
N SER A 38 1.94 -12.41 -1.93
CA SER A 38 0.91 -12.38 -0.83
C SER A 38 -0.30 -11.55 -1.24
N LEU A 39 -0.16 -10.72 -2.24
CA LEU A 39 -1.29 -9.88 -2.69
C LEU A 39 -2.16 -10.63 -3.70
N GLY A 40 -1.59 -11.59 -4.40
CA GLY A 40 -2.40 -12.35 -5.39
C GLY A 40 -1.52 -13.22 -6.28
N GLN A 41 -0.36 -12.75 -6.68
CA GLN A 41 0.51 -13.58 -7.58
C GLN A 41 1.99 -13.25 -7.41
N ASN A 42 2.83 -14.20 -7.74
CA ASN A 42 4.30 -14.00 -7.65
C ASN A 42 4.92 -14.10 -9.05
N PRO A 43 5.21 -12.97 -9.67
CA PRO A 43 5.81 -12.98 -11.03
C PRO A 43 7.22 -13.62 -10.95
N THR A 44 8.15 -13.21 -11.78
CA THR A 44 9.50 -13.83 -11.74
C THR A 44 10.61 -12.78 -11.92
N GLU A 45 11.79 -13.09 -11.44
CA GLU A 45 12.95 -12.15 -11.57
C GLU A 45 13.18 -11.73 -13.03
N ALA A 46 12.68 -12.48 -13.97
CA ALA A 46 12.83 -12.08 -15.41
C ALA A 46 11.91 -10.89 -15.68
N GLU A 47 10.64 -11.09 -15.48
CA GLU A 47 9.65 -10.01 -15.74
C GLU A 47 9.82 -8.90 -14.72
N LEU A 48 10.18 -9.25 -13.52
CA LEU A 48 10.39 -8.21 -12.46
C LEU A 48 11.45 -7.21 -12.89
N GLN A 49 12.44 -7.68 -13.60
CA GLN A 49 13.53 -6.78 -14.07
C GLN A 49 13.05 -5.81 -15.15
N ASP A 50 12.11 -6.22 -15.97
CA ASP A 50 11.59 -5.31 -17.05
C ASP A 50 10.78 -4.16 -16.46
N MET A 51 9.94 -4.46 -15.51
CA MET A 51 9.09 -3.38 -14.89
C MET A 51 9.99 -2.33 -14.25
N ILE A 52 11.02 -2.77 -13.59
CA ILE A 52 11.98 -1.83 -12.94
C ILE A 52 12.78 -1.08 -14.01
N ASN A 53 13.04 -1.72 -15.12
CA ASN A 53 13.83 -1.07 -16.21
C ASN A 53 13.15 0.21 -16.71
N GLU A 54 11.85 0.17 -16.87
CA GLU A 54 11.11 1.39 -17.33
C GLU A 54 11.14 2.49 -16.26
N VAL A 55 11.30 2.10 -15.02
CA VAL A 55 11.34 3.11 -13.91
C VAL A 55 12.79 3.42 -13.49
N ASP A 56 13.75 2.66 -13.98
CA ASP A 56 15.17 2.92 -13.59
C ASP A 56 15.71 4.20 -14.23
N ALA A 57 15.87 5.23 -13.46
CA ALA A 57 16.43 6.51 -14.02
C ALA A 57 17.92 6.33 -14.36
N ASP A 58 18.64 5.63 -13.53
CA ASP A 58 20.08 5.39 -13.79
C ASP A 58 20.28 4.13 -14.63
N GLY A 59 19.39 3.18 -14.49
CA GLY A 59 19.50 1.92 -15.29
C GLY A 59 20.42 0.93 -14.59
N ASN A 60 20.57 1.05 -13.30
CA ASN A 60 21.47 0.11 -12.54
C ASN A 60 20.81 -1.27 -12.42
N GLY A 61 19.50 -1.29 -12.33
CA GLY A 61 18.79 -2.60 -12.19
C GLY A 61 17.92 -2.63 -10.92
N THR A 62 17.97 -1.60 -10.11
CA THR A 62 17.14 -1.59 -8.87
C THR A 62 16.43 -0.25 -8.71
N ILE A 63 15.53 -0.18 -7.78
CA ILE A 63 14.75 1.08 -7.58
C ILE A 63 15.28 1.84 -6.36
N ASP A 64 15.74 3.06 -6.57
CA ASP A 64 16.29 3.86 -5.43
C ASP A 64 15.23 4.83 -4.89
N PHE A 65 15.50 5.44 -3.76
CA PHE A 65 14.52 6.38 -3.14
C PHE A 65 13.99 7.43 -4.14
N PRO A 66 14.85 8.08 -4.89
CA PRO A 66 14.37 9.11 -5.86
C PRO A 66 13.58 8.45 -6.99
N GLU A 67 13.95 7.27 -7.39
CA GLU A 67 13.20 6.57 -8.48
C GLU A 67 11.82 6.12 -7.97
N PHE A 68 11.77 5.65 -6.76
CA PHE A 68 10.47 5.17 -6.17
C PHE A 68 9.45 6.32 -6.11
N LEU A 69 9.85 7.44 -5.56
CA LEU A 69 8.89 8.61 -5.44
C LEU A 69 8.40 9.07 -6.81
N THR A 70 9.26 9.13 -7.79
CA THR A 70 8.85 9.58 -9.16
C THR A 70 7.82 8.61 -9.77
N MET A 71 7.98 7.33 -9.53
CA MET A 71 7.04 6.33 -10.14
C MET A 71 5.61 6.49 -9.58
N MET A 72 5.49 6.66 -8.28
CA MET A 72 4.12 6.80 -7.67
C MET A 72 3.48 8.15 -8.02
N ALA A 73 4.10 9.22 -7.64
CA ALA A 73 3.51 10.57 -7.90
C ALA A 73 3.23 10.77 -9.39
N ARG A 74 4.13 10.34 -10.24
CA ARG A 74 3.93 10.52 -11.71
C ARG A 74 2.80 9.62 -12.23
N LYS A 75 2.72 8.40 -11.75
CA LYS A 75 1.66 7.46 -12.23
C LYS A 75 0.35 7.63 -11.44
N MET A 76 0.43 7.85 -10.15
CA MET A 76 -0.82 7.98 -9.33
C MET A 76 -1.68 9.15 -9.80
N LYS A 77 -1.08 10.26 -10.16
CA LYS A 77 -1.88 11.44 -10.62
C LYS A 77 -2.66 11.07 -11.88
N ASP A 78 -2.01 10.41 -12.78
CA ASP A 78 -2.68 9.99 -14.05
C ASP A 78 -3.62 8.80 -13.79
N THR A 79 -3.55 8.21 -12.62
CA THR A 79 -4.43 7.02 -12.32
C THR A 79 -5.81 7.48 -11.81
N ASP A 80 -6.51 6.57 -11.20
CA ASP A 80 -7.86 6.88 -10.66
C ASP A 80 -7.95 6.41 -9.21
N SER A 81 -8.49 7.22 -8.33
CA SER A 81 -8.61 6.82 -6.91
C SER A 81 -9.65 5.71 -6.73
N GLU A 82 -10.61 5.65 -7.61
CA GLU A 82 -11.65 4.58 -7.51
C GLU A 82 -10.99 3.20 -7.60
N GLU A 83 -9.98 3.08 -8.41
CA GLU A 83 -9.28 1.77 -8.56
C GLU A 83 -8.50 1.43 -7.29
N GLU A 84 -7.86 2.40 -6.69
CA GLU A 84 -7.06 2.12 -5.45
C GLU A 84 -7.97 1.65 -4.32
N ILE A 85 -9.14 2.22 -4.19
CA ILE A 85 -10.09 1.80 -3.11
C ILE A 85 -10.57 0.38 -3.35
N ARG A 86 -10.95 0.07 -4.57
CA ARG A 86 -11.47 -1.30 -4.87
C ARG A 86 -10.43 -2.37 -4.51
N GLU A 87 -9.17 -2.11 -4.78
CA GLU A 87 -8.11 -3.11 -4.44
C GLU A 87 -7.90 -3.23 -2.93
N ALA A 88 -7.93 -2.12 -2.21
CA ALA A 88 -7.70 -2.17 -0.73
C ALA A 88 -8.79 -2.94 0.01
N PHE A 89 -10.04 -2.65 -0.28
CA PHE A 89 -11.16 -3.37 0.40
C PHE A 89 -11.09 -4.86 0.08
N ARG A 90 -10.85 -5.18 -1.16
CA ARG A 90 -10.78 -6.61 -1.59
C ARG A 90 -9.68 -7.36 -0.84
N VAL A 91 -8.57 -6.72 -0.60
CA VAL A 91 -7.45 -7.41 0.12
C VAL A 91 -7.81 -7.64 1.60
N PHE A 92 -8.30 -6.63 2.26
CA PHE A 92 -8.67 -6.79 3.71
C PHE A 92 -9.88 -7.71 3.86
N ASP A 93 -10.85 -7.59 2.99
CA ASP A 93 -12.06 -8.45 3.08
C ASP A 93 -11.73 -9.88 2.61
N LYS A 94 -10.95 -10.60 3.36
CA LYS A 94 -10.60 -12.00 2.96
C LYS A 94 -11.87 -12.85 2.84
N ASP A 95 -12.73 -12.76 3.81
CA ASP A 95 -14.01 -13.54 3.78
C ASP A 95 -15.00 -12.95 2.77
N GLY A 96 -14.81 -11.71 2.38
CA GLY A 96 -15.73 -11.07 1.40
C GLY A 96 -17.17 -11.08 1.95
N ASN A 97 -17.40 -10.44 3.07
CA ASN A 97 -18.77 -10.42 3.66
C ASN A 97 -19.44 -9.04 3.52
N GLY A 98 -18.72 -8.04 3.08
CA GLY A 98 -19.33 -6.68 2.92
C GLY A 98 -18.66 -5.68 3.87
N TYR A 99 -18.05 -6.15 4.92
CA TYR A 99 -17.36 -5.23 5.88
C TYR A 99 -16.09 -5.88 6.41
N ILE A 100 -15.13 -5.10 6.83
CA ILE A 100 -13.85 -5.68 7.34
C ILE A 100 -13.96 -5.88 8.85
N SER A 101 -13.63 -7.06 9.29
CA SER A 101 -13.68 -7.39 10.74
C SER A 101 -12.35 -7.04 11.41
N ALA A 102 -12.29 -7.13 12.71
CA ALA A 102 -11.02 -6.80 13.43
C ALA A 102 -9.95 -7.84 13.10
N ALA A 103 -10.34 -9.09 13.03
CA ALA A 103 -9.36 -10.16 12.68
C ALA A 103 -8.85 -9.95 11.26
N GLU A 104 -9.71 -9.51 10.39
CA GLU A 104 -9.28 -9.27 8.98
C GLU A 104 -8.20 -8.19 8.94
N LEU A 105 -8.30 -7.20 9.78
CA LEU A 105 -7.26 -6.12 9.82
C LEU A 105 -5.93 -6.72 10.27
N ARG A 106 -5.97 -7.57 11.25
CA ARG A 106 -4.72 -8.20 11.78
C ARG A 106 -3.99 -9.01 10.71
N HIS A 107 -4.72 -9.70 9.86
CA HIS A 107 -4.04 -10.52 8.80
C HIS A 107 -3.17 -9.66 7.87
N VAL A 108 -3.63 -8.50 7.49
CA VAL A 108 -2.83 -7.63 6.56
C VAL A 108 -1.63 -7.00 7.28
N MET A 109 -1.83 -6.39 8.42
CA MET A 109 -0.70 -5.73 9.14
C MET A 109 0.40 -6.76 9.45
N THR A 110 0.02 -7.93 9.87
CA THR A 110 1.04 -8.99 10.19
C THR A 110 1.77 -9.36 8.90
N ASN A 111 1.02 -9.59 7.84
CA ASN A 111 1.64 -9.92 6.53
C ASN A 111 2.52 -8.75 6.10
N LEU A 112 2.11 -7.55 6.45
CA LEU A 112 2.90 -6.35 6.08
C LEU A 112 4.20 -6.31 6.89
N GLY A 113 4.18 -6.84 8.09
CA GLY A 113 5.41 -6.85 8.93
C GLY A 113 5.25 -5.89 10.12
N GLU A 114 4.05 -5.73 10.60
CA GLU A 114 3.81 -4.82 11.75
C GLU A 114 3.18 -5.59 12.91
N LYS A 115 3.63 -5.35 14.12
CA LYS A 115 3.05 -6.07 15.30
C LYS A 115 2.23 -5.10 16.16
N LEU A 116 0.99 -5.42 16.41
CA LEU A 116 0.14 -4.53 17.25
C LEU A 116 -0.71 -5.38 18.20
N THR A 117 -1.19 -4.78 19.26
CA THR A 117 -2.05 -5.54 20.22
C THR A 117 -3.45 -5.64 19.64
N ASP A 118 -4.25 -6.55 20.14
CA ASP A 118 -5.65 -6.69 19.63
C ASP A 118 -6.39 -5.37 19.85
N GLU A 119 -6.01 -4.65 20.88
CA GLU A 119 -6.65 -3.33 21.16
C GLU A 119 -6.27 -2.33 20.07
N GLU A 120 -5.09 -2.46 19.53
CA GLU A 120 -4.64 -1.54 18.45
C GLU A 120 -5.46 -1.81 17.20
N VAL A 121 -5.78 -3.04 16.94
CA VAL A 121 -6.57 -3.35 15.72
C VAL A 121 -8.01 -2.85 15.90
N ASP A 122 -8.54 -3.00 17.08
CA ASP A 122 -9.95 -2.56 17.35
C ASP A 122 -10.07 -1.07 17.11
N GLU A 123 -9.10 -0.31 17.54
CA GLU A 123 -9.15 1.16 17.36
C GLU A 123 -9.24 1.50 15.88
N MET A 124 -8.48 0.81 15.05
CA MET A 124 -8.52 1.13 13.58
C MET A 124 -9.98 1.05 13.10
N ILE A 125 -10.72 0.13 13.63
CA ILE A 125 -12.15 -0.01 13.23
C ILE A 125 -12.95 1.21 13.74
N ARG A 126 -12.62 1.68 14.92
CA ARG A 126 -13.35 2.83 15.51
C ARG A 126 -13.25 4.07 14.62
N GLU A 127 -12.10 4.30 14.06
CA GLU A 127 -11.89 5.49 13.20
C GLU A 127 -12.81 5.46 11.97
N ALA A 128 -13.01 4.30 11.38
CA ALA A 128 -13.89 4.23 10.18
C ALA A 128 -15.30 3.73 10.52
N ASP A 129 -15.57 3.45 11.78
CA ASP A 129 -16.94 2.97 12.15
C ASP A 129 -17.75 4.07 12.84
N ILE A 130 -18.31 4.97 12.07
CA ILE A 130 -19.12 6.08 12.66
C ILE A 130 -20.40 5.51 13.27
N ASP A 131 -21.02 4.55 12.62
CA ASP A 131 -22.27 3.94 13.15
C ASP A 131 -22.03 3.31 14.52
N GLY A 132 -20.91 2.66 14.71
CA GLY A 132 -20.61 2.05 16.05
C GLY A 132 -21.03 0.57 16.09
N ASP A 133 -21.22 -0.05 14.96
CA ASP A 133 -21.61 -1.50 14.96
C ASP A 133 -20.36 -2.40 15.16
N GLY A 134 -19.19 -1.82 15.08
CA GLY A 134 -17.94 -2.60 15.28
C GLY A 134 -17.41 -3.16 13.95
N GLN A 135 -18.05 -2.86 12.85
CA GLN A 135 -17.57 -3.37 11.54
C GLN A 135 -17.62 -2.27 10.48
N VAL A 136 -16.62 -2.18 9.65
CA VAL A 136 -16.60 -1.13 8.59
C VAL A 136 -17.14 -1.72 7.28
N ASN A 137 -18.28 -1.25 6.83
CA ASN A 137 -18.85 -1.76 5.56
C ASN A 137 -18.28 -1.00 4.37
N TYR A 138 -18.87 -1.16 3.23
CA TYR A 138 -18.36 -0.47 2.01
C TYR A 138 -18.61 1.05 2.10
N GLU A 139 -19.79 1.45 2.53
CA GLU A 139 -20.11 2.91 2.62
C GLU A 139 -19.17 3.65 3.58
N GLU A 140 -19.01 3.14 4.77
CA GLU A 140 -18.13 3.81 5.79
C GLU A 140 -16.69 3.84 5.30
N PHE A 141 -16.27 2.79 4.65
CA PHE A 141 -14.87 2.74 4.16
C PHE A 141 -14.59 3.88 3.18
N VAL A 142 -15.47 4.09 2.23
CA VAL A 142 -15.26 5.19 1.22
C VAL A 142 -15.29 6.58 1.92
N GLN A 143 -16.17 6.75 2.86
CA GLN A 143 -16.28 8.08 3.55
C GLN A 143 -14.96 8.46 4.24
N MET A 144 -14.40 7.57 5.01
CA MET A 144 -13.10 7.87 5.71
C MET A 144 -12.01 8.17 4.67
N MET A 145 -11.99 7.43 3.60
CA MET A 145 -10.96 7.67 2.53
C MET A 145 -11.19 9.02 1.86
N THR A 146 -12.43 9.37 1.65
CA THR A 146 -12.74 10.68 1.00
C THR A 146 -12.17 11.83 1.84
N ALA A 147 -12.05 11.63 3.13
CA ALA A 147 -11.50 12.71 4.01
C ALA A 147 -9.99 12.84 3.81
N LYS A 148 -9.49 14.05 3.83
CA LYS A 148 -8.02 14.26 3.64
C LYS A 148 -7.45 15.10 4.79
N GLY B 5 1.17 2.74 11.94
CA GLY B 5 0.95 3.53 10.69
C GLY B 5 -0.53 3.96 10.61
N GLY B 6 -0.79 5.11 10.05
CA GLY B 6 -2.20 5.59 9.93
C GLY B 6 -2.97 4.67 8.97
N PHE B 7 -4.27 4.57 9.15
CA PHE B 7 -5.07 3.70 8.24
C PHE B 7 -4.98 4.19 6.80
N ARG B 8 -5.04 5.47 6.59
CA ARG B 8 -4.97 6.02 5.20
C ARG B 8 -3.64 5.63 4.54
N ARG B 9 -2.56 5.67 5.28
CA ARG B 9 -1.23 5.29 4.71
C ARG B 9 -1.25 3.82 4.26
N ILE B 10 -1.86 2.96 5.03
CA ILE B 10 -1.91 1.51 4.65
C ILE B 10 -2.64 1.34 3.32
N ALA B 11 -3.76 2.01 3.15
CA ALA B 11 -4.52 1.88 1.86
C ALA B 11 -3.71 2.46 0.71
N ARG B 12 -2.88 3.43 0.99
CA ARG B 12 -2.03 4.05 -0.09
C ARG B 12 -1.14 2.97 -0.73
N LEU B 13 -0.62 2.09 0.08
CA LEU B 13 0.28 1.01 -0.46
C LEU B 13 -0.50 0.15 -1.47
N VAL B 14 -1.74 -0.16 -1.19
CA VAL B 14 -2.55 -1.00 -2.13
C VAL B 14 -2.75 -0.25 -3.45
N GLY B 15 -2.99 1.03 -3.40
CA GLY B 15 -3.21 1.83 -4.64
C GLY B 15 -2.02 1.64 -5.58
N VAL B 16 -0.83 1.55 -5.04
CA VAL B 16 0.40 1.34 -5.88
C VAL B 16 0.26 0.02 -6.66
N LEU B 17 -0.39 -0.95 -6.08
CA LEU B 17 -0.55 -2.28 -6.76
C LEU B 17 -1.22 -2.11 -8.13
N ARG B 18 -2.16 -1.21 -8.24
CA ARG B 18 -2.87 -1.01 -9.55
C ARG B 18 -1.86 -0.60 -10.63
N GLU B 19 -0.92 0.26 -10.29
CA GLU B 19 0.08 0.71 -11.30
C GLU B 19 0.94 -0.47 -11.79
N TRP B 20 1.32 -1.35 -10.90
CA TRP B 20 2.16 -2.52 -11.32
C TRP B 20 1.32 -3.57 -12.07
N ALA B 21 0.02 -3.55 -11.89
CA ALA B 21 -0.85 -4.56 -12.59
C ALA B 21 -0.90 -4.29 -14.10
N TYR B 22 -0.82 -3.04 -14.50
CA TYR B 22 -0.87 -2.72 -15.95
C TYR B 22 0.29 -3.41 -16.67
N ARG B 23 1.44 -3.46 -16.06
CA ARG B 23 2.62 -4.11 -16.70
C ARG B 23 3.39 -4.94 -15.66
#